data_5SCI
#
_entry.id   5SCI
#
_cell.length_a   207.651
_cell.length_b   112.839
_cell.length_c   188.356
_cell.angle_alpha   90.000
_cell.angle_beta   91.670
_cell.angle_gamma   90.000
#
_symmetry.space_group_name_H-M   'C 1 2 1'
#
loop_
_entity.id
_entity.type
_entity.pdbx_description
1 polymer 'Pyruvate kinase'
2 non-polymer 1,6-di-O-phosphono-beta-D-fructofuranose
3 non-polymer 'OXALATE ION'
4 non-polymer 'MAGNESIUM ION'
5 non-polymer 'POTASSIUM ION'
6 non-polymer 'dimethyl (2R)-2-hydroxy-2-{2-[4-(3-hydroxy-9,10-dioxo-9,10-dihydroanthracene-2-sulfonyl)piperazin-1-yl]-2-oxoethyl}butanedioate'
7 water water
#
_entity_poly.entity_id   1
_entity_poly.type   'polypeptide(L)'
_entity_poly.pdbx_seq_one_letter_code
;GSMEGPAGYLRRADVAQLTQELGTAFFQQQQLPAAMADTFLEHLCLLDIDSEPVAARSTSIIATIGPASRSVERLKEMIK
AGMNIARLNFSHGSHEYHAESIANVREAVESFAGSPLSYRPVAIALDTKGPGSGPGLSEQDVRDLRFGVEHGVDIVFASF
VRKASDVAAVRAALGPEGHGIKIISKIENHEGVKRFDEILEVSDGIMVARGDLGIEIPAEKVFLAQKMMIGRCNLAGKPV
VCATQMLESMITKPRPTRAETSDVANAVLDGADCIMLSGETAKGNFPVEAVKMQHAIAREAEAAVYHRQLFEELRRAAPL
SRDPTEVTAIGAVEAAFKCCAAAIIVLTTTGRSAQLLSRYRPRAAVIAVTRSAQAARQVHLCRGVFPLLYREPPEAIWAD
DVDRRVQFGIESGKLRGFLRVGDLVIVVTGWRPGSGYTNIMRVLSIS
;
_entity_poly.pdbx_strand_id   A,B,C,D,E,F,G,H
#
# COMPACT_ATOMS: atom_id res chain seq x y z
N ALA A 25 -2.33 -27.01 21.57
CA ALA A 25 -1.73 -26.46 22.78
C ALA A 25 -0.44 -27.17 23.14
N PHE A 26 -0.35 -28.48 22.87
CA PHE A 26 0.85 -29.28 23.15
C PHE A 26 2.03 -28.74 22.35
N PHE A 27 1.79 -28.41 21.06
CA PHE A 27 2.85 -27.92 20.17
C PHE A 27 3.20 -26.43 20.36
N GLN A 28 2.53 -25.73 21.28
CA GLN A 28 2.89 -24.34 21.61
C GLN A 28 3.80 -24.30 22.87
N GLN A 29 3.72 -25.34 23.74
CA GLN A 29 4.51 -25.48 24.95
C GLN A 29 5.94 -25.97 24.64
N GLN A 30 6.82 -25.94 25.66
CA GLN A 30 8.23 -26.37 25.67
C GLN A 30 9.05 -25.98 24.43
N GLN A 31 8.82 -24.76 23.92
CA GLN A 31 9.49 -24.17 22.76
C GLN A 31 9.43 -25.06 21.52
N LEU A 32 8.32 -25.81 21.35
CA LEU A 32 8.17 -26.69 20.18
C LEU A 32 8.14 -25.93 18.85
N PRO A 33 7.53 -24.72 18.71
CA PRO A 33 7.67 -24.00 17.43
C PRO A 33 9.14 -23.68 17.11
N ALA A 34 9.93 -23.29 18.12
CA ALA A 34 11.36 -23.01 17.94
C ALA A 34 12.16 -24.29 17.63
N ALA A 35 11.69 -25.45 18.13
CA ALA A 35 12.34 -26.73 17.91
C ALA A 35 12.15 -27.25 16.47
N MET A 36 11.05 -26.84 15.80
CA MET A 36 10.79 -27.27 14.42
C MET A 36 11.54 -26.42 13.37
N ALA A 37 12.23 -25.35 13.78
CA ALA A 37 12.94 -24.44 12.87
C ALA A 37 14.00 -25.11 12.01
N ASP A 38 14.18 -24.62 10.78
CA ASP A 38 15.15 -25.18 9.84
C ASP A 38 16.56 -24.63 10.00
N THR A 39 16.72 -23.51 10.70
CA THR A 39 18.04 -22.94 11.00
C THR A 39 18.09 -22.54 12.47
N PHE A 40 19.31 -22.45 13.02
CA PHE A 40 19.52 -22.01 14.40
C PHE A 40 19.03 -20.57 14.60
N LEU A 41 19.25 -19.73 13.61
CA LEU A 41 18.82 -18.34 13.62
C LEU A 41 17.30 -18.24 13.73
N GLU A 42 16.56 -19.02 12.93
CA GLU A 42 15.11 -19.05 12.98
C GLU A 42 14.59 -19.65 14.30
N HIS A 43 15.35 -20.59 14.88
CA HIS A 43 15.08 -21.21 16.16
C HIS A 43 15.11 -20.12 17.24
N LEU A 44 16.15 -19.26 17.23
CA LEU A 44 16.25 -18.16 18.20
C LEU A 44 15.07 -17.20 18.05
N CYS A 45 14.74 -16.85 16.80
CA CYS A 45 13.63 -15.95 16.49
C CYS A 45 12.28 -16.47 16.97
N LEU A 46 12.11 -17.80 17.03
CA LEU A 46 10.87 -18.42 17.47
C LEU A 46 10.79 -18.66 18.98
N LEU A 47 11.83 -18.32 19.76
CA LEU A 47 11.78 -18.50 21.21
C LEU A 47 10.68 -17.62 21.80
N ASP A 48 9.83 -18.20 22.65
CA ASP A 48 8.65 -17.53 23.17
C ASP A 48 8.63 -17.56 24.68
N ILE A 49 8.61 -16.38 25.33
CA ILE A 49 8.53 -16.28 26.78
C ILE A 49 7.22 -16.87 27.35
N ASP A 50 6.17 -16.97 26.52
CA ASP A 50 4.88 -17.55 26.92
C ASP A 50 4.81 -19.07 26.69
N SER A 51 5.82 -19.68 26.09
CA SER A 51 5.84 -21.12 25.85
C SER A 51 6.39 -21.77 27.12
N GLU A 52 5.49 -22.30 27.95
CA GLU A 52 5.88 -22.87 29.24
C GLU A 52 6.58 -24.21 29.17
N PRO A 53 7.63 -24.41 30.00
CA PRO A 53 8.30 -25.71 30.01
C PRO A 53 7.40 -26.79 30.61
N VAL A 54 7.36 -27.98 30.00
CA VAL A 54 6.55 -29.07 30.50
C VAL A 54 7.41 -30.21 31.04
N ALA A 55 8.53 -30.48 30.37
CA ALA A 55 9.45 -31.54 30.77
C ALA A 55 10.10 -31.29 32.14
N ALA A 56 10.47 -32.38 32.81
CA ALA A 56 11.15 -32.29 34.08
C ALA A 56 12.55 -31.71 33.86
N ARG A 57 13.04 -30.96 34.84
CA ARG A 57 14.35 -30.34 34.78
C ARG A 57 15.43 -31.43 34.72
N SER A 58 16.23 -31.41 33.64
CA SER A 58 17.27 -32.38 33.30
C SER A 58 18.66 -32.09 33.83
N THR A 59 19.04 -30.83 34.01
CA THR A 59 20.40 -30.47 34.45
C THR A 59 20.45 -30.56 35.96
N SER A 60 21.31 -31.42 36.53
CA SER A 60 21.39 -31.56 37.98
C SER A 60 21.96 -30.35 38.66
N ILE A 61 21.52 -30.14 39.90
CA ILE A 61 22.00 -29.03 40.70
C ILE A 61 22.88 -29.59 41.80
N ILE A 62 24.10 -29.09 41.89
CA ILE A 62 25.03 -29.47 42.93
C ILE A 62 25.03 -28.31 43.94
N ALA A 63 24.73 -28.58 45.22
CA ALA A 63 24.72 -27.51 46.22
C ALA A 63 25.82 -27.77 47.22
N THR A 64 26.62 -26.76 47.52
CA THR A 64 27.68 -26.89 48.51
C THR A 64 27.06 -26.76 49.90
N ILE A 65 27.27 -27.78 50.73
CA ILE A 65 26.72 -27.79 52.08
C ILE A 65 27.68 -27.15 53.07
N GLY A 66 27.17 -26.16 53.80
CA GLY A 66 27.92 -25.43 54.82
C GLY A 66 27.04 -24.94 55.94
N PRO A 67 27.50 -23.93 56.70
CA PRO A 67 26.70 -23.42 57.82
C PRO A 67 25.27 -22.98 57.49
N ALA A 68 25.06 -22.40 56.28
CA ALA A 68 23.73 -21.95 55.86
C ALA A 68 22.78 -23.05 55.41
N SER A 69 23.31 -24.26 55.14
CA SER A 69 22.51 -25.35 54.59
C SER A 69 22.75 -26.69 55.28
N ARG A 70 23.18 -26.66 56.54
CA ARG A 70 23.50 -27.89 57.26
C ARG A 70 22.38 -28.58 58.00
N SER A 71 21.40 -27.81 58.49
CA SER A 71 20.32 -28.40 59.28
C SER A 71 19.46 -29.34 58.47
N VAL A 72 18.97 -30.39 59.12
CA VAL A 72 18.11 -31.41 58.49
C VAL A 72 16.86 -30.78 57.88
N GLU A 73 16.27 -29.80 58.57
CA GLU A 73 15.07 -29.13 58.07
C GLU A 73 15.36 -28.28 56.82
N ARG A 74 16.52 -27.60 56.80
CA ARG A 74 16.95 -26.79 55.67
C ARG A 74 17.29 -27.70 54.47
N LEU A 75 17.93 -28.84 54.74
CA LEU A 75 18.27 -29.83 53.72
C LEU A 75 17.03 -30.46 53.08
N LYS A 76 15.94 -30.65 53.85
CA LYS A 76 14.68 -31.16 53.29
C LYS A 76 14.09 -30.15 52.31
N GLU A 77 14.20 -28.85 52.64
CA GLU A 77 13.73 -27.78 51.78
C GLU A 77 14.56 -27.72 50.50
N MET A 78 15.88 -27.95 50.61
CA MET A 78 16.78 -27.94 49.45
CA MET A 78 16.77 -27.93 49.44
C MET A 78 16.54 -29.13 48.53
N ILE A 79 16.20 -30.30 49.11
CA ILE A 79 15.88 -31.48 48.31
C ILE A 79 14.59 -31.21 47.54
N LYS A 80 13.58 -30.61 48.20
CA LYS A 80 12.31 -30.26 47.57
C LYS A 80 12.50 -29.18 46.49
N ALA A 81 13.43 -28.22 46.70
CA ALA A 81 13.72 -27.17 45.74
C ALA A 81 14.46 -27.70 44.49
N GLY A 82 15.12 -28.86 44.59
CA GLY A 82 15.80 -29.46 43.45
C GLY A 82 17.25 -29.90 43.58
N MET A 83 17.84 -29.83 44.78
CA MET A 83 19.22 -30.26 44.97
C MET A 83 19.36 -31.76 44.65
N ASN A 84 20.32 -32.12 43.77
CA ASN A 84 20.52 -33.52 43.40
C ASN A 84 21.79 -34.10 43.97
N ILE A 85 22.82 -33.24 44.15
CA ILE A 85 24.13 -33.63 44.64
C ILE A 85 24.55 -32.66 45.73
N ALA A 86 24.97 -33.17 46.88
CA ALA A 86 25.42 -32.35 48.00
C ALA A 86 26.93 -32.35 47.97
N ARG A 87 27.55 -31.17 47.88
CA ARG A 87 29.01 -31.05 47.80
C ARG A 87 29.60 -30.67 49.15
N LEU A 88 30.64 -31.36 49.59
CA LEU A 88 31.32 -31.02 50.85
C LEU A 88 32.71 -30.57 50.47
N ASN A 89 33.00 -29.31 50.71
CA ASN A 89 34.28 -28.73 50.36
C ASN A 89 35.31 -29.00 51.44
N PHE A 90 36.27 -29.89 51.18
CA PHE A 90 37.30 -30.22 52.15
C PHE A 90 38.42 -29.18 52.24
N SER A 91 38.25 -28.01 51.59
CA SER A 91 39.16 -26.89 51.76
C SER A 91 38.81 -26.13 53.06
N HIS A 92 37.59 -26.32 53.59
CA HIS A 92 37.06 -25.70 54.79
C HIS A 92 36.49 -26.80 55.73
N GLY A 93 36.10 -26.40 56.93
CA GLY A 93 35.57 -27.33 57.92
C GLY A 93 36.59 -28.34 58.42
N SER A 94 36.09 -29.48 58.85
CA SER A 94 36.92 -30.57 59.37
C SER A 94 36.25 -31.93 59.09
N HIS A 95 36.94 -33.05 59.41
CA HIS A 95 36.34 -34.38 59.20
C HIS A 95 35.08 -34.55 60.04
N GLU A 96 35.10 -34.09 61.29
CA GLU A 96 33.95 -34.18 62.20
C GLU A 96 32.78 -33.34 61.70
N TYR A 97 33.10 -32.13 61.20
CA TYR A 97 32.10 -31.20 60.67
C TYR A 97 31.42 -31.78 59.42
N HIS A 98 32.23 -32.27 58.47
CA HIS A 98 31.71 -32.83 57.24
C HIS A 98 30.96 -34.13 57.47
N ALA A 99 31.37 -34.95 58.45
CA ALA A 99 30.64 -36.19 58.77
C ALA A 99 29.23 -35.86 59.27
N GLU A 100 29.12 -34.78 60.07
CA GLU A 100 27.83 -34.36 60.60
C GLU A 100 26.94 -33.83 59.45
N SER A 101 27.52 -33.08 58.50
CA SER A 101 26.78 -32.58 57.34
C SER A 101 26.25 -33.75 56.50
N ILE A 102 27.12 -34.76 56.25
CA ILE A 102 26.76 -35.98 55.51
C ILE A 102 25.61 -36.73 56.18
N ALA A 103 25.69 -36.89 57.52
CA ALA A 103 24.64 -37.57 58.28
C ALA A 103 23.32 -36.80 58.19
N ASN A 104 23.37 -35.46 58.19
CA ASN A 104 22.20 -34.62 58.08
C ASN A 104 21.58 -34.71 56.68
N VAL A 105 22.44 -34.81 55.64
CA VAL A 105 21.97 -34.98 54.27
C VAL A 105 21.22 -36.31 54.17
N ARG A 106 21.85 -37.39 54.64
CA ARG A 106 21.22 -38.72 54.62
C ARG A 106 19.93 -38.79 55.43
N GLU A 107 19.86 -38.08 56.55
CA GLU A 107 18.63 -38.05 57.35
C GLU A 107 17.51 -37.33 56.59
N ALA A 108 17.85 -36.18 55.96
CA ALA A 108 16.87 -35.43 55.17
C ALA A 108 16.41 -36.24 53.94
N VAL A 109 17.34 -36.95 53.28
CA VAL A 109 17.03 -37.77 52.11
C VAL A 109 16.10 -38.93 52.50
N GLU A 110 16.44 -39.64 53.59
CA GLU A 110 15.64 -40.79 54.00
C GLU A 110 14.29 -40.44 54.60
N SER A 111 14.07 -39.18 54.96
CA SER A 111 12.76 -38.75 55.47
C SER A 111 11.65 -38.87 54.38
N PHE A 112 12.03 -39.03 53.09
CA PHE A 112 11.11 -39.18 51.97
C PHE A 112 11.01 -40.65 51.46
N ALA A 113 11.77 -41.59 52.08
CA ALA A 113 11.81 -43.00 51.69
C ALA A 113 10.51 -43.77 51.94
N GLY A 114 9.59 -43.20 52.71
CA GLY A 114 8.31 -43.81 53.01
C GLY A 114 7.42 -44.01 51.80
N SER A 115 7.64 -43.18 50.76
CA SER A 115 6.88 -43.29 49.52
C SER A 115 7.89 -43.60 48.40
N PRO A 116 8.12 -44.90 48.12
CA PRO A 116 9.14 -45.27 47.13
C PRO A 116 8.90 -44.79 45.70
N LEU A 117 7.64 -44.54 45.32
CA LEU A 117 7.32 -44.04 43.98
C LEU A 117 7.73 -42.56 43.79
N SER A 118 8.02 -41.81 44.87
CA SER A 118 8.41 -40.40 44.76
C SER A 118 9.76 -40.07 45.42
N TYR A 119 10.41 -41.06 46.08
CA TYR A 119 11.71 -40.89 46.75
C TYR A 119 12.77 -40.33 45.81
N ARG A 120 13.50 -39.30 46.27
CA ARG A 120 14.56 -38.70 45.47
C ARG A 120 15.95 -38.98 46.00
N PRO A 121 16.75 -39.80 45.30
CA PRO A 121 18.13 -40.04 45.74
C PRO A 121 18.99 -38.77 45.63
N VAL A 122 19.94 -38.57 46.54
CA VAL A 122 20.83 -37.41 46.51
C VAL A 122 22.27 -37.91 46.63
N ALA A 123 23.13 -37.58 45.67
CA ALA A 123 24.53 -38.00 45.73
C ALA A 123 25.32 -37.18 46.72
N ILE A 124 26.42 -37.73 47.24
CA ILE A 124 27.30 -37.03 48.16
C ILE A 124 28.66 -36.94 47.50
N ALA A 125 29.12 -35.71 47.27
CA ALA A 125 30.39 -35.48 46.59
C ALA A 125 31.40 -34.82 47.50
N LEU A 126 32.63 -35.29 47.46
CA LEU A 126 33.71 -34.75 48.26
C LEU A 126 34.59 -33.91 47.37
N ASP A 127 34.76 -32.63 47.67
CA ASP A 127 35.63 -31.76 46.89
C ASP A 127 36.96 -31.64 47.65
N THR A 128 38.07 -32.11 47.07
CA THR A 128 39.38 -32.08 47.75
C THR A 128 40.00 -30.69 47.88
N LYS A 129 40.90 -30.51 48.87
CA LYS A 129 41.61 -29.25 49.07
C LYS A 129 42.57 -28.97 47.92
N GLY A 130 43.21 -30.01 47.40
CA GLY A 130 44.13 -29.87 46.28
C GLY A 130 45.59 -29.96 46.66
N PRO A 131 46.47 -29.94 45.64
CA PRO A 131 47.90 -30.06 45.91
C PRO A 131 48.60 -28.79 46.42
N GLY A 132 47.99 -27.63 46.20
CA GLY A 132 48.55 -26.35 46.63
C GLY A 132 49.92 -26.07 46.05
N SER A 133 50.91 -25.80 46.92
CA SER A 133 52.29 -25.54 46.51
C SER A 133 52.99 -26.77 45.91
N GLY A 134 52.48 -27.97 46.23
CA GLY A 134 53.02 -29.21 45.71
C GLY A 134 52.14 -29.77 44.61
N GLY A 136 52.82 -33.78 43.80
CA GLY A 136 51.78 -34.80 43.66
C GLY A 136 50.59 -34.62 44.60
N LEU A 137 49.96 -35.74 44.98
CA LEU A 137 48.81 -35.75 45.88
C LEU A 137 49.26 -35.36 47.29
N SER A 138 48.61 -34.36 47.89
CA SER A 138 48.98 -33.91 49.22
C SER A 138 48.62 -34.93 50.31
N GLU A 139 49.23 -34.81 51.49
CA GLU A 139 48.93 -35.73 52.59
C GLU A 139 47.53 -35.51 53.15
N GLN A 140 47.03 -34.25 53.11
CA GLN A 140 45.67 -33.96 53.57
C GLN A 140 44.67 -34.59 52.60
N ASP A 141 44.96 -34.55 51.29
CA ASP A 141 44.09 -35.17 50.29
C ASP A 141 44.00 -36.66 50.49
N VAL A 142 45.12 -37.34 50.81
CA VAL A 142 45.09 -38.78 51.08
C VAL A 142 44.19 -39.10 52.28
N ARG A 143 44.26 -38.30 53.34
CA ARG A 143 43.42 -38.51 54.52
C ARG A 143 41.94 -38.22 54.25
N ASP A 144 41.66 -37.17 53.46
CA ASP A 144 40.29 -36.77 53.10
C ASP A 144 39.67 -37.80 52.15
N LEU A 145 40.46 -38.30 51.20
CA LEU A 145 39.99 -39.32 50.26
C LEU A 145 39.64 -40.60 51.01
N ARG A 146 40.45 -40.97 52.01
CA ARG A 146 40.20 -42.14 52.86
C ARG A 146 38.90 -41.93 53.65
N PHE A 147 38.68 -40.68 54.14
CA PHE A 147 37.47 -40.31 54.86
C PHE A 147 36.23 -40.54 53.96
N GLY A 148 36.33 -40.11 52.70
CA GLY A 148 35.27 -40.27 51.72
C GLY A 148 34.89 -41.72 51.50
N VAL A 149 35.89 -42.60 51.37
CA VAL A 149 35.67 -44.02 51.19
C VAL A 149 34.96 -44.59 52.43
N GLU A 150 35.45 -44.23 53.63
CA GLU A 150 34.88 -44.69 54.89
C GLU A 150 33.46 -44.20 55.10
N HIS A 151 33.12 -43.01 54.58
CA HIS A 151 31.77 -42.48 54.71
C HIS A 151 30.87 -42.74 53.50
N GLY A 152 31.35 -43.53 52.54
CA GLY A 152 30.57 -43.94 51.37
C GLY A 152 30.16 -42.85 50.42
N VAL A 153 31.07 -41.89 50.14
CA VAL A 153 30.78 -40.83 49.18
C VAL A 153 30.64 -41.43 47.76
N ASP A 154 29.83 -40.80 46.93
CA ASP A 154 29.57 -41.28 45.58
C ASP A 154 30.54 -40.69 44.56
N ILE A 155 30.94 -39.44 44.77
CA ILE A 155 31.77 -38.70 43.82
C ILE A 155 32.92 -37.97 44.51
N VAL A 156 34.01 -37.78 43.80
CA VAL A 156 35.13 -36.98 44.24
C VAL A 156 35.32 -35.88 43.19
N PHE A 157 35.31 -34.62 43.62
CA PHE A 157 35.62 -33.51 42.74
C PHE A 157 37.10 -33.27 43.06
N ALA A 158 38.00 -33.76 42.22
CA ALA A 158 39.43 -33.62 42.47
C ALA A 158 39.98 -32.27 42.05
N SER A 159 40.41 -31.45 43.03
CA SER A 159 40.95 -30.11 42.76
C SER A 159 42.27 -30.09 42.01
N PHE A 160 42.48 -29.03 41.25
CA PHE A 160 43.68 -28.74 40.48
C PHE A 160 44.29 -29.94 39.75
N VAL A 161 43.48 -30.64 38.94
CA VAL A 161 43.99 -31.76 38.15
C VAL A 161 44.74 -31.15 36.98
N ARG A 162 46.03 -31.48 36.84
CA ARG A 162 46.90 -30.92 35.81
C ARG A 162 47.30 -31.92 34.71
N LYS A 163 47.20 -33.21 35.00
CA LYS A 163 47.63 -34.26 34.08
C LYS A 163 46.98 -35.60 34.46
N ALA A 164 47.06 -36.60 33.56
CA ALA A 164 46.49 -37.92 33.80
C ALA A 164 47.00 -38.60 35.08
N SER A 165 48.28 -38.39 35.45
CA SER A 165 48.86 -39.00 36.64
C SER A 165 48.23 -38.48 37.94
N ASP A 166 47.66 -37.25 37.93
CA ASP A 166 46.95 -36.72 39.09
C ASP A 166 45.70 -37.53 39.36
N VAL A 167 44.99 -37.93 38.29
CA VAL A 167 43.78 -38.74 38.39
C VAL A 167 44.13 -40.13 38.92
N ALA A 168 45.23 -40.72 38.42
CA ALA A 168 45.69 -42.03 38.86
C ALA A 168 46.03 -42.02 40.35
N ALA A 169 46.64 -40.92 40.83
CA ALA A 169 46.96 -40.76 42.25
C ALA A 169 45.69 -40.72 43.10
N VAL A 170 44.66 -39.99 42.66
CA VAL A 170 43.39 -39.92 43.39
C VAL A 170 42.72 -41.29 43.40
N ARG A 171 42.77 -42.00 42.27
CA ARG A 171 42.22 -43.33 42.14
C ARG A 171 42.92 -44.32 43.10
N ALA A 172 44.25 -44.24 43.19
CA ALA A 172 45.04 -45.08 44.08
C ALA A 172 44.71 -44.78 45.54
N ALA A 173 44.59 -43.49 45.91
CA ALA A 173 44.27 -43.10 47.29
C ALA A 173 42.87 -43.55 47.73
N LEU A 174 41.97 -43.81 46.78
CA LEU A 174 40.63 -44.33 47.10
C LEU A 174 40.67 -45.83 47.46
N GLY A 175 41.73 -46.54 47.03
CA GLY A 175 41.96 -47.95 47.33
C GLY A 175 40.99 -48.91 46.68
N PRO A 176 41.00 -50.17 47.15
CA PRO A 176 40.09 -51.18 46.59
C PRO A 176 38.63 -50.99 47.01
N GLU A 177 38.39 -50.44 48.22
CA GLU A 177 37.02 -50.18 48.66
C GLU A 177 36.38 -48.97 47.90
N GLY A 178 37.21 -48.13 47.28
CA GLY A 178 36.80 -46.99 46.48
C GLY A 178 37.00 -47.21 45.00
N HIS A 179 36.70 -48.42 44.53
CA HIS A 179 36.80 -48.74 43.11
C HIS A 179 35.69 -48.04 42.30
N GLY A 180 34.50 -47.92 42.90
CA GLY A 180 33.32 -47.36 42.26
C GLY A 180 32.95 -45.93 42.57
N ILE A 181 33.89 -45.13 43.10
CA ILE A 181 33.61 -43.71 43.33
C ILE A 181 33.94 -42.96 42.03
N LYS A 182 33.03 -42.10 41.55
CA LYS A 182 33.28 -41.36 40.31
C LYS A 182 34.28 -40.25 40.57
N ILE A 183 35.29 -40.10 39.70
CA ILE A 183 36.26 -39.03 39.84
C ILE A 183 35.98 -37.98 38.78
N ILE A 184 35.57 -36.80 39.22
CA ILE A 184 35.31 -35.66 38.34
C ILE A 184 36.51 -34.75 38.52
N SER A 185 37.32 -34.61 37.47
CA SER A 185 38.51 -33.77 37.54
C SER A 185 38.19 -32.29 37.40
N LYS A 186 38.63 -31.47 38.36
CA LYS A 186 38.42 -30.03 38.27
C LYS A 186 39.54 -29.39 37.46
N ILE A 187 39.19 -28.70 36.37
CA ILE A 187 40.17 -28.01 35.54
C ILE A 187 40.22 -26.58 36.04
N GLU A 188 41.34 -26.18 36.67
CA GLU A 188 41.45 -24.87 37.32
C GLU A 188 42.63 -24.03 36.88
N ASN A 189 43.45 -24.51 35.94
CA ASN A 189 44.63 -23.74 35.52
C ASN A 189 44.98 -23.96 34.04
N HIS A 190 45.98 -23.22 33.53
CA HIS A 190 46.38 -23.35 32.14
C HIS A 190 46.81 -24.78 31.79
N GLU A 191 47.55 -25.46 32.68
CA GLU A 191 48.02 -26.81 32.39
C GLU A 191 46.87 -27.79 32.25
N GLY A 192 45.85 -27.68 33.10
CA GLY A 192 44.67 -28.53 33.02
C GLY A 192 43.95 -28.35 31.70
N VAL A 193 43.86 -27.09 31.22
CA VAL A 193 43.24 -26.80 29.94
C VAL A 193 44.04 -27.40 28.80
N LYS A 194 45.37 -27.21 28.82
CA LYS A 194 46.23 -27.73 27.75
C LYS A 194 46.32 -29.25 27.71
N ARG A 195 46.32 -29.89 28.87
CA ARG A 195 46.35 -31.35 28.95
C ARG A 195 44.95 -31.95 29.11
N PHE A 196 43.90 -31.21 28.74
CA PHE A 196 42.51 -31.62 28.88
C PHE A 196 42.20 -33.00 28.31
N ASP A 197 42.60 -33.28 27.08
CA ASP A 197 42.29 -34.56 26.45
C ASP A 197 42.78 -35.76 27.24
N GLU A 198 44.03 -35.71 27.75
CA GLU A 198 44.58 -36.81 28.53
C GLU A 198 43.89 -36.96 29.89
N ILE A 199 43.41 -35.84 30.46
CA ILE A 199 42.72 -35.84 31.74
C ILE A 199 41.33 -36.44 31.57
N LEU A 200 40.60 -36.00 30.53
CA LEU A 200 39.25 -36.50 30.26
C LEU A 200 39.26 -38.01 30.01
N GLU A 201 40.27 -38.49 29.28
CA GLU A 201 40.40 -39.90 28.95
C GLU A 201 40.41 -40.81 30.17
N VAL A 202 41.06 -40.38 31.27
CA VAL A 202 41.12 -41.20 32.49
C VAL A 202 40.13 -40.79 33.57
N SER A 203 39.37 -39.70 33.38
CA SER A 203 38.40 -39.23 34.37
C SER A 203 37.01 -39.73 34.06
N ASP A 204 36.14 -39.76 35.08
CA ASP A 204 34.75 -40.08 34.87
C ASP A 204 33.97 -38.85 34.32
N GLY A 205 34.50 -37.66 34.56
CA GLY A 205 33.92 -36.40 34.13
C GLY A 205 34.79 -35.22 34.47
N ILE A 206 34.29 -34.02 34.21
CA ILE A 206 35.06 -32.79 34.40
C ILE A 206 34.25 -31.71 35.09
N MET A 207 34.93 -30.85 35.84
CA MET A 207 34.30 -29.67 36.41
C MET A 207 35.06 -28.45 35.89
N VAL A 208 34.35 -27.49 35.30
CA VAL A 208 34.96 -26.26 34.85
C VAL A 208 34.93 -25.38 36.09
N ALA A 209 36.04 -25.40 36.84
CA ALA A 209 36.20 -24.69 38.12
C ALA A 209 36.64 -23.27 37.81
N ARG A 210 35.66 -22.42 37.48
CA ARG A 210 35.88 -21.06 37.00
C ARG A 210 36.53 -20.08 37.97
N GLY A 211 36.41 -20.30 39.28
CA GLY A 211 37.02 -19.44 40.30
C GLY A 211 38.53 -19.36 40.14
N ASP A 212 39.22 -20.50 40.32
CA ASP A 212 40.66 -20.53 40.14
C ASP A 212 41.05 -20.34 38.69
N LEU A 213 40.27 -20.90 37.75
CA LEU A 213 40.56 -20.77 36.32
C LEU A 213 40.62 -19.29 35.89
N GLY A 214 39.73 -18.47 36.44
CA GLY A 214 39.65 -17.04 36.17
C GLY A 214 40.79 -16.21 36.76
N ILE A 215 41.57 -16.80 37.68
CA ILE A 215 42.75 -16.19 38.28
C ILE A 215 44.02 -16.71 37.54
N GLU A 216 44.01 -18.00 37.17
CA GLU A 216 45.13 -18.68 36.51
C GLU A 216 45.32 -18.26 35.05
N ILE A 217 44.21 -17.98 34.36
CA ILE A 217 44.22 -17.52 32.97
C ILE A 217 43.47 -16.19 32.91
N PRO A 218 43.64 -15.36 31.86
CA PRO A 218 42.89 -14.09 31.81
C PRO A 218 41.36 -14.32 31.95
N ALA A 219 40.71 -13.51 32.78
CA ALA A 219 39.28 -13.63 33.05
C ALA A 219 38.43 -13.65 31.78
N GLU A 220 38.82 -12.87 30.76
CA GLU A 220 38.10 -12.80 29.50
C GLU A 220 38.26 -14.03 28.60
N LYS A 221 39.05 -15.03 29.02
CA LYS A 221 39.26 -16.27 28.27
C LYS A 221 38.54 -17.48 28.89
N VAL A 222 38.02 -17.36 30.12
CA VAL A 222 37.33 -18.46 30.78
C VAL A 222 36.16 -19.03 29.97
N PHE A 223 35.37 -18.17 29.31
CA PHE A 223 34.26 -18.65 28.50
C PHE A 223 34.72 -19.57 27.34
N LEU A 224 35.93 -19.34 26.79
CA LEU A 224 36.45 -20.18 25.72
C LEU A 224 36.77 -21.56 26.30
N ALA A 225 37.39 -21.60 27.50
CA ALA A 225 37.74 -22.85 28.14
C ALA A 225 36.47 -23.61 28.53
N GLN A 226 35.45 -22.90 29.04
CA GLN A 226 34.19 -23.53 29.43
C GLN A 226 33.51 -24.16 28.22
N LYS A 227 33.34 -23.39 27.14
CA LYS A 227 32.65 -23.89 25.96
C LYS A 227 33.39 -25.03 25.30
N MET A 228 34.74 -24.97 25.25
CA MET A 228 35.56 -26.03 24.69
C MET A 228 35.42 -27.32 25.52
N MET A 229 35.54 -27.22 26.85
CA MET A 229 35.47 -28.38 27.72
C MET A 229 34.11 -29.02 27.71
N ILE A 230 33.04 -28.21 27.70
CA ILE A 230 31.68 -28.75 27.64
C ILE A 230 31.47 -29.49 26.31
N GLY A 231 31.90 -28.88 25.21
CA GLY A 231 31.80 -29.51 23.90
C GLY A 231 32.53 -30.84 23.82
N ARG A 232 33.79 -30.88 24.31
CA ARG A 232 34.57 -32.11 24.32
C ARG A 232 33.98 -33.19 25.22
N CYS A 233 33.39 -32.81 26.37
CA CYS A 233 32.75 -33.78 27.25
C CYS A 233 31.49 -34.31 26.63
N ASN A 234 30.73 -33.46 25.93
CA ASN A 234 29.51 -33.89 25.23
C ASN A 234 29.89 -34.90 24.12
N LEU A 235 31.00 -34.62 23.43
CA LEU A 235 31.54 -35.48 22.38
CA LEU A 235 31.51 -35.50 22.39
C LEU A 235 31.95 -36.83 22.99
N ALA A 236 32.63 -36.80 24.14
CA ALA A 236 33.07 -38.00 24.83
C ALA A 236 31.94 -38.76 25.55
N GLY A 237 30.79 -38.14 25.73
CA GLY A 237 29.69 -38.75 26.44
C GLY A 237 29.96 -38.84 27.93
N LYS A 238 30.75 -37.90 28.49
CA LYS A 238 31.10 -37.88 29.91
C LYS A 238 30.56 -36.63 30.58
N PRO A 239 30.12 -36.74 31.85
CA PRO A 239 29.55 -35.57 32.53
C PRO A 239 30.47 -34.37 32.69
N VAL A 240 29.89 -33.18 32.51
CA VAL A 240 30.63 -31.94 32.70
C VAL A 240 29.81 -31.01 33.62
N VAL A 241 30.47 -30.42 34.60
CA VAL A 241 29.83 -29.53 35.57
C VAL A 241 30.29 -28.11 35.33
N CYS A 242 29.35 -27.14 35.30
CA CYS A 242 29.76 -25.74 35.25
C CYS A 242 29.68 -25.22 36.68
N ALA A 243 30.76 -24.58 37.15
CA ALA A 243 30.82 -24.14 38.54
C ALA A 243 31.35 -22.73 38.75
N THR A 244 30.99 -22.14 39.92
CA THR A 244 31.48 -20.91 40.57
C THR A 244 30.92 -19.59 40.05
N GLN A 245 30.34 -18.83 41.01
CA GLN A 245 29.77 -17.50 40.83
C GLN A 245 28.59 -17.44 39.88
N MET A 246 27.89 -18.57 39.68
CA MET A 246 26.74 -18.62 38.78
C MET A 246 25.62 -17.70 39.26
N LEU A 247 25.37 -17.67 40.59
CA LEU A 247 24.35 -16.80 41.20
C LEU A 247 24.96 -16.05 42.40
N GLU A 248 26.23 -15.64 42.28
CA GLU A 248 27.00 -15.01 43.35
C GLU A 248 26.27 -13.97 44.19
N SER A 249 25.62 -12.98 43.56
CA SER A 249 24.91 -11.93 44.28
C SER A 249 23.83 -12.46 45.23
N MET A 250 23.31 -13.68 44.97
CA MET A 250 22.31 -14.30 45.85
C MET A 250 22.87 -14.72 47.22
N ILE A 251 24.18 -14.56 47.46
CA ILE A 251 24.78 -14.80 48.77
C ILE A 251 24.16 -13.78 49.77
N THR A 252 23.92 -12.52 49.31
CA THR A 252 23.31 -11.50 50.16
C THR A 252 21.94 -10.99 49.68
N LYS A 253 21.62 -11.15 48.37
CA LYS A 253 20.36 -10.63 47.82
C LYS A 253 19.36 -11.73 47.47
N PRO A 254 18.05 -11.48 47.62
CA PRO A 254 17.06 -12.55 47.31
C PRO A 254 16.87 -12.87 45.82
N ARG A 255 17.28 -11.96 44.93
CA ARG A 255 17.14 -12.17 43.49
C ARG A 255 18.52 -12.01 42.84
N PRO A 256 18.80 -12.78 41.77
CA PRO A 256 20.10 -12.63 41.10
C PRO A 256 20.15 -11.46 40.10
N THR A 257 21.34 -11.16 39.58
CA THR A 257 21.50 -10.15 38.56
C THR A 257 21.10 -10.71 37.17
N ARG A 258 20.96 -9.84 36.17
CA ARG A 258 20.66 -10.24 34.81
C ARG A 258 21.78 -11.08 34.20
N ALA A 259 23.04 -10.79 34.59
CA ALA A 259 24.19 -11.56 34.10
C ALA A 259 24.20 -12.99 34.68
N GLU A 260 23.76 -13.13 35.93
CA GLU A 260 23.72 -14.42 36.61
C GLU A 260 22.71 -15.37 36.04
N THR A 261 21.47 -14.91 35.77
CA THR A 261 20.47 -15.80 35.17
C THR A 261 20.91 -16.22 33.76
N SER A 262 21.52 -15.28 33.02
CA SER A 262 22.04 -15.49 31.69
C SER A 262 23.16 -16.56 31.75
N ASP A 263 24.06 -16.47 32.74
CA ASP A 263 25.15 -17.42 32.91
C ASP A 263 24.62 -18.84 33.14
N VAL A 264 23.59 -19.00 33.97
CA VAL A 264 23.02 -20.31 34.24
C VAL A 264 22.39 -20.86 32.97
N ALA A 265 21.59 -20.03 32.29
CA ALA A 265 20.95 -20.44 31.06
C ALA A 265 21.97 -20.83 29.98
N ASN A 266 23.05 -20.05 29.85
CA ASN A 266 24.07 -20.32 28.86
C ASN A 266 24.89 -21.56 29.19
N ALA A 267 25.09 -21.89 30.47
CA ALA A 267 25.80 -23.12 30.83
C ALA A 267 24.98 -24.34 30.34
N VAL A 268 23.64 -24.28 30.50
CA VAL A 268 22.74 -25.33 30.05
C VAL A 268 22.72 -25.39 28.51
N LEU A 269 22.60 -24.24 27.85
CA LEU A 269 22.63 -24.18 26.39
C LEU A 269 23.98 -24.63 25.82
N ASP A 270 25.08 -24.44 26.56
CA ASP A 270 26.42 -24.90 26.17
C ASP A 270 26.47 -26.44 26.13
N GLY A 271 25.71 -27.10 27.01
CA GLY A 271 25.68 -28.56 27.10
C GLY A 271 26.11 -29.12 28.45
N ALA A 272 26.17 -28.29 29.51
CA ALA A 272 26.55 -28.76 30.84
C ALA A 272 25.56 -29.79 31.41
N ASP A 273 26.10 -30.86 31.99
CA ASP A 273 25.25 -31.87 32.63
C ASP A 273 24.79 -31.38 34.00
N CYS A 274 25.67 -30.67 34.73
CA CYS A 274 25.36 -30.17 36.06
C CYS A 274 25.72 -28.71 36.18
N ILE A 275 25.00 -28.03 37.07
CA ILE A 275 25.30 -26.65 37.44
C ILE A 275 25.53 -26.64 38.96
N MET A 276 26.40 -25.76 39.44
CA MET A 276 26.77 -25.76 40.85
C MET A 276 26.52 -24.44 41.56
N LEU A 277 26.31 -24.56 42.87
CA LEU A 277 26.17 -23.44 43.80
C LEU A 277 27.25 -23.64 44.86
N SER A 278 28.05 -22.59 45.14
CA SER A 278 29.11 -22.69 46.14
C SER A 278 28.72 -21.86 47.39
N GLY A 279 29.22 -20.62 47.52
CA GLY A 279 28.87 -19.74 48.62
C GLY A 279 27.39 -19.46 48.71
N GLU A 280 26.67 -19.50 47.58
CA GLU A 280 25.22 -19.26 47.52
C GLU A 280 24.47 -20.20 48.46
N THR A 281 24.97 -21.44 48.62
CA THR A 281 24.34 -22.45 49.48
C THR A 281 25.13 -22.72 50.76
N ALA A 282 26.46 -22.59 50.69
CA ALA A 282 27.32 -22.88 51.82
C ALA A 282 27.23 -21.83 52.93
N LYS A 283 27.24 -20.55 52.56
CA LYS A 283 27.24 -19.48 53.56
C LYS A 283 26.20 -18.36 53.32
N GLY A 284 25.49 -18.42 52.20
CA GLY A 284 24.55 -17.38 51.80
C GLY A 284 23.25 -17.29 52.56
N ASN A 285 22.61 -16.11 52.51
CA ASN A 285 21.34 -15.86 53.18
C ASN A 285 20.15 -16.52 52.47
N PHE A 286 20.31 -16.93 51.20
CA PHE A 286 19.19 -17.51 50.46
C PHE A 286 19.54 -18.87 49.81
N PRO A 287 19.97 -19.90 50.58
CA PRO A 287 20.35 -21.18 49.95
C PRO A 287 19.23 -21.89 49.18
N VAL A 288 18.03 -21.93 49.75
CA VAL A 288 16.89 -22.59 49.10
C VAL A 288 16.46 -21.81 47.85
N GLU A 289 16.48 -20.48 47.95
CA GLU A 289 16.10 -19.60 46.84
C GLU A 289 17.08 -19.72 45.67
N ALA A 290 18.37 -19.94 45.96
CA ALA A 290 19.39 -20.11 44.95
C ALA A 290 19.16 -21.43 44.19
N VAL A 291 18.78 -22.50 44.92
CA VAL A 291 18.47 -23.78 44.29
C VAL A 291 17.21 -23.63 43.42
N LYS A 292 16.19 -22.95 43.95
CA LYS A 292 14.95 -22.71 43.21
C LYS A 292 15.20 -21.92 41.94
N MET A 293 16.10 -20.93 41.98
CA MET A 293 16.44 -20.10 40.84
C MET A 293 17.15 -20.93 39.76
N GLN A 294 18.13 -21.77 40.18
CA GLN A 294 18.82 -22.64 39.22
C GLN A 294 17.85 -23.61 38.57
N HIS A 295 16.91 -24.15 39.36
CA HIS A 295 15.90 -25.06 38.85
C HIS A 295 15.02 -24.36 37.80
N ALA A 296 14.53 -23.15 38.11
CA ALA A 296 13.66 -22.40 37.20
C ALA A 296 14.38 -22.04 35.90
N ILE A 297 15.64 -21.57 35.97
CA ILE A 297 16.40 -21.22 34.78
C ILE A 297 16.71 -22.45 33.93
N ALA A 298 17.22 -23.53 34.56
CA ALA A 298 17.57 -24.75 33.83
C ALA A 298 16.39 -25.31 33.03
N ARG A 299 15.19 -25.33 33.63
CA ARG A 299 14.00 -25.81 32.95
C ARG A 299 13.70 -24.99 31.69
N GLU A 300 13.79 -23.66 31.80
CA GLU A 300 13.54 -22.78 30.67
C GLU A 300 14.60 -22.99 29.58
N ALA A 301 15.88 -23.11 29.99
CA ALA A 301 16.99 -23.28 29.05
C ALA A 301 16.96 -24.62 28.35
N GLU A 302 16.54 -25.68 29.04
CA GLU A 302 16.44 -27.00 28.42
C GLU A 302 15.42 -27.06 27.29
N ALA A 303 14.28 -26.39 27.47
CA ALA A 303 13.27 -26.32 26.41
C ALA A 303 13.78 -25.51 25.21
N ALA A 304 14.66 -24.52 25.44
CA ALA A 304 15.26 -23.67 24.41
C ALA A 304 16.41 -24.34 23.65
N VAL A 305 16.80 -25.58 24.02
CA VAL A 305 17.87 -26.28 23.32
C VAL A 305 17.37 -26.62 21.88
N TYR A 306 18.22 -26.40 20.87
CA TYR A 306 17.87 -26.68 19.47
C TYR A 306 18.22 -28.13 19.17
N HIS A 307 17.37 -29.07 19.60
CA HIS A 307 17.60 -30.50 19.46
C HIS A 307 17.88 -30.97 18.05
N ARG A 308 17.25 -30.36 17.03
CA ARG A 308 17.45 -30.76 15.63
C ARG A 308 18.93 -30.75 15.24
N GLN A 309 19.63 -29.66 15.56
CA GLN A 309 21.04 -29.56 15.24
C GLN A 309 21.88 -30.38 16.23
N LEU A 310 21.53 -30.30 17.54
CA LEU A 310 22.27 -31.02 18.57
C LEU A 310 22.31 -32.54 18.36
N PHE A 311 21.15 -33.18 18.15
CA PHE A 311 21.08 -34.61 17.94
C PHE A 311 21.81 -35.00 16.67
N GLU A 312 21.66 -34.21 15.60
CA GLU A 312 22.37 -34.49 14.36
C GLU A 312 23.87 -34.43 14.52
N GLU A 313 24.37 -33.42 15.24
CA GLU A 313 25.80 -33.25 15.46
C GLU A 313 26.37 -34.30 16.38
N LEU A 314 25.60 -34.71 17.42
CA LEU A 314 26.04 -35.75 18.34
C LEU A 314 26.10 -37.08 17.61
N ARG A 315 25.11 -37.35 16.78
CA ARG A 315 25.01 -38.53 15.95
C ARG A 315 26.17 -38.60 14.96
N ARG A 316 26.45 -37.52 14.23
CA ARG A 316 27.52 -37.46 13.23
C ARG A 316 28.88 -37.66 13.89
N ALA A 317 29.13 -37.00 15.04
CA ALA A 317 30.41 -37.06 15.72
C ALA A 317 30.67 -38.37 16.45
N ALA A 318 29.61 -39.05 16.91
CA ALA A 318 29.78 -40.29 17.65
C ALA A 318 30.27 -41.37 16.72
N PRO A 319 31.33 -42.10 17.13
CA PRO A 319 31.90 -43.10 16.23
C PRO A 319 31.01 -44.32 16.08
N LEU A 320 31.28 -45.10 15.01
CA LEU A 320 30.56 -46.36 14.80
C LEU A 320 30.92 -47.31 15.96
N SER A 321 29.97 -48.14 16.39
CA SER A 321 30.23 -49.00 17.53
C SER A 321 29.67 -50.36 17.36
N ARG A 322 30.37 -51.36 17.90
CA ARG A 322 29.86 -52.72 17.88
CA ARG A 322 29.86 -52.72 17.87
C ARG A 322 29.39 -53.19 19.26
N ASP A 323 29.29 -52.26 20.24
CA ASP A 323 28.81 -52.54 21.59
C ASP A 323 27.29 -52.44 21.53
N PRO A 324 26.57 -53.53 21.86
CA PRO A 324 25.10 -53.51 21.79
C PRO A 324 24.42 -52.46 22.67
N THR A 325 25.01 -52.06 23.79
CA THR A 325 24.41 -51.04 24.66
C THR A 325 24.42 -49.70 23.91
N GLU A 326 25.58 -49.37 23.30
CA GLU A 326 25.78 -48.16 22.50
C GLU A 326 24.82 -48.14 21.27
N VAL A 327 24.68 -49.28 20.60
CA VAL A 327 23.80 -49.42 19.43
C VAL A 327 22.33 -49.31 19.83
N THR A 328 21.93 -49.92 20.96
CA THR A 328 20.55 -49.85 21.44
C THR A 328 20.22 -48.43 21.86
N ALA A 329 21.17 -47.73 22.51
CA ALA A 329 20.97 -46.37 22.98
C ALA A 329 20.60 -45.39 21.84
N ILE A 330 21.34 -45.44 20.72
CA ILE A 330 21.05 -44.53 19.61
C ILE A 330 19.72 -44.91 18.94
N GLY A 331 19.42 -46.20 18.85
CA GLY A 331 18.14 -46.66 18.32
C GLY A 331 16.97 -46.18 19.16
N ALA A 332 17.13 -46.24 20.51
CA ALA A 332 16.11 -45.80 21.43
C ALA A 332 15.90 -44.29 21.39
N VAL A 333 16.99 -43.51 21.28
CA VAL A 333 16.85 -42.05 21.22
C VAL A 333 16.20 -41.62 19.89
N GLU A 334 16.55 -42.29 18.79
CA GLU A 334 15.94 -42.02 17.49
C GLU A 334 14.44 -42.34 17.54
N ALA A 335 14.09 -43.50 18.13
CA ALA A 335 12.69 -43.92 18.26
C ALA A 335 11.91 -42.95 19.14
N ALA A 336 12.52 -42.44 20.24
CA ALA A 336 11.87 -41.48 21.13
C ALA A 336 11.53 -40.17 20.40
N PHE A 337 12.46 -39.66 19.57
CA PHE A 337 12.19 -38.43 18.83
C PHE A 337 11.09 -38.65 17.77
N LYS A 338 11.04 -39.84 17.15
CA LYS A 338 10.05 -40.18 16.12
C LYS A 338 8.60 -40.12 16.62
N CYS A 339 8.37 -40.51 17.86
CA CYS A 339 7.01 -40.53 18.40
C CYS A 339 6.76 -39.49 19.47
N CYS A 340 7.73 -38.61 19.79
CA CYS A 340 7.60 -37.65 20.88
C CYS A 340 7.33 -38.38 22.20
N ALA A 341 8.11 -39.46 22.43
CA ALA A 341 8.00 -40.29 23.62
C ALA A 341 8.16 -39.45 24.87
N ALA A 342 7.27 -39.66 25.85
CA ALA A 342 7.36 -38.91 27.10
C ALA A 342 8.61 -39.31 27.89
N ALA A 343 9.06 -40.57 27.76
CA ALA A 343 10.20 -41.07 28.51
C ALA A 343 10.84 -42.28 27.85
N ILE A 344 12.10 -42.54 28.22
CA ILE A 344 12.84 -43.74 27.87
C ILE A 344 13.09 -44.40 29.24
N ILE A 345 12.47 -45.54 29.49
CA ILE A 345 12.66 -46.25 30.75
C ILE A 345 13.76 -47.26 30.55
N VAL A 346 14.84 -47.18 31.32
CA VAL A 346 15.97 -48.08 31.15
C VAL A 346 16.30 -48.80 32.45
N LEU A 347 16.65 -50.09 32.36
CA LEU A 347 17.06 -50.85 33.55
C LEU A 347 18.57 -50.80 33.56
N THR A 348 19.15 -50.37 34.66
CA THR A 348 20.60 -50.28 34.75
C THR A 348 21.11 -50.72 36.12
N THR A 349 22.28 -51.35 36.13
CA THR A 349 22.88 -51.81 37.37
C THR A 349 23.93 -50.80 37.80
N THR A 350 24.81 -50.39 36.87
CA THR A 350 25.89 -49.44 37.12
C THR A 350 25.59 -48.00 36.70
N GLY A 351 24.51 -47.80 35.94
CA GLY A 351 24.16 -46.49 35.39
C GLY A 351 24.62 -46.31 33.95
N ARG A 352 25.47 -47.21 33.44
CA ARG A 352 26.05 -47.10 32.10
C ARG A 352 25.02 -47.03 30.96
N SER A 353 23.99 -47.87 30.98
CA SER A 353 22.98 -47.84 29.92
C SER A 353 22.24 -46.51 29.90
N ALA A 354 22.02 -45.89 31.07
CA ALA A 354 21.36 -44.59 31.14
C ALA A 354 22.32 -43.49 30.66
N GLN A 355 23.62 -43.62 30.97
CA GLN A 355 24.62 -42.67 30.51
C GLN A 355 24.71 -42.66 28.97
N LEU A 356 24.69 -43.86 28.35
CA LEU A 356 24.75 -43.95 26.90
C LEU A 356 23.51 -43.37 26.21
N LEU A 357 22.35 -43.39 26.89
CA LEU A 357 21.16 -42.75 26.35
C LEU A 357 21.30 -41.22 26.46
N SER A 358 21.76 -40.75 27.64
CA SER A 358 21.98 -39.35 27.98
C SER A 358 22.91 -38.63 27.01
N ARG A 359 23.92 -39.32 26.51
CA ARG A 359 24.89 -38.69 25.60
C ARG A 359 24.27 -38.22 24.28
N TYR A 360 23.13 -38.80 23.87
CA TYR A 360 22.46 -38.36 22.65
C TYR A 360 21.44 -37.23 22.90
N ARG A 361 21.38 -36.71 24.15
CA ARG A 361 20.52 -35.62 24.57
C ARG A 361 19.07 -35.74 24.12
N PRO A 362 18.38 -36.85 24.46
CA PRO A 362 16.96 -36.96 24.08
C PRO A 362 16.12 -35.88 24.78
N ARG A 363 15.02 -35.46 24.14
CA ARG A 363 14.08 -34.57 24.78
C ARG A 363 13.29 -35.40 25.86
N ALA A 364 13.05 -36.71 25.58
CA ALA A 364 12.38 -37.64 26.48
C ALA A 364 13.22 -37.85 27.74
N ALA A 365 12.56 -37.85 28.91
CA ALA A 365 13.26 -38.10 30.18
C ALA A 365 13.80 -39.52 30.20
N VAL A 366 15.00 -39.72 30.72
CA VAL A 366 15.55 -41.07 30.83
C VAL A 366 15.30 -41.54 32.25
N ILE A 367 14.29 -42.38 32.45
CA ILE A 367 13.95 -42.90 33.77
C ILE A 367 14.78 -44.14 34.00
N ALA A 368 15.78 -44.06 34.88
CA ALA A 368 16.66 -45.20 35.11
C ALA A 368 16.21 -45.97 36.37
N VAL A 369 15.63 -47.17 36.19
CA VAL A 369 15.19 -48.03 37.31
C VAL A 369 16.36 -48.93 37.73
N THR A 370 16.90 -48.73 38.94
CA THR A 370 18.05 -49.50 39.42
C THR A 370 17.84 -50.00 40.84
N ARG A 371 18.48 -51.12 41.17
CA ARG A 371 18.50 -51.66 42.53
C ARG A 371 19.67 -51.07 43.33
N SER A 372 20.74 -50.59 42.64
CA SER A 372 21.92 -50.01 43.26
C SER A 372 21.67 -48.60 43.77
N ALA A 373 21.68 -48.41 45.09
CA ALA A 373 21.51 -47.10 45.69
C ALA A 373 22.65 -46.15 45.25
N GLN A 374 23.89 -46.67 45.12
CA GLN A 374 25.00 -45.85 44.67
C GLN A 374 24.82 -45.39 43.22
N ALA A 375 24.47 -46.31 42.30
CA ALA A 375 24.25 -45.95 40.90
C ALA A 375 23.11 -44.94 40.79
N ALA A 376 22.04 -45.09 41.61
CA ALA A 376 20.94 -44.13 41.60
C ALA A 376 21.43 -42.73 41.95
N ARG A 377 22.37 -42.61 42.90
CA ARG A 377 22.90 -41.31 43.28
C ARG A 377 23.85 -40.77 42.21
N GLN A 378 24.72 -41.63 41.68
CA GLN A 378 25.73 -41.21 40.72
C GLN A 378 25.19 -40.79 39.36
N VAL A 379 24.07 -41.37 38.97
CA VAL A 379 23.50 -41.11 37.66
C VAL A 379 22.93 -39.67 37.54
N HIS A 380 22.89 -38.88 38.65
CA HIS A 380 22.55 -37.46 38.65
C HIS A 380 23.64 -36.65 37.87
N LEU A 381 24.85 -37.21 37.69
CA LEU A 381 25.90 -36.56 36.93
C LEU A 381 25.54 -36.44 35.42
N CYS A 382 24.64 -37.32 34.91
CA CYS A 382 24.25 -37.36 33.50
C CYS A 382 22.96 -36.61 33.25
N ARG A 383 23.00 -35.60 32.36
CA ARG A 383 21.82 -34.81 32.06
C ARG A 383 20.65 -35.64 31.56
N GLY A 384 19.48 -35.36 32.11
CA GLY A 384 18.25 -36.02 31.68
C GLY A 384 18.01 -37.40 32.24
N VAL A 385 18.81 -37.82 33.22
CA VAL A 385 18.62 -39.12 33.85
C VAL A 385 17.95 -38.94 35.20
N PHE A 386 16.78 -39.54 35.36
CA PHE A 386 15.95 -39.49 36.56
C PHE A 386 16.03 -40.87 37.23
N PRO A 387 16.84 -40.99 38.29
CA PRO A 387 17.00 -42.30 38.95
C PRO A 387 15.84 -42.72 39.86
N LEU A 388 15.43 -43.98 39.73
CA LEU A 388 14.37 -44.55 40.57
C LEU A 388 14.95 -45.74 41.29
N LEU A 389 15.05 -45.66 42.62
CA LEU A 389 15.60 -46.76 43.40
C LEU A 389 14.53 -47.83 43.62
N TYR A 390 14.72 -49.01 42.99
CA TYR A 390 13.80 -50.14 43.04
C TYR A 390 13.87 -50.92 44.37
N ARG A 391 12.82 -50.80 45.20
CA ARG A 391 12.78 -51.48 46.50
C ARG A 391 11.56 -52.38 46.67
N GLU A 392 11.04 -52.90 45.55
CA GLU A 392 9.88 -53.77 45.60
CA GLU A 392 9.88 -53.79 45.54
C GLU A 392 10.35 -55.24 45.66
N PRO A 393 9.48 -56.17 46.15
CA PRO A 393 9.89 -57.58 46.25
C PRO A 393 10.25 -58.21 44.89
N PRO A 394 11.22 -59.16 44.89
CA PRO A 394 11.59 -59.78 43.61
C PRO A 394 10.59 -60.78 43.05
N GLU A 395 10.57 -60.92 41.73
CA GLU A 395 9.75 -61.92 41.08
C GLU A 395 10.67 -63.15 40.91
N ALA A 396 10.10 -64.36 41.00
CA ALA A 396 10.87 -65.58 40.87
C ALA A 396 11.41 -65.72 39.44
N ILE A 397 10.57 -65.39 38.45
CA ILE A 397 11.00 -65.47 37.05
C ILE A 397 11.70 -64.16 36.66
N TRP A 398 12.98 -64.23 36.20
CA TRP A 398 13.72 -63.03 35.75
C TRP A 398 12.93 -62.18 34.73
N ALA A 399 12.29 -62.83 33.74
CA ALA A 399 11.47 -62.13 32.75
C ALA A 399 10.29 -61.40 33.42
N ASP A 400 9.74 -61.97 34.51
CA ASP A 400 8.67 -61.32 35.27
C ASP A 400 9.23 -60.18 36.13
N ASP A 401 10.44 -60.34 36.63
CA ASP A 401 11.10 -59.35 37.48
C ASP A 401 11.40 -58.08 36.68
N VAL A 402 11.83 -58.26 35.40
CA VAL A 402 12.15 -57.18 34.49
C VAL A 402 10.87 -56.44 34.19
N ASP A 403 9.81 -57.16 33.77
CA ASP A 403 8.51 -56.54 33.45
CA ASP A 403 8.50 -56.55 33.46
C ASP A 403 7.97 -55.73 34.63
N ARG A 404 8.25 -56.19 35.87
CA ARG A 404 7.81 -55.49 37.08
C ARG A 404 8.61 -54.21 37.30
N ARG A 405 9.93 -54.28 37.12
CA ARG A 405 10.78 -53.08 37.23
C ARG A 405 10.39 -52.01 36.16
N VAL A 406 9.91 -52.45 35.00
CA VAL A 406 9.45 -51.58 33.92
C VAL A 406 8.12 -50.91 34.30
N GLN A 407 7.15 -51.70 34.84
CA GLN A 407 5.88 -51.14 35.31
C GLN A 407 6.09 -50.19 36.50
N PHE A 408 7.14 -50.41 37.29
CA PHE A 408 7.48 -49.55 38.39
C PHE A 408 7.86 -48.15 37.86
N GLY A 409 8.66 -48.11 36.78
CA GLY A 409 9.10 -46.88 36.13
C GLY A 409 7.90 -46.08 35.66
N ILE A 410 6.90 -46.79 35.10
CA ILE A 410 5.65 -46.24 34.61
C ILE A 410 4.76 -45.70 35.75
N GLU A 411 4.68 -46.41 36.89
CA GLU A 411 3.89 -45.91 38.02
C GLU A 411 4.57 -44.69 38.66
N SER A 412 5.90 -44.72 38.82
CA SER A 412 6.62 -43.56 39.36
C SER A 412 6.51 -42.39 38.39
N GLY A 413 6.61 -42.67 37.10
CA GLY A 413 6.50 -41.65 36.06
C GLY A 413 5.14 -40.99 36.07
N LYS A 414 4.08 -41.76 36.25
CA LYS A 414 2.73 -41.24 36.30
C LYS A 414 2.55 -40.36 37.52
N LEU A 415 3.01 -40.84 38.68
CA LEU A 415 2.90 -40.09 39.93
C LEU A 415 3.65 -38.76 39.86
N ARG A 416 4.86 -38.77 39.29
CA ARG A 416 5.69 -37.58 39.21
C ARG A 416 5.37 -36.62 38.07
N GLY A 417 4.42 -36.96 37.21
CA GLY A 417 4.01 -36.09 36.12
C GLY A 417 4.73 -36.27 34.79
N PHE A 418 5.65 -37.24 34.71
CA PHE A 418 6.37 -37.54 33.46
C PHE A 418 5.45 -38.17 32.43
N LEU A 419 4.55 -39.06 32.88
CA LEU A 419 3.72 -39.86 31.97
C LEU A 419 2.25 -39.73 32.22
N ARG A 420 1.47 -39.92 31.16
CA ARG A 420 0.01 -39.96 31.20
C ARG A 420 -0.44 -41.14 30.36
N VAL A 421 -1.66 -41.66 30.62
CA VAL A 421 -2.24 -42.74 29.82
C VAL A 421 -2.35 -42.26 28.36
N GLY A 422 -1.94 -43.11 27.43
CA GLY A 422 -1.92 -42.71 26.02
C GLY A 422 -0.56 -42.28 25.53
N ASP A 423 0.39 -41.97 26.44
CA ASP A 423 1.75 -41.60 26.03
C ASP A 423 2.49 -42.82 25.46
N LEU A 424 3.52 -42.57 24.66
CA LEU A 424 4.38 -43.65 24.19
C LEU A 424 5.69 -43.57 24.98
N VAL A 425 6.24 -44.72 25.33
CA VAL A 425 7.52 -44.80 26.02
C VAL A 425 8.42 -45.79 25.29
N ILE A 426 9.72 -45.57 25.41
CA ILE A 426 10.68 -46.48 24.86
C ILE A 426 11.26 -47.19 26.07
N VAL A 427 11.29 -48.53 26.06
CA VAL A 427 11.81 -49.30 27.19
C VAL A 427 13.09 -49.99 26.77
N VAL A 428 14.18 -49.76 27.50
CA VAL A 428 15.48 -50.33 27.17
C VAL A 428 15.91 -51.34 28.23
N THR A 429 16.05 -52.61 27.81
CA THR A 429 16.45 -53.70 28.71
C THR A 429 17.57 -54.56 28.04
N GLY A 430 18.03 -55.58 28.76
CA GLY A 430 19.00 -56.56 28.29
C GLY A 430 18.38 -57.93 28.10
N TRP A 431 19.16 -58.88 27.57
CA TRP A 431 18.69 -60.24 27.31
C TRP A 431 18.97 -61.24 28.45
N ARG A 432 19.87 -60.87 29.37
CA ARG A 432 20.25 -61.71 30.47
C ARG A 432 20.59 -60.85 31.70
N PRO A 433 20.45 -61.36 32.96
CA PRO A 433 20.78 -60.52 34.13
C PRO A 433 22.27 -60.12 34.19
N GLY A 434 22.57 -59.12 35.00
CA GLY A 434 23.92 -58.63 35.14
C GLY A 434 24.20 -57.47 34.20
N SER A 435 25.17 -56.67 34.57
CA SER A 435 25.59 -55.49 33.84
C SER A 435 26.26 -55.86 32.51
N GLY A 436 26.10 -54.99 31.50
CA GLY A 436 26.75 -55.11 30.21
C GLY A 436 26.00 -55.80 29.09
N TYR A 437 24.73 -56.19 29.31
CA TYR A 437 23.98 -56.93 28.30
C TYR A 437 22.77 -56.23 27.74
N THR A 438 22.69 -54.88 27.85
CA THR A 438 21.58 -54.13 27.25
C THR A 438 21.60 -54.31 25.72
N ASN A 439 20.47 -54.70 25.15
CA ASN A 439 20.40 -54.94 23.72
C ASN A 439 18.97 -54.88 23.16
N ILE A 440 17.99 -54.47 23.98
CA ILE A 440 16.60 -54.47 23.57
C ILE A 440 15.93 -53.11 23.73
N MET A 441 15.13 -52.74 22.74
CA MET A 441 14.35 -51.52 22.80
CA MET A 441 14.37 -51.50 22.72
C MET A 441 12.92 -51.85 22.40
N ARG A 442 11.96 -51.42 23.21
CA ARG A 442 10.54 -51.74 23.00
C ARG A 442 9.72 -50.46 22.97
N VAL A 443 8.72 -50.39 22.11
CA VAL A 443 7.82 -49.24 22.05
C VAL A 443 6.54 -49.64 22.79
N LEU A 444 6.23 -48.95 23.87
CA LEU A 444 5.09 -49.28 24.71
C LEU A 444 4.12 -48.12 24.85
N SER A 445 2.82 -48.43 24.82
CA SER A 445 1.77 -47.44 25.02
C SER A 445 1.39 -47.46 26.50
N ILE A 446 1.33 -46.29 27.13
CA ILE A 446 1.00 -46.20 28.54
C ILE A 446 -0.46 -46.46 28.82
N SER A 447 -0.68 -47.46 29.70
CA SER A 447 -1.95 -47.95 30.25
C SER A 447 -2.96 -48.33 29.16
N ARG B 12 37.74 -38.76 10.86
CA ARG B 12 38.48 -39.99 11.10
C ARG B 12 38.14 -40.59 12.47
N ALA B 13 37.87 -39.75 13.49
CA ALA B 13 37.55 -40.19 14.84
C ALA B 13 36.22 -40.98 14.93
N ASP B 14 35.27 -40.67 14.04
CA ASP B 14 33.98 -41.37 14.01
C ASP B 14 34.06 -42.79 13.35
N VAL B 15 35.24 -43.17 12.85
CA VAL B 15 35.43 -44.50 12.25
C VAL B 15 36.72 -45.18 12.76
N ALA B 16 37.58 -44.48 13.54
CA ALA B 16 38.89 -44.98 14.00
C ALA B 16 38.85 -46.33 14.75
N GLN B 17 37.98 -46.48 15.76
CA GLN B 17 37.92 -47.75 16.49
C GLN B 17 37.35 -48.85 15.63
N LEU B 18 36.30 -48.57 14.86
CA LEU B 18 35.73 -49.57 13.96
C LEU B 18 36.67 -49.94 12.82
N THR B 19 37.59 -49.03 12.43
CA THR B 19 38.59 -49.27 11.38
C THR B 19 39.65 -50.21 11.92
N GLN B 20 40.10 -49.98 13.16
CA GLN B 20 41.09 -50.86 13.79
C GLN B 20 40.50 -52.27 13.97
N GLU B 21 39.20 -52.38 14.27
CA GLU B 21 38.51 -53.65 14.46
C GLU B 21 38.19 -54.39 13.16
N LEU B 22 37.46 -53.74 12.25
CA LEU B 22 37.06 -54.38 10.99
C LEU B 22 38.13 -54.37 9.89
N GLY B 23 39.11 -53.47 10.03
CA GLY B 23 40.21 -53.36 9.09
C GLY B 23 40.04 -52.31 8.03
N THR B 24 41.16 -51.85 7.45
CA THR B 24 41.11 -50.85 6.39
C THR B 24 40.52 -51.44 5.12
N ALA B 25 40.74 -52.75 4.85
CA ALA B 25 40.19 -53.38 3.66
C ALA B 25 38.67 -53.34 3.64
N PHE B 26 38.04 -53.53 4.80
CA PHE B 26 36.59 -53.49 4.93
C PHE B 26 36.06 -52.10 4.54
N PHE B 27 36.75 -51.05 5.00
CA PHE B 27 36.35 -49.67 4.75
C PHE B 27 36.75 -49.14 3.36
N GLN B 28 37.41 -49.95 2.52
CA GLN B 28 37.70 -49.58 1.14
C GLN B 28 36.62 -50.15 0.21
N GLN B 29 35.94 -51.25 0.60
CA GLN B 29 34.89 -51.89 -0.17
C GLN B 29 33.56 -51.13 -0.08
N GLN B 30 32.57 -51.53 -0.92
CA GLN B 30 31.20 -51.04 -1.03
C GLN B 30 31.06 -49.51 -0.95
N GLN B 31 31.99 -48.78 -1.57
CA GLN B 31 32.05 -47.32 -1.62
C GLN B 31 31.97 -46.66 -0.25
N LEU B 32 32.52 -47.32 0.79
CA LEU B 32 32.51 -46.78 2.14
C LEU B 32 33.27 -45.46 2.26
N PRO B 33 34.42 -45.21 1.58
CA PRO B 33 35.03 -43.87 1.68
C PRO B 33 34.10 -42.79 1.15
N ALA B 34 33.37 -43.08 0.04
CA ALA B 34 32.42 -42.13 -0.53
C ALA B 34 31.20 -41.94 0.37
N ALA B 35 30.83 -42.97 1.13
CA ALA B 35 29.69 -42.94 2.05
C ALA B 35 29.97 -42.08 3.29
N MET B 36 31.23 -41.94 3.70
CA MET B 36 31.59 -41.12 4.86
C MET B 36 31.75 -39.63 4.52
N ALA B 37 31.63 -39.24 3.24
CA ALA B 37 31.82 -37.86 2.80
C ALA B 37 30.85 -36.88 3.44
N ASP B 38 31.31 -35.64 3.67
CA ASP B 38 30.49 -34.60 4.31
C ASP B 38 29.58 -33.86 3.33
N THR B 39 29.88 -33.93 2.03
CA THR B 39 29.04 -33.30 1.00
C THR B 39 28.80 -34.29 -0.14
N PHE B 40 27.72 -34.10 -0.90
CA PHE B 40 27.40 -34.91 -2.06
C PHE B 40 28.51 -34.82 -3.12
N LEU B 41 29.05 -33.61 -3.30
CA LEU B 41 30.12 -33.37 -4.25
C LEU B 41 31.37 -34.19 -3.89
N GLU B 42 31.75 -34.19 -2.61
CA GLU B 42 32.89 -34.98 -2.13
C GLU B 42 32.61 -36.49 -2.23
N HIS B 43 31.33 -36.88 -2.08
CA HIS B 43 30.88 -38.26 -2.19
C HIS B 43 31.13 -38.73 -3.62
N LEU B 44 30.77 -37.91 -4.64
CA LEU B 44 31.01 -38.25 -6.04
C LEU B 44 32.49 -38.39 -6.30
N CYS B 45 33.30 -37.42 -5.79
CA CYS B 45 34.76 -37.42 -5.96
C CYS B 45 35.41 -38.67 -5.38
N LEU B 46 34.82 -39.25 -4.33
CA LEU B 46 35.37 -40.44 -3.69
C LEU B 46 34.90 -41.75 -4.28
N LEU B 47 34.04 -41.73 -5.32
CA LEU B 47 33.57 -42.98 -5.94
C LEU B 47 34.77 -43.68 -6.58
N ASP B 48 34.92 -44.98 -6.34
CA ASP B 48 36.09 -45.71 -6.77
C ASP B 48 35.70 -46.96 -7.55
N ILE B 49 36.17 -47.08 -8.81
CA ILE B 49 35.88 -48.28 -9.60
C ILE B 49 36.51 -49.57 -9.00
N ASP B 50 37.53 -49.42 -8.15
CA ASP B 50 38.18 -50.54 -7.47
C ASP B 50 37.52 -50.91 -6.14
N SER B 51 36.51 -50.16 -5.70
CA SER B 51 35.80 -50.44 -4.47
C SER B 51 34.69 -51.42 -4.82
N GLU B 52 34.91 -52.70 -4.56
CA GLU B 52 33.96 -53.74 -4.93
C GLU B 52 32.71 -53.81 -4.06
N PRO B 53 31.56 -54.07 -4.67
CA PRO B 53 30.32 -54.23 -3.88
C PRO B 53 30.35 -55.53 -3.07
N VAL B 54 29.93 -55.48 -1.81
CA VAL B 54 29.90 -56.68 -0.96
C VAL B 54 28.44 -57.08 -0.66
N ALA B 55 27.56 -56.09 -0.43
CA ALA B 55 26.16 -56.34 -0.11
C ALA B 55 25.40 -57.06 -1.19
N ALA B 56 24.35 -57.81 -0.80
CA ALA B 56 23.48 -58.50 -1.76
C ALA B 56 22.68 -57.44 -2.51
N ARG B 57 22.38 -57.72 -3.78
CA ARG B 57 21.66 -56.79 -4.63
C ARG B 57 20.27 -56.58 -4.10
N SER B 58 19.90 -55.34 -3.83
CA SER B 58 18.65 -55.01 -3.21
C SER B 58 17.53 -54.50 -4.13
N THR B 59 17.84 -54.00 -5.34
CA THR B 59 16.80 -53.53 -6.25
C THR B 59 16.30 -54.75 -7.01
N SER B 60 15.02 -55.04 -6.95
CA SER B 60 14.46 -56.20 -7.63
C SER B 60 14.45 -56.07 -9.12
N ILE B 61 14.57 -57.18 -9.81
CA ILE B 61 14.53 -57.21 -11.25
C ILE B 61 13.23 -57.84 -11.66
N ILE B 62 12.48 -57.13 -12.49
CA ILE B 62 11.25 -57.64 -13.06
C ILE B 62 11.57 -58.04 -14.49
N ALA B 63 11.34 -59.31 -14.86
CA ALA B 63 11.60 -59.76 -16.22
C ALA B 63 10.29 -60.10 -16.91
N THR B 64 10.00 -59.49 -18.05
CA THR B 64 8.81 -59.83 -18.81
C THR B 64 9.03 -61.21 -19.46
N ILE B 65 8.12 -62.16 -19.22
CA ILE B 65 8.25 -63.52 -19.73
C ILE B 65 7.54 -63.64 -21.08
N GLY B 66 8.29 -64.15 -22.06
CA GLY B 66 7.77 -64.36 -23.41
C GLY B 66 8.44 -65.54 -24.09
N PRO B 67 8.38 -65.58 -25.43
CA PRO B 67 8.97 -66.71 -26.17
C PRO B 67 10.45 -67.01 -25.88
N ALA B 68 11.25 -65.97 -25.61
CA ALA B 68 12.68 -66.15 -25.32
C ALA B 68 12.98 -66.63 -23.90
N SER B 69 12.00 -66.54 -23.00
CA SER B 69 12.23 -66.86 -21.59
C SER B 69 11.13 -67.75 -20.98
N ARG B 70 10.48 -68.57 -21.81
CA ARG B 70 9.36 -69.40 -21.36
C ARG B 70 9.69 -70.77 -20.86
N SER B 71 10.74 -71.39 -21.39
CA SER B 71 11.09 -72.75 -20.99
C SER B 71 11.53 -72.82 -19.54
N VAL B 72 11.20 -73.94 -18.89
CA VAL B 72 11.53 -74.19 -17.49
C VAL B 72 13.05 -74.11 -17.27
N GLU B 73 13.85 -74.63 -18.20
CA GLU B 73 15.31 -74.60 -18.06
C GLU B 73 15.84 -73.17 -18.17
N ARG B 74 15.28 -72.35 -19.08
CA ARG B 74 15.68 -70.95 -19.27
C ARG B 74 15.25 -70.15 -18.03
N LEU B 75 14.06 -70.43 -17.47
CA LEU B 75 13.56 -69.78 -16.27
C LEU B 75 14.42 -70.08 -15.05
N LYS B 76 14.98 -71.29 -14.94
CA LYS B 76 15.87 -71.63 -13.84
C LYS B 76 17.15 -70.78 -13.94
N GLU B 77 17.65 -70.57 -15.17
CA GLU B 77 18.83 -69.75 -15.40
C GLU B 77 18.54 -68.28 -15.05
N MET B 78 17.31 -67.80 -15.36
CA MET B 78 16.91 -66.42 -15.05
CA MET B 78 16.91 -66.42 -15.05
C MET B 78 16.74 -66.21 -13.55
N ILE B 79 16.24 -67.24 -12.81
CA ILE B 79 16.11 -67.16 -11.37
C ILE B 79 17.52 -67.08 -10.77
N LYS B 80 18.46 -67.91 -11.27
CA LYS B 80 19.84 -67.92 -10.81
C LYS B 80 20.56 -66.60 -11.14
N ALA B 81 20.23 -65.97 -12.29
CA ALA B 81 20.80 -64.69 -12.70
C ALA B 81 20.29 -63.51 -11.86
N GLY B 82 19.12 -63.67 -11.21
CA GLY B 82 18.57 -62.64 -10.34
C GLY B 82 17.15 -62.17 -10.54
N MET B 83 16.37 -62.80 -11.43
CA MET B 83 14.97 -62.41 -11.63
C MET B 83 14.16 -62.61 -10.34
N ASN B 84 13.46 -61.56 -9.91
CA ASN B 84 12.66 -61.63 -8.67
C ASN B 84 11.18 -61.66 -8.93
N ILE B 85 10.75 -61.00 -10.01
CA ILE B 85 9.34 -60.89 -10.39
C ILE B 85 9.21 -61.22 -11.88
N ALA B 86 8.29 -62.11 -12.22
CA ALA B 86 8.03 -62.49 -13.60
C ALA B 86 6.83 -61.71 -14.05
N ARG B 87 6.96 -60.92 -15.13
CA ARG B 87 5.87 -60.09 -15.63
C ARG B 87 5.20 -60.75 -16.83
N LEU B 88 3.87 -60.80 -16.81
CA LEU B 88 3.11 -61.33 -17.94
C LEU B 88 2.30 -60.22 -18.55
N ASN B 89 2.69 -59.83 -19.77
CA ASN B 89 2.06 -58.71 -20.46
C ASN B 89 0.80 -59.16 -21.16
N PHE B 90 -0.36 -58.77 -20.64
CA PHE B 90 -1.64 -59.15 -21.24
C PHE B 90 -2.03 -58.29 -22.46
N SER B 91 -1.10 -57.48 -22.97
CA SER B 91 -1.28 -56.77 -24.24
C SER B 91 -0.97 -57.73 -25.41
N HIS B 92 -0.22 -58.82 -25.14
CA HIS B 92 0.21 -59.84 -26.08
C HIS B 92 -0.19 -61.25 -25.54
N GLY B 93 0.00 -62.26 -26.38
CA GLY B 93 -0.34 -63.62 -26.01
C GLY B 93 -1.82 -63.85 -25.79
N SER B 94 -2.13 -64.85 -24.97
CA SER B 94 -3.49 -65.22 -24.66
C SER B 94 -3.57 -65.78 -23.23
N HIS B 95 -4.79 -66.09 -22.73
CA HIS B 95 -4.95 -66.67 -21.40
C HIS B 95 -4.22 -68.01 -21.31
N GLU B 96 -4.36 -68.84 -22.35
CA GLU B 96 -3.72 -70.16 -22.40
C GLU B 96 -2.20 -70.04 -22.42
N TYR B 97 -1.69 -69.10 -23.21
CA TYR B 97 -0.27 -68.86 -23.34
C TYR B 97 0.33 -68.39 -22.01
N HIS B 98 -0.30 -67.40 -21.38
CA HIS B 98 0.18 -66.86 -20.11
C HIS B 98 0.05 -67.86 -18.97
N ALA B 99 -1.00 -68.72 -18.98
CA ALA B 99 -1.13 -69.76 -17.96
C ALA B 99 0.02 -70.76 -18.05
N GLU B 100 0.45 -71.08 -19.27
CA GLU B 100 1.56 -72.00 -19.46
C GLU B 100 2.88 -71.38 -19.00
N SER B 101 3.07 -70.07 -19.26
CA SER B 101 4.27 -69.36 -18.81
C SER B 101 4.31 -69.35 -17.27
N ILE B 102 3.16 -69.04 -16.62
CA ILE B 102 3.02 -69.03 -15.17
C ILE B 102 3.36 -70.40 -14.58
N ALA B 103 2.84 -71.49 -15.18
CA ALA B 103 3.12 -72.85 -14.70
C ALA B 103 4.61 -73.20 -14.82
N ASN B 104 5.27 -72.70 -15.89
CA ASN B 104 6.68 -72.93 -16.11
C ASN B 104 7.53 -72.14 -15.11
N VAL B 105 7.08 -70.92 -14.75
CA VAL B 105 7.75 -70.11 -13.74
C VAL B 105 7.67 -70.85 -12.39
N ARG B 106 6.46 -71.28 -12.01
CA ARG B 106 6.25 -72.02 -10.76
C ARG B 106 7.05 -73.33 -10.70
N GLU B 107 7.18 -74.04 -11.83
CA GLU B 107 7.95 -75.27 -11.87
C GLU B 107 9.45 -74.97 -11.66
N ALA B 108 9.96 -73.91 -12.32
CA ALA B 108 11.36 -73.50 -12.17
C ALA B 108 11.64 -73.02 -10.73
N VAL B 109 10.68 -72.28 -10.14
CA VAL B 109 10.81 -71.79 -8.76
C VAL B 109 10.83 -72.94 -7.77
N GLU B 110 9.89 -73.90 -7.90
CA GLU B 110 9.81 -75.01 -6.97
C GLU B 110 10.92 -76.04 -7.12
N SER B 111 11.69 -75.99 -8.21
CA SER B 111 12.84 -76.89 -8.38
C SER B 111 13.94 -76.60 -7.32
N PHE B 112 13.89 -75.43 -6.64
CA PHE B 112 14.85 -75.05 -5.61
C PHE B 112 14.28 -75.19 -4.16
N ALA B 113 12.99 -75.60 -4.01
CA ALA B 113 12.29 -75.75 -2.72
C ALA B 113 12.81 -76.83 -1.79
N GLY B 114 13.61 -77.74 -2.31
CA GLY B 114 14.17 -78.85 -1.55
C GLY B 114 15.04 -78.39 -0.39
N SER B 115 15.66 -77.22 -0.55
CA SER B 115 16.50 -76.65 0.49
C SER B 115 15.89 -75.34 0.95
N PRO B 116 15.09 -75.39 2.01
CA PRO B 116 14.42 -74.17 2.50
C PRO B 116 15.33 -73.02 2.96
N LEU B 117 16.54 -73.35 3.42
CA LEU B 117 17.49 -72.33 3.85
C LEU B 117 18.07 -71.53 2.68
N SER B 118 17.88 -71.97 1.40
CA SER B 118 18.40 -71.27 0.20
C SER B 118 17.32 -70.95 -0.89
N TYR B 119 16.07 -71.43 -0.71
CA TYR B 119 14.95 -71.23 -1.65
C TYR B 119 14.71 -69.76 -2.00
N ARG B 120 14.50 -69.47 -3.27
CA ARG B 120 14.23 -68.11 -3.74
C ARG B 120 12.80 -67.90 -4.27
N PRO B 121 11.93 -67.20 -3.53
CA PRO B 121 10.56 -66.95 -4.03
C PRO B 121 10.55 -65.99 -5.23
N VAL B 122 9.62 -66.17 -6.18
CA VAL B 122 9.50 -65.30 -7.36
C VAL B 122 8.06 -64.86 -7.49
N ALA B 123 7.80 -63.54 -7.50
CA ALA B 123 6.44 -63.03 -7.63
C ALA B 123 5.96 -63.15 -9.08
N ILE B 124 4.64 -63.20 -9.27
CA ILE B 124 4.04 -63.25 -10.60
C ILE B 124 3.18 -62.03 -10.75
N ALA B 125 3.49 -61.20 -11.74
CA ALA B 125 2.78 -59.94 -11.96
C ALA B 125 2.05 -59.95 -13.27
N LEU B 126 0.82 -59.47 -13.28
CA LEU B 126 0.02 -59.38 -14.49
C LEU B 126 -0.02 -57.94 -14.93
N ASP B 127 0.41 -57.66 -16.15
CA ASP B 127 0.37 -56.30 -16.69
C ASP B 127 -0.84 -56.21 -17.61
N THR B 128 -1.82 -55.35 -17.30
CA THR B 128 -3.04 -55.24 -18.10
C THR B 128 -2.87 -54.55 -19.46
N LYS B 129 -3.78 -54.84 -20.41
CA LYS B 129 -3.74 -54.22 -21.74
C LYS B 129 -4.05 -52.71 -21.64
N GLY B 130 -4.97 -52.34 -20.77
CA GLY B 130 -5.31 -50.94 -20.59
C GLY B 130 -6.64 -50.53 -21.19
N PRO B 131 -7.04 -49.27 -20.96
CA PRO B 131 -8.35 -48.82 -21.46
C PRO B 131 -8.42 -48.47 -22.94
N GLY B 132 -7.29 -48.32 -23.61
CA GLY B 132 -7.28 -47.99 -25.02
C GLY B 132 -7.87 -46.63 -25.32
N SER B 133 -8.86 -46.57 -26.22
CA SER B 133 -9.51 -45.30 -26.55
C SER B 133 -10.48 -44.87 -25.44
N PRO B 135 -13.61 -44.78 -21.58
CA PRO B 135 -13.19 -43.99 -20.41
C PRO B 135 -12.75 -44.84 -19.21
N GLY B 136 -13.53 -45.85 -18.85
CA GLY B 136 -13.23 -46.70 -17.70
C GLY B 136 -12.48 -47.98 -17.99
N LEU B 137 -12.66 -48.98 -17.14
CA LEU B 137 -12.02 -50.28 -17.26
C LEU B 137 -12.58 -51.03 -18.47
N SER B 138 -11.70 -51.51 -19.35
CA SER B 138 -12.14 -52.24 -20.54
C SER B 138 -12.67 -53.63 -20.20
N GLU B 139 -13.44 -54.24 -21.13
CA GLU B 139 -13.99 -55.57 -20.90
C GLU B 139 -12.91 -56.64 -20.91
N GLN B 140 -11.85 -56.45 -21.71
CA GLN B 140 -10.73 -57.39 -21.74
C GLN B 140 -9.97 -57.33 -20.42
N ASP B 141 -9.80 -56.13 -19.85
CA ASP B 141 -9.16 -55.96 -18.55
C ASP B 141 -9.92 -56.69 -17.45
N VAL B 142 -11.26 -56.60 -17.46
CA VAL B 142 -12.08 -57.32 -16.47
C VAL B 142 -11.85 -58.85 -16.55
N ARG B 143 -11.78 -59.39 -17.78
CA ARG B 143 -11.53 -60.81 -17.97
C ARG B 143 -10.12 -61.23 -17.57
N ASP B 144 -9.12 -60.39 -17.89
CA ASP B 144 -7.72 -60.65 -17.57
C ASP B 144 -7.48 -60.55 -16.06
N LEU B 145 -8.12 -59.57 -15.41
CA LEU B 145 -8.01 -59.40 -13.96
C LEU B 145 -8.61 -60.60 -13.24
N ARG B 146 -9.74 -61.14 -13.76
CA ARG B 146 -10.35 -62.33 -13.22
C ARG B 146 -9.42 -63.54 -13.38
N PHE B 147 -8.72 -63.62 -14.54
CA PHE B 147 -7.74 -64.67 -14.83
C PHE B 147 -6.63 -64.64 -13.78
N GLY B 148 -6.15 -63.43 -13.46
CA GLY B 148 -5.10 -63.23 -12.48
C GLY B 148 -5.47 -63.74 -11.11
N VAL B 149 -6.70 -63.44 -10.68
CA VAL B 149 -7.21 -63.91 -9.38
C VAL B 149 -7.27 -65.44 -9.38
N GLU B 150 -7.82 -66.03 -10.47
CA GLU B 150 -7.94 -67.48 -10.60
C GLU B 150 -6.59 -68.17 -10.64
N HIS B 151 -5.57 -67.52 -11.19
CA HIS B 151 -4.23 -68.10 -11.25
C HIS B 151 -3.30 -67.68 -10.10
N GLY B 152 -3.84 -66.96 -9.11
CA GLY B 152 -3.09 -66.55 -7.93
C GLY B 152 -1.92 -65.61 -8.16
N VAL B 153 -2.10 -64.60 -9.02
CA VAL B 153 -1.04 -63.63 -9.24
C VAL B 153 -0.83 -62.79 -7.99
N ASP B 154 0.38 -62.31 -7.78
CA ASP B 154 0.73 -61.52 -6.61
C ASP B 154 0.55 -60.04 -6.84
N ILE B 155 0.79 -59.57 -8.06
CA ILE B 155 0.78 -58.14 -8.40
C ILE B 155 0.03 -57.88 -9.70
N VAL B 156 -0.57 -56.69 -9.81
CA VAL B 156 -1.18 -56.22 -11.04
C VAL B 156 -0.46 -54.90 -11.41
N PHE B 157 0.08 -54.83 -12.62
CA PHE B 157 0.66 -53.59 -13.13
C PHE B 157 -0.50 -53.03 -13.97
N ALA B 158 -1.24 -52.06 -13.41
CA ALA B 158 -2.41 -51.51 -14.11
C ALA B 158 -2.03 -50.45 -15.12
N SER B 159 -2.23 -50.73 -16.41
CA SER B 159 -1.91 -49.79 -17.49
C SER B 159 -2.76 -48.53 -17.52
N PHE B 160 -2.18 -47.44 -18.03
CA PHE B 160 -2.79 -46.13 -18.21
C PHE B 160 -3.71 -45.66 -17.06
N VAL B 161 -3.17 -45.65 -15.82
CA VAL B 161 -3.95 -45.14 -14.69
C VAL B 161 -3.90 -43.63 -14.76
N ARG B 162 -5.07 -42.96 -14.82
CA ARG B 162 -5.16 -41.50 -14.94
C ARG B 162 -5.75 -40.77 -13.74
N LYS B 163 -6.43 -41.51 -12.86
CA LYS B 163 -7.07 -40.92 -11.68
C LYS B 163 -7.34 -42.00 -10.64
N ALA B 164 -7.66 -41.59 -9.40
CA ALA B 164 -7.94 -42.53 -8.30
C ALA B 164 -9.05 -43.54 -8.63
N SER B 165 -10.09 -43.12 -9.38
CA SER B 165 -11.19 -44.02 -9.73
C SER B 165 -10.77 -45.18 -10.62
N ASP B 166 -9.67 -45.03 -11.39
CA ASP B 166 -9.16 -46.10 -12.24
C ASP B 166 -8.63 -47.24 -11.39
N VAL B 167 -7.96 -46.91 -10.29
CA VAL B 167 -7.39 -47.95 -9.43
C VAL B 167 -8.56 -48.62 -8.64
N ALA B 168 -9.61 -47.85 -8.25
CA ALA B 168 -10.77 -48.42 -7.58
C ALA B 168 -11.49 -49.42 -8.50
N ALA B 169 -11.54 -49.13 -9.82
CA ALA B 169 -12.14 -50.04 -10.79
C ALA B 169 -11.34 -51.34 -10.88
N VAL B 170 -10.00 -51.26 -10.89
CA VAL B 170 -9.14 -52.45 -10.92
C VAL B 170 -9.34 -53.27 -9.64
N ARG B 171 -9.44 -52.59 -8.50
CA ARG B 171 -9.65 -53.20 -7.20
CA ARG B 171 -9.64 -53.22 -7.21
C ARG B 171 -10.98 -53.97 -7.18
N ALA B 172 -12.04 -53.34 -7.71
CA ALA B 172 -13.37 -53.93 -7.78
C ALA B 172 -13.36 -55.16 -8.69
N ALA B 173 -12.71 -55.07 -9.87
CA ALA B 173 -12.62 -56.20 -10.80
C ALA B 173 -11.86 -57.39 -10.25
N LEU B 174 -10.98 -57.18 -9.25
CA LEU B 174 -10.27 -58.28 -8.62
C LEU B 174 -11.19 -59.08 -7.64
N GLY B 175 -12.28 -58.45 -7.19
CA GLY B 175 -13.26 -59.06 -6.30
C GLY B 175 -12.77 -59.29 -4.88
N PRO B 176 -13.57 -60.02 -4.09
CA PRO B 176 -13.19 -60.27 -2.70
C PRO B 176 -12.01 -61.22 -2.55
N GLU B 177 -11.85 -62.16 -3.51
CA GLU B 177 -10.76 -63.12 -3.47
C GLU B 177 -9.39 -62.54 -3.86
N GLY B 178 -9.38 -61.36 -4.50
CA GLY B 178 -8.13 -60.72 -4.90
C GLY B 178 -7.80 -59.51 -4.04
N HIS B 179 -8.22 -59.53 -2.77
CA HIS B 179 -7.95 -58.41 -1.87
C HIS B 179 -6.46 -58.30 -1.52
N GLY B 180 -5.74 -59.42 -1.53
CA GLY B 180 -4.34 -59.47 -1.21
C GLY B 180 -3.38 -59.09 -2.31
N ILE B 181 -3.88 -58.98 -3.56
CA ILE B 181 -3.06 -58.64 -4.72
C ILE B 181 -2.64 -57.17 -4.67
N LYS B 182 -1.36 -56.89 -4.93
CA LYS B 182 -0.86 -55.51 -4.92
C LYS B 182 -1.16 -54.84 -6.25
N ILE B 183 -1.64 -53.61 -6.22
CA ILE B 183 -1.92 -52.86 -7.44
C ILE B 183 -0.86 -51.78 -7.62
N ILE B 184 -0.04 -51.93 -8.65
CA ILE B 184 1.01 -50.97 -9.00
C ILE B 184 0.47 -50.19 -10.18
N SER B 185 0.16 -48.91 -9.99
CA SER B 185 -0.39 -48.07 -11.06
C SER B 185 0.69 -47.61 -12.04
N LYS B 186 0.49 -47.87 -13.34
CA LYS B 186 1.42 -47.41 -14.35
C LYS B 186 1.07 -45.99 -14.77
N ILE B 187 2.02 -45.05 -14.62
CA ILE B 187 1.80 -43.66 -15.03
C ILE B 187 2.37 -43.55 -16.43
N GLU B 188 1.50 -43.36 -17.42
CA GLU B 188 1.91 -43.37 -18.84
C GLU B 188 1.51 -42.15 -19.64
N ASN B 189 0.86 -41.15 -19.03
CA ASN B 189 0.43 -39.97 -19.76
C ASN B 189 0.45 -38.69 -18.90
N HIS B 190 0.15 -37.54 -19.50
CA HIS B 190 0.15 -36.27 -18.80
C HIS B 190 -0.84 -36.26 -17.64
N GLU B 191 -2.04 -36.83 -17.82
CA GLU B 191 -3.05 -36.84 -16.76
C GLU B 191 -2.59 -37.63 -15.54
N GLY B 192 -1.97 -38.78 -15.75
CA GLY B 192 -1.43 -39.59 -14.68
C GLY B 192 -0.37 -38.82 -13.88
N VAL B 193 0.48 -38.04 -14.58
CA VAL B 193 1.50 -37.24 -13.92
C VAL B 193 0.86 -36.11 -13.10
N LYS B 194 -0.11 -35.43 -13.69
CA LYS B 194 -0.79 -34.32 -13.00
C LYS B 194 -1.63 -34.76 -11.79
N ARG B 195 -2.28 -35.91 -11.90
CA ARG B 195 -3.08 -36.44 -10.81
C ARG B 195 -2.31 -37.48 -9.98
N PHE B 196 -0.96 -37.44 -10.03
CA PHE B 196 -0.09 -38.41 -9.37
C PHE B 196 -0.40 -38.61 -7.89
N ASP B 197 -0.53 -37.52 -7.12
CA ASP B 197 -0.77 -37.63 -5.68
C ASP B 197 -2.00 -38.43 -5.30
N GLU B 198 -3.11 -38.20 -6.02
CA GLU B 198 -4.35 -38.93 -5.75
C GLU B 198 -4.25 -40.40 -6.17
N ILE B 199 -3.44 -40.69 -7.19
CA ILE B 199 -3.23 -42.05 -7.67
C ILE B 199 -2.37 -42.83 -6.67
N LEU B 200 -1.28 -42.22 -6.21
CA LEU B 200 -0.36 -42.85 -5.26
C LEU B 200 -1.08 -43.17 -3.96
N GLU B 201 -1.95 -42.26 -3.50
CA GLU B 201 -2.69 -42.44 -2.26
C GLU B 201 -3.50 -43.74 -2.22
N VAL B 202 -4.12 -44.11 -3.35
CA VAL B 202 -4.92 -45.33 -3.39
C VAL B 202 -4.22 -46.56 -3.99
N SER B 203 -2.97 -46.40 -4.47
CA SER B 203 -2.24 -47.52 -5.06
C SER B 203 -1.30 -48.13 -4.05
N ASP B 204 -0.89 -49.37 -4.30
CA ASP B 204 0.16 -50.00 -3.48
C ASP B 204 1.57 -49.51 -3.92
N GLY B 205 1.69 -49.04 -5.15
CA GLY B 205 2.93 -48.56 -5.72
C GLY B 205 2.73 -47.99 -7.10
N ILE B 206 3.83 -47.61 -7.74
CA ILE B 206 3.78 -46.95 -9.05
C ILE B 206 4.81 -47.53 -10.01
N MET B 207 4.50 -47.47 -11.30
CA MET B 207 5.45 -47.85 -12.33
C MET B 207 5.60 -46.63 -13.23
N VAL B 208 6.84 -46.19 -13.45
CA VAL B 208 7.12 -45.12 -14.40
C VAL B 208 7.24 -45.83 -15.74
N ALA B 209 6.13 -45.88 -16.47
CA ALA B 209 6.00 -46.58 -17.76
C ALA B 209 6.49 -45.64 -18.85
N ARG B 210 7.80 -45.58 -19.04
CA ARG B 210 8.46 -44.61 -19.92
C ARG B 210 8.16 -44.72 -21.41
N GLY B 211 7.80 -45.90 -21.91
CA GLY B 211 7.47 -46.08 -23.32
C GLY B 211 6.33 -45.19 -23.76
N ASP B 212 5.13 -45.37 -23.17
CA ASP B 212 3.99 -44.52 -23.51
C ASP B 212 4.19 -43.12 -23.02
N LEU B 213 4.79 -42.94 -21.82
CA LEU B 213 5.03 -41.61 -21.25
C LEU B 213 5.86 -40.74 -22.20
N GLY B 214 6.86 -41.34 -22.86
CA GLY B 214 7.73 -40.68 -23.82
C GLY B 214 7.06 -40.28 -25.14
N ILE B 215 5.86 -40.82 -25.40
CA ILE B 215 5.05 -40.51 -26.57
C ILE B 215 3.96 -39.48 -26.15
N GLU B 216 3.42 -39.61 -24.95
CA GLU B 216 2.35 -38.75 -24.42
C GLU B 216 2.83 -37.37 -24.02
N ILE B 217 4.05 -37.28 -23.50
CA ILE B 217 4.67 -36.01 -23.13
C ILE B 217 5.98 -35.87 -23.92
N PRO B 218 6.57 -34.64 -24.04
CA PRO B 218 7.84 -34.53 -24.78
C PRO B 218 8.90 -35.47 -24.24
N ALA B 219 9.61 -36.17 -25.11
CA ALA B 219 10.63 -37.14 -24.70
C ALA B 219 11.68 -36.55 -23.74
N GLU B 220 12.03 -35.27 -23.91
CA GLU B 220 13.01 -34.61 -23.08
C GLU B 220 12.51 -34.29 -21.67
N LYS B 221 11.23 -34.56 -21.35
CA LYS B 221 10.65 -34.30 -20.04
C LYS B 221 10.45 -35.58 -19.22
N VAL B 222 10.56 -36.78 -19.81
CA VAL B 222 10.37 -38.02 -19.10
C VAL B 222 11.24 -38.16 -17.84
N PHE B 223 12.51 -37.73 -17.90
CA PHE B 223 13.39 -37.84 -16.75
C PHE B 223 12.89 -37.02 -15.55
N LEU B 224 12.20 -35.87 -15.82
CA LEU B 224 11.65 -35.05 -14.76
C LEU B 224 10.51 -35.79 -14.08
N ALA B 225 9.65 -36.47 -14.88
CA ALA B 225 8.53 -37.22 -14.36
C ALA B 225 9.04 -38.42 -13.58
N GLN B 226 10.06 -39.12 -14.10
CA GLN B 226 10.64 -40.28 -13.42
C GLN B 226 11.21 -39.87 -12.05
N LYS B 227 12.07 -38.85 -12.02
CA LYS B 227 12.70 -38.40 -10.78
C LYS B 227 11.68 -37.88 -9.76
N MET B 228 10.64 -37.14 -10.21
CA MET B 228 9.59 -36.64 -9.34
C MET B 228 8.78 -37.82 -8.72
N MET B 229 8.35 -38.78 -9.55
CA MET B 229 7.57 -39.90 -9.08
C MET B 229 8.35 -40.79 -8.14
N ILE B 230 9.63 -41.05 -8.42
CA ILE B 230 10.46 -41.85 -7.55
C ILE B 230 10.63 -41.17 -6.19
N GLY B 231 10.91 -39.86 -6.21
CA GLY B 231 11.05 -39.07 -5.00
C GLY B 231 9.78 -39.10 -4.15
N ARG B 232 8.60 -38.88 -4.77
CA ARG B 232 7.35 -38.91 -4.05
C ARG B 232 7.02 -40.29 -3.49
N CYS B 233 7.36 -41.37 -4.23
CA CYS B 233 7.13 -42.73 -3.74
C CYS B 233 8.05 -43.04 -2.58
N ASN B 234 9.30 -42.56 -2.63
CA ASN B 234 10.26 -42.74 -1.55
C ASN B 234 9.74 -42.01 -0.30
N LEU B 235 9.18 -40.80 -0.47
CA LEU B 235 8.62 -39.99 0.60
C LEU B 235 7.41 -40.73 1.20
N ALA B 236 6.55 -41.32 0.36
CA ALA B 236 5.39 -42.07 0.79
C ALA B 236 5.70 -43.45 1.33
N GLY B 237 6.90 -43.95 1.12
CA GLY B 237 7.27 -45.28 1.56
C GLY B 237 6.59 -46.37 0.74
N LYS B 238 6.28 -46.09 -0.54
CA LYS B 238 5.62 -47.06 -1.42
C LYS B 238 6.51 -47.46 -2.58
N PRO B 239 6.44 -48.73 -3.04
CA PRO B 239 7.34 -49.16 -4.13
C PRO B 239 7.16 -48.43 -5.47
N VAL B 240 8.28 -48.18 -6.12
CA VAL B 240 8.27 -47.55 -7.43
C VAL B 240 9.15 -48.37 -8.38
N VAL B 241 8.65 -48.62 -9.57
CA VAL B 241 9.36 -49.41 -10.58
C VAL B 241 9.79 -48.47 -11.72
N CYS B 242 11.04 -48.60 -12.17
CA CYS B 242 11.47 -47.88 -13.37
C CYS B 242 11.39 -48.87 -14.52
N ALA B 243 10.71 -48.48 -15.60
CA ALA B 243 10.50 -49.42 -16.70
C ALA B 243 10.78 -48.85 -18.09
N THR B 244 11.05 -49.75 -19.06
CA THR B 244 11.09 -49.60 -20.53
C THR B 244 12.37 -49.02 -21.12
N GLN B 245 12.96 -49.79 -22.03
CA GLN B 245 14.16 -49.46 -22.80
C GLN B 245 15.40 -49.28 -21.96
N MET B 246 15.44 -49.87 -20.75
CA MET B 246 16.61 -49.74 -19.89
C MET B 246 17.84 -50.36 -20.52
N LEU B 247 17.69 -51.54 -21.16
CA LEU B 247 18.81 -52.22 -21.84
C LEU B 247 18.36 -52.61 -23.25
N GLU B 248 17.58 -51.76 -23.93
CA GLU B 248 16.96 -52.01 -25.23
C GLU B 248 17.86 -52.69 -26.24
N SER B 249 19.08 -52.18 -26.49
CA SER B 249 20.00 -52.74 -27.47
C SER B 249 20.35 -54.21 -27.20
N MET B 250 20.22 -54.66 -25.94
CA MET B 250 20.50 -56.05 -25.60
C MET B 250 19.44 -57.02 -26.15
N ILE B 251 18.36 -56.53 -26.79
CA ILE B 251 17.41 -57.38 -27.51
C ILE B 251 18.17 -58.14 -28.63
N THR B 252 19.13 -57.45 -29.30
CA THR B 252 19.92 -58.08 -30.36
C THR B 252 21.41 -58.22 -30.03
N LYS B 253 21.95 -57.36 -29.14
CA LYS B 253 23.39 -57.40 -28.86
C LYS B 253 23.72 -57.99 -27.50
N PRO B 254 24.87 -58.67 -27.35
CA PRO B 254 25.21 -59.26 -26.04
C PRO B 254 25.65 -58.26 -24.97
N ARG B 255 26.04 -57.04 -25.37
CA ARG B 255 26.46 -56.00 -24.43
C ARG B 255 25.58 -54.74 -24.64
N PRO B 256 25.23 -54.01 -23.56
CA PRO B 256 24.42 -52.79 -23.75
C PRO B 256 25.27 -51.56 -24.14
N THR B 257 24.60 -50.46 -24.48
CA THR B 257 25.29 -49.21 -24.78
C THR B 257 25.71 -48.51 -23.47
N ARG B 258 26.53 -47.47 -23.59
CA ARG B 258 26.96 -46.67 -22.43
C ARG B 258 25.78 -45.91 -21.81
N ALA B 259 24.80 -45.52 -22.62
CA ALA B 259 23.62 -44.84 -22.12
C ALA B 259 22.72 -45.78 -21.34
N GLU B 260 22.66 -47.05 -21.76
CA GLU B 260 21.83 -48.05 -21.10
C GLU B 260 22.32 -48.44 -19.72
N THR B 261 23.64 -48.67 -19.55
CA THR B 261 24.14 -48.99 -18.22
C THR B 261 23.95 -47.79 -17.27
N SER B 262 24.18 -46.58 -17.81
CA SER B 262 23.99 -45.35 -17.10
C SER B 262 22.52 -45.20 -16.66
N ASP B 263 21.57 -45.50 -17.56
CA ASP B 263 20.15 -45.43 -17.23
C ASP B 263 19.76 -46.36 -16.07
N VAL B 264 20.28 -47.59 -16.06
CA VAL B 264 20.00 -48.54 -15.00
C VAL B 264 20.58 -48.02 -13.69
N ALA B 265 21.83 -47.59 -13.72
CA ALA B 265 22.48 -47.07 -12.53
C ALA B 265 21.77 -45.85 -11.97
N ASN B 266 21.33 -44.93 -12.86
CA ASN B 266 20.64 -43.73 -12.45
C ASN B 266 19.25 -44.00 -11.93
N ALA B 267 18.56 -45.05 -12.41
CA ALA B 267 17.25 -45.40 -11.86
C ALA B 267 17.40 -45.84 -10.40
N VAL B 268 18.46 -46.59 -10.09
CA VAL B 268 18.77 -47.06 -8.73
C VAL B 268 19.17 -45.86 -7.88
N LEU B 269 20.05 -44.98 -8.40
CA LEU B 269 20.45 -43.78 -7.64
C LEU B 269 19.27 -42.83 -7.41
N ASP B 270 18.30 -42.82 -8.31
CA ASP B 270 17.10 -41.99 -8.16
C ASP B 270 16.27 -42.46 -6.95
N GLY B 271 16.28 -43.75 -6.67
CA GLY B 271 15.55 -44.35 -5.57
C GLY B 271 14.55 -45.41 -5.97
N ALA B 272 14.65 -45.95 -7.19
CA ALA B 272 13.70 -46.99 -7.65
C ALA B 272 13.82 -48.27 -6.83
N ASP B 273 12.69 -48.86 -6.48
CA ASP B 273 12.67 -50.14 -5.76
C ASP B 273 12.92 -51.28 -6.72
N CYS B 274 12.37 -51.20 -7.93
CA CYS B 274 12.50 -52.23 -8.94
C CYS B 274 12.95 -51.65 -10.26
N ILE B 275 13.63 -52.48 -11.03
CA ILE B 275 13.98 -52.14 -12.40
C ILE B 275 13.38 -53.24 -13.29
N MET B 276 13.01 -52.89 -14.52
CA MET B 276 12.32 -53.83 -15.38
C MET B 276 13.01 -54.07 -16.72
N LEU B 277 12.76 -55.27 -17.27
CA LEU B 277 13.21 -55.70 -18.58
C LEU B 277 11.95 -56.10 -19.34
N SER B 278 11.77 -55.57 -20.55
CA SER B 278 10.60 -55.89 -21.36
C SER B 278 11.03 -56.82 -22.54
N GLY B 279 11.20 -56.26 -23.75
CA GLY B 279 11.66 -57.02 -24.91
C GLY B 279 12.99 -57.70 -24.68
N GLU B 280 13.85 -57.12 -23.80
CA GLU B 280 15.15 -57.69 -23.44
C GLU B 280 15.04 -59.16 -23.03
N THR B 281 13.95 -59.50 -22.30
CA THR B 281 13.76 -60.87 -21.84
C THR B 281 12.62 -61.58 -22.54
N ALA B 282 11.60 -60.83 -22.97
CA ALA B 282 10.46 -61.42 -23.63
C ALA B 282 10.78 -62.01 -25.01
N LYS B 283 11.55 -61.28 -25.83
CA LYS B 283 11.86 -61.70 -27.19
C LYS B 283 13.33 -61.65 -27.57
N GLY B 284 14.17 -61.05 -26.74
CA GLY B 284 15.58 -60.85 -27.07
C GLY B 284 16.43 -62.09 -27.20
N ASN B 285 17.60 -61.93 -27.78
CA ASN B 285 18.54 -63.02 -27.96
C ASN B 285 19.35 -63.29 -26.70
N PHE B 286 19.35 -62.37 -25.71
CA PHE B 286 20.14 -62.56 -24.49
C PHE B 286 19.32 -62.33 -23.20
N PRO B 287 18.18 -63.04 -22.97
CA PRO B 287 17.39 -62.78 -21.75
C PRO B 287 18.14 -62.94 -20.44
N VAL B 288 18.94 -63.99 -20.30
CA VAL B 288 19.69 -64.25 -19.10
C VAL B 288 20.79 -63.19 -18.93
N GLU B 289 21.46 -62.83 -20.03
CA GLU B 289 22.51 -61.83 -19.99
C GLU B 289 21.97 -60.44 -19.63
N ALA B 290 20.73 -60.12 -20.02
CA ALA B 290 20.08 -58.87 -19.68
C ALA B 290 19.80 -58.80 -18.16
N VAL B 291 19.35 -59.93 -17.56
CA VAL B 291 19.11 -60.02 -16.12
C VAL B 291 20.45 -59.89 -15.38
N LYS B 292 21.49 -60.58 -15.87
CA LYS B 292 22.82 -60.53 -15.26
C LYS B 292 23.37 -59.10 -15.28
N MET B 293 23.13 -58.37 -16.39
CA MET B 293 23.61 -57.00 -16.54
C MET B 293 22.90 -56.08 -15.57
N GLN B 294 21.57 -56.20 -15.43
CA GLN B 294 20.84 -55.39 -14.46
C GLN B 294 21.29 -55.69 -13.03
N HIS B 295 21.58 -56.96 -12.73
CA HIS B 295 22.06 -57.37 -11.42
C HIS B 295 23.42 -56.73 -11.13
N ALA B 296 24.35 -56.79 -12.09
CA ALA B 296 25.68 -56.23 -11.93
C ALA B 296 25.64 -54.70 -11.75
N ILE B 297 24.83 -54.00 -12.55
CA ILE B 297 24.72 -52.55 -12.43
C ILE B 297 24.05 -52.14 -11.11
N ALA B 298 22.93 -52.79 -10.75
CA ALA B 298 22.22 -52.46 -9.51
C ALA B 298 23.10 -52.61 -8.28
N ARG B 299 23.91 -53.68 -8.17
CA ARG B 299 24.83 -53.83 -7.02
C ARG B 299 25.84 -52.68 -6.95
N GLU B 300 26.39 -52.26 -8.10
CA GLU B 300 27.37 -51.19 -8.12
C GLU B 300 26.68 -49.88 -7.71
N ALA B 301 25.46 -49.63 -8.23
CA ALA B 301 24.73 -48.39 -7.98
C ALA B 301 24.23 -48.29 -6.54
N GLU B 302 23.85 -49.42 -5.94
CA GLU B 302 23.40 -49.41 -4.56
C GLU B 302 24.51 -49.01 -3.60
N ALA B 303 25.74 -49.49 -3.83
CA ALA B 303 26.87 -49.11 -2.99
C ALA B 303 27.20 -47.61 -3.17
N ALA B 304 26.94 -47.04 -4.36
CA ALA B 304 27.19 -45.64 -4.68
C ALA B 304 26.12 -44.69 -4.15
N VAL B 305 25.04 -45.20 -3.53
CA VAL B 305 23.99 -44.35 -2.96
C VAL B 305 24.60 -43.56 -1.78
N TYR B 306 24.32 -42.25 -1.70
CA TYR B 306 24.85 -41.40 -0.63
C TYR B 306 23.89 -41.50 0.55
N HIS B 307 23.98 -42.59 1.32
CA HIS B 307 23.10 -42.87 2.45
C HIS B 307 23.03 -41.77 3.49
N ARG B 308 24.14 -41.07 3.77
CA ARG B 308 24.17 -40.02 4.78
C ARG B 308 23.12 -38.95 4.51
N GLN B 309 23.03 -38.45 3.27
CA GLN B 309 22.04 -37.47 2.93
C GLN B 309 20.66 -38.10 2.78
N LEU B 310 20.59 -39.27 2.16
CA LEU B 310 19.33 -39.95 1.95
C LEU B 310 18.57 -40.26 3.26
N PHE B 311 19.26 -40.88 4.23
CA PHE B 311 18.65 -41.23 5.51
C PHE B 311 18.25 -39.97 6.27
N GLU B 312 19.10 -38.94 6.28
CA GLU B 312 18.78 -37.67 6.92
C GLU B 312 17.54 -37.01 6.29
N GLU B 313 17.44 -37.01 4.96
CA GLU B 313 16.32 -36.41 4.27
C GLU B 313 15.04 -37.20 4.44
N LEU B 314 15.13 -38.55 4.44
CA LEU B 314 13.96 -39.40 4.66
C LEU B 314 13.45 -39.17 6.09
N ARG B 315 14.38 -39.11 7.04
CA ARG B 315 14.09 -38.87 8.45
C ARG B 315 13.45 -37.49 8.66
N ARG B 316 14.02 -36.42 8.09
CA ARG B 316 13.52 -35.05 8.23
C ARG B 316 12.14 -34.89 7.58
N ALA B 317 11.93 -35.48 6.40
CA ALA B 317 10.65 -35.35 5.69
C ALA B 317 9.55 -36.20 6.27
N ALA B 318 9.89 -37.35 6.89
CA ALA B 318 8.87 -38.24 7.44
C ALA B 318 8.25 -37.59 8.68
N PRO B 319 6.91 -37.56 8.74
CA PRO B 319 6.25 -36.94 9.91
C PRO B 319 6.41 -37.79 11.17
N LEU B 320 6.15 -37.19 12.34
CA LEU B 320 6.19 -37.92 13.60
C LEU B 320 5.12 -39.02 13.57
N SER B 321 5.39 -40.14 14.24
CA SER B 321 4.45 -41.24 14.20
C SER B 321 4.21 -41.85 15.53
N ARG B 322 2.96 -42.24 15.78
CA ARG B 322 2.62 -42.93 17.01
C ARG B 322 2.38 -44.44 16.75
N ASP B 323 2.67 -44.94 15.53
CA ASP B 323 2.53 -46.33 15.18
C ASP B 323 3.81 -47.03 15.61
N PRO B 324 3.71 -48.01 16.51
CA PRO B 324 4.92 -48.69 16.98
C PRO B 324 5.75 -49.39 15.91
N THR B 325 5.14 -49.87 14.81
CA THR B 325 5.89 -50.52 13.74
C THR B 325 6.79 -49.48 13.07
N GLU B 326 6.23 -48.30 12.77
CA GLU B 326 6.94 -47.18 12.17
C GLU B 326 8.08 -46.69 13.09
N VAL B 327 7.81 -46.58 14.40
CA VAL B 327 8.79 -46.14 15.39
C VAL B 327 9.92 -47.17 15.54
N THR B 328 9.59 -48.47 15.56
CA THR B 328 10.58 -49.53 15.70
C THR B 328 11.46 -49.58 14.46
N ALA B 329 10.86 -49.39 13.26
CA ALA B 329 11.59 -49.41 11.99
C ALA B 329 12.71 -48.36 11.93
N ILE B 330 12.42 -47.10 12.32
CA ILE B 330 13.44 -46.06 12.28
C ILE B 330 14.53 -46.31 13.33
N GLY B 331 14.15 -46.82 14.50
CA GLY B 331 15.11 -47.18 15.53
C GLY B 331 16.01 -48.30 15.08
N ALA B 332 15.46 -49.31 14.39
CA ALA B 332 16.23 -50.44 13.87
C ALA B 332 17.18 -50.01 12.76
N VAL B 333 16.75 -49.11 11.87
CA VAL B 333 17.60 -48.64 10.77
C VAL B 333 18.73 -47.77 11.33
N GLU B 334 18.45 -46.94 12.34
CA GLU B 334 19.46 -46.12 13.00
C GLU B 334 20.48 -47.01 13.68
N ALA B 335 20.01 -48.06 14.37
CA ALA B 335 20.90 -48.99 15.06
C ALA B 335 21.78 -49.75 14.08
N ALA B 336 21.19 -50.17 12.94
CA ALA B 336 21.94 -50.88 11.89
C ALA B 336 23.08 -50.02 11.32
N PHE B 337 22.83 -48.71 11.06
CA PHE B 337 23.87 -47.84 10.55
C PHE B 337 24.97 -47.62 11.59
N LYS B 338 24.62 -47.54 12.89
CA LYS B 338 25.56 -47.31 13.97
C LYS B 338 26.65 -48.36 14.08
N CYS B 339 26.27 -49.63 13.87
CA CYS B 339 27.22 -50.74 14.01
C CYS B 339 27.63 -51.39 12.72
N CYS B 340 27.14 -50.89 11.55
CA CYS B 340 27.40 -51.50 10.25
C CYS B 340 26.87 -52.94 10.27
N ALA B 341 25.62 -53.10 10.75
CA ALA B 341 24.96 -54.39 10.85
C ALA B 341 24.88 -55.04 9.50
N ALA B 342 25.18 -56.34 9.44
CA ALA B 342 25.12 -57.07 8.19
C ALA B 342 23.67 -57.25 7.73
N ALA B 343 22.72 -57.36 8.67
CA ALA B 343 21.32 -57.55 8.32
C ALA B 343 20.36 -57.06 9.42
N ILE B 344 19.10 -56.85 9.05
CA ILE B 344 18.00 -56.59 9.93
C ILE B 344 17.05 -57.77 9.67
N ILE B 345 16.88 -58.66 10.66
CA ILE B 345 15.98 -59.80 10.50
C ILE B 345 14.62 -59.42 11.05
N VAL B 346 13.58 -59.46 10.24
CA VAL B 346 12.25 -59.06 10.68
C VAL B 346 11.22 -60.16 10.46
N LEU B 347 10.30 -60.32 11.41
CA LEU B 347 9.22 -61.29 11.30
C LEU B 347 8.05 -60.50 10.75
N THR B 348 7.42 -61.00 9.69
CA THR B 348 6.29 -60.31 9.10
C THR B 348 5.24 -61.28 8.57
N THR B 349 3.97 -60.88 8.68
CA THR B 349 2.89 -61.72 8.20
C THR B 349 2.46 -61.21 6.82
N THR B 350 2.25 -59.88 6.70
CA THR B 350 1.82 -59.23 5.47
C THR B 350 2.95 -58.60 4.65
N GLY B 351 4.12 -58.46 5.24
CA GLY B 351 5.24 -57.79 4.61
C GLY B 351 5.40 -56.34 5.07
N ARG B 352 4.39 -55.79 5.78
CA ARG B 352 4.38 -54.39 6.22
C ARG B 352 5.58 -53.99 7.10
N SER B 353 5.98 -54.80 8.07
CA SER B 353 7.12 -54.45 8.92
C SER B 353 8.41 -54.37 8.11
N ALA B 354 8.56 -55.22 7.09
CA ALA B 354 9.73 -55.17 6.21
C ALA B 354 9.66 -53.93 5.31
N GLN B 355 8.46 -53.55 4.86
CA GLN B 355 8.26 -52.38 4.02
C GLN B 355 8.63 -51.11 4.79
N LEU B 356 8.24 -51.03 6.07
CA LEU B 356 8.56 -49.86 6.89
C LEU B 356 10.07 -49.74 7.16
N LEU B 357 10.79 -50.87 7.19
CA LEU B 357 12.24 -50.83 7.35
C LEU B 357 12.85 -50.32 6.03
N SER B 358 12.39 -50.89 4.91
CA SER B 358 12.83 -50.58 3.57
C SER B 358 12.70 -49.10 3.21
N ARG B 359 11.65 -48.39 3.71
CA ARG B 359 11.47 -46.98 3.39
C ARG B 359 12.60 -46.07 3.90
N TYR B 360 13.32 -46.49 4.95
CA TYR B 360 14.46 -45.70 5.45
C TYR B 360 15.77 -46.02 4.74
N ARG B 361 15.72 -46.92 3.73
CA ARG B 361 16.84 -47.30 2.89
C ARG B 361 18.08 -47.73 3.66
N PRO B 362 17.97 -48.72 4.55
CA PRO B 362 19.19 -49.18 5.25
C PRO B 362 20.17 -49.82 4.28
N ARG B 363 21.45 -49.74 4.58
CA ARG B 363 22.48 -50.41 3.83
C ARG B 363 22.40 -51.95 4.21
N ALA B 364 22.03 -52.27 5.47
CA ALA B 364 21.86 -53.65 5.94
C ALA B 364 20.72 -54.34 5.21
N ALA B 365 20.91 -55.60 4.83
CA ALA B 365 19.86 -56.37 4.15
C ALA B 365 18.68 -56.59 5.09
N VAL B 366 17.45 -56.48 4.60
CA VAL B 366 16.29 -56.75 5.45
C VAL B 366 15.86 -58.16 5.14
N ILE B 367 16.16 -59.10 6.03
CA ILE B 367 15.80 -60.49 5.86
C ILE B 367 14.42 -60.68 6.46
N ALA B 368 13.40 -60.86 5.62
CA ALA B 368 12.03 -60.98 6.10
C ALA B 368 11.61 -62.43 6.23
N VAL B 369 11.39 -62.90 7.47
CA VAL B 369 10.95 -64.26 7.75
C VAL B 369 9.45 -64.28 7.85
N THR B 370 8.81 -65.01 6.95
CA THR B 370 7.36 -65.07 6.89
C THR B 370 6.86 -66.49 6.63
N ARG B 371 5.66 -66.78 7.10
CA ARG B 371 4.98 -68.04 6.79
C ARG B 371 4.10 -67.88 5.53
N SER B 372 3.76 -66.63 5.14
CA SER B 372 2.93 -66.37 3.98
C SER B 372 3.74 -66.43 2.69
N ALA B 373 3.46 -67.43 1.84
CA ALA B 373 4.12 -67.58 0.56
C ALA B 373 3.84 -66.35 -0.33
N GLN B 374 2.61 -65.80 -0.27
CA GLN B 374 2.28 -64.62 -1.05
C GLN B 374 3.08 -63.39 -0.58
N ALA B 375 3.15 -63.14 0.75
CA ALA B 375 3.92 -62.01 1.28
C ALA B 375 5.40 -62.18 0.90
N ALA B 376 5.93 -63.42 0.93
CA ALA B 376 7.32 -63.64 0.55
C ALA B 376 7.56 -63.22 -0.92
N ARG B 377 6.58 -63.45 -1.81
CA ARG B 377 6.73 -63.04 -3.21
C ARG B 377 6.54 -61.53 -3.37
N GLN B 378 5.56 -60.97 -2.67
CA GLN B 378 5.25 -59.54 -2.81
C GLN B 378 6.30 -58.58 -2.22
N VAL B 379 7.08 -59.01 -1.19
CA VAL B 379 8.07 -58.12 -0.61
C VAL B 379 9.23 -57.82 -1.55
N HIS B 380 9.32 -58.52 -2.71
CA HIS B 380 10.31 -58.20 -3.72
C HIS B 380 10.06 -56.77 -4.29
N LEU B 381 8.84 -56.22 -4.13
CA LEU B 381 8.55 -54.86 -4.56
C LEU B 381 9.33 -53.81 -3.74
N CYS B 382 9.75 -54.14 -2.50
CA CYS B 382 10.43 -53.24 -1.58
C CYS B 382 11.91 -53.41 -1.62
N ARG B 383 12.64 -52.32 -1.95
CA ARG B 383 14.09 -52.39 -2.04
C ARG B 383 14.77 -52.90 -0.78
N GLY B 384 15.66 -53.86 -0.94
CA GLY B 384 16.46 -54.37 0.16
C GLY B 384 15.79 -55.43 1.02
N VAL B 385 14.64 -55.94 0.58
CA VAL B 385 13.97 -56.99 1.32
C VAL B 385 14.24 -58.37 0.69
N PHE B 386 14.81 -59.28 1.48
CA PHE B 386 15.15 -60.63 1.09
C PHE B 386 14.20 -61.59 1.81
N PRO B 387 13.21 -62.11 1.09
CA PRO B 387 12.22 -63.00 1.74
C PRO B 387 12.67 -64.43 2.02
N LEU B 388 12.37 -64.92 3.24
CA LEU B 388 12.63 -66.30 3.64
C LEU B 388 11.31 -66.92 4.00
N LEU B 389 10.92 -67.95 3.26
CA LEU B 389 9.66 -68.63 3.54
C LEU B 389 9.90 -69.69 4.62
N TYR B 390 9.25 -69.52 5.77
CA TYR B 390 9.36 -70.44 6.90
C TYR B 390 8.24 -71.47 6.76
N ARG B 391 8.60 -72.77 6.72
CA ARG B 391 7.60 -73.81 6.48
C ARG B 391 7.26 -74.66 7.72
N GLU B 392 7.99 -74.50 8.84
CA GLU B 392 7.74 -75.31 10.04
C GLU B 392 6.41 -75.07 10.71
N PRO B 393 5.80 -76.13 11.26
CA PRO B 393 4.54 -75.94 11.99
C PRO B 393 4.77 -75.17 13.29
N PRO B 394 3.76 -74.42 13.75
CA PRO B 394 3.94 -73.59 14.96
C PRO B 394 4.27 -74.35 16.24
N GLU B 395 5.18 -73.80 17.05
CA GLU B 395 5.54 -74.32 18.37
C GLU B 395 4.39 -74.04 19.33
N ALA B 396 4.29 -74.83 20.41
CA ALA B 396 3.22 -74.67 21.42
C ALA B 396 3.36 -73.33 22.15
N ILE B 397 4.60 -72.95 22.50
CA ILE B 397 4.84 -71.68 23.16
C ILE B 397 5.19 -70.63 22.09
N TRP B 398 4.36 -69.59 21.96
CA TRP B 398 4.55 -68.52 20.97
C TRP B 398 5.95 -67.89 21.00
N ALA B 399 6.50 -67.59 22.18
CA ALA B 399 7.83 -67.03 22.30
C ALA B 399 8.90 -67.95 21.69
N ASP B 400 8.73 -69.27 21.80
CA ASP B 400 9.67 -70.23 21.21
C ASP B 400 9.51 -70.27 19.68
N ASP B 401 8.29 -70.09 19.18
CA ASP B 401 8.03 -70.07 17.75
C ASP B 401 8.74 -68.85 17.11
N VAL B 402 8.68 -67.69 17.79
CA VAL B 402 9.34 -66.47 17.38
C VAL B 402 10.84 -66.70 17.35
N ASP B 403 11.42 -67.24 18.44
CA ASP B 403 12.85 -67.54 18.53
C ASP B 403 13.32 -68.49 17.45
N ARG B 404 12.50 -69.51 17.11
CA ARG B 404 12.86 -70.46 16.06
C ARG B 404 12.95 -69.76 14.72
N ARG B 405 12.00 -68.85 14.44
CA ARG B 405 11.97 -68.09 13.21
C ARG B 405 13.18 -67.16 13.09
N VAL B 406 13.58 -66.52 14.18
CA VAL B 406 14.76 -65.64 14.22
C VAL B 406 16.02 -66.45 13.92
N GLN B 407 16.17 -67.63 14.54
CA GLN B 407 17.30 -68.51 14.31
C GLN B 407 17.30 -69.05 12.89
N PHE B 408 16.12 -69.28 12.28
CA PHE B 408 16.01 -69.69 10.88
C PHE B 408 16.63 -68.60 9.99
N GLY B 409 16.35 -67.33 10.30
CA GLY B 409 16.89 -66.19 9.58
C GLY B 409 18.39 -66.09 9.74
N ILE B 410 18.90 -66.37 10.95
CA ILE B 410 20.34 -66.35 11.21
C ILE B 410 21.07 -67.48 10.49
N GLU B 411 20.52 -68.70 10.55
CA GLU B 411 21.10 -69.85 9.87
C GLU B 411 21.04 -69.72 8.37
N SER B 412 19.92 -69.21 7.80
CA SER B 412 19.86 -68.97 6.35
C SER B 412 20.88 -67.86 5.97
N GLY B 413 20.99 -66.84 6.83
CA GLY B 413 21.91 -65.73 6.65
C GLY B 413 23.36 -66.16 6.62
N LYS B 414 23.71 -67.10 7.49
CA LYS B 414 25.08 -67.63 7.55
C LYS B 414 25.37 -68.51 6.35
N LEU B 415 24.41 -69.38 5.99
CA LEU B 415 24.51 -70.28 4.83
C LEU B 415 24.65 -69.51 3.55
N ARG B 416 23.91 -68.40 3.37
CA ARG B 416 23.96 -67.58 2.16
C ARG B 416 25.09 -66.53 2.15
N GLY B 417 25.89 -66.47 3.22
CA GLY B 417 27.00 -65.51 3.29
C GLY B 417 26.65 -64.12 3.77
N PHE B 418 25.35 -63.84 3.96
CA PHE B 418 24.82 -62.56 4.46
C PHE B 418 25.39 -62.25 5.83
N LEU B 419 25.51 -63.27 6.67
CA LEU B 419 26.02 -63.12 8.01
C LEU B 419 27.27 -63.94 8.20
N ARG B 420 28.13 -63.43 9.06
CA ARG B 420 29.41 -64.00 9.42
C ARG B 420 29.58 -63.94 10.93
N VAL B 421 30.41 -64.84 11.49
CA VAL B 421 30.68 -64.81 12.93
C VAL B 421 31.37 -63.48 13.28
N GLY B 422 30.86 -62.81 14.31
CA GLY B 422 31.36 -61.49 14.68
C GLY B 422 30.48 -60.35 14.18
N ASP B 423 29.60 -60.63 13.21
CA ASP B 423 28.69 -59.62 12.70
C ASP B 423 27.63 -59.26 13.74
N LEU B 424 27.08 -58.07 13.62
CA LEU B 424 25.96 -57.66 14.45
C LEU B 424 24.73 -57.69 13.56
N VAL B 425 23.62 -58.12 14.12
CA VAL B 425 22.34 -58.15 13.40
C VAL B 425 21.29 -57.46 14.26
N ILE B 426 20.33 -56.81 13.63
CA ILE B 426 19.23 -56.16 14.33
C ILE B 426 18.04 -57.07 14.10
N VAL B 427 17.30 -57.43 15.16
CA VAL B 427 16.14 -58.32 15.03
C VAL B 427 14.88 -57.58 15.38
N VAL B 428 13.91 -57.56 14.48
CA VAL B 428 12.66 -56.83 14.68
C VAL B 428 11.47 -57.78 14.78
N THR B 429 10.80 -57.76 15.95
CA THR B 429 9.63 -58.63 16.24
C THR B 429 8.50 -57.80 16.92
N GLY B 430 7.38 -58.44 17.25
CA GLY B 430 6.26 -57.83 17.95
C GLY B 430 6.05 -58.46 19.33
N TRP B 431 5.10 -57.93 20.10
CA TRP B 431 4.84 -58.40 21.46
C TRP B 431 3.71 -59.46 21.55
N ARG B 432 2.91 -59.61 20.50
CA ARG B 432 1.82 -60.58 20.44
C ARG B 432 1.66 -61.12 19.02
N PRO B 433 1.05 -62.30 18.82
CA PRO B 433 0.88 -62.81 17.45
C PRO B 433 -0.09 -61.96 16.63
N GLY B 434 -0.05 -62.14 15.33
CA GLY B 434 -0.91 -61.40 14.43
C GLY B 434 -0.23 -60.16 13.91
N SER B 435 -0.68 -59.72 12.75
CA SER B 435 -0.18 -58.56 12.05
C SER B 435 -0.49 -57.26 12.82
N GLY B 436 0.42 -56.28 12.71
CA GLY B 436 0.25 -54.95 13.29
C GLY B 436 0.82 -54.67 14.66
N TYR B 437 1.56 -55.63 15.25
CA TYR B 437 2.07 -55.43 16.61
C TYR B 437 3.57 -55.38 16.75
N THR B 438 4.31 -55.11 15.65
CA THR B 438 5.77 -54.99 15.72
C THR B 438 6.14 -53.83 16.63
N ASN B 439 7.01 -54.08 17.61
CA ASN B 439 7.39 -53.04 18.56
C ASN B 439 8.72 -53.30 19.22
N ILE B 440 9.46 -54.34 18.81
CA ILE B 440 10.71 -54.70 19.48
C ILE B 440 11.90 -54.73 18.53
N MET B 441 13.02 -54.23 18.99
CA MET B 441 14.27 -54.27 18.24
CA MET B 441 14.29 -54.20 18.27
C MET B 441 15.37 -54.79 19.16
N ARG B 442 16.11 -55.80 18.70
CA ARG B 442 17.19 -56.42 19.49
C ARG B 442 18.50 -56.41 18.76
N VAL B 443 19.61 -56.18 19.45
CA VAL B 443 20.92 -56.20 18.86
C VAL B 443 21.56 -57.53 19.23
N LEU B 444 21.87 -58.36 18.23
CA LEU B 444 22.47 -59.68 18.48
CA LEU B 444 22.46 -59.68 18.48
C LEU B 444 23.84 -59.84 17.81
N SER B 445 24.80 -60.48 18.51
CA SER B 445 26.12 -60.74 17.97
C SER B 445 26.14 -62.16 17.39
N ILE B 446 26.63 -62.32 16.16
CA ILE B 446 26.66 -63.63 15.51
C ILE B 446 27.80 -64.51 16.03
N SER B 447 27.48 -65.67 16.58
CA SER B 447 28.48 -66.60 17.08
C SER B 447 28.55 -67.89 16.22
N GLU C 21 52.07 -18.48 2.18
CA GLU C 21 52.17 -17.01 2.09
C GLU C 21 51.84 -16.32 3.42
N LEU C 22 50.70 -16.65 4.05
CA LEU C 22 50.33 -16.02 5.31
C LEU C 22 51.00 -16.68 6.53
N GLY C 23 51.35 -17.95 6.42
CA GLY C 23 52.02 -18.68 7.48
C GLY C 23 51.10 -19.48 8.38
N THR C 24 51.65 -20.50 9.05
CA THR C 24 50.87 -21.32 9.98
C THR C 24 50.49 -20.54 11.24
N ALA C 25 51.35 -19.58 11.67
CA ALA C 25 51.08 -18.75 12.83
C ALA C 25 49.82 -17.91 12.63
N PHE C 26 49.59 -17.40 11.41
CA PHE C 26 48.39 -16.62 11.09
C PHE C 26 47.14 -17.47 11.28
N PHE C 27 47.18 -18.74 10.84
CA PHE C 27 46.03 -19.64 10.92
C PHE C 27 45.83 -20.28 12.32
N GLN C 28 46.69 -19.96 13.30
CA GLN C 28 46.50 -20.41 14.68
C GLN C 28 45.82 -19.29 15.52
N GLN C 29 45.97 -18.01 15.11
CA GLN C 29 45.38 -16.84 15.74
C GLN C 29 43.89 -16.70 15.41
N GLN C 30 43.19 -15.78 16.11
CA GLN C 30 41.79 -15.39 15.98
C GLN C 30 40.81 -16.57 15.78
N GLN C 31 41.04 -17.68 16.51
CA GLN C 31 40.24 -18.90 16.48
C GLN C 31 40.01 -19.45 15.07
N LEU C 32 41.00 -19.29 14.17
CA LEU C 32 40.87 -19.78 12.81
C LEU C 32 40.73 -21.31 12.74
N PRO C 33 41.41 -22.15 13.57
CA PRO C 33 41.13 -23.60 13.52
C PRO C 33 39.66 -23.90 13.86
N ALA C 34 39.08 -23.20 14.86
CA ALA C 34 37.66 -23.36 15.23
C ALA C 34 36.71 -22.84 14.13
N ALA C 35 37.16 -21.85 13.36
CA ALA C 35 36.39 -21.26 12.26
C ALA C 35 36.27 -22.20 11.06
N MET C 36 37.26 -23.08 10.86
CA MET C 36 37.25 -24.01 9.73
C MET C 36 36.39 -25.27 10.00
N ALA C 37 35.87 -25.44 11.23
CA ALA C 37 35.11 -26.63 11.62
C ALA C 37 33.86 -26.88 10.80
N ASP C 38 33.53 -28.15 10.58
CA ASP C 38 32.36 -28.53 9.78
C ASP C 38 31.05 -28.57 10.57
N THR C 39 31.12 -28.60 11.91
CA THR C 39 29.94 -28.54 12.77
C THR C 39 30.17 -27.54 13.89
N PHE C 40 29.08 -27.02 14.47
CA PHE C 40 29.14 -26.10 15.60
C PHE C 40 29.80 -26.76 16.81
N LEU C 41 29.49 -28.04 17.04
CA LEU C 41 30.04 -28.83 18.13
C LEU C 41 31.56 -28.95 17.99
N GLU C 42 32.07 -29.25 16.79
CA GLU C 42 33.51 -29.32 16.52
C GLU C 42 34.16 -27.92 16.65
N HIS C 43 33.42 -26.86 16.31
CA HIS C 43 33.85 -25.49 16.42
C HIS C 43 34.11 -25.19 17.90
N LEU C 44 33.16 -25.54 18.80
CA LEU C 44 33.34 -25.35 20.24
C LEU C 44 34.56 -26.12 20.75
N CYS C 45 34.71 -27.39 20.33
CA CYS C 45 35.82 -28.25 20.73
C CYS C 45 37.18 -27.68 20.31
N LEU C 46 37.22 -26.91 19.21
CA LEU C 46 38.46 -26.33 18.71
C LEU C 46 38.77 -24.95 19.28
N LEU C 47 37.93 -24.40 20.18
CA LEU C 47 38.21 -23.09 20.77
C LEU C 47 39.50 -23.19 21.61
N ASP C 48 40.41 -22.24 21.43
CA ASP C 48 41.72 -22.31 22.07
C ASP C 48 42.01 -21.04 22.85
N ILE C 49 42.25 -21.16 24.17
CA ILE C 49 42.59 -20.01 25.00
C ILE C 49 43.92 -19.35 24.59
N ASP C 50 44.79 -20.08 23.88
CA ASP C 50 46.06 -19.54 23.41
C ASP C 50 45.96 -18.89 22.04
N SER C 51 44.80 -18.96 21.38
CA SER C 51 44.61 -18.36 20.07
C SER C 51 44.22 -16.90 20.29
N GLU C 52 45.20 -15.99 20.13
CA GLU C 52 45.00 -14.57 20.40
C GLU C 52 44.19 -13.83 19.35
N PRO C 53 43.31 -12.92 19.81
CA PRO C 53 42.52 -12.12 18.85
C PRO C 53 43.42 -11.11 18.11
N VAL C 54 43.23 -10.98 16.80
CA VAL C 54 44.02 -10.02 16.03
C VAL C 54 43.16 -8.87 15.53
N ALA C 55 41.92 -9.17 15.12
CA ALA C 55 41.02 -8.15 14.60
C ALA C 55 40.65 -7.08 15.64
N ALA C 56 40.32 -5.87 15.15
CA ALA C 56 39.89 -4.77 16.00
C ALA C 56 38.50 -5.17 16.59
N ARG C 57 38.23 -4.73 17.83
CA ARG C 57 36.99 -5.02 18.51
C ARG C 57 35.82 -4.39 17.76
N SER C 58 34.87 -5.20 17.37
CA SER C 58 33.77 -4.78 16.53
C SER C 58 32.45 -4.50 17.27
N THR C 59 32.22 -5.02 18.49
CA THR C 59 30.98 -4.75 19.23
C THR C 59 31.17 -3.43 19.96
N SER C 60 30.33 -2.42 19.69
CA SER C 60 30.49 -1.12 20.35
C SER C 60 30.16 -1.15 21.82
N ILE C 61 30.83 -0.29 22.57
CA ILE C 61 30.59 -0.18 23.99
C ILE C 61 29.86 1.13 24.25
N ILE C 62 28.70 1.03 24.92
CA ILE C 62 27.94 2.20 25.30
C ILE C 62 28.21 2.40 26.79
N ALA C 63 28.67 3.60 27.17
CA ALA C 63 28.92 3.85 28.60
C ALA C 63 27.99 4.93 29.09
N THR C 64 27.33 4.68 30.22
CA THR C 64 26.45 5.68 30.80
C THR C 64 27.28 6.73 31.53
N ILE C 65 27.13 7.99 31.14
CA ILE C 65 27.87 9.08 31.74
C ILE C 65 27.14 9.66 32.95
N GLY C 66 27.82 9.64 34.10
CA GLY C 66 27.29 10.14 35.36
C GLY C 66 28.39 10.75 36.21
N PRO C 67 28.15 10.89 37.52
CA PRO C 67 29.17 11.50 38.39
C PRO C 67 30.56 10.86 38.33
N ALA C 68 30.63 9.52 38.18
CA ALA C 68 31.90 8.79 38.13
C ALA C 68 32.64 8.90 36.80
N SER C 69 32.00 9.43 35.76
CA SER C 69 32.60 9.47 34.43
C SER C 69 32.35 10.78 33.69
N ARG C 70 32.15 11.86 34.42
CA ARG C 70 31.77 13.16 33.87
C ARG C 70 32.90 14.07 33.47
N SER C 71 34.03 13.98 34.20
CA SER C 71 35.16 14.87 33.96
C SER C 71 35.81 14.61 32.63
N VAL C 72 36.31 15.68 32.00
CA VAL C 72 36.98 15.63 30.70
C VAL C 72 38.16 14.66 30.74
N GLU C 73 38.94 14.67 31.83
CA GLU C 73 40.09 13.77 31.94
C GLU C 73 39.68 12.30 32.04
N ARG C 74 38.61 12.01 32.80
CA ARG C 74 38.08 10.67 32.95
C ARG C 74 37.47 10.19 31.61
N LEU C 75 36.80 11.09 30.88
CA LEU C 75 36.22 10.79 29.58
C LEU C 75 37.29 10.48 28.53
N LYS C 76 38.46 11.13 28.61
CA LYS C 76 39.58 10.82 27.70
C LYS C 76 40.08 9.40 27.94
N GLU C 77 40.13 8.99 29.21
CA GLU C 77 40.55 7.66 29.59
C GLU C 77 39.52 6.63 29.10
N MET C 78 38.22 6.97 29.16
CA MET C 78 37.16 6.06 28.71
CA MET C 78 37.16 6.06 28.70
C MET C 78 37.15 5.92 27.20
N ILE C 79 37.48 7.00 26.47
CA ILE C 79 37.57 6.96 25.01
C ILE C 79 38.74 6.05 24.64
N LYS C 80 39.90 6.18 25.35
CA LYS C 80 41.08 5.36 25.12
C LYS C 80 40.81 3.88 25.46
N ALA C 81 40.01 3.64 26.50
CA ALA C 81 39.65 2.28 26.89
C ALA C 81 38.68 1.59 25.88
N GLY C 82 37.96 2.37 25.07
CA GLY C 82 37.06 1.81 24.08
C GLY C 82 35.63 2.28 24.01
N MET C 83 35.23 3.27 24.82
CA MET C 83 33.86 3.80 24.77
C MET C 83 33.55 4.37 23.38
N ASN C 84 32.46 3.92 22.76
CA ASN C 84 32.08 4.40 21.40
C ASN C 84 30.87 5.32 21.43
N ILE C 85 29.97 5.08 22.41
CA ILE C 85 28.72 5.80 22.55
C ILE C 85 28.57 6.22 24.00
N ALA C 86 28.30 7.51 24.23
CA ALA C 86 28.10 8.04 25.58
C ALA C 86 26.58 8.12 25.81
N ARG C 87 26.08 7.45 26.84
CA ARG C 87 24.65 7.44 27.14
C ARG C 87 24.32 8.43 28.26
N LEU C 88 23.30 9.27 28.03
CA LEU C 88 22.85 10.21 29.04
C LEU C 88 21.45 9.82 29.49
N ASN C 89 21.35 9.34 30.73
CA ASN C 89 20.11 8.83 31.27
C ASN C 89 19.24 9.96 31.78
N PHE C 90 18.17 10.29 31.05
CA PHE C 90 17.28 11.36 31.46
C PHE C 90 16.30 10.95 32.58
N SER C 91 16.48 9.77 33.17
CA SER C 91 15.74 9.37 34.37
C SER C 91 16.37 10.03 35.61
N HIS C 92 17.63 10.51 35.51
CA HIS C 92 18.39 11.15 36.56
C HIS C 92 18.97 12.48 36.04
N GLY C 93 19.62 13.23 36.90
CA GLY C 93 20.23 14.51 36.53
C GLY C 93 19.20 15.55 36.12
N SER C 94 19.63 16.50 35.30
CA SER C 94 18.77 17.56 34.79
C SER C 94 19.25 17.99 33.37
N HIS C 95 18.53 18.91 32.70
CA HIS C 95 18.96 19.42 31.39
C HIS C 95 20.32 20.07 31.49
N GLU C 96 20.53 20.90 32.51
CA GLU C 96 21.79 21.63 32.72
C GLU C 96 22.94 20.64 33.00
N TYR C 97 22.69 19.63 33.83
CA TYR C 97 23.68 18.62 34.18
C TYR C 97 24.08 17.80 32.94
N HIS C 98 23.09 17.31 32.16
CA HIS C 98 23.36 16.53 30.96
C HIS C 98 24.01 17.36 29.86
N ALA C 99 23.68 18.67 29.75
CA ALA C 99 24.34 19.52 28.75
C ALA C 99 25.82 19.65 29.08
N GLU C 100 26.16 19.74 30.37
CA GLU C 100 27.55 19.84 30.80
C GLU C 100 28.28 18.53 30.52
N SER C 101 27.64 17.37 30.78
CA SER C 101 28.23 16.07 30.47
C SER C 101 28.48 15.93 28.95
N ILE C 102 27.50 16.33 28.11
CA ILE C 102 27.64 16.31 26.64
C ILE C 102 28.80 17.18 26.19
N ALA C 103 28.92 18.40 26.74
CA ALA C 103 30.02 19.31 26.38
C ALA C 103 31.37 18.71 26.79
N ASN C 104 31.43 18.00 27.93
CA ASN C 104 32.64 17.35 28.40
C ASN C 104 33.01 16.17 27.50
N VAL C 105 32.00 15.42 27.00
CA VAL C 105 32.23 14.32 26.07
C VAL C 105 32.82 14.89 24.78
N ARG C 106 32.20 15.94 24.22
CA ARG C 106 32.69 16.57 23.00
C ARG C 106 34.09 17.18 23.17
N GLU C 107 34.40 17.72 24.35
CA GLU C 107 35.72 18.27 24.62
C GLU C 107 36.75 17.14 24.67
N ALA C 108 36.44 16.03 25.34
CA ALA C 108 37.34 14.88 25.40
C ALA C 108 37.53 14.25 24.02
N VAL C 109 36.45 14.19 23.20
CA VAL C 109 36.54 13.63 21.85
C VAL C 109 37.43 14.52 20.96
N GLU C 110 37.22 15.85 21.01
CA GLU C 110 37.99 16.75 20.15
C GLU C 110 39.43 16.96 20.59
N SER C 111 39.79 16.53 21.80
CA SER C 111 41.19 16.60 22.24
C SER C 111 42.11 15.67 21.44
N PHE C 112 41.54 14.73 20.66
CA PHE C 112 42.28 13.79 19.83
C PHE C 112 42.23 14.16 18.36
N ALA C 113 41.71 15.35 17.98
CA ALA C 113 41.68 15.74 16.56
C ALA C 113 43.09 15.90 15.94
N GLY C 114 44.13 15.98 16.77
CA GLY C 114 45.51 16.10 16.31
C GLY C 114 46.07 14.82 15.70
N SER C 115 46.06 13.73 16.48
CA SER C 115 46.57 12.44 16.04
C SER C 115 45.49 11.56 15.36
N PRO C 116 45.62 11.30 14.03
CA PRO C 116 44.61 10.44 13.36
C PRO C 116 44.45 9.05 13.98
N LEU C 117 45.54 8.52 14.54
CA LEU C 117 45.63 7.22 15.24
C LEU C 117 44.82 7.21 16.57
N SER C 118 44.49 8.39 17.11
CA SER C 118 43.70 8.53 18.35
C SER C 118 42.30 9.16 18.13
N TYR C 119 42.12 10.02 17.09
CA TYR C 119 40.79 10.61 16.86
C TYR C 119 39.74 9.59 16.46
N ARG C 120 38.74 9.44 17.32
CA ARG C 120 37.63 8.54 17.11
C ARG C 120 36.28 9.23 17.43
N PRO C 121 35.35 9.22 16.46
CA PRO C 121 34.02 9.78 16.73
C PRO C 121 33.32 9.04 17.87
N VAL C 122 32.59 9.76 18.71
CA VAL C 122 31.85 9.16 19.82
C VAL C 122 30.42 9.65 19.69
N ALA C 123 29.46 8.72 19.60
CA ALA C 123 28.06 9.10 19.48
C ALA C 123 27.51 9.56 20.84
N ILE C 124 26.47 10.41 20.80
CA ILE C 124 25.79 10.83 22.02
C ILE C 124 24.36 10.32 22.00
N ALA C 125 23.99 9.52 22.98
CA ALA C 125 22.67 8.92 23.03
C ALA C 125 21.88 9.42 24.23
N LEU C 126 20.60 9.75 24.01
CA LEU C 126 19.73 10.23 25.08
C LEU C 126 18.79 9.12 25.46
N ASP C 127 18.79 8.70 26.72
CA ASP C 127 17.91 7.64 27.18
C ASP C 127 16.73 8.32 27.91
N THR C 128 15.50 8.17 27.41
CA THR C 128 14.34 8.84 28.00
C THR C 128 13.88 8.25 29.34
N LYS C 129 13.17 9.06 30.14
CA LYS C 129 12.63 8.63 31.42
C LYS C 129 11.53 7.58 31.22
N GLY C 130 10.70 7.78 30.20
CA GLY C 130 9.64 6.83 29.89
C GLY C 130 8.26 7.32 30.22
N PRO C 131 7.23 6.54 29.86
CA PRO C 131 5.84 6.97 30.11
C PRO C 131 5.38 6.75 31.56
N GLY C 134 1.54 7.07 32.44
CA GLY C 134 0.39 7.39 31.62
C GLY C 134 0.29 6.55 30.37
N PRO C 135 -0.59 6.94 29.41
CA PRO C 135 -0.75 6.13 28.19
C PRO C 135 0.29 6.40 27.10
N GLY C 136 0.34 7.63 26.55
CA GLY C 136 1.29 7.99 25.49
C GLY C 136 2.62 8.55 25.97
N LEU C 137 3.22 9.42 25.17
CA LEU C 137 4.50 10.05 25.49
C LEU C 137 4.35 11.04 26.67
N SER C 138 5.23 10.98 27.68
CA SER C 138 5.14 11.89 28.83
C SER C 138 5.56 13.29 28.50
N GLU C 139 5.14 14.26 29.32
CA GLU C 139 5.48 15.66 29.10
C GLU C 139 6.99 15.86 29.23
N GLN C 140 7.59 15.23 30.23
CA GLN C 140 9.02 15.30 30.45
C GLN C 140 9.76 14.70 29.25
N ASP C 141 9.27 13.59 28.68
CA ASP C 141 9.89 13.00 27.49
C ASP C 141 9.86 13.95 26.31
N VAL C 142 8.74 14.67 26.08
CA VAL C 142 8.67 15.65 24.99
C VAL C 142 9.72 16.74 25.18
N ARG C 143 9.90 17.22 26.42
CA ARG C 143 10.90 18.26 26.69
C ARG C 143 12.32 17.76 26.56
N ASP C 144 12.58 16.51 27.01
CA ASP C 144 13.91 15.88 26.93
C ASP C 144 14.28 15.57 25.49
N LEU C 145 13.32 15.08 24.69
CA LEU C 145 13.50 14.81 23.26
C LEU C 145 13.84 16.10 22.53
N ARG C 146 13.17 17.21 22.87
CA ARG C 146 13.46 18.51 22.29
C ARG C 146 14.87 18.96 22.69
N PHE C 147 15.29 18.69 23.92
CA PHE C 147 16.63 19.01 24.38
C PHE C 147 17.68 18.27 23.52
N GLY C 148 17.41 16.99 23.25
CA GLY C 148 18.28 16.17 22.41
C GLY C 148 18.46 16.73 21.02
N VAL C 149 17.37 17.20 20.39
CA VAL C 149 17.42 17.81 19.07
C VAL C 149 18.26 19.09 19.13
N GLU C 150 18.02 19.91 20.15
CA GLU C 150 18.74 21.17 20.30
C GLU C 150 20.22 20.96 20.55
N HIS C 151 20.58 19.87 21.25
CA HIS C 151 21.97 19.58 21.52
C HIS C 151 22.63 18.61 20.51
N GLY C 152 21.93 18.29 19.42
CA GLY C 152 22.45 17.47 18.34
C GLY C 152 22.78 16.04 18.71
N VAL C 153 21.94 15.37 19.55
CA VAL C 153 22.19 13.98 19.89
C VAL C 153 22.01 13.10 18.63
N ASP C 154 22.72 11.99 18.62
CA ASP C 154 22.72 11.08 17.49
C ASP C 154 21.68 9.99 17.62
N ILE C 155 21.42 9.55 18.86
CA ILE C 155 20.55 8.42 19.13
C ILE C 155 19.61 8.69 20.30
N VAL C 156 18.43 8.07 20.28
CA VAL C 156 17.48 8.12 21.36
C VAL C 156 17.24 6.69 21.78
N PHE C 157 17.45 6.38 23.06
CA PHE C 157 17.11 5.08 23.60
C PHE C 157 15.73 5.34 24.22
N ALA C 158 14.65 4.97 23.52
CA ALA C 158 13.29 5.24 24.01
C ALA C 158 12.82 4.21 25.01
N SER C 159 12.62 4.63 26.27
CA SER C 159 12.18 3.74 27.34
C SER C 159 10.78 3.22 27.19
N PHE C 160 10.54 2.02 27.72
CA PHE C 160 9.25 1.34 27.77
C PHE C 160 8.44 1.42 26.48
N VAL C 161 9.02 1.04 25.33
CA VAL C 161 8.28 1.04 24.08
C VAL C 161 7.43 -0.21 24.09
N ARG C 162 6.12 -0.05 23.88
CA ARG C 162 5.18 -1.18 24.00
C ARG C 162 4.51 -1.55 22.72
N LYS C 163 4.42 -0.61 21.78
CA LYS C 163 3.74 -0.79 20.49
C LYS C 163 4.31 0.18 19.44
N ALA C 164 3.99 -0.03 18.16
CA ALA C 164 4.45 0.84 17.07
C ALA C 164 4.08 2.30 17.27
N SER C 165 2.90 2.60 17.84
CA SER C 165 2.49 4.00 18.05
C SER C 165 3.37 4.75 19.05
N ASP C 166 4.04 4.03 19.96
CA ASP C 166 4.97 4.66 20.90
C ASP C 166 6.17 5.20 20.13
N VAL C 167 6.65 4.44 19.12
CA VAL C 167 7.77 4.86 18.30
C VAL C 167 7.37 6.05 17.46
N ALA C 168 6.14 6.04 16.91
CA ALA C 168 5.64 7.15 16.09
C ALA C 168 5.58 8.42 16.92
N ALA C 169 5.19 8.32 18.21
CA ALA C 169 5.13 9.46 19.11
C ALA C 169 6.53 10.02 19.35
N VAL C 170 7.54 9.17 19.55
CA VAL C 170 8.92 9.62 19.75
C VAL C 170 9.43 10.28 18.47
N ARG C 171 9.12 9.69 17.33
CA ARG C 171 9.48 10.17 16.00
C ARG C 171 8.87 11.55 15.76
N ALA C 172 7.59 11.75 16.10
CA ALA C 172 6.89 13.03 15.98
C ALA C 172 7.52 14.06 16.93
N ALA C 173 7.91 13.62 18.13
CA ALA C 173 8.56 14.51 19.09
C ALA C 173 9.98 14.94 18.69
N LEU C 174 10.60 14.24 17.71
CA LEU C 174 11.95 14.63 17.28
C LEU C 174 11.92 15.86 16.31
N GLY C 175 10.79 16.56 16.32
CA GLY C 175 10.50 17.86 15.72
C GLY C 175 10.80 17.90 14.28
N PRO C 176 10.91 19.12 13.74
CA PRO C 176 11.27 19.25 12.33
C PRO C 176 12.78 19.03 12.04
N GLU C 177 13.63 19.12 13.08
CA GLU C 177 15.07 19.07 12.88
C GLU C 177 15.78 17.78 13.31
N GLY C 178 15.06 16.84 13.90
CA GLY C 178 15.69 15.62 14.40
C GLY C 178 15.27 14.32 13.74
N HIS C 179 14.82 14.37 12.48
CA HIS C 179 14.44 13.14 11.77
C HIS C 179 15.61 12.21 11.45
N GLY C 180 16.84 12.70 11.53
CA GLY C 180 18.04 11.90 11.33
C GLY C 180 18.48 11.13 12.57
N ILE C 181 17.95 11.48 13.74
CA ILE C 181 18.29 10.83 14.97
C ILE C 181 17.77 9.39 14.94
N LYS C 182 18.61 8.42 15.34
CA LYS C 182 18.23 7.03 15.35
C LYS C 182 17.40 6.72 16.59
N ILE C 183 16.29 5.99 16.44
CA ILE C 183 15.46 5.63 17.58
C ILE C 183 15.66 4.18 17.86
N ILE C 184 16.26 3.88 18.99
CA ILE C 184 16.49 2.52 19.45
C ILE C 184 15.41 2.27 20.52
N SER C 185 14.45 1.40 20.25
CA SER C 185 13.37 1.12 21.17
C SER C 185 13.79 0.17 22.27
N LYS C 186 13.59 0.57 23.53
CA LYS C 186 13.93 -0.28 24.64
C LYS C 186 12.75 -1.21 24.94
N ILE C 187 12.97 -2.53 24.89
CA ILE C 187 11.93 -3.50 25.19
C ILE C 187 12.12 -3.84 26.65
N GLU C 188 11.17 -3.42 27.50
CA GLU C 188 11.28 -3.58 28.95
C GLU C 188 10.12 -4.30 29.62
N ASN C 189 9.11 -4.75 28.87
CA ASN C 189 7.96 -5.42 29.49
C ASN C 189 7.36 -6.50 28.59
N HIS C 190 6.36 -7.24 29.09
CA HIS C 190 5.71 -8.30 28.35
C HIS C 190 5.10 -7.80 27.05
N GLU C 191 4.45 -6.62 27.08
CA GLU C 191 3.81 -6.07 25.88
C GLU C 191 4.82 -5.76 24.77
N GLY C 192 5.95 -5.16 25.11
CA GLY C 192 7.01 -4.90 24.14
C GLY C 192 7.51 -6.20 23.51
N VAL C 193 7.68 -7.27 24.32
CA VAL C 193 8.11 -8.57 23.80
C VAL C 193 7.06 -9.16 22.84
N LYS C 194 5.77 -9.11 23.23
CA LYS C 194 4.71 -9.64 22.39
C LYS C 194 4.47 -8.86 21.12
N ARG C 195 4.60 -7.54 21.18
CA ARG C 195 4.45 -6.70 20.00
C ARG C 195 5.79 -6.35 19.35
N PHE C 196 6.85 -7.15 19.61
CA PHE C 196 8.21 -6.94 19.12
C PHE C 196 8.28 -6.69 17.61
N ASP C 197 7.68 -7.55 16.79
CA ASP C 197 7.76 -7.40 15.34
C ASP C 197 7.29 -6.07 14.83
N GLU C 198 6.14 -5.57 15.35
CA GLU C 198 5.63 -4.27 14.91
C GLU C 198 6.51 -3.12 15.40
N ILE C 199 7.18 -3.28 16.54
CA ILE C 199 8.06 -2.27 17.10
C ILE C 199 9.35 -2.20 16.28
N LEU C 200 9.95 -3.35 15.98
CA LEU C 200 11.17 -3.43 15.19
C LEU C 200 10.97 -2.83 13.80
N GLU C 201 9.82 -3.10 13.20
CA GLU C 201 9.50 -2.60 11.86
C GLU C 201 9.63 -1.07 11.75
N VAL C 202 9.20 -0.33 12.79
CA VAL C 202 9.25 1.13 12.75
C VAL C 202 10.43 1.75 13.50
N SER C 203 11.26 0.93 14.17
CA SER C 203 12.40 1.43 14.91
C SER C 203 13.68 1.31 14.10
N ASP C 204 14.69 2.09 14.47
CA ASP C 204 16.01 1.94 13.84
C ASP C 204 16.78 0.77 14.46
N GLY C 205 16.41 0.37 15.68
CA GLY C 205 17.05 -0.70 16.40
C GLY C 205 16.37 -0.98 17.72
N ILE C 206 16.94 -1.88 18.51
CA ILE C 206 16.34 -2.32 19.76
C ILE C 206 17.36 -2.39 20.88
N MET C 207 16.90 -2.17 22.11
CA MET C 207 17.73 -2.37 23.28
C MET C 207 16.99 -3.40 24.15
N VAL C 208 17.69 -4.48 24.53
CA VAL C 208 17.13 -5.48 25.43
C VAL C 208 17.43 -4.91 26.79
N ALA C 209 16.46 -4.16 27.34
CA ALA C 209 16.59 -3.47 28.63
C ALA C 209 16.26 -4.46 29.74
N ARG C 210 17.24 -5.27 30.12
CA ARG C 210 17.07 -6.38 31.04
C ARG C 210 16.68 -6.03 32.47
N GLY C 211 16.99 -4.83 32.94
CA GLY C 211 16.63 -4.40 34.30
C GLY C 211 15.14 -4.45 34.54
N ASP C 212 14.38 -3.63 33.80
CA ASP C 212 12.93 -3.63 33.92
C ASP C 212 12.34 -4.90 33.38
N LEU C 213 12.90 -5.46 32.29
CA LEU C 213 12.38 -6.69 31.72
C LEU C 213 12.38 -7.84 32.73
N GLY C 214 13.42 -7.91 33.56
CA GLY C 214 13.57 -8.91 34.61
C GLY C 214 12.63 -8.76 35.78
N ILE C 215 11.96 -7.60 35.89
CA ILE C 215 10.95 -7.28 36.91
C ILE C 215 9.54 -7.51 36.31
N GLU C 216 9.37 -7.15 35.03
CA GLU C 216 8.10 -7.24 34.31
C GLU C 216 7.72 -8.64 33.91
N ILE C 217 8.71 -9.48 33.61
CA ILE C 217 8.50 -10.89 33.28
C ILE C 217 9.36 -11.72 34.26
N PRO C 218 9.09 -13.04 34.41
CA PRO C 218 9.94 -13.85 35.31
C PRO C 218 11.41 -13.75 34.94
N ALA C 219 12.27 -13.57 35.95
CA ALA C 219 13.70 -13.41 35.76
C ALA C 219 14.33 -14.54 34.92
N GLU C 220 13.84 -15.76 35.09
CA GLU C 220 14.35 -16.92 34.37
C GLU C 220 13.94 -16.97 32.89
N LYS C 221 13.14 -16.00 32.42
CA LYS C 221 12.70 -15.95 31.02
C LYS C 221 13.42 -14.85 30.22
N VAL C 222 14.16 -13.94 30.89
CA VAL C 222 14.84 -12.84 30.22
C VAL C 222 15.80 -13.31 29.12
N PHE C 223 16.55 -14.40 29.35
CA PHE C 223 17.47 -14.93 28.33
C PHE C 223 16.74 -15.34 27.02
N LEU C 224 15.48 -15.81 27.13
CA LEU C 224 14.71 -16.19 25.96
C LEU C 224 14.37 -14.95 25.16
N ALA C 225 13.97 -13.88 25.86
CA ALA C 225 13.62 -12.63 25.22
C ALA C 225 14.87 -12.01 24.58
N GLN C 226 16.01 -12.05 25.28
CA GLN C 226 17.26 -11.50 24.74
C GLN C 226 17.67 -12.23 23.44
N LYS C 227 17.73 -13.56 23.50
CA LYS C 227 18.15 -14.34 22.35
C LYS C 227 17.19 -14.20 21.18
N MET C 228 15.88 -14.14 21.46
CA MET C 228 14.87 -13.97 20.41
C MET C 228 15.01 -12.60 19.72
N MET C 229 15.09 -11.55 20.51
CA MET C 229 15.21 -10.20 19.98
C MET C 229 16.50 -9.98 19.19
N ILE C 230 17.62 -10.52 19.69
CA ILE C 230 18.90 -10.39 18.98
C ILE C 230 18.82 -11.14 17.64
N GLY C 231 18.26 -12.34 17.65
CA GLY C 231 18.08 -13.11 16.42
C GLY C 231 17.23 -12.40 15.39
N ARG C 232 16.08 -11.84 15.83
CA ARG C 232 15.19 -11.12 14.91
C ARG C 232 15.82 -9.84 14.39
N CYS C 233 16.62 -9.13 15.21
CA CYS C 233 17.29 -7.92 14.77
C CYS C 233 18.37 -8.25 13.76
N ASN C 234 19.10 -9.36 13.98
CA ASN C 234 20.13 -9.84 13.05
C ASN C 234 19.48 -10.18 11.72
N LEU C 235 18.30 -10.81 11.75
CA LEU C 235 17.53 -11.18 10.56
C LEU C 235 17.08 -9.91 9.83
N ALA C 236 16.62 -8.90 10.58
CA ALA C 236 16.18 -7.63 9.99
C ALA C 236 17.33 -6.72 9.56
N GLY C 237 18.55 -7.00 9.99
CA GLY C 237 19.69 -6.16 9.68
C GLY C 237 19.65 -4.83 10.44
N LYS C 238 19.08 -4.83 11.66
CA LYS C 238 18.97 -3.63 12.48
C LYS C 238 19.75 -3.80 13.77
N PRO C 239 20.38 -2.71 14.26
CA PRO C 239 21.18 -2.82 15.50
C PRO C 239 20.41 -3.26 16.75
N VAL C 240 21.07 -4.08 17.56
CA VAL C 240 20.50 -4.55 18.80
C VAL C 240 21.53 -4.36 19.91
N VAL C 241 21.10 -3.79 21.05
CA VAL C 241 21.98 -3.52 22.18
C VAL C 241 21.62 -4.46 23.32
N CYS C 242 22.63 -5.08 23.95
CA CYS C 242 22.36 -5.85 25.17
C CYS C 242 22.71 -4.94 26.33
N ALA C 243 21.78 -4.81 27.29
CA ALA C 243 21.99 -3.88 28.38
C ALA C 243 21.65 -4.43 29.77
N THR C 244 22.25 -3.80 30.80
CA THR C 244 21.99 -3.87 32.26
C THR C 244 22.57 -5.07 33.00
N GLN C 245 23.37 -4.73 34.02
CA GLN C 245 24.02 -5.66 34.96
C GLN C 245 25.03 -6.59 34.31
N MET C 246 25.58 -6.18 33.13
CA MET C 246 26.57 -7.02 32.45
C MET C 246 27.82 -7.23 33.30
N LEU C 247 28.30 -6.17 33.98
CA LEU C 247 29.48 -6.25 34.86
C LEU C 247 29.13 -5.59 36.21
N GLU C 248 27.90 -5.79 36.72
CA GLU C 248 27.35 -5.16 37.91
C GLU C 248 28.29 -5.10 39.11
N SER C 249 28.90 -6.21 39.49
CA SER C 249 29.82 -6.25 40.63
C SER C 249 31.00 -5.27 40.49
N MET C 250 31.34 -4.86 39.27
CA MET C 250 32.41 -3.89 39.05
C MET C 250 32.04 -2.45 39.48
N ILE C 251 30.80 -2.23 39.98
CA ILE C 251 30.43 -0.95 40.55
C ILE C 251 31.28 -0.72 41.84
N THR C 252 31.55 -1.80 42.60
CA THR C 252 32.34 -1.72 43.82
C THR C 252 33.66 -2.52 43.76
N LYS C 253 33.75 -3.55 42.90
CA LYS C 253 34.95 -4.39 42.84
C LYS C 253 35.78 -4.18 41.58
N PRO C 254 37.11 -4.31 41.65
CA PRO C 254 37.95 -4.07 40.44
C PRO C 254 37.88 -5.16 39.38
N ARG C 255 37.39 -6.35 39.72
CA ARG C 255 37.28 -7.46 38.77
C ARG C 255 35.85 -7.99 38.78
N PRO C 256 35.34 -8.46 37.62
CA PRO C 256 33.97 -8.98 37.59
C PRO C 256 33.87 -10.45 38.02
N THR C 257 32.64 -10.94 38.20
CA THR C 257 32.42 -12.33 38.54
C THR C 257 32.52 -13.21 37.24
N ARG C 258 32.58 -14.53 37.42
CA ARG C 258 32.63 -15.46 36.31
C ARG C 258 31.33 -15.41 35.49
N ALA C 259 30.20 -15.13 36.13
CA ALA C 259 28.92 -15.01 35.44
C ALA C 259 28.86 -13.76 34.58
N GLU C 260 29.49 -12.68 35.04
CA GLU C 260 29.52 -11.41 34.33
C GLU C 260 30.33 -11.44 33.06
N THR C 261 31.55 -12.02 33.10
CA THR C 261 32.36 -12.11 31.87
C THR C 261 31.66 -13.04 30.86
N SER C 262 31.03 -14.12 31.36
CA SER C 262 30.29 -15.04 30.56
C SER C 262 29.10 -14.32 29.88
N ASP C 263 28.39 -13.47 30.63
CA ASP C 263 27.26 -12.73 30.11
C ASP C 263 27.68 -11.80 28.94
N VAL C 264 28.82 -11.10 29.10
CA VAL C 264 29.32 -10.21 28.06
C VAL C 264 29.67 -11.02 26.81
N ALA C 265 30.40 -12.12 27.00
CA ALA C 265 30.80 -12.98 25.89
C ALA C 265 29.60 -13.58 25.18
N ASN C 266 28.59 -14.02 25.94
CA ASN C 266 27.40 -14.62 25.36
C ASN C 266 26.53 -13.61 24.66
N ALA C 267 26.50 -12.33 25.10
CA ALA C 267 25.75 -11.31 24.38
C ALA C 267 26.35 -11.12 22.97
N VAL C 268 27.70 -11.14 22.87
CA VAL C 268 28.42 -11.01 21.60
C VAL C 268 28.16 -12.26 20.73
N LEU C 269 28.28 -13.46 21.33
CA LEU C 269 28.02 -14.70 20.59
C LEU C 269 26.54 -14.79 20.13
N ASP C 270 25.59 -14.21 20.91
CA ASP C 270 24.17 -14.17 20.55
C ASP C 270 23.97 -13.35 19.27
N GLY C 271 24.79 -12.32 19.06
CA GLY C 271 24.69 -11.47 17.88
C GLY C 271 24.46 -10.01 18.17
N ALA C 272 24.69 -9.57 19.41
CA ALA C 272 24.48 -8.16 19.78
C ALA C 272 25.45 -7.22 19.05
N ASP C 273 24.93 -6.10 18.56
CA ASP C 273 25.77 -5.09 17.92
C ASP C 273 26.49 -4.26 18.96
N CYS C 274 25.83 -3.97 20.08
CA CYS C 274 26.39 -3.15 21.16
C CYS C 274 26.20 -3.79 22.49
N ILE C 275 27.10 -3.48 23.40
CA ILE C 275 26.99 -3.90 24.78
C ILE C 275 27.02 -2.61 25.62
N MET C 276 26.34 -2.62 26.78
CA MET C 276 26.20 -1.41 27.56
C MET C 276 26.69 -1.55 28.99
N LEU C 277 27.08 -0.41 29.57
CA LEU C 277 27.46 -0.27 30.96
C LEU C 277 26.56 0.82 31.53
N SER C 278 25.94 0.55 32.68
CA SER C 278 25.04 1.54 33.31
C SER C 278 25.67 2.11 34.60
N GLY C 279 25.30 1.60 35.77
CA GLY C 279 25.87 2.01 37.06
C GLY C 279 27.37 1.80 37.10
N GLU C 280 27.88 0.80 36.33
CA GLU C 280 29.29 0.48 36.17
C GLU C 280 30.11 1.71 35.81
N THR C 281 29.58 2.56 34.95
CA THR C 281 30.28 3.77 34.49
C THR C 281 29.66 5.07 35.01
N ALA C 282 28.36 5.05 35.35
CA ALA C 282 27.66 6.23 35.84
C ALA C 282 28.02 6.58 37.29
N LYS C 283 28.07 5.59 38.18
CA LYS C 283 28.29 5.84 39.59
C LYS C 283 29.35 4.97 40.29
N GLY C 284 29.83 3.93 39.63
CA GLY C 284 30.78 3.01 40.23
C GLY C 284 32.19 3.52 40.45
N ASN C 285 32.99 2.73 41.19
CA ASN C 285 34.37 3.04 41.54
C ASN C 285 35.38 2.70 40.43
N PHE C 286 34.97 1.90 39.42
CA PHE C 286 35.87 1.46 38.35
C PHE C 286 35.30 1.68 36.94
N PRO C 287 34.93 2.92 36.54
CA PRO C 287 34.33 3.12 35.20
C PRO C 287 35.24 2.75 34.01
N VAL C 288 36.51 3.15 34.07
CA VAL C 288 37.46 2.87 32.99
C VAL C 288 37.77 1.38 32.91
N GLU C 289 37.91 0.73 34.06
CA GLU C 289 38.20 -0.70 34.15
C GLU C 289 37.04 -1.53 33.60
N ALA C 290 35.79 -1.06 33.80
CA ALA C 290 34.60 -1.73 33.29
C ALA C 290 34.59 -1.66 31.75
N VAL C 291 34.99 -0.52 31.17
CA VAL C 291 35.08 -0.37 29.72
C VAL C 291 36.18 -1.28 29.18
N LYS C 292 37.34 -1.31 29.86
CA LYS C 292 38.46 -2.15 29.47
C LYS C 292 38.08 -3.62 29.48
N MET C 293 37.31 -4.04 30.48
CA MET C 293 36.86 -5.42 30.61
C MET C 293 35.91 -5.80 29.47
N GLN C 294 34.94 -4.92 29.14
CA GLN C 294 34.03 -5.19 28.03
C GLN C 294 34.78 -5.27 26.71
N HIS C 295 35.79 -4.40 26.53
CA HIS C 295 36.61 -4.42 25.34
C HIS C 295 37.35 -5.76 25.21
N ALA C 296 38.00 -6.21 26.30
CA ALA C 296 38.76 -7.45 26.30
C ALA C 296 37.88 -8.67 26.02
N ILE C 297 36.70 -8.75 26.66
CA ILE C 297 35.79 -9.88 26.45
C ILE C 297 35.21 -9.88 25.03
N ALA C 298 34.74 -8.70 24.53
CA ALA C 298 34.17 -8.62 23.19
C ALA C 298 35.14 -9.08 22.12
N ARG C 299 36.42 -8.68 22.22
CA ARG C 299 37.44 -9.10 21.26
C ARG C 299 37.60 -10.62 21.23
N GLU C 300 37.66 -11.25 22.42
CA GLU C 300 37.79 -12.69 22.51
C GLU C 300 36.55 -13.39 21.93
N ALA C 301 35.35 -12.86 22.25
CA ALA C 301 34.08 -13.45 21.80
C ALA C 301 33.85 -13.31 20.32
N GLU C 302 34.30 -12.20 19.73
CA GLU C 302 34.15 -12.00 18.30
C GLU C 302 34.96 -13.02 17.49
N ALA C 303 36.18 -13.34 17.93
CA ALA C 303 36.99 -14.34 17.26
C ALA C 303 36.34 -15.72 17.37
N ALA C 304 35.62 -16.00 18.48
CA ALA C 304 34.94 -17.27 18.72
C ALA C 304 33.62 -17.42 17.97
N VAL C 305 33.17 -16.40 17.22
CA VAL C 305 31.92 -16.50 16.46
C VAL C 305 32.10 -17.55 15.34
N TYR C 306 31.11 -18.43 15.14
CA TYR C 306 31.17 -19.48 14.12
C TYR C 306 30.62 -18.91 12.80
N HIS C 307 31.44 -18.12 12.12
CA HIS C 307 31.06 -17.44 10.88
C HIS C 307 30.50 -18.34 9.79
N ARG C 308 31.00 -19.57 9.65
CA ARG C 308 30.55 -20.49 8.62
C ARG C 308 29.04 -20.72 8.67
N GLN C 309 28.51 -20.98 9.87
CA GLN C 309 27.07 -21.20 10.02
C GLN C 309 26.33 -19.87 10.00
N LEU C 310 26.88 -18.85 10.67
CA LEU C 310 26.26 -17.53 10.76
C LEU C 310 26.02 -16.90 9.38
N PHE C 311 27.06 -16.85 8.54
CA PHE C 311 26.94 -16.27 7.21
C PHE C 311 25.98 -17.07 6.35
N GLU C 312 26.04 -18.40 6.43
CA GLU C 312 25.15 -19.26 5.67
C GLU C 312 23.68 -19.05 6.08
N GLU C 313 23.43 -18.93 7.38
CA GLU C 313 22.07 -18.74 7.86
C GLU C 313 21.55 -17.35 7.59
N LEU C 314 22.42 -16.31 7.66
CA LEU C 314 22.01 -14.94 7.34
C LEU C 314 21.66 -14.87 5.86
N ARG C 315 22.48 -15.51 5.02
CA ARG C 315 22.32 -15.59 3.59
C ARG C 315 21.01 -16.31 3.23
N ARG C 316 20.77 -17.49 3.81
CA ARG C 316 19.59 -18.29 3.54
C ARG C 316 18.30 -17.59 3.99
N ALA C 317 18.33 -16.97 5.18
CA ALA C 317 17.14 -16.31 5.71
C ALA C 317 16.82 -14.99 5.04
N ALA C 318 17.85 -14.26 4.54
CA ALA C 318 17.62 -12.97 3.92
C ALA C 318 16.90 -13.16 2.60
N PRO C 319 15.82 -12.41 2.36
CA PRO C 319 15.10 -12.56 1.10
C PRO C 319 15.88 -12.02 -0.09
N LEU C 320 15.49 -12.42 -1.31
CA LEU C 320 16.11 -11.90 -2.52
C LEU C 320 15.87 -10.39 -2.60
N SER C 321 16.82 -9.68 -3.19
CA SER C 321 16.71 -8.23 -3.25
C SER C 321 17.10 -7.71 -4.60
N ARG C 322 16.41 -6.70 -5.06
CA ARG C 322 16.76 -6.02 -6.28
C ARG C 322 17.40 -4.63 -6.00
N ASP C 323 17.74 -4.34 -4.73
CA ASP C 323 18.39 -3.10 -4.34
C ASP C 323 19.88 -3.32 -4.52
N PRO C 324 20.52 -2.52 -5.38
CA PRO C 324 21.94 -2.74 -5.65
C PRO C 324 22.85 -2.62 -4.43
N THR C 325 22.51 -1.82 -3.42
CA THR C 325 23.34 -1.71 -2.22
C THR C 325 23.33 -3.03 -1.47
N GLU C 326 22.15 -3.61 -1.31
CA GLU C 326 22.01 -4.90 -0.63
CA GLU C 326 22.00 -4.90 -0.64
C GLU C 326 22.72 -6.03 -1.43
N VAL C 327 22.59 -6.04 -2.75
CA VAL C 327 23.23 -7.04 -3.62
C VAL C 327 24.78 -6.89 -3.59
N THR C 328 25.29 -5.62 -3.63
CA THR C 328 26.72 -5.35 -3.56
C THR C 328 27.29 -5.78 -2.23
N ALA C 329 26.54 -5.55 -1.14
CA ALA C 329 26.98 -5.88 0.20
C ALA C 329 27.25 -7.36 0.38
N ILE C 330 26.32 -8.23 -0.09
CA ILE C 330 26.51 -9.67 0.06
C ILE C 330 27.68 -10.17 -0.81
N GLY C 331 27.81 -9.61 -2.02
CA GLY C 331 28.94 -9.92 -2.88
C GLY C 331 30.26 -9.53 -2.25
N ALA C 332 30.32 -8.34 -1.60
CA ALA C 332 31.53 -7.86 -0.94
C ALA C 332 31.90 -8.69 0.27
N VAL C 333 30.90 -9.11 1.05
CA VAL C 333 31.16 -9.95 2.23
C VAL C 333 31.65 -11.36 1.79
N GLU C 334 31.07 -11.91 0.72
CA GLU C 334 31.49 -13.19 0.17
CA GLU C 334 31.49 -13.20 0.18
C GLU C 334 32.93 -13.08 -0.32
N ALA C 335 33.26 -11.99 -1.02
CA ALA C 335 34.60 -11.75 -1.53
C ALA C 335 35.60 -11.61 -0.37
N ALA C 336 35.23 -10.91 0.70
CA ALA C 336 36.10 -10.72 1.86
C ALA C 336 36.44 -12.04 2.54
N PHE C 337 35.46 -12.94 2.69
CA PHE C 337 35.70 -14.26 3.28
C PHE C 337 36.63 -15.11 2.37
N LYS C 338 36.46 -15.03 1.06
CA LYS C 338 37.24 -15.78 0.08
C LYS C 338 38.74 -15.52 0.16
N CYS C 339 39.15 -14.27 0.42
CA CYS C 339 40.56 -13.92 0.46
C CYS C 339 41.08 -13.57 1.82
N CYS C 340 40.26 -13.70 2.88
CA CYS C 340 40.64 -13.28 4.23
C CYS C 340 41.04 -11.79 4.25
N ALA C 341 40.23 -10.94 3.56
CA ALA C 341 40.47 -9.51 3.43
C ALA C 341 40.62 -8.88 4.79
N ALA C 342 41.60 -8.00 4.90
CA ALA C 342 41.85 -7.31 6.15
C ALA C 342 40.69 -6.34 6.48
N ALA C 343 40.09 -5.75 5.44
CA ALA C 343 39.02 -4.79 5.63
C ALA C 343 38.13 -4.69 4.38
N ILE C 344 36.94 -4.11 4.56
CA ILE C 344 36.04 -3.73 3.51
C ILE C 344 35.94 -2.22 3.68
N ILE C 345 36.43 -1.46 2.72
CA ILE C 345 36.37 0.00 2.80
C ILE C 345 35.15 0.44 2.05
N VAL C 346 34.22 1.12 2.71
CA VAL C 346 32.99 1.55 2.06
C VAL C 346 32.80 3.07 2.16
N LEU C 347 32.35 3.69 1.08
CA LEU C 347 32.05 5.12 1.07
C LEU C 347 30.55 5.21 1.35
N THR C 348 30.19 5.97 2.39
CA THR C 348 28.80 6.13 2.79
C THR C 348 28.50 7.55 3.28
N THR C 349 27.32 8.08 2.93
CA THR C 349 26.93 9.41 3.43
C THR C 349 25.96 9.32 4.59
N THR C 350 25.04 8.36 4.54
CA THR C 350 24.08 8.16 5.62
C THR C 350 24.47 7.00 6.55
N GLY C 351 25.42 6.16 6.16
CA GLY C 351 25.82 4.99 6.93
C GLY C 351 25.15 3.72 6.43
N ARG C 352 24.15 3.84 5.53
CA ARG C 352 23.39 2.70 5.06
C ARG C 352 24.20 1.61 4.38
N SER C 353 25.14 1.99 3.48
CA SER C 353 25.97 0.97 2.82
C SER C 353 26.83 0.18 3.83
N ALA C 354 27.28 0.84 4.90
CA ALA C 354 28.07 0.16 5.94
C ALA C 354 27.15 -0.75 6.78
N GLN C 355 25.92 -0.32 7.02
CA GLN C 355 24.95 -1.11 7.77
C GLN C 355 24.61 -2.41 7.02
N LEU C 356 24.42 -2.31 5.70
CA LEU C 356 24.11 -3.47 4.87
C LEU C 356 25.28 -4.46 4.81
N LEU C 357 26.53 -3.98 4.95
CA LEU C 357 27.68 -4.87 4.98
C LEU C 357 27.69 -5.58 6.34
N SER C 358 27.51 -4.80 7.42
CA SER C 358 27.49 -5.24 8.80
C SER C 358 26.47 -6.36 9.05
N ARG C 359 25.30 -6.33 8.38
CA ARG C 359 24.27 -7.33 8.59
C ARG C 359 24.71 -8.75 8.21
N TYR C 360 25.70 -8.89 7.31
CA TYR C 360 26.19 -10.22 6.93
C TYR C 360 27.34 -10.70 7.81
N ARG C 361 27.68 -9.93 8.85
CA ARG C 361 28.68 -10.24 9.85
C ARG C 361 30.03 -10.68 9.27
N PRO C 362 30.67 -9.83 8.43
CA PRO C 362 31.97 -10.20 7.92
C PRO C 362 33.00 -10.26 9.03
N ARG C 363 34.02 -11.09 8.86
CA ARG C 363 35.15 -11.10 9.79
C ARG C 363 36.00 -9.83 9.51
N ALA C 364 36.09 -9.39 8.24
CA ALA C 364 36.81 -8.19 7.87
C ALA C 364 36.21 -6.95 8.54
N ALA C 365 37.03 -6.01 8.96
CA ALA C 365 36.55 -4.76 9.51
C ALA C 365 35.89 -3.94 8.41
N VAL C 366 34.78 -3.27 8.72
CA VAL C 366 34.13 -2.41 7.72
C VAL C 366 34.56 -0.99 8.02
N ILE C 367 35.47 -0.46 7.22
CA ILE C 367 35.97 0.89 7.39
C ILE C 367 35.06 1.80 6.61
N ALA C 368 34.27 2.64 7.30
CA ALA C 368 33.31 3.50 6.62
C ALA C 368 33.81 4.88 6.50
N VAL C 369 34.05 5.31 5.26
CA VAL C 369 34.57 6.63 5.01
C VAL C 369 33.40 7.54 4.68
N THR C 370 33.24 8.60 5.49
CA THR C 370 32.13 9.51 5.32
C THR C 370 32.49 10.97 5.54
N ARG C 371 31.76 11.89 4.88
CA ARG C 371 31.87 13.33 5.13
C ARG C 371 30.91 13.79 6.24
N SER C 372 29.93 12.95 6.59
CA SER C 372 28.94 13.25 7.62
C SER C 372 29.42 12.93 9.01
N ALA C 373 29.61 13.96 9.82
CA ALA C 373 30.01 13.76 11.23
C ALA C 373 28.94 12.94 11.99
N GLN C 374 27.65 13.18 11.69
CA GLN C 374 26.57 12.44 12.36
C GLN C 374 26.57 10.97 11.98
N ALA C 375 26.69 10.66 10.68
CA ALA C 375 26.74 9.27 10.20
C ALA C 375 27.96 8.56 10.80
N ALA C 376 29.10 9.26 10.93
CA ALA C 376 30.28 8.67 11.54
C ALA C 376 30.02 8.27 13.00
N ARG C 377 29.26 9.09 13.77
CA ARG C 377 28.93 8.72 15.13
C ARG C 377 27.87 7.61 15.19
N GLN C 378 26.86 7.68 14.32
CA GLN C 378 25.76 6.72 14.34
C GLN C 378 26.12 5.31 13.91
N VAL C 379 27.15 5.16 13.03
CA VAL C 379 27.50 3.81 12.57
C VAL C 379 28.13 2.95 13.67
N HIS C 380 28.45 3.54 14.85
CA HIS C 380 28.90 2.76 16.00
C HIS C 380 27.79 1.77 16.44
N LEU C 381 26.52 2.00 16.07
CA LEU C 381 25.43 1.09 16.40
C LEU C 381 25.56 -0.25 15.64
N CYS C 382 26.28 -0.27 14.51
CA CYS C 382 26.41 -1.46 13.66
C CYS C 382 27.70 -2.20 13.92
N ARG C 383 27.59 -3.49 14.30
CA ARG C 383 28.78 -4.28 14.60
C ARG C 383 29.79 -4.31 13.46
N GLY C 384 31.05 -4.08 13.81
CA GLY C 384 32.14 -4.16 12.87
C GLY C 384 32.33 -2.97 11.99
N VAL C 385 31.67 -1.85 12.28
CA VAL C 385 31.82 -0.64 11.47
C VAL C 385 32.75 0.35 12.18
N PHE C 386 33.85 0.71 11.51
CA PHE C 386 34.86 1.62 12.03
C PHE C 386 34.77 2.90 11.23
N PRO C 387 34.13 3.94 11.81
CA PRO C 387 33.93 5.17 11.03
C PRO C 387 35.17 6.04 10.89
N LEU C 388 35.36 6.64 9.72
CA LEU C 388 36.42 7.61 9.48
C LEU C 388 35.75 8.84 8.91
N LEU C 389 35.80 9.95 9.64
CA LEU C 389 35.25 11.21 9.16
C LEU C 389 36.26 11.92 8.25
N TYR C 390 35.84 12.18 7.01
CA TYR C 390 36.67 12.77 5.98
C TYR C 390 36.34 14.25 5.84
N ARG C 391 37.35 15.10 5.88
CA ARG C 391 37.13 16.55 5.89
C ARG C 391 37.84 17.32 4.81
N GLU C 392 38.37 16.65 3.83
CA GLU C 392 39.04 17.29 2.73
C GLU C 392 38.03 17.97 1.84
N PRO C 393 38.46 19.06 1.19
CA PRO C 393 37.58 19.73 0.22
C PRO C 393 37.27 18.85 -1.02
N PRO C 394 35.99 18.78 -1.50
CA PRO C 394 35.70 17.93 -2.68
C PRO C 394 36.54 18.29 -3.88
N GLU C 395 36.98 17.26 -4.61
CA GLU C 395 37.73 17.43 -5.86
C GLU C 395 36.71 17.77 -6.96
N ALA C 396 37.15 18.47 -8.00
CA ALA C 396 36.29 18.84 -9.14
C ALA C 396 35.88 17.60 -9.92
N ILE C 397 36.80 16.63 -10.11
CA ILE C 397 36.44 15.39 -10.77
C ILE C 397 35.98 14.35 -9.73
N TRP C 398 34.72 13.95 -9.82
CA TRP C 398 34.12 13.01 -8.88
C TRP C 398 34.92 11.71 -8.69
N ALA C 399 35.38 11.09 -9.79
CA ALA C 399 36.15 9.86 -9.70
C ALA C 399 37.44 10.07 -8.90
N ASP C 400 38.05 11.26 -8.96
CA ASP C 400 39.25 11.56 -8.16
C ASP C 400 38.89 11.74 -6.69
N ASP C 401 37.70 12.33 -6.41
CA ASP C 401 37.26 12.51 -5.02
C ASP C 401 37.04 11.13 -4.38
N VAL C 402 36.45 10.18 -5.16
CA VAL C 402 36.25 8.82 -4.71
C VAL C 402 37.58 8.16 -4.38
N ASP C 403 38.58 8.26 -5.30
CA ASP C 403 39.91 7.69 -5.09
C ASP C 403 40.61 8.27 -3.89
N ARG C 404 40.51 9.59 -3.71
CA ARG C 404 41.10 10.22 -2.56
C ARG C 404 40.51 9.66 -1.24
N ARG C 405 39.19 9.38 -1.21
CA ARG C 405 38.57 8.82 -0.01
C ARG C 405 38.89 7.39 0.21
N VAL C 406 38.98 6.60 -0.87
CA VAL C 406 39.37 5.20 -0.80
C VAL C 406 40.81 5.10 -0.20
N GLN C 407 41.77 5.92 -0.73
CA GLN C 407 43.13 5.98 -0.19
C GLN C 407 43.21 6.50 1.21
N PHE C 408 42.28 7.36 1.59
CA PHE C 408 42.19 7.83 2.98
C PHE C 408 41.86 6.66 3.91
N GLY C 409 40.96 5.77 3.46
CA GLY C 409 40.57 4.58 4.22
C GLY C 409 41.72 3.60 4.33
N ILE C 410 42.49 3.44 3.24
CA ILE C 410 43.67 2.59 3.23
C ILE C 410 44.76 3.15 4.17
N GLU C 411 45.04 4.46 4.09
CA GLU C 411 46.10 5.06 4.89
C GLU C 411 45.75 5.10 6.35
N SER C 412 44.47 5.35 6.69
CA SER C 412 44.05 5.29 8.10
C SER C 412 44.15 3.84 8.58
N GLY C 413 43.77 2.90 7.75
CA GLY C 413 43.84 1.48 8.08
C GLY C 413 45.25 1.04 8.37
N LYS C 414 46.23 1.49 7.55
CA LYS C 414 47.66 1.17 7.72
C LYS C 414 48.15 1.76 9.04
N LEU C 415 47.82 3.05 9.31
CA LEU C 415 48.23 3.74 10.51
C LEU C 415 47.66 3.07 11.76
N ARG C 416 46.39 2.63 11.70
CA ARG C 416 45.74 2.02 12.86
C ARG C 416 46.04 0.52 13.05
N GLY C 417 46.73 -0.11 12.12
CA GLY C 417 47.06 -1.53 12.24
C GLY C 417 46.07 -2.51 11.63
N PHE C 418 45.03 -2.01 10.96
CA PHE C 418 44.09 -2.88 10.25
C PHE C 418 44.76 -3.47 8.98
N LEU C 419 45.65 -2.69 8.31
CA LEU C 419 46.21 -3.04 7.00
C LEU C 419 47.73 -2.95 6.87
N ARG C 420 48.27 -3.73 5.93
CA ARG C 420 49.71 -3.75 5.59
C ARG C 420 49.85 -3.87 4.08
N VAL C 421 50.98 -3.44 3.53
CA VAL C 421 51.26 -3.58 2.09
C VAL C 421 51.23 -5.08 1.73
N GLY C 422 50.54 -5.43 0.65
CA GLY C 422 50.34 -6.83 0.28
C GLY C 422 49.00 -7.39 0.72
N ASP C 423 48.30 -6.74 1.64
CA ASP C 423 46.96 -7.18 2.06
C ASP C 423 45.94 -6.99 0.94
N LEU C 424 44.84 -7.74 1.00
CA LEU C 424 43.74 -7.53 0.08
C LEU C 424 42.62 -6.82 0.84
N VAL C 425 42.00 -5.85 0.18
CA VAL C 425 40.84 -5.16 0.72
C VAL C 425 39.72 -5.20 -0.29
N ILE C 426 38.50 -5.15 0.20
CA ILE C 426 37.33 -5.05 -0.67
C ILE C 426 36.90 -3.60 -0.59
N VAL C 427 36.55 -3.02 -1.72
CA VAL C 427 36.14 -1.62 -1.73
C VAL C 427 34.76 -1.52 -2.26
N VAL C 428 33.89 -0.89 -1.51
CA VAL C 428 32.51 -0.73 -1.92
C VAL C 428 32.19 0.73 -2.20
N THR C 429 31.79 1.02 -3.44
CA THR C 429 31.44 2.37 -3.84
C THR C 429 30.14 2.32 -4.74
N GLY C 430 29.70 3.46 -5.25
CA GLY C 430 28.58 3.61 -6.15
C GLY C 430 29.04 4.16 -7.48
N TRP C 431 28.10 4.26 -8.43
CA TRP C 431 28.44 4.71 -9.80
C TRP C 431 28.28 6.20 -10.05
N ARG C 432 27.66 6.88 -9.10
CA ARG C 432 27.42 8.32 -9.19
C ARG C 432 27.34 8.88 -7.77
N PRO C 433 27.52 10.21 -7.63
CA PRO C 433 27.48 10.82 -6.29
C PRO C 433 26.09 10.79 -5.65
N GLY C 434 26.04 11.00 -4.35
CA GLY C 434 24.77 11.01 -3.64
C GLY C 434 24.48 9.67 -3.05
N SER C 435 23.72 9.69 -2.00
CA SER C 435 23.31 8.52 -1.28
C SER C 435 22.36 7.63 -2.14
N GLY C 436 22.41 6.32 -1.91
CA GLY C 436 21.53 5.37 -2.57
C GLY C 436 21.97 4.70 -3.85
N TYR C 437 23.20 4.93 -4.30
CA TYR C 437 23.69 4.37 -5.57
C TYR C 437 24.82 3.38 -5.44
N THR C 438 25.08 2.79 -4.24
CA THR C 438 26.16 1.82 -4.08
C THR C 438 25.89 0.62 -4.98
N ASN C 439 26.84 0.26 -5.84
CA ASN C 439 26.64 -0.86 -6.75
C ASN C 439 27.95 -1.49 -7.22
N ILE C 440 29.10 -1.12 -6.63
CA ILE C 440 30.39 -1.59 -7.07
C ILE C 440 31.17 -2.20 -5.94
N MET C 441 31.82 -3.32 -6.25
CA MET C 441 32.70 -3.99 -5.31
C MET C 441 34.00 -4.24 -6.08
N ARG C 442 35.11 -3.71 -5.60
CA ARG C 442 36.43 -3.91 -6.25
C ARG C 442 37.33 -4.64 -5.28
N VAL C 443 38.22 -5.49 -5.78
CA VAL C 443 39.21 -6.17 -4.97
C VAL C 443 40.52 -5.40 -5.19
N LEU C 444 41.11 -4.89 -4.13
CA LEU C 444 42.33 -4.10 -4.24
C LEU C 444 43.48 -4.69 -3.43
N SER C 445 44.67 -4.65 -4.01
CA SER C 445 45.92 -5.07 -3.36
CA SER C 445 45.89 -5.06 -3.32
C SER C 445 46.51 -3.81 -2.70
N ILE C 446 46.83 -3.85 -1.41
CA ILE C 446 47.39 -2.69 -0.72
C ILE C 446 48.84 -2.44 -1.14
N SER C 447 49.12 -1.24 -1.67
CA SER C 447 50.46 -0.87 -2.07
C SER C 447 50.97 0.28 -1.19
N GLY D 23 6.41 -11.32 -10.75
CA GLY D 23 5.16 -12.05 -10.95
C GLY D 23 5.19 -13.50 -10.54
N THR D 24 4.01 -14.07 -10.29
CA THR D 24 3.90 -15.48 -9.89
C THR D 24 4.27 -16.41 -11.05
N ALA D 25 3.97 -16.00 -12.30
CA ALA D 25 4.28 -16.81 -13.48
C ALA D 25 5.77 -17.02 -13.61
N PHE D 26 6.59 -16.00 -13.28
CA PHE D 26 8.06 -16.09 -13.34
C PHE D 26 8.57 -17.18 -12.38
N PHE D 27 7.98 -17.22 -11.18
CA PHE D 27 8.39 -18.18 -10.15
C PHE D 27 7.81 -19.62 -10.34
N GLN D 28 7.01 -19.84 -11.37
CA GLN D 28 6.52 -21.18 -11.70
C GLN D 28 7.40 -21.83 -12.82
N GLN D 29 8.06 -21.00 -13.64
CA GLN D 29 8.94 -21.42 -14.72
C GLN D 29 10.32 -21.86 -14.18
N GLN D 30 11.16 -22.46 -15.06
CA GLN D 30 12.53 -22.92 -14.84
C GLN D 30 12.76 -23.66 -13.51
N GLN D 31 11.78 -24.49 -13.11
CA GLN D 31 11.79 -25.30 -11.88
C GLN D 31 12.10 -24.48 -10.62
N LEU D 32 11.64 -23.21 -10.57
CA LEU D 32 11.88 -22.35 -9.41
C LEU D 32 11.22 -22.89 -8.13
N PRO D 33 10.01 -23.49 -8.14
CA PRO D 33 9.49 -24.10 -6.89
C PRO D 33 10.41 -25.21 -6.38
N ALA D 34 10.95 -26.04 -7.30
CA ALA D 34 11.88 -27.12 -6.93
C ALA D 34 13.25 -26.56 -6.44
N ALA D 35 13.64 -25.38 -6.94
CA ALA D 35 14.89 -24.72 -6.57
C ALA D 35 14.85 -24.13 -5.16
N MET D 36 13.66 -23.76 -4.67
CA MET D 36 13.50 -23.21 -3.32
C MET D 36 13.43 -24.28 -2.22
N ALA D 37 13.38 -25.57 -2.58
CA ALA D 37 13.27 -26.66 -1.62
C ALA D 37 14.38 -26.73 -0.60
N ASP D 38 14.05 -27.17 0.62
CA ASP D 38 15.02 -27.25 1.72
C ASP D 38 15.84 -28.54 1.73
N THR D 39 15.38 -29.57 1.01
CA THR D 39 16.13 -30.83 0.88
C THR D 39 16.13 -31.24 -0.60
N PHE D 40 17.11 -32.06 -0.98
CA PHE D 40 17.21 -32.61 -2.32
C PHE D 40 15.99 -33.49 -2.65
N LEU D 41 15.51 -34.25 -1.67
CA LEU D 41 14.34 -35.10 -1.82
C LEU D 41 13.10 -34.26 -2.15
N GLU D 42 12.87 -33.16 -1.42
CA GLU D 42 11.74 -32.27 -1.69
C GLU D 42 11.89 -31.56 -3.05
N HIS D 43 13.16 -31.28 -3.44
CA HIS D 43 13.50 -30.70 -4.73
C HIS D 43 13.00 -31.63 -5.85
N LEU D 44 13.31 -32.94 -5.74
CA LEU D 44 12.88 -33.93 -6.74
C LEU D 44 11.36 -33.98 -6.81
N CYS D 45 10.69 -34.02 -5.63
CA CYS D 45 9.23 -34.08 -5.52
C CYS D 45 8.56 -32.87 -6.17
N LEU D 46 9.23 -31.70 -6.18
CA LEU D 46 8.67 -30.49 -6.76
C LEU D 46 8.96 -30.31 -8.25
N LEU D 47 9.69 -31.25 -8.89
CA LEU D 47 9.99 -31.12 -10.32
C LEU D 47 8.67 -31.21 -11.11
N ASP D 48 8.48 -30.27 -12.03
CA ASP D 48 7.23 -30.14 -12.76
C ASP D 48 7.45 -30.18 -14.27
N ILE D 49 6.84 -31.16 -14.97
CA ILE D 49 6.95 -31.24 -16.42
C ILE D 49 6.30 -30.04 -17.13
N ASP D 50 5.43 -29.28 -16.45
CA ASP D 50 4.80 -28.09 -17.01
C ASP D 50 5.61 -26.82 -16.73
N SER D 51 6.70 -26.89 -15.95
CA SER D 51 7.54 -25.75 -15.65
C SER D 51 8.54 -25.63 -16.80
N GLU D 52 8.27 -24.69 -17.73
CA GLU D 52 9.10 -24.53 -18.91
C GLU D 52 10.44 -23.85 -18.66
N PRO D 53 11.50 -24.33 -19.33
CA PRO D 53 12.81 -23.68 -19.16
C PRO D 53 12.81 -22.28 -19.81
N VAL D 54 13.40 -21.29 -19.13
CA VAL D 54 13.50 -19.93 -19.67
C VAL D 54 14.94 -19.58 -20.01
N ALA D 55 15.89 -20.02 -19.17
CA ALA D 55 17.30 -19.72 -19.40
C ALA D 55 17.85 -20.35 -20.68
N ALA D 56 18.89 -19.73 -21.24
CA ALA D 56 19.58 -20.26 -22.40
C ALA D 56 20.30 -21.55 -22.01
N ARG D 57 20.39 -22.50 -22.94
CA ARG D 57 21.04 -23.78 -22.70
C ARG D 57 22.53 -23.54 -22.44
N SER D 58 23.00 -24.00 -21.30
CA SER D 58 24.35 -23.74 -20.86
C SER D 58 25.37 -24.86 -21.05
N THR D 59 24.95 -26.14 -21.23
CA THR D 59 25.89 -27.23 -21.50
C THR D 59 26.21 -27.22 -22.99
N SER D 60 27.48 -27.09 -23.38
CA SER D 60 27.86 -27.07 -24.79
CA SER D 60 27.87 -27.06 -24.79
C SER D 60 27.69 -28.40 -25.48
N ILE D 61 27.41 -28.37 -26.78
CA ILE D 61 27.26 -29.58 -27.55
C ILE D 61 28.46 -29.70 -28.47
N ILE D 62 29.14 -30.83 -28.40
CA ILE D 62 30.23 -31.12 -29.31
C ILE D 62 29.67 -32.09 -30.36
N ALA D 63 29.73 -31.72 -31.66
CA ALA D 63 29.27 -32.61 -32.74
C ALA D 63 30.48 -33.06 -33.52
N THR D 64 30.62 -34.38 -33.76
CA THR D 64 31.70 -34.93 -34.55
C THR D 64 31.38 -34.74 -36.04
N ILE D 65 32.35 -34.23 -36.77
CA ILE D 65 32.20 -33.98 -38.19
C ILE D 65 32.52 -35.23 -38.98
N GLY D 66 31.73 -35.47 -39.99
CA GLY D 66 31.93 -36.60 -40.88
C GLY D 66 31.13 -36.42 -42.14
N PRO D 67 30.96 -37.52 -42.90
CA PRO D 67 30.17 -37.45 -44.15
C PRO D 67 28.74 -36.91 -44.01
N ALA D 68 28.07 -37.18 -42.89
CA ALA D 68 26.72 -36.70 -42.65
C ALA D 68 26.64 -35.21 -42.24
N SER D 69 27.80 -34.58 -41.97
CA SER D 69 27.77 -33.22 -41.42
C SER D 69 28.90 -32.36 -41.94
N ARG D 70 29.34 -32.57 -43.18
CA ARG D 70 30.44 -31.79 -43.75
C ARG D 70 30.02 -30.73 -44.69
N SER D 71 28.83 -30.85 -45.26
CA SER D 71 28.24 -29.90 -46.15
C SER D 71 28.13 -28.55 -45.47
N VAL D 72 28.55 -27.45 -46.14
CA VAL D 72 28.44 -26.10 -45.60
C VAL D 72 27.00 -25.77 -45.19
N GLU D 73 26.03 -26.18 -46.02
CA GLU D 73 24.63 -25.94 -45.72
C GLU D 73 24.12 -26.72 -44.52
N ARG D 74 24.60 -27.95 -44.35
CA ARG D 74 24.21 -28.80 -43.23
C ARG D 74 24.89 -28.25 -41.94
N LEU D 75 26.13 -27.75 -42.03
CA LEU D 75 26.84 -27.17 -40.90
C LEU D 75 26.18 -25.88 -40.41
N LYS D 76 25.54 -25.10 -41.31
CA LYS D 76 24.79 -23.91 -40.92
C LYS D 76 23.55 -24.31 -40.12
N GLU D 77 22.91 -25.41 -40.52
CA GLU D 77 21.75 -25.92 -39.80
C GLU D 77 22.15 -26.44 -38.42
N MET D 78 23.33 -27.06 -38.31
CA MET D 78 23.82 -27.59 -37.03
CA MET D 78 23.82 -27.59 -37.03
C MET D 78 24.22 -26.46 -36.09
N ILE D 79 24.76 -25.35 -36.62
CA ILE D 79 25.10 -24.20 -35.80
C ILE D 79 23.79 -23.60 -35.25
N LYS D 80 22.75 -23.49 -36.09
CA LYS D 80 21.43 -22.99 -35.68
C LYS D 80 20.77 -23.92 -34.64
N ALA D 81 20.96 -25.24 -34.77
CA ALA D 81 20.41 -26.21 -33.83
C ALA D 81 21.12 -26.20 -32.46
N GLY D 82 22.34 -25.68 -32.41
CA GLY D 82 23.05 -25.58 -31.14
C GLY D 82 24.47 -26.13 -31.05
N MET D 83 25.06 -26.64 -32.15
CA MET D 83 26.44 -27.13 -32.11
C MET D 83 27.40 -26.00 -31.69
N ASN D 84 28.24 -26.27 -30.69
CA ASN D 84 29.18 -25.26 -30.21
C ASN D 84 30.60 -25.58 -30.56
N ILE D 85 30.93 -26.88 -30.63
CA ILE D 85 32.28 -27.35 -30.90
C ILE D 85 32.19 -28.43 -31.96
N ALA D 86 32.99 -28.30 -33.00
CA ALA D 86 33.08 -29.27 -34.06
C ALA D 86 34.31 -30.14 -33.77
N ARG D 87 34.08 -31.46 -33.61
CA ARG D 87 35.13 -32.41 -33.36
C ARG D 87 35.59 -33.10 -34.65
N LEU D 88 36.89 -33.04 -34.89
CA LEU D 88 37.56 -33.69 -36.01
C LEU D 88 38.21 -34.95 -35.48
N ASN D 89 37.70 -36.13 -35.88
CA ASN D 89 38.23 -37.38 -35.36
C ASN D 89 39.36 -37.88 -36.22
N PHE D 90 40.60 -37.67 -35.76
CA PHE D 90 41.78 -38.05 -36.52
C PHE D 90 42.04 -39.58 -36.58
N SER D 91 41.12 -40.40 -36.03
CA SER D 91 41.19 -41.85 -36.21
C SER D 91 40.71 -42.24 -37.61
N HIS D 92 39.96 -41.36 -38.32
CA HIS D 92 39.45 -41.59 -39.69
C HIS D 92 39.84 -40.43 -40.58
N GLY D 93 40.19 -40.69 -41.82
CA GLY D 93 40.51 -39.66 -42.79
C GLY D 93 41.92 -39.13 -42.75
N SER D 94 42.35 -38.59 -43.87
CA SER D 94 43.67 -38.01 -44.05
C SER D 94 43.68 -36.51 -43.60
N HIS D 95 44.86 -35.86 -43.64
CA HIS D 95 45.03 -34.44 -43.37
C HIS D 95 44.21 -33.61 -44.35
N GLU D 96 44.13 -34.04 -45.60
CA GLU D 96 43.38 -33.34 -46.65
C GLU D 96 41.88 -33.36 -46.35
N TYR D 97 41.38 -34.48 -45.79
CA TYR D 97 40.00 -34.61 -45.39
C TYR D 97 39.74 -33.62 -44.25
N HIS D 98 40.62 -33.62 -43.23
CA HIS D 98 40.43 -32.77 -42.07
C HIS D 98 40.55 -31.28 -42.37
N ALA D 99 41.39 -30.91 -43.33
CA ALA D 99 41.54 -29.52 -43.75
C ALA D 99 40.28 -29.03 -44.46
N GLU D 100 39.67 -29.88 -45.31
CA GLU D 100 38.40 -29.54 -45.95
C GLU D 100 37.31 -29.41 -44.87
N SER D 101 37.35 -30.25 -43.83
CA SER D 101 36.37 -30.19 -42.72
C SER D 101 36.43 -28.82 -42.01
N ILE D 102 37.65 -28.37 -41.72
CA ILE D 102 37.94 -27.13 -41.05
C ILE D 102 37.45 -25.98 -41.92
N ALA D 103 37.80 -26.01 -43.21
CA ALA D 103 37.38 -24.96 -44.11
C ALA D 103 35.84 -24.86 -44.21
N ASN D 104 35.14 -26.02 -44.28
CA ASN D 104 33.65 -26.01 -44.37
C ASN D 104 33.05 -25.53 -43.06
N VAL D 105 33.66 -25.89 -41.92
CA VAL D 105 33.19 -25.41 -40.64
C VAL D 105 33.31 -23.90 -40.60
N ARG D 106 34.50 -23.36 -40.86
CA ARG D 106 34.76 -21.93 -40.87
C ARG D 106 33.89 -21.16 -41.83
N GLU D 107 33.60 -21.72 -43.02
CA GLU D 107 32.73 -21.05 -43.98
C GLU D 107 31.31 -20.98 -43.44
N ALA D 108 30.77 -22.07 -42.83
CA ALA D 108 29.44 -22.03 -42.26
C ALA D 108 29.36 -21.08 -41.07
N VAL D 109 30.40 -21.05 -40.23
CA VAL D 109 30.45 -20.14 -39.09
C VAL D 109 30.50 -18.67 -39.55
N GLU D 110 31.37 -18.34 -40.52
CA GLU D 110 31.51 -16.97 -40.98
C GLU D 110 30.37 -16.46 -41.82
N SER D 111 29.47 -17.35 -42.30
CA SER D 111 28.30 -16.91 -43.04
C SER D 111 27.35 -16.10 -42.16
N PHE D 112 27.48 -16.18 -40.83
CA PHE D 112 26.67 -15.43 -39.88
C PHE D 112 27.40 -14.19 -39.31
N ALA D 113 28.65 -13.93 -39.73
CA ALA D 113 29.44 -12.81 -39.23
C ALA D 113 28.92 -11.44 -39.63
N GLY D 114 28.05 -11.35 -40.64
CA GLY D 114 27.45 -10.10 -41.08
C GLY D 114 26.57 -9.45 -40.04
N SER D 115 26.06 -10.23 -39.08
CA SER D 115 25.25 -9.71 -37.98
C SER D 115 26.02 -9.99 -36.68
N PRO D 116 26.89 -9.05 -36.24
CA PRO D 116 27.72 -9.32 -35.06
C PRO D 116 26.98 -9.54 -33.76
N LEU D 117 25.76 -8.99 -33.63
CA LEU D 117 24.99 -9.17 -32.40
C LEU D 117 24.44 -10.59 -32.24
N SER D 118 24.41 -11.39 -33.32
CA SER D 118 23.89 -12.76 -33.23
C SER D 118 24.90 -13.85 -33.64
N TYR D 119 26.10 -13.45 -34.13
CA TYR D 119 27.17 -14.36 -34.57
C TYR D 119 27.53 -15.36 -33.46
N ARG D 120 27.59 -16.64 -33.83
CA ARG D 120 27.91 -17.69 -32.89
C ARG D 120 29.25 -18.32 -33.21
N PRO D 121 30.25 -18.10 -32.34
CA PRO D 121 31.56 -18.74 -32.56
C PRO D 121 31.45 -20.25 -32.38
N VAL D 122 32.22 -21.03 -33.14
CA VAL D 122 32.23 -22.48 -33.02
C VAL D 122 33.69 -22.92 -32.89
N ALA D 123 34.02 -23.65 -31.83
CA ALA D 123 35.39 -24.14 -31.64
C ALA D 123 35.65 -25.33 -32.54
N ILE D 124 36.92 -25.58 -32.85
CA ILE D 124 37.31 -26.72 -33.61
C ILE D 124 38.26 -27.51 -32.76
N ALA D 125 37.93 -28.77 -32.54
CA ALA D 125 38.70 -29.66 -31.71
C ALA D 125 39.25 -30.83 -32.51
N LEU D 126 40.52 -31.15 -32.28
CA LEU D 126 41.19 -32.25 -32.96
C LEU D 126 41.24 -33.42 -31.98
N ASP D 127 40.63 -34.56 -32.32
CA ASP D 127 40.66 -35.74 -31.46
C ASP D 127 41.75 -36.65 -32.02
N THR D 128 42.81 -36.91 -31.27
CA THR D 128 43.93 -37.70 -31.75
C THR D 128 43.63 -39.18 -31.89
N LYS D 129 44.39 -39.89 -32.75
CA LYS D 129 44.26 -41.33 -32.94
C LYS D 129 44.68 -42.07 -31.66
N GLY D 130 45.72 -41.60 -30.99
CA GLY D 130 46.18 -42.20 -29.76
C GLY D 130 47.41 -43.07 -29.93
N PRO D 131 47.98 -43.54 -28.80
CA PRO D 131 49.14 -44.40 -28.86
C PRO D 131 48.60 -45.82 -28.73
N GLY D 132 48.61 -46.59 -29.80
CA GLY D 132 47.98 -47.92 -29.73
C GLY D 132 48.72 -48.84 -28.78
N SER D 133 49.54 -49.74 -29.33
CA SER D 133 50.37 -50.63 -28.49
C SER D 133 51.59 -49.86 -28.02
N GLY D 134 51.70 -48.60 -28.43
CA GLY D 134 52.87 -47.78 -28.09
C GLY D 134 52.83 -47.22 -26.69
N PRO D 135 54.00 -46.79 -26.15
CA PRO D 135 54.11 -46.26 -24.80
C PRO D 135 53.80 -44.76 -24.75
N GLY D 136 54.53 -43.95 -25.52
CA GLY D 136 54.34 -42.49 -25.50
C GLY D 136 53.60 -41.98 -26.72
N LEU D 137 53.84 -40.73 -27.09
CA LEU D 137 53.14 -40.13 -28.25
C LEU D 137 53.56 -40.83 -29.53
N SER D 138 52.59 -41.36 -30.26
CA SER D 138 52.86 -41.99 -31.54
C SER D 138 53.38 -40.99 -32.59
N GLU D 139 53.99 -41.50 -33.67
CA GLU D 139 54.51 -40.61 -34.70
C GLU D 139 53.40 -39.99 -35.53
N GLN D 140 52.25 -40.69 -35.67
CA GLN D 140 51.09 -40.13 -36.37
C GLN D 140 50.49 -38.99 -35.54
N ASP D 141 50.46 -39.14 -34.20
CA ASP D 141 49.97 -38.10 -33.31
C ASP D 141 50.82 -36.87 -33.41
N VAL D 142 52.15 -37.01 -33.48
CA VAL D 142 53.03 -35.84 -33.65
C VAL D 142 52.72 -35.09 -34.95
N ARG D 143 52.50 -35.82 -36.04
CA ARG D 143 52.18 -35.19 -37.32
C ARG D 143 50.79 -34.50 -37.32
N ASP D 144 49.79 -35.15 -36.68
CA ASP D 144 48.44 -34.64 -36.58
C ASP D 144 48.40 -33.41 -35.66
N LEU D 145 49.14 -33.46 -34.55
CA LEU D 145 49.23 -32.33 -33.63
C LEU D 145 49.83 -31.12 -34.32
N ARG D 146 50.89 -31.32 -35.14
CA ARG D 146 51.47 -30.20 -35.87
CA ARG D 146 51.48 -30.21 -35.88
C ARG D 146 50.49 -29.68 -36.92
N PHE D 147 49.67 -30.57 -37.52
CA PHE D 147 48.63 -30.17 -38.48
C PHE D 147 47.63 -29.23 -37.77
N GLY D 148 47.23 -29.61 -36.56
CA GLY D 148 46.30 -28.81 -35.77
C GLY D 148 46.82 -27.41 -35.49
N VAL D 149 48.10 -27.28 -35.13
CA VAL D 149 48.71 -25.98 -34.88
C VAL D 149 48.71 -25.16 -36.19
N GLU D 150 49.12 -25.80 -37.31
CA GLU D 150 49.14 -25.15 -38.61
C GLU D 150 47.79 -24.69 -39.08
N HIS D 151 46.71 -25.42 -38.70
CA HIS D 151 45.36 -25.04 -39.09
C HIS D 151 44.58 -24.28 -38.03
N GLY D 152 45.25 -23.91 -36.95
CA GLY D 152 44.65 -23.11 -35.90
C GLY D 152 43.53 -23.74 -35.10
N VAL D 153 43.65 -25.03 -34.75
CA VAL D 153 42.63 -25.68 -33.92
C VAL D 153 42.66 -25.07 -32.52
N ASP D 154 41.51 -25.09 -31.86
CA ASP D 154 41.36 -24.48 -30.55
C ASP D 154 41.62 -25.47 -29.41
N ILE D 155 41.27 -26.73 -29.63
CA ILE D 155 41.29 -27.75 -28.59
C ILE D 155 41.85 -29.05 -29.16
N VAL D 156 42.50 -29.82 -28.29
CA VAL D 156 42.96 -31.13 -28.61
C VAL D 156 42.27 -32.08 -27.63
N PHE D 157 41.59 -33.10 -28.12
CA PHE D 157 41.03 -34.14 -27.29
C PHE D 157 42.07 -35.23 -27.40
N ALA D 158 42.98 -35.33 -26.40
CA ALA D 158 44.08 -36.29 -26.45
C ALA D 158 43.65 -37.69 -26.05
N SER D 159 43.64 -38.64 -27.00
CA SER D 159 43.24 -40.02 -26.73
C SER D 159 44.16 -40.80 -25.78
N PHE D 160 43.57 -41.74 -25.04
CA PHE D 160 44.23 -42.65 -24.11
C PHE D 160 45.31 -42.00 -23.25
N VAL D 161 44.98 -40.94 -22.53
CA VAL D 161 45.93 -40.33 -21.62
C VAL D 161 45.98 -41.21 -20.37
N ARG D 162 47.18 -41.69 -20.01
CA ARG D 162 47.36 -42.59 -18.85
C ARG D 162 48.13 -41.99 -17.69
N LYS D 163 48.87 -40.90 -17.93
CA LYS D 163 49.67 -40.27 -16.89
C LYS D 163 50.02 -38.83 -17.27
N ALA D 164 50.53 -38.03 -16.32
CA ALA D 164 50.90 -36.64 -16.57
C ALA D 164 51.89 -36.45 -17.72
N SER D 165 52.85 -37.38 -17.89
CA SER D 165 53.84 -37.26 -18.96
C SER D 165 53.23 -37.37 -20.36
N ASP D 166 52.06 -38.03 -20.50
CA ASP D 166 51.35 -38.10 -21.78
C ASP D 166 50.87 -36.71 -22.19
N VAL D 167 50.38 -35.93 -21.22
CA VAL D 167 49.92 -34.56 -21.45
C VAL D 167 51.09 -33.67 -21.82
N ALA D 168 52.24 -33.84 -21.13
CA ALA D 168 53.43 -33.04 -21.41
C ALA D 168 53.92 -33.30 -22.81
N ALA D 169 53.84 -34.56 -23.27
CA ALA D 169 54.26 -34.94 -24.62
C ALA D 169 53.36 -34.26 -25.67
N VAL D 170 52.02 -34.22 -25.42
CA VAL D 170 51.10 -33.55 -26.33
C VAL D 170 51.41 -32.06 -26.38
N ARG D 171 51.69 -31.46 -25.20
CA ARG D 171 52.02 -30.06 -25.08
C ARG D 171 53.30 -29.73 -25.86
N ALA D 172 54.32 -30.59 -25.74
CA ALA D 172 55.61 -30.41 -26.42
C ALA D 172 55.41 -30.53 -27.94
N ALA D 173 54.61 -31.52 -28.41
CA ALA D 173 54.33 -31.70 -29.84
C ALA D 173 53.58 -30.53 -30.46
N LEU D 174 52.86 -29.73 -29.66
CA LEU D 174 52.17 -28.56 -30.15
C LEU D 174 53.16 -27.40 -30.38
N GLY D 175 54.33 -27.44 -29.75
CA GLY D 175 55.39 -26.44 -29.90
C GLY D 175 55.08 -25.09 -29.28
N PRO D 176 55.93 -24.10 -29.54
CA PRO D 176 55.70 -22.76 -28.97
C PRO D 176 54.53 -22.04 -29.62
N GLU D 177 54.19 -22.37 -30.88
CA GLU D 177 53.06 -21.75 -31.56
C GLU D 177 51.68 -22.26 -31.09
N GLY D 178 51.65 -23.40 -30.41
CA GLY D 178 50.40 -23.97 -29.92
C GLY D 178 50.25 -23.86 -28.42
N HIS D 179 50.82 -22.80 -27.80
CA HIS D 179 50.73 -22.62 -26.34
CA HIS D 179 50.72 -22.63 -26.34
C HIS D 179 49.29 -22.34 -25.89
N GLY D 180 48.51 -21.66 -26.73
CA GLY D 180 47.14 -21.32 -26.42
C GLY D 180 46.10 -22.41 -26.66
N ILE D 181 46.46 -23.54 -27.29
CA ILE D 181 45.54 -24.63 -27.54
C ILE D 181 45.19 -25.35 -26.22
N LYS D 182 43.92 -25.63 -25.97
CA LYS D 182 43.49 -26.33 -24.76
C LYS D 182 43.65 -27.83 -24.93
N ILE D 183 44.21 -28.51 -23.94
CA ILE D 183 44.38 -29.95 -23.99
C ILE D 183 43.37 -30.59 -23.05
N ILE D 184 42.42 -31.30 -23.61
CA ILE D 184 41.41 -32.02 -22.86
C ILE D 184 41.85 -33.48 -22.91
N SER D 185 42.22 -34.06 -21.76
CA SER D 185 42.67 -35.43 -21.71
C SER D 185 41.54 -36.40 -21.71
N LYS D 186 41.54 -37.37 -22.63
CA LYS D 186 40.51 -38.39 -22.66
C LYS D 186 40.91 -39.52 -21.72
N ILE D 187 40.03 -39.84 -20.74
CA ILE D 187 40.29 -40.94 -19.84
C ILE D 187 39.53 -42.12 -20.40
N GLU D 188 40.28 -43.13 -20.88
CA GLU D 188 39.68 -44.28 -21.57
C GLU D 188 40.05 -45.64 -21.01
N ASN D 189 40.86 -45.71 -19.93
CA ASN D 189 41.26 -47.00 -19.38
C ASN D 189 41.45 -46.96 -17.87
N HIS D 190 41.70 -48.11 -17.23
CA HIS D 190 41.89 -48.18 -15.79
C HIS D 190 43.03 -47.30 -15.29
N GLU D 191 44.17 -47.25 -16.01
CA GLU D 191 45.30 -46.43 -15.59
C GLU D 191 44.97 -44.94 -15.57
N GLY D 192 44.23 -44.47 -16.58
CA GLY D 192 43.78 -43.09 -16.62
C GLY D 192 42.90 -42.74 -15.44
N VAL D 193 42.00 -43.66 -15.05
CA VAL D 193 41.12 -43.46 -13.89
C VAL D 193 41.94 -43.43 -12.60
N LYS D 194 42.90 -44.37 -12.44
CA LYS D 194 43.74 -44.41 -11.24
C LYS D 194 44.68 -43.22 -11.10
N ARG D 195 45.25 -42.77 -12.21
CA ARG D 195 46.14 -41.60 -12.19
C ARG D 195 45.42 -40.30 -12.53
N PHE D 196 44.08 -40.26 -12.37
CA PHE D 196 43.24 -39.12 -12.71
C PHE D 196 43.72 -37.80 -12.12
N ASP D 197 44.02 -37.76 -10.82
CA ASP D 197 44.44 -36.52 -10.18
C ASP D 197 45.66 -35.87 -10.81
N GLU D 198 46.69 -36.67 -11.13
CA GLU D 198 47.90 -36.14 -11.74
C GLU D 198 47.66 -35.69 -13.19
N ILE D 199 46.70 -36.34 -13.89
CA ILE D 199 46.36 -35.99 -15.25
C ILE D 199 45.58 -34.66 -15.26
N LEU D 200 44.59 -34.53 -14.37
CA LEU D 200 43.78 -33.32 -14.27
C LEU D 200 44.64 -32.11 -13.94
N GLU D 201 45.61 -32.29 -13.06
CA GLU D 201 46.51 -31.20 -12.63
C GLU D 201 47.23 -30.54 -13.79
N VAL D 202 47.67 -31.32 -14.78
CA VAL D 202 48.39 -30.75 -15.94
C VAL D 202 47.52 -30.53 -17.20
N SER D 203 46.25 -30.97 -17.17
CA SER D 203 45.36 -30.81 -18.31
C SER D 203 44.50 -29.58 -18.17
N ASP D 204 43.99 -29.07 -19.29
CA ASP D 204 43.01 -27.99 -19.25
C ASP D 204 41.61 -28.53 -18.90
N GLY D 205 41.37 -29.81 -19.12
CA GLY D 205 40.10 -30.44 -18.85
C GLY D 205 40.14 -31.93 -19.15
N ILE D 206 38.96 -32.59 -19.06
CA ILE D 206 38.87 -34.02 -19.21
C ILE D 206 37.70 -34.44 -20.09
N MET D 207 37.83 -35.57 -20.78
CA MET D 207 36.74 -36.17 -21.49
C MET D 207 36.54 -37.57 -20.91
N VAL D 208 35.31 -37.90 -20.52
CA VAL D 208 34.98 -39.23 -20.04
C VAL D 208 34.64 -39.97 -21.32
N ALA D 209 35.66 -40.65 -21.91
CA ALA D 209 35.55 -41.36 -23.17
C ALA D 209 34.98 -42.75 -22.90
N ARG D 210 33.66 -42.84 -22.77
CA ARG D 210 32.94 -44.04 -22.34
C ARG D 210 33.03 -45.25 -23.26
N GLY D 211 33.26 -45.06 -24.56
CA GLY D 211 33.39 -46.18 -25.51
C GLY D 211 34.52 -47.12 -25.11
N ASP D 212 35.77 -46.62 -25.11
CA ASP D 212 36.90 -47.43 -24.71
C ASP D 212 36.87 -47.74 -23.25
N LEU D 213 36.45 -46.80 -22.40
CA LEU D 213 36.38 -47.03 -20.97
C LEU D 213 35.49 -48.22 -20.61
N GLY D 214 34.38 -48.38 -21.33
CA GLY D 214 33.44 -49.48 -21.15
C GLY D 214 33.93 -50.84 -21.62
N ILE D 215 35.04 -50.87 -22.37
CA ILE D 215 35.73 -52.08 -22.85
C ILE D 215 36.93 -52.37 -21.92
N GLU D 216 37.63 -51.31 -21.43
CA GLU D 216 38.81 -51.40 -20.58
C GLU D 216 38.50 -51.77 -19.16
N ILE D 217 37.35 -51.33 -18.65
CA ILE D 217 36.87 -51.65 -17.30
C ILE D 217 35.48 -52.28 -17.43
N PRO D 218 34.96 -53.00 -16.39
CA PRO D 218 33.60 -53.59 -16.51
C PRO D 218 32.57 -52.52 -16.86
N ALA D 219 31.69 -52.81 -17.80
CA ALA D 219 30.66 -51.89 -18.28
C ALA D 219 29.83 -51.30 -17.15
N GLU D 220 29.51 -52.11 -16.13
CA GLU D 220 28.70 -51.69 -14.99
C GLU D 220 29.42 -50.73 -14.03
N LYS D 221 30.70 -50.43 -14.27
CA LYS D 221 31.47 -49.51 -13.44
C LYS D 221 31.67 -48.13 -14.11
N VAL D 222 31.37 -47.99 -15.41
CA VAL D 222 31.60 -46.73 -16.13
C VAL D 222 30.90 -45.54 -15.47
N PHE D 223 29.66 -45.71 -14.99
CA PHE D 223 28.93 -44.63 -14.33
C PHE D 223 29.66 -44.11 -13.07
N LEU D 224 30.37 -44.99 -12.36
CA LEU D 224 31.13 -44.56 -11.17
C LEU D 224 32.30 -43.69 -11.62
N ALA D 225 32.99 -44.08 -12.72
CA ALA D 225 34.11 -43.32 -13.24
C ALA D 225 33.63 -41.97 -13.79
N GLN D 226 32.50 -41.97 -14.48
CA GLN D 226 31.93 -40.74 -15.03
C GLN D 226 31.59 -39.76 -13.91
N LYS D 227 30.82 -40.22 -12.90
CA LYS D 227 30.40 -39.36 -11.81
C LYS D 227 31.57 -38.85 -10.99
N MET D 228 32.58 -39.71 -10.75
CA MET D 228 33.77 -39.31 -10.01
C MET D 228 34.54 -38.21 -10.77
N MET D 229 34.81 -38.44 -12.07
CA MET D 229 35.57 -37.49 -12.85
C MET D 229 34.86 -36.16 -13.00
N ILE D 230 33.54 -36.17 -13.22
CA ILE D 230 32.77 -34.94 -13.33
C ILE D 230 32.83 -34.15 -12.00
N GLY D 231 32.64 -34.86 -10.87
CA GLY D 231 32.73 -34.27 -9.54
C GLY D 231 34.08 -33.62 -9.28
N ARG D 232 35.17 -34.34 -9.60
CA ARG D 232 36.52 -33.80 -9.39
C ARG D 232 36.85 -32.62 -10.30
N CYS D 233 36.34 -32.63 -11.55
CA CYS D 233 36.54 -31.52 -12.46
C CYS D 233 35.75 -30.31 -12.01
N ASN D 234 34.54 -30.52 -11.48
CA ASN D 234 33.72 -29.43 -10.94
C ASN D 234 34.45 -28.81 -9.74
N LEU D 235 35.03 -29.64 -8.87
CA LEU D 235 35.80 -29.20 -7.70
C LEU D 235 37.03 -28.39 -8.18
N ALA D 236 37.73 -28.88 -9.22
CA ALA D 236 38.91 -28.21 -9.76
C ALA D 236 38.58 -26.97 -10.62
N GLY D 237 37.31 -26.79 -11.00
CA GLY D 237 36.91 -25.70 -11.87
C GLY D 237 37.42 -25.86 -13.29
N LYS D 238 37.58 -27.13 -13.74
CA LYS D 238 38.08 -27.42 -15.09
C LYS D 238 37.03 -28.12 -15.93
N PRO D 239 36.95 -27.83 -17.24
CA PRO D 239 35.90 -28.44 -18.06
C PRO D 239 35.93 -29.96 -18.15
N VAL D 240 34.74 -30.56 -18.12
CA VAL D 240 34.61 -31.99 -18.27
C VAL D 240 33.56 -32.29 -19.37
N VAL D 241 33.88 -33.19 -20.29
CA VAL D 241 32.99 -33.59 -21.36
C VAL D 241 32.46 -35.00 -21.11
N CYS D 242 31.16 -35.22 -21.28
CA CYS D 242 30.62 -36.57 -21.24
C CYS D 242 30.47 -37.03 -22.69
N ALA D 243 31.02 -38.20 -23.04
CA ALA D 243 31.02 -38.65 -24.43
C ALA D 243 30.61 -40.09 -24.64
N THR D 244 30.13 -40.39 -25.87
CA THR D 244 29.90 -41.70 -26.51
C THR D 244 28.61 -42.41 -26.16
N GLN D 245 27.86 -42.69 -27.24
CA GLN D 245 26.59 -43.43 -27.24
C GLN D 245 25.49 -42.74 -26.47
N MET D 246 25.58 -41.38 -26.31
CA MET D 246 24.55 -40.65 -25.58
C MET D 246 23.19 -40.76 -26.25
N LEU D 247 23.16 -40.68 -27.62
CA LEU D 247 21.91 -40.80 -28.38
C LEU D 247 22.16 -41.81 -29.54
N GLU D 248 22.90 -42.90 -29.28
CA GLU D 248 23.32 -43.88 -30.27
C GLU D 248 22.25 -44.33 -31.26
N SER D 249 21.06 -44.69 -30.77
CA SER D 249 19.98 -45.14 -31.63
C SER D 249 19.57 -44.10 -32.67
N MET D 250 19.85 -42.80 -32.43
CA MET D 250 19.54 -41.75 -33.40
C MET D 250 20.45 -41.76 -34.64
N ILE D 251 21.45 -42.67 -34.68
CA ILE D 251 22.24 -42.85 -35.89
C ILE D 251 21.28 -43.33 -37.03
N THR D 252 20.30 -44.20 -36.68
CA THR D 252 19.36 -44.74 -37.66
C THR D 252 17.93 -44.34 -37.40
N LYS D 253 17.54 -44.03 -36.15
CA LYS D 253 16.16 -43.71 -35.81
C LYS D 253 15.93 -42.22 -35.55
N PRO D 254 14.72 -41.73 -35.88
CA PRO D 254 14.46 -40.29 -35.71
C PRO D 254 14.28 -39.85 -34.25
N ARG D 255 14.01 -40.79 -33.33
CA ARG D 255 13.81 -40.48 -31.93
C ARG D 255 14.71 -41.37 -31.07
N PRO D 256 15.23 -40.86 -29.95
CA PRO D 256 16.10 -41.70 -29.11
C PRO D 256 15.31 -42.62 -28.16
N THR D 257 16.00 -43.55 -27.50
CA THR D 257 15.38 -44.42 -26.54
C THR D 257 15.19 -43.68 -25.18
N ARG D 258 14.40 -44.25 -24.28
CA ARG D 258 14.19 -43.68 -22.96
C ARG D 258 15.49 -43.65 -22.15
N ALA D 259 16.38 -44.63 -22.36
CA ALA D 259 17.66 -44.68 -21.67
C ALA D 259 18.59 -43.57 -22.16
N GLU D 260 18.52 -43.23 -23.45
CA GLU D 260 19.35 -42.22 -24.08
C GLU D 260 19.02 -40.81 -23.62
N THR D 261 17.74 -40.43 -23.57
CA THR D 261 17.38 -39.10 -23.09
C THR D 261 17.76 -38.97 -21.59
N SER D 262 17.54 -40.04 -20.83
CA SER D 262 17.90 -40.11 -19.43
C SER D 262 19.41 -39.95 -19.26
N ASP D 263 20.21 -40.59 -20.10
CA ASP D 263 21.67 -40.47 -20.06
C ASP D 263 22.14 -39.03 -20.28
N VAL D 264 21.53 -38.32 -21.26
CA VAL D 264 21.91 -36.94 -21.54
C VAL D 264 21.54 -36.06 -20.33
N ALA D 265 20.33 -36.24 -19.81
CA ALA D 265 19.85 -35.47 -18.67
C ALA D 265 20.72 -35.71 -17.45
N ASN D 266 21.11 -36.97 -17.21
CA ASN D 266 21.92 -37.31 -16.06
C ASN D 266 23.35 -36.82 -16.21
N ALA D 267 23.90 -36.75 -17.42
CA ALA D 267 25.25 -36.17 -17.62
C ALA D 267 25.24 -34.69 -17.19
N VAL D 268 24.17 -33.95 -17.54
CA VAL D 268 24.00 -32.55 -17.17
C VAL D 268 23.80 -32.41 -15.65
N LEU D 269 22.94 -33.25 -15.07
CA LEU D 269 22.72 -33.23 -13.63
C LEU D 269 23.99 -33.62 -12.86
N ASP D 270 24.84 -34.49 -13.45
CA ASP D 270 26.11 -34.89 -12.83
C ASP D 270 27.06 -33.70 -12.70
N GLY D 271 27.00 -32.75 -13.65
CA GLY D 271 27.85 -31.57 -13.66
C GLY D 271 28.71 -31.41 -14.90
N ALA D 272 28.41 -32.17 -15.98
CA ALA D 272 29.20 -32.06 -17.20
C ALA D 272 29.13 -30.69 -17.82
N ASP D 273 30.26 -30.17 -18.28
CA ASP D 273 30.29 -28.90 -18.98
C ASP D 273 29.84 -29.07 -20.41
N CYS D 274 30.23 -30.20 -21.05
CA CYS D 274 29.90 -30.47 -22.44
C CYS D 274 29.33 -31.85 -22.59
N ILE D 275 28.50 -32.01 -23.60
CA ILE D 275 27.98 -33.31 -23.99
C ILE D 275 28.38 -33.52 -25.47
N MET D 276 28.60 -34.76 -25.86
CA MET D 276 29.12 -35.04 -27.20
C MET D 276 28.25 -35.97 -28.02
N LEU D 277 28.34 -35.81 -29.35
CA LEU D 277 27.69 -36.65 -30.34
C LEU D 277 28.83 -37.15 -31.24
N SER D 278 28.86 -38.45 -31.50
CA SER D 278 29.91 -39.06 -32.31
C SER D 278 29.29 -39.51 -33.65
N GLY D 279 28.92 -40.80 -33.79
CA GLY D 279 28.30 -41.32 -34.98
C GLY D 279 26.98 -40.66 -35.30
N GLU D 280 26.30 -40.12 -34.27
CA GLU D 280 25.02 -39.43 -34.42
C GLU D 280 25.11 -38.22 -35.33
N THR D 281 26.28 -37.55 -35.36
CA THR D 281 26.47 -36.41 -36.26
C THR D 281 27.46 -36.75 -37.36
N ALA D 282 28.44 -37.64 -37.13
CA ALA D 282 29.45 -37.97 -38.12
C ALA D 282 28.93 -38.80 -39.29
N LYS D 283 28.13 -39.85 -39.01
CA LYS D 283 27.67 -40.74 -40.07
C LYS D 283 26.17 -41.01 -40.11
N GLY D 284 25.41 -40.53 -39.13
CA GLY D 284 24.00 -40.84 -39.04
C GLY D 284 23.07 -40.18 -40.04
N ASN D 285 21.80 -40.56 -39.98
CA ASN D 285 20.79 -39.93 -40.82
C ASN D 285 20.11 -38.73 -40.16
N PHE D 286 20.41 -38.46 -38.87
CA PHE D 286 19.75 -37.41 -38.14
C PHE D 286 20.73 -36.50 -37.41
N PRO D 287 21.76 -35.95 -38.09
CA PRO D 287 22.73 -35.11 -37.37
C PRO D 287 22.11 -33.85 -36.75
N VAL D 288 21.26 -33.11 -37.48
CA VAL D 288 20.66 -31.90 -36.98
C VAL D 288 19.66 -32.22 -35.87
N GLU D 289 18.89 -33.31 -36.02
CA GLU D 289 17.92 -33.69 -35.00
C GLU D 289 18.63 -34.16 -33.74
N ALA D 290 19.78 -34.82 -33.86
CA ALA D 290 20.53 -35.28 -32.69
C ALA D 290 21.01 -34.05 -31.88
N VAL D 291 21.44 -32.99 -32.56
CA VAL D 291 21.88 -31.77 -31.91
C VAL D 291 20.66 -31.11 -31.23
N LYS D 292 19.53 -31.05 -31.96
CA LYS D 292 18.31 -30.47 -31.41
C LYS D 292 17.84 -31.24 -30.16
N MET D 293 17.96 -32.57 -30.17
CA MET D 293 17.54 -33.39 -29.03
C MET D 293 18.45 -33.10 -27.81
N GLN D 294 19.78 -33.04 -28.01
CA GLN D 294 20.70 -32.74 -26.91
C GLN D 294 20.43 -31.36 -26.35
N HIS D 295 20.12 -30.39 -27.23
CA HIS D 295 19.78 -29.04 -26.84
C HIS D 295 18.53 -29.04 -25.95
N ALA D 296 17.45 -29.73 -26.39
CA ALA D 296 16.21 -29.78 -25.65
C ALA D 296 16.37 -30.45 -24.29
N ILE D 297 17.10 -31.58 -24.22
CA ILE D 297 17.30 -32.27 -22.95
C ILE D 297 18.14 -31.45 -22.00
N ALA D 298 19.28 -30.89 -22.47
CA ALA D 298 20.16 -30.09 -21.64
C ALA D 298 19.45 -28.92 -20.99
N ARG D 299 18.62 -28.20 -21.74
CA ARG D 299 17.84 -27.09 -21.20
C ARG D 299 16.92 -27.53 -20.04
N GLU D 300 16.21 -28.66 -20.22
CA GLU D 300 15.32 -29.17 -19.18
C GLU D 300 16.11 -29.57 -17.96
N ALA D 301 17.26 -30.24 -18.17
CA ALA D 301 18.10 -30.74 -17.07
C ALA D 301 18.76 -29.64 -16.30
N GLU D 302 19.17 -28.56 -16.97
CA GLU D 302 19.79 -27.43 -16.30
C GLU D 302 18.83 -26.73 -15.32
N ALA D 303 17.55 -26.58 -15.70
CA ALA D 303 16.57 -26.00 -14.80
C ALA D 303 16.32 -26.90 -13.58
N ALA D 304 16.47 -28.23 -13.75
CA ALA D 304 16.30 -29.21 -12.68
C ALA D 304 17.50 -29.33 -11.75
N VAL D 305 18.60 -28.58 -12.00
CA VAL D 305 19.77 -28.63 -11.11
C VAL D 305 19.38 -27.98 -9.77
N TYR D 306 19.74 -28.62 -8.65
CA TYR D 306 19.45 -28.11 -7.31
C TYR D 306 20.58 -27.14 -6.89
N HIS D 307 20.54 -25.90 -7.42
CA HIS D 307 21.59 -24.89 -7.17
C HIS D 307 21.87 -24.60 -5.71
N ARG D 308 20.87 -24.68 -4.84
CA ARG D 308 21.04 -24.41 -3.41
C ARG D 308 22.15 -25.28 -2.81
N GLN D 309 22.11 -26.59 -3.07
CA GLN D 309 23.12 -27.48 -2.55
C GLN D 309 24.42 -27.36 -3.36
N LEU D 310 24.29 -27.28 -4.69
CA LEU D 310 25.45 -27.18 -5.57
C LEU D 310 26.35 -25.97 -5.28
N PHE D 311 25.79 -24.76 -5.21
CA PHE D 311 26.56 -23.54 -4.95
C PHE D 311 27.17 -23.61 -3.58
N GLU D 312 26.41 -24.08 -2.57
CA GLU D 312 26.93 -24.20 -1.22
C GLU D 312 28.12 -25.14 -1.16
N GLU D 313 28.03 -26.30 -1.83
CA GLU D 313 29.10 -27.29 -1.82
C GLU D 313 30.31 -26.84 -2.61
N LEU D 314 30.10 -26.11 -3.73
CA LEU D 314 31.22 -25.61 -4.53
C LEU D 314 31.96 -24.54 -3.72
N ARG D 315 31.20 -23.68 -3.04
CA ARG D 315 31.71 -22.63 -2.20
C ARG D 315 32.52 -23.19 -1.03
N ARG D 316 31.96 -24.18 -0.32
CA ARG D 316 32.60 -24.80 0.84
C ARG D 316 33.88 -25.51 0.43
N ALA D 317 33.85 -26.24 -0.69
CA ALA D 317 35.02 -27.01 -1.13
C ALA D 317 36.11 -26.17 -1.73
N ALA D 318 35.78 -25.01 -2.31
CA ALA D 318 36.80 -24.18 -2.94
C ALA D 318 37.70 -23.56 -1.88
N PRO D 319 39.02 -23.65 -2.08
CA PRO D 319 39.95 -23.09 -1.08
C PRO D 319 39.99 -21.56 -1.13
N LEU D 320 40.55 -20.94 -0.07
CA LEU D 320 40.72 -19.50 -0.03
C LEU D 320 41.65 -19.07 -1.16
N SER D 321 41.47 -17.85 -1.66
CA SER D 321 42.29 -17.36 -2.76
C SER D 321 42.68 -15.94 -2.58
N ARG D 322 43.90 -15.58 -2.98
CA ARG D 322 44.36 -14.20 -2.98
C ARG D 322 44.43 -13.61 -4.41
N ASP D 323 43.91 -14.33 -5.40
CA ASP D 323 43.86 -13.88 -6.78
C ASP D 323 42.58 -13.05 -6.94
N PRO D 324 42.72 -11.79 -7.35
CA PRO D 324 41.55 -10.92 -7.48
C PRO D 324 40.47 -11.38 -8.46
N THR D 325 40.85 -12.11 -9.51
CA THR D 325 39.88 -12.61 -10.49
C THR D 325 38.99 -13.65 -9.80
N GLU D 326 39.61 -14.56 -9.04
CA GLU D 326 38.93 -15.62 -8.32
C GLU D 326 37.99 -15.01 -7.22
N VAL D 327 38.49 -13.99 -6.51
CA VAL D 327 37.73 -13.30 -5.48
C VAL D 327 36.54 -12.51 -6.07
N THR D 328 36.74 -11.83 -7.21
CA THR D 328 35.68 -11.09 -7.86
C THR D 328 34.62 -12.04 -8.39
N ALA D 329 35.03 -13.20 -8.94
CA ALA D 329 34.12 -14.21 -9.48
C ALA D 329 33.13 -14.73 -8.43
N ILE D 330 33.60 -15.10 -7.23
CA ILE D 330 32.70 -15.61 -6.20
C ILE D 330 31.77 -14.49 -5.70
N GLY D 331 32.28 -13.27 -5.57
CA GLY D 331 31.46 -12.13 -5.20
C GLY D 331 30.36 -11.88 -6.23
N ALA D 332 30.70 -11.94 -7.53
CA ALA D 332 29.75 -11.74 -8.62
C ALA D 332 28.70 -12.84 -8.66
N VAL D 333 29.08 -14.11 -8.43
CA VAL D 333 28.12 -15.20 -8.46
C VAL D 333 27.16 -15.08 -7.27
N GLU D 334 27.67 -14.71 -6.10
CA GLU D 334 26.85 -14.50 -4.91
CA GLU D 334 26.85 -14.50 -4.91
C GLU D 334 25.86 -13.35 -5.15
N ALA D 335 26.33 -12.25 -5.75
CA ALA D 335 25.51 -11.10 -6.08
C ALA D 335 24.43 -11.50 -7.12
N ALA D 336 24.77 -12.32 -8.12
CA ALA D 336 23.82 -12.75 -9.14
C ALA D 336 22.67 -13.56 -8.53
N PHE D 337 22.98 -14.46 -7.60
CA PHE D 337 21.96 -15.25 -6.94
C PHE D 337 21.06 -14.36 -6.06
N LYS D 338 21.63 -13.36 -5.40
CA LYS D 338 20.90 -12.45 -4.51
C LYS D 338 19.78 -11.68 -5.20
N CYS D 339 20.00 -11.27 -6.45
CA CYS D 339 19.00 -10.50 -7.17
C CYS D 339 18.33 -11.26 -8.31
N CYS D 340 18.61 -12.56 -8.52
CA CYS D 340 18.10 -13.30 -9.68
C CYS D 340 18.50 -12.60 -10.97
N ALA D 341 19.80 -12.23 -11.06
CA ALA D 341 20.35 -11.53 -12.24
C ALA D 341 20.13 -12.38 -13.48
N ALA D 342 19.71 -11.78 -14.58
CA ALA D 342 19.51 -12.48 -15.84
C ALA D 342 20.85 -12.91 -16.42
N ALA D 343 21.92 -12.13 -16.19
CA ALA D 343 23.23 -12.44 -16.73
C ALA D 343 24.37 -11.82 -15.93
N ILE D 344 25.57 -12.38 -16.09
CA ILE D 344 26.82 -11.82 -15.60
C ILE D 344 27.59 -11.50 -16.88
N ILE D 345 27.81 -10.21 -17.19
CA ILE D 345 28.55 -9.83 -18.39
C ILE D 345 30.00 -9.64 -18.00
N VAL D 346 30.92 -10.37 -18.63
CA VAL D 346 32.32 -10.30 -18.26
C VAL D 346 33.19 -9.98 -19.48
N LEU D 347 34.21 -9.14 -19.29
CA LEU D 347 35.15 -8.82 -20.34
C LEU D 347 36.32 -9.76 -20.11
N THR D 348 36.75 -10.47 -21.16
CA THR D 348 37.83 -11.43 -20.98
C THR D 348 38.73 -11.47 -22.19
N THR D 349 40.05 -11.63 -21.99
CA THR D 349 40.99 -11.72 -23.11
C THR D 349 41.29 -13.20 -23.38
N THR D 350 41.58 -13.97 -22.35
CA THR D 350 41.91 -15.38 -22.50
C THR D 350 40.73 -16.32 -22.24
N GLY D 351 39.64 -15.81 -21.67
CA GLY D 351 38.49 -16.63 -21.25
C GLY D 351 38.54 -17.00 -19.77
N ARG D 352 39.69 -16.77 -19.10
CA ARG D 352 39.87 -17.14 -17.71
C ARG D 352 38.87 -16.51 -16.74
N SER D 353 38.54 -15.21 -16.88
CA SER D 353 37.59 -14.58 -15.97
C SER D 353 36.20 -15.22 -16.11
N ALA D 354 35.82 -15.66 -17.32
CA ALA D 354 34.55 -16.33 -17.56
C ALA D 354 34.60 -17.76 -16.97
N GLN D 355 35.74 -18.43 -17.06
CA GLN D 355 35.90 -19.76 -16.51
C GLN D 355 35.76 -19.72 -14.98
N LEU D 356 36.35 -18.70 -14.33
CA LEU D 356 36.26 -18.59 -12.88
C LEU D 356 34.84 -18.28 -12.42
N LEU D 357 34.02 -17.62 -13.25
CA LEU D 357 32.62 -17.39 -12.91
C LEU D 357 31.85 -18.71 -13.05
N SER D 358 32.08 -19.42 -14.17
CA SER D 358 31.46 -20.68 -14.53
C SER D 358 31.66 -21.77 -13.46
N ARG D 359 32.83 -21.79 -12.79
CA ARG D 359 33.10 -22.84 -11.80
C ARG D 359 32.13 -22.80 -10.60
N TYR D 360 31.53 -21.63 -10.32
CA TYR D 360 30.57 -21.54 -9.22
C TYR D 360 29.14 -21.87 -9.67
N ARG D 361 28.96 -22.28 -10.92
CA ARG D 361 27.69 -22.67 -11.50
C ARG D 361 26.55 -21.69 -11.23
N PRO D 362 26.69 -20.42 -11.64
CA PRO D 362 25.57 -19.50 -11.48
C PRO D 362 24.39 -19.93 -12.36
N ARG D 363 23.18 -19.59 -11.92
CA ARG D 363 21.99 -19.78 -12.75
C ARG D 363 22.01 -18.70 -13.85
N ALA D 364 22.54 -17.47 -13.55
CA ALA D 364 22.65 -16.40 -14.51
C ALA D 364 23.60 -16.79 -15.64
N ALA D 365 23.25 -16.47 -16.89
CA ALA D 365 24.12 -16.74 -18.03
C ALA D 365 25.41 -15.92 -17.90
N VAL D 366 26.56 -16.47 -18.26
CA VAL D 366 27.81 -15.71 -18.24
C VAL D 366 28.07 -15.27 -19.66
N ILE D 367 27.81 -14.01 -19.97
CA ILE D 367 28.02 -13.48 -21.30
C ILE D 367 29.43 -12.96 -21.36
N ALA D 368 30.29 -13.62 -22.12
CA ALA D 368 31.71 -13.25 -22.16
C ALA D 368 32.03 -12.47 -23.38
N VAL D 369 32.38 -11.20 -23.21
CA VAL D 369 32.72 -10.36 -24.36
C VAL D 369 34.21 -10.36 -24.51
N THR D 370 34.68 -10.68 -25.72
CA THR D 370 36.10 -10.78 -26.00
C THR D 370 36.45 -10.35 -27.40
N ARG D 371 37.68 -9.85 -27.61
CA ARG D 371 38.18 -9.57 -28.96
C ARG D 371 38.96 -10.76 -29.52
N SER D 372 39.34 -11.73 -28.69
CA SER D 372 40.08 -12.90 -29.13
C SER D 372 39.12 -13.91 -29.72
N ALA D 373 39.19 -14.15 -31.04
CA ALA D 373 38.38 -15.13 -31.71
C ALA D 373 38.67 -16.54 -31.13
N GLN D 374 39.92 -16.84 -30.79
CA GLN D 374 40.26 -18.13 -30.18
C GLN D 374 39.61 -18.32 -28.80
N ALA D 375 39.71 -17.31 -27.91
CA ALA D 375 39.10 -17.37 -26.60
C ALA D 375 37.59 -17.50 -26.74
N ALA D 376 36.99 -16.79 -27.68
CA ALA D 376 35.53 -16.90 -27.90
C ALA D 376 35.13 -18.36 -28.24
N ARG D 377 35.96 -19.05 -29.04
CA ARG D 377 35.69 -20.44 -29.35
C ARG D 377 35.93 -21.36 -28.17
N GLN D 378 37.05 -21.16 -27.47
CA GLN D 378 37.44 -22.03 -26.36
C GLN D 378 36.53 -21.95 -25.13
N VAL D 379 35.89 -20.78 -24.84
CA VAL D 379 35.05 -20.69 -23.65
C VAL D 379 33.79 -21.56 -23.72
N HIS D 380 33.48 -22.13 -24.91
CA HIS D 380 32.38 -23.09 -25.03
C HIS D 380 32.66 -24.33 -24.14
N LEU D 381 33.93 -24.58 -23.74
CA LEU D 381 34.25 -25.69 -22.86
C LEU D 381 33.66 -25.50 -21.46
N CYS D 382 33.37 -24.25 -21.04
CA CYS D 382 32.88 -23.93 -19.71
C CYS D 382 31.38 -23.76 -19.66
N ARG D 383 30.70 -24.54 -18.82
CA ARG D 383 29.25 -24.47 -18.73
C ARG D 383 28.72 -23.10 -18.40
N GLY D 384 27.71 -22.67 -19.15
CA GLY D 384 27.06 -21.41 -18.89
C GLY D 384 27.77 -20.20 -19.43
N VAL D 385 28.80 -20.40 -20.26
CA VAL D 385 29.50 -19.27 -20.87
C VAL D 385 29.04 -19.08 -22.32
N PHE D 386 28.53 -17.89 -22.62
CA PHE D 386 28.03 -17.52 -23.93
C PHE D 386 28.98 -16.50 -24.50
N PRO D 387 29.85 -16.92 -25.45
CA PRO D 387 30.84 -15.99 -25.99
C PRO D 387 30.35 -15.01 -27.04
N LEU D 388 30.78 -13.75 -26.92
CA LEU D 388 30.47 -12.74 -27.89
C LEU D 388 31.76 -12.20 -28.44
N LEU D 389 31.95 -12.32 -29.76
CA LEU D 389 33.17 -11.80 -30.39
C LEU D 389 32.98 -10.33 -30.76
N TYR D 390 33.75 -9.45 -30.12
CA TYR D 390 33.69 -8.01 -30.37
C TYR D 390 34.69 -7.67 -31.48
N ARG D 391 34.23 -7.00 -32.54
CA ARG D 391 35.11 -6.71 -33.68
C ARG D 391 35.55 -5.27 -33.84
N GLU D 392 34.96 -4.34 -33.09
CA GLU D 392 35.31 -2.91 -33.23
C GLU D 392 36.72 -2.60 -32.82
N PRO D 393 37.41 -1.70 -33.54
CA PRO D 393 38.77 -1.33 -33.13
C PRO D 393 38.70 -0.54 -31.79
N PRO D 394 39.75 -0.65 -30.98
CA PRO D 394 39.74 0.02 -29.67
C PRO D 394 39.51 1.53 -29.69
N GLU D 395 38.68 2.04 -28.75
CA GLU D 395 38.45 3.46 -28.52
C GLU D 395 39.73 4.05 -27.92
N ALA D 396 39.95 5.36 -28.10
CA ALA D 396 41.14 6.03 -27.57
C ALA D 396 41.09 6.07 -26.05
N ILE D 397 39.89 6.28 -25.46
CA ILE D 397 39.77 6.30 -24.01
C ILE D 397 39.37 4.88 -23.56
N TRP D 398 40.27 4.23 -22.80
CA TRP D 398 40.09 2.85 -22.37
C TRP D 398 38.76 2.60 -21.65
N ALA D 399 38.34 3.49 -20.75
CA ALA D 399 37.07 3.33 -20.05
C ALA D 399 35.89 3.37 -21.03
N ASP D 400 35.99 4.11 -22.15
CA ASP D 400 34.92 4.11 -23.15
C ASP D 400 34.90 2.80 -23.92
N ASP D 401 36.08 2.21 -24.16
CA ASP D 401 36.21 0.95 -24.86
C ASP D 401 35.54 -0.18 -24.04
N VAL D 402 35.75 -0.14 -22.71
CA VAL D 402 35.18 -1.07 -21.76
C VAL D 402 33.66 -0.93 -21.80
N ASP D 403 33.13 0.31 -21.68
CA ASP D 403 31.71 0.61 -21.75
C ASP D 403 31.08 0.16 -23.05
N ARG D 404 31.75 0.37 -24.19
CA ARG D 404 31.22 -0.04 -25.48
C ARG D 404 31.07 -1.56 -25.55
N ARG D 405 32.05 -2.29 -25.00
CA ARG D 405 31.98 -3.74 -24.97
C ARG D 405 30.87 -4.27 -24.11
N VAL D 406 30.62 -3.63 -22.96
CA VAL D 406 29.56 -3.98 -22.03
C VAL D 406 28.22 -3.77 -22.73
N GLN D 407 28.05 -2.64 -23.43
CA GLN D 407 26.82 -2.35 -24.18
C GLN D 407 26.61 -3.33 -25.32
N PHE D 408 27.69 -3.78 -25.97
CA PHE D 408 27.61 -4.82 -26.97
C PHE D 408 27.03 -6.12 -26.36
N GLY D 409 27.46 -6.46 -25.14
CA GLY D 409 26.97 -7.62 -24.41
C GLY D 409 25.49 -7.47 -24.08
N ILE D 410 25.07 -6.26 -23.67
CA ILE D 410 23.67 -5.98 -23.37
C ILE D 410 22.79 -6.06 -24.62
N GLU D 411 23.20 -5.40 -25.72
CA GLU D 411 22.47 -5.42 -26.98
C GLU D 411 22.38 -6.81 -27.56
N SER D 412 23.47 -7.60 -27.51
CA SER D 412 23.42 -8.97 -27.99
C SER D 412 22.49 -9.80 -27.12
N GLY D 413 22.55 -9.59 -25.82
CA GLY D 413 21.73 -10.30 -24.85
C GLY D 413 20.26 -10.03 -25.07
N LYS D 414 19.90 -8.77 -25.40
CA LYS D 414 18.52 -8.40 -25.65
C LYS D 414 18.04 -9.06 -26.94
N LEU D 415 18.84 -8.99 -28.00
CA LEU D 415 18.51 -9.58 -29.28
C LEU D 415 18.30 -11.10 -29.16
N ARG D 416 19.17 -11.78 -28.40
CA ARG D 416 19.10 -13.23 -28.26
C ARG D 416 18.10 -13.73 -27.22
N GLY D 417 17.45 -12.84 -26.47
CA GLY D 417 16.47 -13.25 -25.47
C GLY D 417 16.99 -13.48 -24.07
N PHE D 418 18.28 -13.22 -23.81
CA PHE D 418 18.84 -13.37 -22.46
C PHE D 418 18.35 -12.26 -21.53
N LEU D 419 18.18 -11.04 -22.07
CA LEU D 419 17.88 -9.88 -21.25
C LEU D 419 16.67 -9.12 -21.74
N ARG D 420 16.03 -8.43 -20.81
CA ARG D 420 14.91 -7.53 -21.06
C ARG D 420 15.12 -6.29 -20.21
N VAL D 421 14.48 -5.18 -20.60
CA VAL D 421 14.48 -3.94 -19.82
C VAL D 421 13.91 -4.22 -18.43
N GLY D 422 14.60 -3.75 -17.40
CA GLY D 422 14.18 -4.03 -16.03
C GLY D 422 14.96 -5.13 -15.37
N ASP D 423 15.66 -5.97 -16.15
CA ASP D 423 16.50 -7.03 -15.57
C ASP D 423 17.71 -6.43 -14.83
N LEU D 424 18.24 -7.17 -13.88
CA LEU D 424 19.47 -6.80 -13.22
C LEU D 424 20.56 -7.65 -13.81
N VAL D 425 21.71 -7.07 -14.04
CA VAL D 425 22.85 -7.76 -14.61
C VAL D 425 24.08 -7.44 -13.71
N ILE D 426 25.01 -8.41 -13.53
CA ILE D 426 26.26 -8.21 -12.83
C ILE D 426 27.31 -8.01 -13.91
N VAL D 427 28.10 -6.93 -13.83
CA VAL D 427 29.13 -6.65 -14.84
C VAL D 427 30.55 -6.80 -14.22
N VAL D 428 31.38 -7.69 -14.80
CA VAL D 428 32.69 -8.00 -14.29
C VAL D 428 33.75 -7.47 -15.22
N THR D 429 34.59 -6.56 -14.70
CA THR D 429 35.67 -5.95 -15.50
C THR D 429 36.98 -5.90 -14.64
N GLY D 430 38.01 -5.23 -15.14
CA GLY D 430 39.32 -5.05 -14.50
C GLY D 430 39.72 -3.59 -14.42
N TRP D 431 40.81 -3.32 -13.74
CA TRP D 431 41.26 -1.95 -13.52
C TRP D 431 42.24 -1.41 -14.57
N ARG D 432 42.76 -2.30 -15.44
CA ARG D 432 43.68 -1.88 -16.48
C ARG D 432 43.58 -2.85 -17.67
N PRO D 433 44.02 -2.44 -18.87
CA PRO D 433 43.97 -3.37 -20.02
C PRO D 433 44.91 -4.58 -19.85
N GLY D 434 44.72 -5.60 -20.68
CA GLY D 434 45.52 -6.79 -20.62
C GLY D 434 44.92 -7.84 -19.71
N SER D 435 45.27 -9.09 -19.96
CA SER D 435 44.75 -10.22 -19.20
CA SER D 435 44.75 -10.23 -19.19
C SER D 435 45.29 -10.24 -17.77
N GLY D 436 44.49 -10.81 -16.86
CA GLY D 436 44.86 -11.05 -15.48
C GLY D 436 44.51 -9.99 -14.47
N TYR D 437 43.80 -8.94 -14.86
CA TYR D 437 43.49 -7.83 -13.94
C TYR D 437 42.04 -7.64 -13.62
N THR D 438 41.17 -8.65 -13.85
CA THR D 438 39.76 -8.56 -13.45
C THR D 438 39.70 -8.35 -11.90
N ASN D 439 38.97 -7.36 -11.46
CA ASN D 439 38.86 -7.05 -10.03
C ASN D 439 37.56 -6.28 -9.67
N ILE D 440 36.70 -5.95 -10.65
CA ILE D 440 35.51 -5.16 -10.39
C ILE D 440 34.21 -5.93 -10.67
N MET D 441 33.26 -5.80 -9.78
CA MET D 441 31.93 -6.36 -9.92
C MET D 441 30.92 -5.16 -9.78
N ARG D 442 30.00 -4.98 -10.77
CA ARG D 442 29.03 -3.88 -10.63
C ARG D 442 27.55 -4.31 -10.97
N VAL D 443 26.61 -3.89 -10.13
CA VAL D 443 25.19 -4.23 -10.31
C VAL D 443 24.56 -3.22 -11.26
N LEU D 444 24.05 -3.69 -12.40
CA LEU D 444 23.51 -2.83 -13.44
C LEU D 444 22.05 -3.12 -13.76
N SER D 445 21.24 -2.08 -13.97
CA SER D 445 19.83 -2.26 -14.34
C SER D 445 19.73 -2.10 -15.86
N ILE D 446 19.04 -3.04 -16.52
CA ILE D 446 18.90 -2.97 -17.97
C ILE D 446 17.89 -1.92 -18.41
N SER D 447 18.33 -0.96 -19.21
CA SER D 447 17.46 0.10 -19.72
C SER D 447 17.26 -0.04 -21.24
N ALA E 25 -8.88 15.45 -30.05
CA ALA E 25 -10.32 15.55 -29.87
C ALA E 25 -10.81 17.00 -29.83
N PHE E 26 -12.05 17.23 -30.28
CA PHE E 26 -12.69 18.54 -30.26
C PHE E 26 -12.80 19.04 -28.81
N PHE E 27 -13.20 18.14 -27.89
CA PHE E 27 -13.39 18.48 -26.49
C PHE E 27 -12.09 18.56 -25.67
N GLN E 28 -10.93 18.32 -26.29
CA GLN E 28 -9.64 18.50 -25.61
C GLN E 28 -9.02 19.87 -25.98
N GLN E 29 -9.41 20.44 -27.13
CA GLN E 29 -8.96 21.76 -27.61
C GLN E 29 -9.69 22.90 -26.89
N GLN E 30 -9.22 24.16 -27.11
CA GLN E 30 -9.72 25.44 -26.59
C GLN E 30 -10.16 25.42 -25.10
N GLN E 31 -9.37 24.71 -24.27
CA GLN E 31 -9.58 24.57 -22.83
C GLN E 31 -10.99 24.08 -22.46
N LEU E 32 -11.59 23.23 -23.31
CA LEU E 32 -12.93 22.71 -23.05
C LEU E 32 -13.01 21.86 -21.77
N PRO E 33 -12.01 21.02 -21.39
CA PRO E 33 -12.10 20.34 -20.08
C PRO E 33 -12.17 21.34 -18.93
N ALA E 34 -11.38 22.43 -18.99
CA ALA E 34 -11.39 23.47 -17.95
C ALA E 34 -12.70 24.27 -17.96
N ALA E 35 -13.35 24.39 -19.13
CA ALA E 35 -14.61 25.10 -19.28
C ALA E 35 -15.79 24.33 -18.67
N MET E 36 -15.71 22.99 -18.59
CA MET E 36 -16.77 22.17 -18.01
C MET E 36 -16.72 22.07 -16.48
N ALA E 37 -15.67 22.65 -15.83
CA ALA E 37 -15.48 22.57 -14.39
C ALA E 37 -16.60 23.18 -13.56
N ASP E 38 -16.88 22.61 -12.38
CA ASP E 38 -17.95 23.09 -11.52
C ASP E 38 -17.54 24.25 -10.61
N THR E 39 -16.24 24.46 -10.41
CA THR E 39 -15.72 25.59 -9.64
C THR E 39 -14.60 26.28 -10.41
N PHE E 40 -14.34 27.54 -10.07
CA PHE E 40 -13.25 28.31 -10.66
C PHE E 40 -11.89 27.68 -10.34
N LEU E 41 -11.74 27.18 -9.11
CA LEU E 41 -10.53 26.51 -8.68
C LEU E 41 -10.26 25.26 -9.52
N GLU E 42 -11.28 24.43 -9.76
CA GLU E 42 -11.18 23.22 -10.60
CA GLU E 42 -11.13 23.23 -10.59
C GLU E 42 -10.87 23.61 -12.06
N HIS E 43 -11.41 24.76 -12.51
CA HIS E 43 -11.21 25.30 -13.84
C HIS E 43 -9.73 25.62 -14.01
N LEU E 44 -9.11 26.29 -13.02
CA LEU E 44 -7.67 26.62 -13.07
C LEU E 44 -6.85 25.35 -13.12
N CYS E 45 -7.19 24.35 -12.28
CA CYS E 45 -6.49 23.07 -12.21
C CYS E 45 -6.53 22.31 -13.53
N LEU E 46 -7.61 22.50 -14.32
CA LEU E 46 -7.75 21.80 -15.59
C LEU E 46 -7.15 22.55 -16.78
N LEU E 47 -6.54 23.72 -16.58
CA LEU E 47 -5.92 24.47 -17.69
C LEU E 47 -4.76 23.66 -18.23
N ASP E 48 -4.72 23.49 -19.56
CA ASP E 48 -3.73 22.62 -20.20
C ASP E 48 -2.93 23.37 -21.25
N ILE E 49 -1.62 23.42 -21.09
CA ILE E 49 -0.74 24.08 -22.08
C ILE E 49 -0.77 23.38 -23.46
N ASP E 50 -1.17 22.11 -23.50
CA ASP E 50 -1.30 21.36 -24.75
C ASP E 50 -2.70 21.50 -25.41
N SER E 51 -3.63 22.19 -24.77
CA SER E 51 -4.97 22.40 -25.32
C SER E 51 -4.89 23.63 -26.22
N GLU E 52 -4.79 23.41 -27.54
CA GLU E 52 -4.62 24.52 -28.49
C GLU E 52 -5.87 25.35 -28.77
N PRO E 53 -5.70 26.68 -28.88
CA PRO E 53 -6.87 27.53 -29.18
C PRO E 53 -7.35 27.31 -30.61
N VAL E 54 -8.67 27.22 -30.79
CA VAL E 54 -9.24 27.03 -32.13
C VAL E 54 -10.01 28.27 -32.59
N ALA E 55 -10.71 28.93 -31.67
CA ALA E 55 -11.48 30.13 -32.00
C ALA E 55 -10.62 31.31 -32.47
N ALA E 56 -11.22 32.18 -33.27
CA ALA E 56 -10.53 33.37 -33.74
C ALA E 56 -10.31 34.32 -32.56
N ARG E 57 -9.18 35.07 -32.59
CA ARG E 57 -8.83 36.00 -31.52
C ARG E 57 -9.87 37.09 -31.46
N SER E 58 -10.51 37.25 -30.32
CA SER E 58 -11.61 38.16 -30.14
C SER E 58 -11.27 39.52 -29.47
N THR E 59 -10.15 39.65 -28.75
CA THR E 59 -9.79 40.92 -28.12
C THR E 59 -9.03 41.72 -29.16
N SER E 60 -9.54 42.92 -29.52
CA SER E 60 -8.87 43.75 -30.54
C SER E 60 -7.55 44.31 -30.09
N ILE E 61 -6.66 44.50 -31.06
CA ILE E 61 -5.35 45.09 -30.79
C ILE E 61 -5.33 46.51 -31.35
N ILE E 62 -5.00 47.47 -30.51
CA ILE E 62 -4.84 48.85 -30.92
C ILE E 62 -3.34 49.11 -31.02
N ALA E 63 -2.85 49.57 -32.19
CA ALA E 63 -1.43 49.84 -32.35
C ALA E 63 -1.21 51.31 -32.59
N THR E 64 -0.29 51.92 -31.85
CA THR E 64 0.02 53.33 -32.01
C THR E 64 0.93 53.50 -33.22
N ILE E 65 0.50 54.33 -34.18
CA ILE E 65 1.27 54.56 -35.39
C ILE E 65 2.26 55.71 -35.22
N GLY E 66 3.52 55.43 -35.48
CA GLY E 66 4.60 56.40 -35.39
C GLY E 66 5.70 56.11 -36.38
N PRO E 67 6.90 56.66 -36.15
CA PRO E 67 8.01 56.44 -37.10
C PRO E 67 8.35 54.98 -37.41
N ALA E 68 8.21 54.07 -36.41
CA ALA E 68 8.51 52.65 -36.59
C ALA E 68 7.45 51.87 -37.35
N SER E 69 6.25 52.44 -37.50
CA SER E 69 5.13 51.72 -38.09
C SER E 69 4.35 52.56 -39.11
N ARG E 70 5.00 53.54 -39.72
CA ARG E 70 4.35 54.46 -40.64
C ARG E 70 4.26 54.00 -42.09
N SER E 71 5.27 53.28 -42.59
CA SER E 71 5.30 52.89 -44.00
C SER E 71 4.16 51.96 -44.37
N VAL E 72 3.66 52.09 -45.61
CA VAL E 72 2.58 51.28 -46.14
C VAL E 72 2.91 49.79 -46.08
N GLU E 73 4.15 49.42 -46.38
CA GLU E 73 4.58 48.02 -46.34
C GLU E 73 4.59 47.47 -44.91
N ARG E 74 5.04 48.28 -43.93
CA ARG E 74 5.08 47.90 -42.53
C ARG E 74 3.64 47.80 -42.00
N LEU E 75 2.76 48.70 -42.40
CA LEU E 75 1.35 48.68 -42.02
C LEU E 75 0.61 47.45 -42.56
N LYS E 76 0.97 46.97 -43.75
CA LYS E 76 0.36 45.75 -44.30
C LYS E 76 0.75 44.55 -43.44
N GLU E 77 2.02 44.52 -42.97
CA GLU E 77 2.50 43.45 -42.09
C GLU E 77 1.79 43.51 -40.75
N MET E 78 1.52 44.73 -40.23
CA MET E 78 0.83 44.89 -38.95
CA MET E 78 0.83 44.89 -38.95
C MET E 78 -0.65 44.49 -39.05
N ILE E 79 -1.28 44.74 -40.21
CA ILE E 79 -2.67 44.33 -40.42
C ILE E 79 -2.71 42.80 -40.45
N LYS E 80 -1.76 42.16 -41.13
CA LYS E 80 -1.67 40.70 -41.20
C LYS E 80 -1.37 40.09 -39.82
N ALA E 81 -0.56 40.77 -39.00
CA ALA E 81 -0.21 40.30 -37.67
C ALA E 81 -1.40 40.41 -36.69
N GLY E 82 -2.37 41.27 -36.97
CA GLY E 82 -3.57 41.37 -36.14
C GLY E 82 -4.04 42.74 -35.71
N MET E 83 -3.39 43.83 -36.16
CA MET E 83 -3.82 45.19 -35.77
C MET E 83 -5.26 45.45 -36.24
N ASN E 84 -6.13 45.89 -35.33
CA ASN E 84 -7.52 46.17 -35.67
C ASN E 84 -7.84 47.65 -35.66
N ILE E 85 -7.14 48.42 -34.82
CA ILE E 85 -7.34 49.84 -34.65
C ILE E 85 -5.98 50.53 -34.69
N ALA E 86 -5.84 51.58 -35.51
CA ALA E 86 -4.61 52.35 -35.60
C ALA E 86 -4.79 53.59 -34.76
N ARG E 87 -3.90 53.81 -33.80
CA ARG E 87 -4.00 54.98 -32.92
C ARG E 87 -3.02 56.08 -33.32
N LEU E 88 -3.52 57.32 -33.40
CA LEU E 88 -2.67 58.46 -33.71
C LEU E 88 -2.61 59.39 -32.52
N ASN E 89 -1.44 59.45 -31.90
CA ASN E 89 -1.26 60.22 -30.68
C ASN E 89 -1.00 61.69 -30.99
N PHE E 90 -2.00 62.55 -30.74
CA PHE E 90 -1.86 63.98 -31.01
C PHE E 90 -1.07 64.74 -29.93
N SER E 91 -0.44 64.01 -29.00
CA SER E 91 0.50 64.61 -28.04
C SER E 91 1.88 64.82 -28.72
N HIS E 92 2.12 64.12 -29.84
CA HIS E 92 3.34 64.15 -30.63
C HIS E 92 2.99 64.41 -32.11
N GLY E 93 4.00 64.63 -32.94
CA GLY E 93 3.79 64.88 -34.36
C GLY E 93 3.08 66.17 -34.65
N SER E 94 2.41 66.20 -35.79
CA SER E 94 1.69 67.38 -36.25
C SER E 94 0.49 66.94 -37.11
N HIS E 95 -0.37 67.90 -37.53
CA HIS E 95 -1.51 67.58 -38.37
C HIS E 95 -1.05 66.98 -39.70
N GLU E 96 0.00 67.54 -40.31
CA GLU E 96 0.53 67.05 -41.57
C GLU E 96 1.12 65.64 -41.41
N TYR E 97 1.84 65.41 -40.32
CA TYR E 97 2.45 64.12 -40.02
C TYR E 97 1.38 63.04 -39.83
N HIS E 98 0.37 63.33 -39.00
CA HIS E 98 -0.71 62.38 -38.73
C HIS E 98 -1.59 62.13 -39.93
N ALA E 99 -1.81 63.16 -40.78
CA ALA E 99 -2.59 62.95 -42.00
C ALA E 99 -1.89 61.96 -42.93
N GLU E 100 -0.55 62.04 -43.01
CA GLU E 100 0.22 61.14 -43.85
C GLU E 100 0.16 59.73 -43.30
N SER E 101 0.23 59.56 -41.96
CA SER E 101 0.13 58.25 -41.33
C SER E 101 -1.27 57.64 -41.61
N ILE E 102 -2.34 58.46 -41.46
CA ILE E 102 -3.72 58.03 -41.73
C ILE E 102 -3.86 57.57 -43.18
N ALA E 103 -3.31 58.33 -44.14
CA ALA E 103 -3.37 57.97 -45.56
C ALA E 103 -2.64 56.66 -45.83
N ASN E 104 -1.50 56.44 -45.13
CA ASN E 104 -0.74 55.21 -45.27
C ASN E 104 -1.49 54.02 -44.68
N VAL E 105 -2.21 54.22 -43.56
CA VAL E 105 -3.03 53.18 -42.96
C VAL E 105 -4.13 52.79 -43.95
N ARG E 106 -4.86 53.79 -44.47
CA ARG E 106 -5.92 53.55 -45.44
C ARG E 106 -5.42 52.88 -46.73
N GLU E 107 -4.22 53.22 -47.18
CA GLU E 107 -3.65 52.60 -48.37
C GLU E 107 -3.33 51.13 -48.08
N ALA E 108 -2.75 50.83 -46.91
CA ALA E 108 -2.45 49.45 -46.53
C ALA E 108 -3.74 48.64 -46.33
N VAL E 109 -4.78 49.25 -45.74
CA VAL E 109 -6.07 48.59 -45.53
C VAL E 109 -6.76 48.29 -46.86
N GLU E 110 -6.80 49.28 -47.77
CA GLU E 110 -7.47 49.08 -49.06
C GLU E 110 -6.70 48.19 -50.03
N SER E 111 -5.43 47.88 -49.76
CA SER E 111 -4.70 46.93 -50.59
C SER E 111 -5.29 45.49 -50.52
N PHE E 112 -6.14 45.22 -49.51
CA PHE E 112 -6.79 43.92 -49.33
C PHE E 112 -8.30 43.95 -49.76
N ALA E 113 -8.83 45.11 -50.22
CA ALA E 113 -10.23 45.28 -50.62
C ALA E 113 -10.67 44.52 -51.87
N GLY E 114 -9.71 44.06 -52.65
CA GLY E 114 -9.96 43.29 -53.86
C GLY E 114 -10.68 41.97 -53.61
N SER E 115 -10.52 41.42 -52.40
CA SER E 115 -11.17 40.18 -52.02
C SER E 115 -12.11 40.51 -50.84
N PRO E 116 -13.39 40.85 -51.13
CA PRO E 116 -14.31 41.24 -50.05
C PRO E 116 -14.61 40.18 -48.99
N LEU E 117 -14.45 38.88 -49.32
CA LEU E 117 -14.67 37.80 -48.37
C LEU E 117 -13.56 37.69 -47.31
N SER E 118 -12.40 38.35 -47.51
CA SER E 118 -11.29 38.32 -46.57
C SER E 118 -10.80 39.72 -46.10
N TYR E 119 -11.38 40.81 -46.65
CA TYR E 119 -11.04 42.19 -46.33
C TYR E 119 -11.17 42.45 -44.82
N ARG E 120 -10.16 43.08 -44.23
CA ARG E 120 -10.20 43.39 -42.81
C ARG E 120 -10.29 44.88 -42.57
N PRO E 121 -11.45 45.36 -42.08
CA PRO E 121 -11.56 46.79 -41.76
C PRO E 121 -10.63 47.18 -40.59
N VAL E 122 -10.05 48.38 -40.61
CA VAL E 122 -9.18 48.84 -39.54
C VAL E 122 -9.69 50.21 -39.10
N ALA E 123 -10.02 50.38 -37.82
CA ALA E 123 -10.50 51.66 -37.33
C ALA E 123 -9.34 52.65 -37.18
N ILE E 124 -9.65 53.95 -37.22
CA ILE E 124 -8.65 54.99 -37.02
C ILE E 124 -9.06 55.79 -35.80
N ALA E 125 -8.20 55.82 -34.79
CA ALA E 125 -8.50 56.49 -33.54
C ALA E 125 -7.57 57.66 -33.29
N LEU E 126 -8.13 58.78 -32.85
CA LEU E 126 -7.37 59.98 -32.56
C LEU E 126 -7.24 60.11 -31.06
N ASP E 127 -6.03 60.12 -30.54
CA ASP E 127 -5.81 60.27 -29.10
C ASP E 127 -5.43 61.74 -28.84
N THR E 128 -6.27 62.49 -28.11
CA THR E 128 -6.01 63.90 -27.86
C THR E 128 -4.85 64.19 -26.92
N LYS E 129 -4.26 65.40 -27.02
CA LYS E 129 -3.18 65.84 -26.14
C LYS E 129 -3.67 65.99 -24.70
N GLY E 130 -4.89 66.50 -24.53
CA GLY E 130 -5.48 66.66 -23.22
C GLY E 130 -5.51 68.09 -22.73
N PRO E 131 -6.13 68.31 -21.56
CA PRO E 131 -6.21 69.68 -21.02
C PRO E 131 -4.92 70.18 -20.38
N GLY E 136 -10.97 73.29 -18.68
CA GLY E 136 -11.79 72.78 -19.76
C GLY E 136 -11.00 72.24 -20.94
N LEU E 137 -11.67 72.14 -22.10
CA LEU E 137 -11.06 71.64 -23.34
C LEU E 137 -10.04 72.65 -23.85
N SER E 138 -8.81 72.20 -24.12
CA SER E 138 -7.76 73.08 -24.60
C SER E 138 -7.98 73.54 -26.05
N GLU E 139 -7.30 74.62 -26.47
CA GLU E 139 -7.43 75.14 -27.82
C GLU E 139 -6.83 74.18 -28.85
N GLN E 140 -5.74 73.48 -28.49
CA GLN E 140 -5.12 72.51 -29.39
C GLN E 140 -6.07 71.31 -29.58
N ASP E 141 -6.76 70.89 -28.50
CA ASP E 141 -7.73 69.80 -28.59
C ASP E 141 -8.86 70.15 -29.53
N VAL E 142 -9.38 71.39 -29.47
CA VAL E 142 -10.44 71.81 -30.39
C VAL E 142 -9.98 71.72 -31.86
N ARG E 143 -8.74 72.14 -32.14
CA ARG E 143 -8.21 72.06 -33.50
C ARG E 143 -7.96 70.62 -33.96
N ASP E 144 -7.46 69.76 -33.05
CA ASP E 144 -7.18 68.35 -33.33
C ASP E 144 -8.48 67.58 -33.53
N LEU E 145 -9.49 67.86 -32.71
CA LEU E 145 -10.79 67.22 -32.84
C LEU E 145 -11.43 67.57 -34.17
N ARG E 146 -11.29 68.83 -34.60
CA ARG E 146 -11.78 69.27 -35.90
C ARG E 146 -11.05 68.54 -37.03
N PHE E 147 -9.73 68.33 -36.86
CA PHE E 147 -8.91 67.60 -37.81
C PHE E 147 -9.45 66.17 -37.96
N GLY E 148 -9.78 65.54 -36.84
CA GLY E 148 -10.31 64.19 -36.82
C GLY E 148 -11.61 64.05 -37.60
N VAL E 149 -12.52 65.01 -37.43
CA VAL E 149 -13.78 65.03 -38.16
C VAL E 149 -13.51 65.18 -39.66
N GLU E 150 -12.61 66.11 -40.02
CA GLU E 150 -12.25 66.35 -41.41
C GLU E 150 -11.59 65.15 -42.06
N HIS E 151 -10.83 64.37 -41.28
CA HIS E 151 -10.17 63.19 -41.82
C HIS E 151 -10.94 61.88 -41.60
N GLY E 152 -12.18 61.97 -41.13
CA GLY E 152 -13.06 60.82 -40.95
C GLY E 152 -12.61 59.77 -39.95
N VAL E 153 -12.08 60.21 -38.79
CA VAL E 153 -11.67 59.24 -37.77
C VAL E 153 -12.90 58.56 -37.19
N ASP E 154 -12.72 57.32 -36.73
CA ASP E 154 -13.82 56.53 -36.19
C ASP E 154 -13.99 56.70 -34.69
N ILE E 155 -12.87 56.89 -33.98
CA ILE E 155 -12.85 56.95 -32.54
C ILE E 155 -11.98 58.09 -32.04
N VAL E 156 -12.35 58.63 -30.88
CA VAL E 156 -11.56 59.62 -30.19
C VAL E 156 -11.20 59.01 -28.81
N PHE E 157 -9.91 58.94 -28.49
CA PHE E 157 -9.48 58.53 -27.17
C PHE E 157 -9.26 59.88 -26.48
N ALA E 158 -10.22 60.32 -25.68
CA ALA E 158 -10.14 61.62 -25.02
C ALA E 158 -9.28 61.58 -23.76
N SER E 159 -8.12 62.26 -23.79
CA SER E 159 -7.20 62.30 -22.66
C SER E 159 -7.73 63.02 -21.43
N PHE E 160 -7.25 62.58 -20.26
CA PHE E 160 -7.55 63.14 -18.95
C PHE E 160 -9.01 63.54 -18.74
N VAL E 161 -9.95 62.61 -18.97
CA VAL E 161 -11.37 62.90 -18.73
C VAL E 161 -11.58 62.81 -17.21
N ARG E 162 -12.09 63.88 -16.59
CA ARG E 162 -12.28 63.92 -15.14
C ARG E 162 -13.73 63.99 -14.69
N LYS E 163 -14.65 64.33 -15.58
CA LYS E 163 -16.07 64.46 -15.26
C LYS E 163 -16.92 64.38 -16.54
N ALA E 164 -18.24 64.21 -16.39
CA ALA E 164 -19.16 64.12 -17.53
C ALA E 164 -19.09 65.34 -18.47
N SER E 165 -18.88 66.56 -17.92
CA SER E 165 -18.80 67.76 -18.75
C SER E 165 -17.60 67.77 -19.70
N ASP E 166 -16.53 67.03 -19.37
CA ASP E 166 -15.36 66.89 -20.25
C ASP E 166 -15.75 66.13 -21.52
N VAL E 167 -16.60 65.10 -21.38
CA VAL E 167 -17.08 64.31 -22.51
C VAL E 167 -17.98 65.17 -23.38
N ALA E 168 -18.86 65.96 -22.75
CA ALA E 168 -19.77 66.84 -23.47
C ALA E 168 -18.99 67.87 -24.28
N ALA E 169 -17.87 68.39 -23.73
CA ALA E 169 -17.02 69.35 -24.43
C ALA E 169 -16.38 68.71 -25.66
N VAL E 170 -15.90 67.46 -25.55
CA VAL E 170 -15.32 66.75 -26.69
C VAL E 170 -16.40 66.51 -27.75
N ARG E 171 -17.60 66.14 -27.33
CA ARG E 171 -18.73 65.89 -28.20
C ARG E 171 -19.10 67.15 -28.97
N ALA E 172 -19.13 68.31 -28.27
CA ALA E 172 -19.45 69.60 -28.86
C ALA E 172 -18.39 70.01 -29.88
N ALA E 173 -17.09 69.83 -29.54
CA ALA E 173 -15.98 70.16 -30.45
C ALA E 173 -15.97 69.30 -31.72
N LEU E 174 -16.60 68.13 -31.69
CA LEU E 174 -16.71 67.28 -32.89
C LEU E 174 -17.78 67.83 -33.87
N GLY E 175 -18.70 68.65 -33.37
CA GLY E 175 -19.74 69.27 -34.18
C GLY E 175 -20.82 68.33 -34.65
N PRO E 176 -21.71 68.84 -35.51
CA PRO E 176 -22.79 67.99 -36.03
C PRO E 176 -22.31 66.91 -37.00
N GLU E 177 -21.19 67.15 -37.70
CA GLU E 177 -20.62 66.20 -38.64
C GLU E 177 -19.90 65.01 -37.98
N GLY E 178 -19.52 65.16 -36.71
CA GLY E 178 -18.83 64.10 -35.99
C GLY E 178 -19.69 63.42 -34.95
N HIS E 179 -21.01 63.37 -35.19
CA HIS E 179 -21.93 62.74 -34.25
C HIS E 179 -21.75 61.21 -34.17
N GLY E 180 -21.27 60.60 -35.25
CA GLY E 180 -21.05 59.16 -35.32
C GLY E 180 -19.74 58.66 -34.73
N ILE E 181 -18.82 59.56 -34.40
CA ILE E 181 -17.52 59.21 -33.83
C ILE E 181 -17.69 58.69 -32.39
N LYS E 182 -17.03 57.59 -32.05
CA LYS E 182 -17.13 57.03 -30.70
C LYS E 182 -16.16 57.75 -29.79
N ILE E 183 -16.61 58.11 -28.59
CA ILE E 183 -15.75 58.78 -27.62
C ILE E 183 -15.40 57.80 -26.53
N ILE E 184 -14.14 57.43 -26.46
CA ILE E 184 -13.61 56.52 -25.44
C ILE E 184 -12.88 57.42 -24.45
N SER E 185 -13.41 57.54 -23.23
CA SER E 185 -12.79 58.40 -22.23
C SER E 185 -11.59 57.74 -21.56
N LYS E 186 -10.44 58.42 -21.57
CA LYS E 186 -9.25 57.89 -20.92
C LYS E 186 -9.27 58.29 -19.44
N ILE E 187 -9.22 57.30 -18.54
CA ILE E 187 -9.20 57.58 -17.11
C ILE E 187 -7.75 57.57 -16.72
N GLU E 188 -7.20 58.74 -16.36
CA GLU E 188 -5.77 58.87 -16.07
C GLU E 188 -5.42 59.47 -14.72
N ASN E 189 -6.41 59.79 -13.89
CA ASN E 189 -6.12 60.39 -12.57
C ASN E 189 -7.13 60.00 -11.49
N HIS E 190 -6.90 60.42 -10.23
CA HIS E 190 -7.80 60.12 -9.12
C HIS E 190 -9.23 60.61 -9.36
N GLU E 191 -9.40 61.82 -9.92
CA GLU E 191 -10.73 62.36 -10.17
C GLU E 191 -11.51 61.54 -11.19
N GLY E 192 -10.86 61.10 -12.25
CA GLY E 192 -11.49 60.25 -13.26
C GLY E 192 -11.97 58.94 -12.67
N VAL E 193 -11.15 58.35 -11.75
CA VAL E 193 -11.52 57.11 -11.08
C VAL E 193 -12.72 57.34 -10.17
N LYS E 194 -12.70 58.43 -9.36
CA LYS E 194 -13.80 58.72 -8.45
C LYS E 194 -15.10 59.09 -9.15
N ARG E 195 -15.02 59.82 -10.26
CA ARG E 195 -16.21 60.18 -11.03
C ARG E 195 -16.47 59.22 -12.20
N PHE E 196 -15.91 58.00 -12.14
CA PHE E 196 -16.03 56.97 -13.18
C PHE E 196 -17.46 56.72 -13.66
N ASP E 197 -18.40 56.50 -12.74
CA ASP E 197 -19.78 56.19 -13.12
C ASP E 197 -20.42 57.25 -13.98
N GLU E 198 -20.22 58.53 -13.64
CA GLU E 198 -20.81 59.62 -14.42
C GLU E 198 -20.13 59.76 -15.79
N ILE E 199 -18.84 59.41 -15.88
CA ILE E 199 -18.08 59.48 -17.11
C ILE E 199 -18.52 58.35 -18.04
N LEU E 200 -18.64 57.12 -17.52
CA LEU E 200 -19.06 55.95 -18.29
C LEU E 200 -20.47 56.15 -18.86
N GLU E 201 -21.35 56.75 -18.08
CA GLU E 201 -22.73 57.00 -18.49
C GLU E 201 -22.83 57.80 -19.79
N VAL E 202 -21.96 58.80 -19.96
CA VAL E 202 -21.99 59.64 -21.17
C VAL E 202 -20.96 59.26 -22.23
N SER E 203 -20.09 58.29 -21.95
CA SER E 203 -19.07 57.88 -22.90
C SER E 203 -19.51 56.65 -23.69
N ASP E 204 -18.89 56.42 -24.84
CA ASP E 204 -19.12 55.20 -25.61
C ASP E 204 -18.31 54.04 -25.04
N GLY E 205 -17.23 54.34 -24.32
CA GLY E 205 -16.34 53.38 -23.70
C GLY E 205 -15.27 54.04 -22.87
N ILE E 206 -14.33 53.23 -22.38
CA ILE E 206 -13.28 53.71 -21.49
C ILE E 206 -11.91 53.15 -21.85
N MET E 207 -10.85 53.90 -21.54
CA MET E 207 -9.50 53.42 -21.68
C MET E 207 -8.85 53.54 -20.30
N VAL E 208 -8.28 52.45 -19.81
CA VAL E 208 -7.54 52.47 -18.55
C VAL E 208 -6.14 52.89 -18.97
N ALA E 209 -5.88 54.21 -18.91
CA ALA E 209 -4.62 54.82 -19.34
C ALA E 209 -3.63 54.72 -18.19
N ARG E 210 -3.00 53.54 -18.06
CA ARG E 210 -2.15 53.21 -16.93
C ARG E 210 -0.87 54.03 -16.75
N GLY E 211 -0.34 54.63 -17.82
CA GLY E 211 0.87 55.46 -17.74
C GLY E 211 0.68 56.64 -16.80
N ASP E 212 -0.25 57.55 -17.10
CA ASP E 212 -0.52 58.68 -16.23
C ASP E 212 -1.20 58.24 -14.95
N LEU E 213 -2.08 57.24 -15.02
CA LEU E 213 -2.77 56.74 -13.82
C LEU E 213 -1.78 56.27 -12.76
N GLY E 214 -0.69 55.62 -13.19
CA GLY E 214 0.37 55.13 -12.33
C GLY E 214 1.24 56.21 -11.71
N ILE E 215 1.15 57.44 -12.20
CA ILE E 215 1.86 58.61 -11.69
C ILE E 215 0.91 59.42 -10.79
N GLU E 216 -0.39 59.49 -11.17
CA GLU E 216 -1.41 60.25 -10.47
C GLU E 216 -1.86 59.60 -9.17
N ILE E 217 -1.93 58.26 -9.17
CA ILE E 217 -2.27 57.48 -7.97
C ILE E 217 -1.10 56.54 -7.66
N PRO E 218 -0.98 55.98 -6.44
CA PRO E 218 0.14 55.05 -6.16
C PRO E 218 0.20 53.91 -7.17
N ALA E 219 1.40 53.62 -7.67
CA ALA E 219 1.60 52.59 -8.69
C ALA E 219 1.00 51.23 -8.29
N GLU E 220 1.06 50.88 -7.01
CA GLU E 220 0.54 49.63 -6.51
C GLU E 220 -0.98 49.55 -6.47
N LYS E 221 -1.69 50.64 -6.80
CA LYS E 221 -3.14 50.68 -6.81
C LYS E 221 -3.75 50.62 -8.20
N VAL E 222 -2.96 50.80 -9.27
CA VAL E 222 -3.45 50.78 -10.64
C VAL E 222 -4.25 49.51 -10.99
N PHE E 223 -3.78 48.32 -10.56
CA PHE E 223 -4.50 47.07 -10.83
C PHE E 223 -5.94 47.07 -10.25
N LEU E 224 -6.14 47.76 -9.11
CA LEU E 224 -7.48 47.84 -8.52
C LEU E 224 -8.38 48.70 -9.41
N ALA E 225 -7.84 49.82 -9.91
CA ALA E 225 -8.58 50.72 -10.81
C ALA E 225 -8.89 50.00 -12.12
N GLN E 226 -7.91 49.26 -12.67
CA GLN E 226 -8.10 48.53 -13.92
C GLN E 226 -9.21 47.48 -13.78
N LYS E 227 -9.12 46.63 -12.76
CA LYS E 227 -10.10 45.57 -12.56
C LYS E 227 -11.50 46.11 -12.28
N MET E 228 -11.59 47.22 -11.51
CA MET E 228 -12.87 47.87 -11.22
C MET E 228 -13.50 48.43 -12.51
N MET E 229 -12.72 49.19 -13.29
CA MET E 229 -13.22 49.80 -14.51
C MET E 229 -13.63 48.79 -15.54
N ILE E 230 -12.82 47.71 -15.70
CA ILE E 230 -13.16 46.66 -16.66
C ILE E 230 -14.46 45.96 -16.24
N GLY E 231 -14.60 45.66 -14.95
CA GLY E 231 -15.80 45.05 -14.42
C GLY E 231 -17.04 45.90 -14.63
N ARG E 232 -16.94 47.20 -14.32
CA ARG E 232 -18.08 48.10 -14.51
C ARG E 232 -18.45 48.29 -15.98
N CYS E 233 -17.45 48.30 -16.89
CA CYS E 233 -17.72 48.41 -18.32
C CYS E 233 -18.37 47.14 -18.83
N ASN E 234 -17.93 45.98 -18.34
CA ASN E 234 -18.52 44.69 -18.72
C ASN E 234 -19.99 44.65 -18.29
N LEU E 235 -20.26 45.17 -17.08
CA LEU E 235 -21.60 45.24 -16.52
C LEU E 235 -22.47 46.20 -17.37
N ALA E 236 -21.90 47.34 -17.78
CA ALA E 236 -22.60 48.32 -18.62
C ALA E 236 -22.74 47.88 -20.09
N GLY E 237 -21.98 46.88 -20.51
CA GLY E 237 -21.98 46.44 -21.89
C GLY E 237 -21.30 47.45 -22.80
N LYS E 238 -20.30 48.18 -22.28
CA LYS E 238 -19.55 49.20 -23.05
C LYS E 238 -18.09 48.81 -23.19
N PRO E 239 -17.47 49.11 -24.34
CA PRO E 239 -16.06 48.72 -24.51
C PRO E 239 -15.06 49.33 -23.54
N VAL E 240 -14.08 48.53 -23.14
CA VAL E 240 -13.01 48.97 -22.26
C VAL E 240 -11.67 48.54 -22.87
N VAL E 241 -10.69 49.46 -22.87
CA VAL E 241 -9.37 49.22 -23.42
C VAL E 241 -8.35 49.19 -22.29
N CYS E 242 -7.45 48.20 -22.29
CA CYS E 242 -6.36 48.19 -21.33
C CYS E 242 -5.13 48.75 -22.07
N ALA E 243 -4.47 49.75 -21.49
CA ALA E 243 -3.37 50.40 -22.20
C ALA E 243 -2.11 50.63 -21.36
N THR E 244 -0.96 50.77 -22.04
CA THR E 244 0.36 51.25 -21.61
C THR E 244 1.25 50.24 -20.89
N GLN E 245 2.45 50.07 -21.45
CA GLN E 245 3.52 49.23 -20.97
C GLN E 245 3.19 47.75 -20.92
N MET E 246 2.22 47.30 -21.73
CA MET E 246 1.84 45.90 -21.76
C MET E 246 2.99 45.01 -22.20
N LEU E 247 3.77 45.43 -23.23
CA LEU E 247 4.93 44.71 -23.75
C LEU E 247 6.14 45.67 -23.86
N GLU E 248 6.27 46.59 -22.90
CA GLU E 248 7.28 47.65 -22.91
C GLU E 248 8.69 47.22 -23.33
N SER E 249 9.24 46.15 -22.72
CA SER E 249 10.59 45.70 -23.05
C SER E 249 10.78 45.38 -24.54
N MET E 250 9.68 45.08 -25.26
CA MET E 250 9.75 44.80 -26.70
C MET E 250 10.11 46.04 -27.55
N ILE E 251 10.22 47.24 -26.93
CA ILE E 251 10.67 48.43 -27.63
C ILE E 251 12.15 48.20 -28.08
N THR E 252 12.96 47.51 -27.25
CA THR E 252 14.34 47.20 -27.57
C THR E 252 14.64 45.71 -27.72
N LYS E 253 13.84 44.82 -27.11
CA LYS E 253 14.11 43.37 -27.14
C LYS E 253 13.11 42.60 -28.00
N PRO E 254 13.56 41.51 -28.67
CA PRO E 254 12.63 40.78 -29.55
C PRO E 254 11.56 39.95 -28.83
N ARG E 255 11.79 39.61 -27.55
CA ARG E 255 10.83 38.82 -26.77
C ARG E 255 10.45 39.60 -25.52
N PRO E 256 9.20 39.46 -25.03
CA PRO E 256 8.81 40.20 -23.82
C PRO E 256 9.25 39.48 -22.53
N THR E 257 9.10 40.17 -21.38
CA THR E 257 9.40 39.57 -20.10
C THR E 257 8.21 38.67 -19.67
N ARG E 258 8.43 37.84 -18.63
CA ARG E 258 7.38 37.00 -18.08
C ARG E 258 6.24 37.83 -17.48
N ALA E 259 6.56 39.01 -16.93
CA ALA E 259 5.54 39.89 -16.36
C ALA E 259 4.66 40.50 -17.47
N GLU E 260 5.24 40.80 -18.62
CA GLU E 260 4.54 41.39 -19.75
C GLU E 260 3.53 40.45 -20.39
N THR E 261 3.91 39.19 -20.65
CA THR E 261 2.94 38.23 -21.21
C THR E 261 1.79 37.98 -20.22
N SER E 262 2.13 37.91 -18.94
CA SER E 262 1.18 37.75 -17.84
C SER E 262 0.21 38.92 -17.82
N ASP E 263 0.72 40.16 -17.97
CA ASP E 263 -0.11 41.36 -17.98
C ASP E 263 -1.14 41.34 -19.13
N VAL E 264 -0.70 40.93 -20.33
CA VAL E 264 -1.59 40.87 -21.48
C VAL E 264 -2.68 39.82 -21.24
N ALA E 265 -2.27 38.63 -20.77
CA ALA E 265 -3.20 37.54 -20.49
C ALA E 265 -4.21 37.94 -19.42
N ASN E 266 -3.74 38.63 -18.36
CA ASN E 266 -4.61 39.04 -17.27
C ASN E 266 -5.55 40.16 -17.68
N ALA E 267 -5.16 41.04 -18.62
CA ALA E 267 -6.08 42.07 -19.11
C ALA E 267 -7.26 41.41 -19.83
N VAL E 268 -7.00 40.35 -20.59
CA VAL E 268 -8.03 39.59 -21.31
C VAL E 268 -8.91 38.84 -20.30
N LEU E 269 -8.28 38.15 -19.33
CA LEU E 269 -9.03 37.44 -18.30
C LEU E 269 -9.86 38.39 -17.45
N ASP E 270 -9.40 39.64 -17.24
CA ASP E 270 -10.15 40.69 -16.50
C ASP E 270 -11.45 41.04 -17.22
N GLY E 271 -11.45 41.00 -18.54
CA GLY E 271 -12.62 41.32 -19.33
C GLY E 271 -12.42 42.46 -20.34
N ALA E 272 -11.16 42.84 -20.62
CA ALA E 272 -10.89 43.93 -21.55
C ALA E 272 -11.36 43.60 -22.97
N ASP E 273 -12.01 44.57 -23.61
CA ASP E 273 -12.42 44.40 -25.01
C ASP E 273 -11.23 44.59 -25.94
N CYS E 274 -10.34 45.53 -25.61
CA CYS E 274 -9.17 45.83 -26.43
C CYS E 274 -7.92 45.89 -25.60
N ILE E 275 -6.79 45.57 -26.22
CA ILE E 275 -5.47 45.72 -25.62
C ILE E 275 -4.68 46.68 -26.54
N MET E 276 -3.77 47.46 -25.97
CA MET E 276 -3.06 48.48 -26.73
C MET E 276 -1.55 48.36 -26.69
N LEU E 277 -0.91 48.86 -27.74
CA LEU E 277 0.53 48.96 -27.88
C LEU E 277 0.83 50.45 -28.11
N SER E 278 1.76 51.04 -27.34
CA SER E 278 2.11 52.44 -27.52
C SER E 278 3.51 52.57 -28.15
N GLY E 279 4.56 52.78 -27.35
CA GLY E 279 5.92 52.85 -27.84
C GLY E 279 6.37 51.60 -28.55
N GLU E 280 5.80 50.43 -28.18
CA GLU E 280 6.14 49.14 -28.80
C GLU E 280 5.93 49.17 -30.32
N THR E 281 4.92 49.94 -30.79
CA THR E 281 4.66 50.05 -32.22
C THR E 281 5.04 51.43 -32.77
N ALA E 282 4.90 52.48 -31.96
CA ALA E 282 5.19 53.83 -32.42
C ALA E 282 6.68 54.10 -32.69
N LYS E 283 7.55 53.66 -31.79
CA LYS E 283 8.97 53.93 -31.91
C LYS E 283 9.90 52.72 -31.74
N GLY E 284 9.33 51.56 -31.44
CA GLY E 284 10.11 50.37 -31.16
C GLY E 284 10.79 49.70 -32.33
N ASN E 285 11.79 48.86 -32.04
CA ASN E 285 12.50 48.12 -33.07
C ASN E 285 11.82 46.82 -33.47
N PHE E 286 10.67 46.45 -32.82
CA PHE E 286 9.93 45.22 -33.13
C PHE E 286 8.38 45.46 -33.19
N PRO E 287 7.85 46.44 -33.99
CA PRO E 287 6.39 46.70 -33.98
C PRO E 287 5.50 45.53 -34.42
N VAL E 288 5.89 44.82 -35.47
CA VAL E 288 5.10 43.69 -35.97
C VAL E 288 5.15 42.53 -34.97
N GLU E 289 6.32 42.29 -34.36
CA GLU E 289 6.50 41.23 -33.37
C GLU E 289 5.67 41.50 -32.10
N ALA E 290 5.50 42.78 -31.73
CA ALA E 290 4.70 43.16 -30.59
C ALA E 290 3.21 42.84 -30.85
N VAL E 291 2.74 43.12 -32.07
CA VAL E 291 1.36 42.82 -32.45
C VAL E 291 1.17 41.30 -32.46
N LYS E 292 2.15 40.57 -33.02
CA LYS E 292 2.07 39.10 -33.08
C LYS E 292 2.00 38.49 -31.68
N MET E 293 2.75 39.06 -30.73
CA MET E 293 2.80 38.59 -29.36
C MET E 293 1.45 38.82 -28.68
N GLN E 294 0.86 40.02 -28.87
CA GLN E 294 -0.46 40.31 -28.28
C GLN E 294 -1.51 39.38 -28.85
N HIS E 295 -1.43 39.08 -30.15
CA HIS E 295 -2.37 38.19 -30.80
C HIS E 295 -2.27 36.78 -30.22
N ALA E 296 -1.03 36.27 -30.08
CA ALA E 296 -0.79 34.93 -29.55
C ALA E 296 -1.28 34.79 -28.09
N ILE E 297 -0.98 35.79 -27.24
CA ILE E 297 -1.42 35.76 -25.84
C ILE E 297 -2.93 35.87 -25.72
N ALA E 298 -3.55 36.83 -26.43
CA ALA E 298 -5.00 37.01 -26.35
C ALA E 298 -5.78 35.75 -26.72
N ARG E 299 -5.35 35.04 -27.77
CA ARG E 299 -6.00 33.80 -28.17
C ARG E 299 -5.95 32.76 -27.06
N GLU E 300 -4.77 32.60 -26.42
CA GLU E 300 -4.60 31.64 -25.34
C GLU E 300 -5.47 32.02 -24.13
N ALA E 301 -5.49 33.33 -23.78
CA ALA E 301 -6.24 33.82 -22.65
C ALA E 301 -7.75 33.74 -22.85
N GLU E 302 -8.24 33.96 -24.07
CA GLU E 302 -9.66 33.86 -24.36
C GLU E 302 -10.18 32.44 -24.16
N ALA E 303 -9.40 31.42 -24.56
CA ALA E 303 -9.80 30.03 -24.34
C ALA E 303 -9.84 29.68 -22.85
N ALA E 304 -8.97 30.33 -22.04
CA ALA E 304 -8.87 30.14 -20.58
C ALA E 304 -9.95 30.88 -19.79
N VAL E 305 -10.82 31.66 -20.44
CA VAL E 305 -11.90 32.36 -19.74
C VAL E 305 -12.88 31.30 -19.19
N TYR E 306 -13.33 31.45 -17.93
CA TYR E 306 -14.26 30.51 -17.32
C TYR E 306 -15.69 30.95 -17.66
N HIS E 307 -16.15 30.65 -18.87
CA HIS E 307 -17.45 31.09 -19.37
C HIS E 307 -18.65 30.71 -18.50
N ARG E 308 -18.61 29.55 -17.84
CA ARG E 308 -19.71 29.11 -16.98
C ARG E 308 -20.07 30.15 -15.90
N GLN E 309 -19.05 30.66 -15.21
CA GLN E 309 -19.28 31.67 -14.19
C GLN E 309 -19.53 33.04 -14.83
N LEU E 310 -18.75 33.38 -15.87
CA LEU E 310 -18.88 34.66 -16.54
C LEU E 310 -20.28 34.91 -17.13
N PHE E 311 -20.79 33.96 -17.91
CA PHE E 311 -22.11 34.09 -18.53
C PHE E 311 -23.18 34.16 -17.46
N GLU E 312 -23.07 33.32 -16.42
CA GLU E 312 -24.03 33.35 -15.32
C GLU E 312 -24.06 34.69 -14.60
N GLU E 313 -22.89 35.25 -14.32
CA GLU E 313 -22.78 36.53 -13.64
C GLU E 313 -23.25 37.70 -14.52
N LEU E 314 -22.97 37.64 -15.84
CA LEU E 314 -23.41 38.68 -16.77
C LEU E 314 -24.91 38.65 -16.92
N ARG E 315 -25.47 37.45 -17.13
CA ARG E 315 -26.89 37.13 -17.23
C ARG E 315 -27.64 37.66 -15.97
N ARG E 316 -27.07 37.43 -14.77
CA ARG E 316 -27.71 37.79 -13.51
C ARG E 316 -27.67 39.28 -13.27
N ALA E 317 -26.52 39.90 -13.52
CA ALA E 317 -26.37 41.34 -13.30
C ALA E 317 -27.13 42.18 -14.32
N ALA E 318 -27.32 41.66 -15.54
CA ALA E 318 -28.04 42.40 -16.58
C ALA E 318 -29.48 42.55 -16.22
N PRO E 319 -30.01 43.79 -16.33
CA PRO E 319 -31.39 44.02 -15.92
C PRO E 319 -32.41 43.42 -16.86
N LEU E 320 -33.65 43.28 -16.39
CA LEU E 320 -34.75 42.82 -17.23
C LEU E 320 -34.98 43.88 -18.32
N SER E 321 -35.32 43.45 -19.52
CA SER E 321 -35.47 44.37 -20.63
C SER E 321 -36.66 44.07 -21.46
N ARG E 322 -37.33 45.11 -21.94
CA ARG E 322 -38.40 44.96 -22.90
C ARG E 322 -37.99 45.38 -24.32
N ASP E 323 -36.67 45.56 -24.57
CA ASP E 323 -36.14 45.89 -25.87
C ASP E 323 -35.92 44.57 -26.61
N PRO E 324 -36.58 44.37 -27.76
CA PRO E 324 -36.42 43.10 -28.49
C PRO E 324 -35.00 42.77 -28.94
N THR E 325 -34.13 43.76 -29.19
CA THR E 325 -32.75 43.48 -29.58
C THR E 325 -32.01 42.87 -28.39
N GLU E 326 -32.19 43.44 -27.20
CA GLU E 326 -31.59 42.96 -25.96
C GLU E 326 -32.11 41.54 -25.62
N VAL E 327 -33.43 41.29 -25.81
CA VAL E 327 -34.05 40.00 -25.57
C VAL E 327 -33.57 38.93 -26.56
N THR E 328 -33.45 39.29 -27.83
CA THR E 328 -32.98 38.38 -28.87
C THR E 328 -31.51 38.04 -28.63
N ALA E 329 -30.68 39.03 -28.21
CA ALA E 329 -29.26 38.84 -27.95
C ALA E 329 -28.99 37.77 -26.88
N ILE E 330 -29.69 37.84 -25.74
CA ILE E 330 -29.48 36.87 -24.68
C ILE E 330 -29.99 35.47 -25.11
N GLY E 331 -31.09 35.42 -25.85
CA GLY E 331 -31.61 34.17 -26.39
C GLY E 331 -30.63 33.54 -27.35
N ALA E 332 -29.99 34.36 -28.23
CA ALA E 332 -29.02 33.88 -29.19
C ALA E 332 -27.74 33.39 -28.50
N VAL E 333 -27.28 34.09 -27.45
CA VAL E 333 -26.06 33.67 -26.75
C VAL E 333 -26.32 32.37 -25.98
N GLU E 334 -27.52 32.23 -25.39
CA GLU E 334 -27.90 31.00 -24.70
C GLU E 334 -27.96 29.84 -25.69
N ALA E 335 -28.57 30.06 -26.86
CA ALA E 335 -28.67 29.06 -27.91
C ALA E 335 -27.28 28.64 -28.41
N ALA E 336 -26.38 29.62 -28.59
CA ALA E 336 -25.02 29.35 -29.05
C ALA E 336 -24.25 28.45 -28.07
N PHE E 337 -24.38 28.69 -26.76
CA PHE E 337 -23.71 27.85 -25.77
C PHE E 337 -24.30 26.43 -25.74
N LYS E 338 -25.61 26.30 -25.95
CA LYS E 338 -26.30 25.02 -25.91
C LYS E 338 -25.83 24.04 -26.99
N CYS E 339 -25.50 24.55 -28.18
CA CYS E 339 -25.07 23.69 -29.28
C CYS E 339 -23.62 23.83 -29.65
N CYS E 340 -22.82 24.64 -28.91
CA CYS E 340 -21.42 24.91 -29.26
C CYS E 340 -21.34 25.49 -30.66
N ALA E 341 -22.22 26.47 -30.94
CA ALA E 341 -22.29 27.13 -32.25
C ALA E 341 -20.94 27.73 -32.61
N ALA E 342 -20.51 27.55 -33.84
CA ALA E 342 -19.23 28.10 -34.28
C ALA E 342 -19.29 29.64 -34.35
N ALA E 343 -20.48 30.19 -34.67
CA ALA E 343 -20.64 31.63 -34.80
C ALA E 343 -22.09 32.08 -34.61
N ILE E 344 -22.25 33.38 -34.36
CA ILE E 344 -23.52 34.06 -34.32
C ILE E 344 -23.40 35.08 -35.44
N ILE E 345 -24.16 34.92 -36.52
CA ILE E 345 -24.12 35.87 -37.64
C ILE E 345 -25.21 36.89 -37.43
N VAL E 346 -24.84 38.17 -37.32
CA VAL E 346 -25.82 39.22 -37.05
C VAL E 346 -25.77 40.32 -38.12
N LEU E 347 -26.94 40.82 -38.51
CA LEU E 347 -27.03 41.92 -39.45
C LEU E 347 -27.14 43.17 -38.60
N THR E 348 -26.30 44.17 -38.85
CA THR E 348 -26.34 45.40 -38.07
C THR E 348 -26.05 46.64 -38.92
N THR E 349 -26.73 47.74 -38.61
CA THR E 349 -26.51 49.00 -39.33
C THR E 349 -25.53 49.88 -38.57
N THR E 350 -25.77 50.05 -37.25
CA THR E 350 -24.95 50.87 -36.37
C THR E 350 -23.91 50.09 -35.55
N GLY E 351 -24.02 48.76 -35.54
CA GLY E 351 -23.18 47.90 -34.73
C GLY E 351 -23.84 47.50 -33.41
N ARG E 352 -24.99 48.15 -33.05
CA ARG E 352 -25.67 47.91 -31.77
C ARG E 352 -26.09 46.45 -31.53
N SER E 353 -26.66 45.77 -32.52
CA SER E 353 -27.06 44.37 -32.34
C SER E 353 -25.86 43.47 -32.05
N ALA E 354 -24.71 43.77 -32.65
CA ALA E 354 -23.50 43.01 -32.40
C ALA E 354 -22.94 43.33 -31.00
N GLN E 355 -23.04 44.59 -30.58
CA GLN E 355 -22.58 45.01 -29.26
C GLN E 355 -23.41 44.31 -28.16
N LEU E 356 -24.74 44.21 -28.35
CA LEU E 356 -25.61 43.54 -27.39
C LEU E 356 -25.32 42.05 -27.29
N LEU E 357 -24.85 41.42 -28.37
CA LEU E 357 -24.48 40.01 -28.33
C LEU E 357 -23.15 39.88 -27.57
N SER E 358 -22.18 40.73 -27.90
CA SER E 358 -20.85 40.74 -27.33
CA SER E 358 -20.85 40.74 -27.31
C SER E 358 -20.84 40.94 -25.80
N ARG E 359 -21.80 41.70 -25.26
CA ARG E 359 -21.85 41.95 -23.82
C ARG E 359 -22.08 40.67 -23.00
N TYR E 360 -22.68 39.62 -23.61
CA TYR E 360 -22.87 38.35 -22.90
C TYR E 360 -21.67 37.39 -23.05
N ARG E 361 -20.58 37.85 -23.69
CA ARG E 361 -19.33 37.14 -23.89
C ARG E 361 -19.52 35.71 -24.41
N PRO E 362 -20.20 35.53 -25.56
CA PRO E 362 -20.32 34.17 -26.10
C PRO E 362 -18.95 33.61 -26.50
N ARG E 363 -18.82 32.30 -26.45
CA ARG E 363 -17.62 31.64 -26.97
C ARG E 363 -17.69 31.67 -28.52
N ALA E 364 -18.89 31.64 -29.11
CA ALA E 364 -19.10 31.72 -30.54
C ALA E 364 -18.70 33.12 -31.06
N ALA E 365 -18.02 33.17 -32.20
CA ALA E 365 -17.63 34.44 -32.81
C ALA E 365 -18.88 35.20 -33.25
N VAL E 366 -18.91 36.52 -33.09
CA VAL E 366 -20.04 37.30 -33.56
C VAL E 366 -19.66 37.91 -34.89
N ILE E 367 -20.15 37.33 -35.99
CA ILE E 367 -19.85 37.81 -37.32
C ILE E 367 -20.87 38.88 -37.67
N ALA E 368 -20.44 40.14 -37.71
CA ALA E 368 -21.37 41.25 -37.94
C ALA E 368 -21.32 41.70 -39.39
N VAL E 369 -22.41 41.46 -40.13
CA VAL E 369 -22.52 41.88 -41.51
C VAL E 369 -23.16 43.25 -41.59
N THR E 370 -22.42 44.23 -42.09
CA THR E 370 -22.93 45.59 -42.18
C THR E 370 -22.58 46.26 -43.51
N ARG E 371 -23.42 47.21 -43.93
CA ARG E 371 -23.12 48.02 -45.10
C ARG E 371 -22.33 49.29 -44.71
N SER E 372 -22.40 49.70 -43.43
CA SER E 372 -21.72 50.88 -42.95
C SER E 372 -20.24 50.61 -42.74
N ALA E 373 -19.38 51.25 -43.55
CA ALA E 373 -17.92 51.12 -43.42
C ALA E 373 -17.47 51.62 -42.05
N GLN E 374 -18.09 52.69 -41.55
CA GLN E 374 -17.73 53.22 -40.24
C GLN E 374 -18.11 52.24 -39.12
N ALA E 375 -19.35 51.68 -39.13
CA ALA E 375 -19.76 50.70 -38.12
C ALA E 375 -18.85 49.47 -38.17
N ALA E 376 -18.44 49.04 -39.37
CA ALA E 376 -17.53 47.90 -39.50
C ALA E 376 -16.19 48.18 -38.79
N ARG E 377 -15.68 49.41 -38.87
CA ARG E 377 -14.44 49.77 -38.20
C ARG E 377 -14.65 49.91 -36.69
N GLN E 378 -15.75 50.54 -36.28
CA GLN E 378 -16.03 50.80 -34.88
C GLN E 378 -16.37 49.56 -34.04
N VAL E 379 -16.94 48.49 -34.64
CA VAL E 379 -17.28 47.29 -33.87
C VAL E 379 -16.03 46.53 -33.38
N HIS E 380 -14.82 46.91 -33.83
CA HIS E 380 -13.59 46.34 -33.31
C HIS E 380 -13.44 46.68 -31.80
N LEU E 381 -14.14 47.71 -31.30
CA LEU E 381 -14.13 48.07 -29.90
C LEU E 381 -14.80 46.99 -29.04
N CYS E 382 -15.72 46.18 -29.61
CA CYS E 382 -16.47 45.14 -28.88
C CYS E 382 -15.83 43.78 -29.02
N ARG E 383 -15.48 43.14 -27.88
CA ARG E 383 -14.85 41.84 -27.91
C ARG E 383 -15.68 40.77 -28.62
N GLY E 384 -15.01 40.01 -29.46
CA GLY E 384 -15.66 38.91 -30.17
C GLY E 384 -16.47 39.29 -31.38
N VAL E 385 -16.39 40.56 -31.83
CA VAL E 385 -17.12 40.99 -33.01
C VAL E 385 -16.18 41.05 -34.20
N PHE E 386 -16.50 40.28 -35.24
CA PHE E 386 -15.73 40.19 -36.48
C PHE E 386 -16.54 40.87 -37.58
N PRO E 387 -16.14 42.11 -37.94
CA PRO E 387 -16.93 42.86 -38.93
C PRO E 387 -16.71 42.45 -40.38
N LEU E 388 -17.80 42.34 -41.12
CA LEU E 388 -17.76 42.06 -42.54
C LEU E 388 -18.43 43.20 -43.25
N LEU E 389 -17.68 43.89 -44.13
CA LEU E 389 -18.25 45.01 -44.88
C LEU E 389 -18.91 44.48 -46.15
N TYR E 390 -20.23 44.62 -46.24
CA TYR E 390 -21.00 44.16 -47.39
C TYR E 390 -21.11 45.32 -48.38
N ARG E 391 -20.66 45.12 -49.62
CA ARG E 391 -20.63 46.19 -50.60
C ARG E 391 -21.70 46.12 -51.69
N GLU E 392 -22.46 45.01 -51.77
CA GLU E 392 -23.46 44.82 -52.81
C GLU E 392 -24.63 45.78 -52.71
N PRO E 393 -25.14 46.24 -53.86
CA PRO E 393 -26.33 47.11 -53.81
C PRO E 393 -27.56 46.30 -53.37
N PRO E 394 -28.53 46.97 -52.73
CA PRO E 394 -29.70 46.25 -52.22
C PRO E 394 -30.54 45.51 -53.25
N GLU E 395 -31.03 44.32 -52.89
CA GLU E 395 -31.95 43.52 -53.70
C GLU E 395 -33.34 44.20 -53.66
N ALA E 396 -34.18 43.93 -54.68
CA ALA E 396 -35.52 44.51 -54.75
C ALA E 396 -36.41 43.99 -53.63
N ILE E 397 -36.32 42.69 -53.33
CA ILE E 397 -37.07 42.10 -52.24
C ILE E 397 -36.20 42.10 -50.98
N TRP E 398 -36.63 42.86 -49.94
CA TRP E 398 -35.89 42.99 -48.70
C TRP E 398 -35.52 41.66 -48.04
N ALA E 399 -36.44 40.67 -48.02
CA ALA E 399 -36.14 39.36 -47.46
C ALA E 399 -34.98 38.66 -48.19
N ASP E 400 -34.85 38.88 -49.51
CA ASP E 400 -33.74 38.31 -50.29
C ASP E 400 -32.44 39.04 -49.98
N ASP E 401 -32.51 40.35 -49.71
CA ASP E 401 -31.34 41.14 -49.36
C ASP E 401 -30.76 40.66 -48.03
N VAL E 402 -31.65 40.35 -47.06
CA VAL E 402 -31.30 39.82 -45.75
C VAL E 402 -30.61 38.48 -45.94
N ASP E 403 -31.23 37.56 -46.71
CA ASP E 403 -30.67 36.24 -47.01
C ASP E 403 -29.31 36.31 -47.69
N ARG E 404 -29.12 37.27 -48.60
CA ARG E 404 -27.83 37.44 -49.26
C ARG E 404 -26.75 37.85 -48.28
N ARG E 405 -27.10 38.74 -47.34
CA ARG E 405 -26.18 39.21 -46.31
C ARG E 405 -25.80 38.10 -45.31
N VAL E 406 -26.74 37.16 -45.04
CA VAL E 406 -26.50 36.01 -44.15
C VAL E 406 -25.53 35.06 -44.85
N GLN E 407 -25.75 34.80 -46.15
CA GLN E 407 -24.88 33.93 -46.95
C GLN E 407 -23.49 34.52 -47.11
N PHE E 408 -23.38 35.85 -47.19
CA PHE E 408 -22.08 36.51 -47.26
C PHE E 408 -21.28 36.24 -45.96
N GLY E 409 -21.99 36.25 -44.82
CA GLY E 409 -21.45 35.96 -43.50
C GLY E 409 -21.00 34.52 -43.39
N ILE E 410 -21.76 33.60 -43.99
CA ILE E 410 -21.39 32.18 -43.97
C ILE E 410 -20.16 31.91 -44.85
N GLU E 411 -20.18 32.45 -46.07
CA GLU E 411 -19.08 32.27 -47.01
C GLU E 411 -17.79 32.88 -46.50
N SER E 412 -17.85 34.09 -45.91
CA SER E 412 -16.65 34.71 -45.36
C SER E 412 -16.12 33.90 -44.17
N GLY E 413 -17.03 33.40 -43.33
CA GLY E 413 -16.65 32.58 -42.19
C GLY E 413 -15.96 31.31 -42.62
N LYS E 414 -16.49 30.65 -43.68
CA LYS E 414 -15.88 29.43 -44.19
C LYS E 414 -14.50 29.70 -44.73
N LEU E 415 -14.34 30.78 -45.51
CA LEU E 415 -13.06 31.16 -46.08
C LEU E 415 -12.03 31.46 -44.99
N ARG E 416 -12.46 32.17 -43.93
CA ARG E 416 -11.55 32.56 -42.86
C ARG E 416 -11.30 31.50 -41.79
N GLY E 417 -11.98 30.37 -41.87
CA GLY E 417 -11.77 29.29 -40.90
C GLY E 417 -12.66 29.29 -39.68
N PHE E 418 -13.63 30.23 -39.59
CA PHE E 418 -14.58 30.26 -38.48
C PHE E 418 -15.57 29.12 -38.58
N LEU E 419 -16.00 28.76 -39.80
CA LEU E 419 -17.04 27.77 -40.01
C LEU E 419 -16.62 26.64 -40.91
N ARG E 420 -17.22 25.49 -40.69
CA ARG E 420 -17.05 24.29 -41.50
C ARG E 420 -18.44 23.69 -41.75
N VAL E 421 -18.59 22.86 -42.79
CA VAL E 421 -19.85 22.17 -43.08
C VAL E 421 -20.18 21.25 -41.89
N GLY E 422 -21.43 21.28 -41.44
CA GLY E 422 -21.83 20.51 -40.28
C GLY E 422 -21.91 21.34 -39.00
N ASP E 423 -21.29 22.54 -38.99
CA ASP E 423 -21.36 23.43 -37.84
C ASP E 423 -22.76 23.99 -37.67
N LEU E 424 -23.10 24.39 -36.46
CA LEU E 424 -24.37 25.07 -36.22
C LEU E 424 -24.06 26.55 -36.04
N VAL E 425 -24.91 27.42 -36.57
CA VAL E 425 -24.75 28.85 -36.39
C VAL E 425 -26.06 29.44 -35.92
N ILE E 426 -25.97 30.54 -35.19
CA ILE E 426 -27.14 31.26 -34.76
C ILE E 426 -27.20 32.50 -35.65
N VAL E 427 -28.33 32.78 -36.30
CA VAL E 427 -28.46 33.94 -37.17
C VAL E 427 -29.41 34.95 -36.55
N VAL E 428 -28.95 36.19 -36.33
CA VAL E 428 -29.74 37.23 -35.71
C VAL E 428 -30.10 38.34 -36.70
N THR E 429 -31.41 38.54 -36.96
CA THR E 429 -31.90 39.55 -37.91
C THR E 429 -33.14 40.28 -37.29
N GLY E 430 -33.71 41.23 -38.02
CA GLY E 430 -34.89 41.97 -37.61
C GLY E 430 -36.07 41.72 -38.53
N TRP E 431 -37.23 42.30 -38.20
CA TRP E 431 -38.47 42.09 -38.95
C TRP E 431 -38.75 43.13 -40.06
N ARG E 432 -38.03 44.27 -40.03
CA ARG E 432 -38.20 45.35 -40.99
C ARG E 432 -36.86 46.08 -41.18
N PRO E 433 -36.64 46.75 -42.33
CA PRO E 433 -35.35 47.45 -42.52
C PRO E 433 -35.16 48.61 -41.56
N GLY E 434 -33.92 49.06 -41.44
CA GLY E 434 -33.59 50.15 -40.54
C GLY E 434 -33.11 49.63 -39.19
N SER E 435 -32.36 50.45 -38.51
CA SER E 435 -31.79 50.16 -37.21
C SER E 435 -32.87 50.09 -36.12
N GLY E 436 -32.65 49.22 -35.14
CA GLY E 436 -33.49 49.10 -33.97
C GLY E 436 -34.59 48.06 -33.98
N TYR E 437 -34.66 47.23 -35.01
CA TYR E 437 -35.73 46.24 -35.12
C TYR E 437 -35.30 44.78 -35.05
N THR E 438 -34.08 44.48 -34.55
CA THR E 438 -33.63 43.09 -34.39
C THR E 438 -34.58 42.36 -33.42
N ASN E 439 -35.10 41.21 -33.84
CA ASN E 439 -36.04 40.45 -33.01
C ASN E 439 -36.10 38.96 -33.39
N ILE E 440 -35.22 38.49 -34.27
CA ILE E 440 -35.28 37.14 -34.74
C ILE E 440 -33.97 36.38 -34.54
N MET E 441 -34.07 35.13 -34.10
CA MET E 441 -32.93 34.26 -33.95
CA MET E 441 -32.94 34.24 -33.87
C MET E 441 -33.24 32.92 -34.60
N ARG E 442 -32.32 32.45 -35.44
CA ARG E 442 -32.52 31.20 -36.18
C ARG E 442 -31.37 30.27 -35.96
N VAL E 443 -31.65 28.95 -35.81
CA VAL E 443 -30.56 27.97 -35.67
C VAL E 443 -30.40 27.29 -37.03
N LEU E 444 -29.22 27.45 -37.62
CA LEU E 444 -28.94 27.00 -38.98
C LEU E 444 -27.77 26.04 -39.05
N SER E 445 -27.90 24.99 -39.86
CA SER E 445 -26.83 24.01 -40.07
CA SER E 445 -26.83 24.02 -40.07
C SER E 445 -26.03 24.44 -41.29
N ILE E 446 -24.69 24.48 -41.18
CA ILE E 446 -23.84 24.89 -42.28
C ILE E 446 -23.74 23.79 -43.34
N SER E 447 -24.15 24.11 -44.57
CA SER E 447 -24.09 23.16 -45.69
C SER E 447 -23.03 23.59 -46.73
N ALA F 13 -31.40 47.46 -9.42
CA ALA F 13 -30.69 47.83 -10.65
C ALA F 13 -31.05 46.89 -11.80
N ASP F 14 -31.09 45.58 -11.55
CA ASP F 14 -31.47 44.61 -12.59
C ASP F 14 -33.02 44.56 -12.82
N VAL F 15 -33.79 45.32 -12.05
CA VAL F 15 -35.24 45.39 -12.22
C VAL F 15 -35.76 46.84 -12.25
N ALA F 16 -34.88 47.86 -12.00
CA ALA F 16 -35.27 49.27 -11.89
C ALA F 16 -36.01 49.84 -13.11
N GLN F 17 -35.48 49.65 -14.33
CA GLN F 17 -36.15 50.16 -15.53
C GLN F 17 -37.47 49.44 -15.77
N LEU F 18 -37.49 48.11 -15.60
CA LEU F 18 -38.72 47.37 -15.78
C LEU F 18 -39.76 47.66 -14.71
N THR F 19 -39.32 48.08 -13.51
CA THR F 19 -40.18 48.46 -12.40
C THR F 19 -40.83 49.81 -12.73
N GLN F 20 -40.05 50.76 -13.25
CA GLN F 20 -40.58 52.06 -13.64
C GLN F 20 -41.65 51.89 -14.75
N GLU F 21 -41.42 50.95 -15.68
CA GLU F 21 -42.29 50.68 -16.80
C GLU F 21 -43.54 49.89 -16.40
N LEU F 22 -43.35 48.71 -15.80
CA LEU F 22 -44.47 47.85 -15.44
C LEU F 22 -45.16 48.20 -14.13
N GLY F 23 -44.49 48.97 -13.30
CA GLY F 23 -45.01 49.40 -12.01
C GLY F 23 -44.63 48.52 -10.85
N THR F 24 -44.69 49.09 -9.64
CA THR F 24 -44.38 48.33 -8.44
C THR F 24 -45.44 47.28 -8.18
N ALA F 25 -46.72 47.55 -8.51
CA ALA F 25 -47.78 46.57 -8.26
C ALA F 25 -47.54 45.28 -9.02
N PHE F 26 -47.02 45.36 -10.26
CA PHE F 26 -46.72 44.19 -11.07
C PHE F 26 -45.66 43.31 -10.35
N PHE F 27 -44.63 43.96 -9.78
CA PHE F 27 -43.54 43.27 -9.12
C PHE F 27 -43.85 42.80 -7.70
N GLN F 28 -45.07 43.07 -7.18
CA GLN F 28 -45.51 42.56 -5.88
C GLN F 28 -46.34 41.27 -6.09
N GLN F 29 -46.96 41.08 -7.27
CA GLN F 29 -47.76 39.94 -7.63
C GLN F 29 -46.91 38.72 -7.97
N GLN F 30 -47.55 37.54 -8.10
CA GLN F 30 -47.02 36.23 -8.49
C GLN F 30 -45.67 35.86 -7.85
N GLN F 31 -45.50 36.22 -6.56
CA GLN F 31 -44.29 35.97 -5.76
C GLN F 31 -43.03 36.48 -6.42
N LEU F 32 -43.11 37.59 -7.18
CA LEU F 32 -41.94 38.16 -7.83
C LEU F 32 -40.87 38.64 -6.84
N PRO F 33 -41.18 39.21 -5.65
CA PRO F 33 -40.08 39.54 -4.72
C PRO F 33 -39.33 38.27 -4.29
N ALA F 34 -40.05 37.17 -4.07
CA ALA F 34 -39.42 35.90 -3.68
C ALA F 34 -38.61 35.28 -4.86
N ALA F 35 -39.03 35.56 -6.09
CA ALA F 35 -38.37 35.07 -7.30
C ALA F 35 -37.03 35.76 -7.55
N MET F 36 -36.87 37.00 -7.09
CA MET F 36 -35.62 37.75 -7.27
C MET F 36 -34.55 37.41 -6.21
N ALA F 37 -34.88 36.58 -5.20
CA ALA F 37 -33.97 36.26 -4.11
C ALA F 37 -32.67 35.59 -4.55
N ASP F 38 -31.58 35.85 -3.84
CA ASP F 38 -30.28 35.29 -4.18
C ASP F 38 -30.03 33.91 -3.60
N THR F 39 -30.81 33.50 -2.59
CA THR F 39 -30.71 32.17 -2.01
C THR F 39 -32.12 31.58 -1.87
N PHE F 40 -32.21 30.25 -1.80
CA PHE F 40 -33.50 29.57 -1.59
C PHE F 40 -34.10 29.96 -0.23
N LEU F 41 -33.26 30.10 0.79
CA LEU F 41 -33.68 30.50 2.12
C LEU F 41 -34.33 31.89 2.11
N GLU F 42 -33.71 32.85 1.43
CA GLU F 42 -34.27 34.19 1.30
C GLU F 42 -35.55 34.18 0.45
N HIS F 43 -35.65 33.25 -0.52
CA HIS F 43 -36.81 33.07 -1.37
C HIS F 43 -37.98 32.65 -0.49
N LEU F 44 -37.76 31.67 0.43
CA LEU F 44 -38.83 31.23 1.34
C LEU F 44 -39.28 32.38 2.24
N CYS F 45 -38.32 33.16 2.78
CA CYS F 45 -38.59 34.30 3.65
C CYS F 45 -39.40 35.37 2.95
N LEU F 46 -39.27 35.50 1.63
CA LEU F 46 -40.00 36.51 0.87
C LEU F 46 -41.36 36.04 0.36
N LEU F 47 -41.77 34.79 0.62
CA LEU F 47 -43.09 34.33 0.18
C LEU F 47 -44.18 35.15 0.89
N ASP F 48 -45.18 35.61 0.13
CA ASP F 48 -46.18 36.52 0.65
C ASP F 48 -47.59 36.03 0.38
N ILE F 49 -48.40 35.83 1.42
CA ILE F 49 -49.79 35.42 1.24
C ILE F 49 -50.63 36.48 0.49
N ASP F 50 -50.18 37.75 0.50
CA ASP F 50 -50.87 38.84 -0.20
C ASP F 50 -50.41 39.02 -1.65
N SER F 51 -49.42 38.24 -2.09
CA SER F 51 -48.93 38.31 -3.46
C SER F 51 -49.78 37.37 -4.29
N GLU F 52 -50.76 37.92 -5.00
CA GLU F 52 -51.72 37.14 -5.77
C GLU F 52 -51.16 36.52 -7.05
N PRO F 53 -51.51 35.25 -7.32
CA PRO F 53 -51.07 34.63 -8.57
C PRO F 53 -51.76 35.27 -9.77
N VAL F 54 -51.00 35.53 -10.85
CA VAL F 54 -51.58 36.14 -12.05
C VAL F 54 -51.61 35.15 -13.21
N ALA F 55 -50.56 34.32 -13.34
CA ALA F 55 -50.47 33.37 -14.44
C ALA F 55 -51.56 32.29 -14.43
N ALA F 56 -51.88 31.74 -15.61
CA ALA F 56 -52.83 30.64 -15.72
C ALA F 56 -52.19 29.39 -15.08
N ARG F 57 -53.02 28.55 -14.47
CA ARG F 57 -52.59 27.35 -13.79
C ARG F 57 -51.97 26.39 -14.79
N SER F 58 -50.74 26.01 -14.54
CA SER F 58 -49.97 25.21 -15.45
C SER F 58 -49.87 23.69 -15.14
N THR F 59 -50.14 23.25 -13.92
CA THR F 59 -50.08 21.82 -13.56
C THR F 59 -51.43 21.24 -13.89
N SER F 60 -51.47 20.23 -14.77
CA SER F 60 -52.75 19.61 -15.15
C SER F 60 -53.41 18.83 -14.06
N ILE F 61 -54.72 18.79 -14.09
CA ILE F 61 -55.49 18.04 -13.13
C ILE F 61 -56.07 16.82 -13.83
N ILE F 62 -55.79 15.65 -13.29
CA ILE F 62 -56.37 14.41 -13.78
C ILE F 62 -57.49 14.05 -12.83
N ALA F 63 -58.71 13.85 -13.36
CA ALA F 63 -59.83 13.49 -12.50
C ALA F 63 -60.33 12.10 -12.87
N THR F 64 -60.51 11.24 -11.89
CA THR F 64 -61.01 9.90 -12.11
C THR F 64 -62.52 10.00 -12.30
N ILE F 65 -63.01 9.53 -13.46
CA ILE F 65 -64.45 9.60 -13.75
C ILE F 65 -65.14 8.34 -13.25
N GLY F 66 -66.14 8.48 -12.39
CA GLY F 66 -66.92 7.38 -11.84
C GLY F 66 -68.36 7.77 -11.56
N PRO F 67 -69.06 7.06 -10.68
CA PRO F 67 -70.48 7.40 -10.41
C PRO F 67 -70.77 8.85 -10.01
N ALA F 68 -69.85 9.50 -9.29
CA ALA F 68 -70.07 10.88 -8.83
C ALA F 68 -69.79 11.93 -9.91
N SER F 69 -69.13 11.56 -10.99
CA SER F 69 -68.70 12.49 -12.01
C SER F 69 -68.97 12.02 -13.43
N ARG F 70 -69.97 11.17 -13.60
CA ARG F 70 -70.30 10.55 -14.89
C ARG F 70 -71.25 11.33 -15.79
N SER F 71 -72.22 12.06 -15.21
CA SER F 71 -73.20 12.80 -15.98
C SER F 71 -72.57 13.90 -16.80
N VAL F 72 -73.12 14.14 -18.00
CA VAL F 72 -72.66 15.17 -18.93
C VAL F 72 -72.67 16.55 -18.28
N GLU F 73 -73.72 16.85 -17.48
CA GLU F 73 -73.81 18.14 -16.80
C GLU F 73 -72.73 18.31 -15.73
N ARG F 74 -72.43 17.24 -14.99
CA ARG F 74 -71.39 17.24 -13.96
C ARG F 74 -70.00 17.37 -14.63
N LEU F 75 -69.81 16.70 -15.76
CA LEU F 75 -68.57 16.75 -16.51
C LEU F 75 -68.31 18.15 -17.07
N LYS F 76 -69.36 18.89 -17.46
CA LYS F 76 -69.21 20.26 -17.96
C LYS F 76 -68.71 21.16 -16.83
N GLU F 77 -69.24 20.94 -15.60
CA GLU F 77 -68.83 21.68 -14.41
CA GLU F 77 -68.81 21.72 -14.46
C GLU F 77 -67.37 21.36 -14.08
N MET F 78 -66.94 20.10 -14.24
CA MET F 78 -65.56 19.70 -13.96
CA MET F 78 -65.56 19.70 -13.95
C MET F 78 -64.57 20.25 -14.99
N ILE F 79 -65.01 20.35 -16.25
CA ILE F 79 -64.15 20.93 -17.29
C ILE F 79 -63.98 22.43 -16.98
N LYS F 80 -65.06 23.11 -16.56
CA LYS F 80 -65.02 24.53 -16.18
C LYS F 80 -64.17 24.76 -14.92
N ALA F 81 -64.21 23.80 -13.97
CA ALA F 81 -63.40 23.91 -12.75
C ALA F 81 -61.89 23.68 -13.00
N GLY F 82 -61.54 23.03 -14.13
CA GLY F 82 -60.14 22.85 -14.48
C GLY F 82 -59.65 21.44 -14.83
N MET F 83 -60.54 20.44 -14.90
CA MET F 83 -60.12 19.09 -15.28
C MET F 83 -59.50 19.07 -16.69
N ASN F 84 -58.30 18.52 -16.82
CA ASN F 84 -57.62 18.48 -18.13
C ASN F 84 -57.56 17.09 -18.71
N ILE F 85 -57.52 16.05 -17.84
CA ILE F 85 -57.42 14.65 -18.23
C ILE F 85 -58.46 13.86 -17.45
N ALA F 86 -59.27 13.06 -18.14
CA ALA F 86 -60.27 12.21 -17.50
C ALA F 86 -59.66 10.83 -17.38
N ARG F 87 -59.68 10.25 -16.18
CA ARG F 87 -59.10 8.94 -15.96
C ARG F 87 -60.18 7.87 -15.79
N LEU F 88 -60.04 6.75 -16.51
CA LEU F 88 -60.97 5.64 -16.38
C LEU F 88 -60.26 4.46 -15.80
N ASN F 89 -60.61 4.13 -14.56
CA ASN F 89 -59.95 3.06 -13.83
C ASN F 89 -60.52 1.68 -14.21
N PHE F 90 -59.75 0.90 -14.97
CA PHE F 90 -60.21 -0.42 -15.39
C PHE F 90 -60.07 -1.51 -14.31
N SER F 91 -59.77 -1.11 -13.05
CA SER F 91 -59.81 -2.00 -11.90
C SER F 91 -61.27 -2.15 -11.40
N HIS F 92 -62.16 -1.21 -11.79
CA HIS F 92 -63.57 -1.17 -11.43
C HIS F 92 -64.41 -1.03 -12.71
N GLY F 93 -65.75 -1.07 -12.55
CA GLY F 93 -66.67 -0.93 -13.67
C GLY F 93 -66.57 -2.05 -14.69
N SER F 94 -66.92 -1.75 -15.92
CA SER F 94 -66.87 -2.71 -17.04
C SER F 94 -66.59 -1.95 -18.35
N HIS F 95 -66.41 -2.67 -19.47
CA HIS F 95 -66.20 -2.03 -20.77
C HIS F 95 -67.39 -1.15 -21.14
N GLU F 96 -68.61 -1.65 -20.92
CA GLU F 96 -69.84 -0.94 -21.23
C GLU F 96 -69.96 0.33 -20.39
N TYR F 97 -69.65 0.22 -19.09
CA TYR F 97 -69.71 1.33 -18.15
C TYR F 97 -68.70 2.42 -18.52
N HIS F 98 -67.44 2.03 -18.78
CA HIS F 98 -66.39 2.98 -19.15
C HIS F 98 -66.63 3.61 -20.51
N ALA F 99 -67.22 2.87 -21.47
CA ALA F 99 -67.52 3.46 -22.78
C ALA F 99 -68.56 4.55 -22.63
N GLU F 100 -69.55 4.36 -21.76
CA GLU F 100 -70.57 5.36 -21.53
C GLU F 100 -69.97 6.60 -20.85
N SER F 101 -69.05 6.40 -19.89
CA SER F 101 -68.38 7.51 -19.24
C SER F 101 -67.55 8.31 -20.28
N ILE F 102 -66.78 7.62 -21.14
CA ILE F 102 -65.98 8.23 -22.21
C ILE F 102 -66.85 9.05 -23.17
N ALA F 103 -68.01 8.49 -23.57
CA ALA F 103 -68.93 9.18 -24.47
C ALA F 103 -69.48 10.45 -23.80
N ASN F 104 -69.76 10.38 -22.49
CA ASN F 104 -70.23 11.53 -21.72
C ASN F 104 -69.16 12.60 -21.59
N VAL F 105 -67.88 12.20 -21.43
CA VAL F 105 -66.75 13.13 -21.37
C VAL F 105 -66.66 13.85 -22.71
N ARG F 106 -66.65 13.11 -23.82
CA ARG F 106 -66.61 13.69 -25.17
C ARG F 106 -67.80 14.61 -25.47
N GLU F 107 -69.00 14.25 -25.00
CA GLU F 107 -70.18 15.10 -25.20
C GLU F 107 -70.01 16.42 -24.43
N ALA F 108 -69.54 16.36 -23.16
CA ALA F 108 -69.31 17.56 -22.35
C ALA F 108 -68.19 18.42 -22.96
N VAL F 109 -67.13 17.81 -23.49
CA VAL F 109 -66.01 18.49 -24.13
C VAL F 109 -66.46 19.20 -25.39
N GLU F 110 -67.24 18.51 -26.25
CA GLU F 110 -67.66 19.13 -27.50
C GLU F 110 -68.77 20.18 -27.35
N SER F 111 -69.43 20.25 -26.18
CA SER F 111 -70.39 21.31 -25.91
C SER F 111 -69.71 22.72 -25.86
N PHE F 112 -68.37 22.77 -25.79
CA PHE F 112 -67.62 24.04 -25.78
C PHE F 112 -66.87 24.29 -27.08
N ALA F 113 -67.06 23.45 -28.14
CA ALA F 113 -66.35 23.57 -29.43
C ALA F 113 -66.76 24.77 -30.31
N GLY F 114 -67.85 25.44 -29.95
CA GLY F 114 -68.36 26.58 -30.70
C GLY F 114 -67.32 27.68 -30.91
N SER F 115 -66.74 28.16 -29.80
CA SER F 115 -65.69 29.17 -29.88
C SER F 115 -64.39 28.45 -29.65
N PRO F 116 -63.65 28.17 -30.72
CA PRO F 116 -62.36 27.48 -30.54
C PRO F 116 -61.34 28.29 -29.70
N LEU F 117 -61.74 29.48 -29.27
CA LEU F 117 -61.00 30.38 -28.42
C LEU F 117 -61.73 30.40 -27.04
N SER F 118 -62.07 29.21 -26.50
CA SER F 118 -62.73 28.92 -25.20
C SER F 118 -63.31 27.44 -25.09
N TYR F 119 -62.79 26.55 -25.95
CA TYR F 119 -63.02 25.13 -25.99
C TYR F 119 -61.82 24.54 -25.23
N ARG F 120 -62.03 23.52 -24.42
CA ARG F 120 -60.91 22.91 -23.70
C ARG F 120 -60.72 21.44 -24.08
N PRO F 121 -59.62 21.12 -24.78
CA PRO F 121 -59.36 19.70 -25.09
C PRO F 121 -59.13 18.93 -23.80
N VAL F 122 -59.80 17.80 -23.66
CA VAL F 122 -59.63 16.99 -22.46
C VAL F 122 -59.10 15.64 -22.89
N ALA F 123 -57.95 15.22 -22.36
CA ALA F 123 -57.40 13.93 -22.71
C ALA F 123 -58.17 12.80 -22.03
N ILE F 124 -58.18 11.60 -22.62
CA ILE F 124 -58.85 10.45 -22.02
C ILE F 124 -57.80 9.41 -21.71
N ALA F 125 -57.67 9.06 -20.43
CA ALA F 125 -56.64 8.12 -20.00
C ALA F 125 -57.23 6.84 -19.45
N LEU F 126 -56.67 5.70 -19.84
CA LEU F 126 -57.12 4.41 -19.38
C LEU F 126 -56.14 3.90 -18.34
N ASP F 127 -56.60 3.61 -17.14
CA ASP F 127 -55.71 3.09 -16.09
C ASP F 127 -55.95 1.57 -16.01
N THR F 128 -54.94 0.76 -16.31
CA THR F 128 -55.10 -0.70 -16.32
C THR F 128 -55.26 -1.36 -14.94
N LYS F 129 -55.88 -2.55 -14.89
CA LYS F 129 -56.03 -3.29 -13.64
C LYS F 129 -54.66 -3.77 -13.11
N GLY F 130 -53.78 -4.18 -14.01
CA GLY F 130 -52.46 -4.62 -13.64
C GLY F 130 -52.26 -6.12 -13.68
N PRO F 131 -51.03 -6.57 -13.40
CA PRO F 131 -50.75 -8.01 -13.44
C PRO F 131 -51.22 -8.78 -12.22
N GLY F 134 -49.07 -12.53 -10.52
CA GLY F 134 -49.19 -12.64 -11.99
C GLY F 134 -47.92 -12.26 -12.72
N PRO F 135 -47.29 -13.18 -13.49
CA PRO F 135 -46.12 -12.87 -14.30
C PRO F 135 -46.50 -12.62 -15.76
N GLY F 136 -46.13 -11.45 -16.29
CA GLY F 136 -46.52 -11.11 -17.67
C GLY F 136 -47.85 -10.40 -17.73
N LEU F 137 -48.13 -9.72 -18.85
CA LEU F 137 -49.38 -8.94 -18.99
C LEU F 137 -50.58 -9.83 -18.73
N SER F 138 -51.60 -9.28 -18.10
CA SER F 138 -52.81 -10.05 -17.78
C SER F 138 -53.67 -10.21 -19.02
N GLU F 139 -54.51 -11.26 -19.06
CA GLU F 139 -55.45 -11.38 -20.16
C GLU F 139 -56.48 -10.26 -20.14
N GLN F 140 -56.88 -9.80 -18.94
CA GLN F 140 -57.82 -8.69 -18.81
C GLN F 140 -57.17 -7.39 -19.32
N ASP F 141 -55.88 -7.19 -19.04
CA ASP F 141 -55.14 -6.03 -19.52
C ASP F 141 -55.09 -6.01 -21.03
N VAL F 142 -54.86 -7.15 -21.68
CA VAL F 142 -54.83 -7.22 -23.14
C VAL F 142 -56.20 -6.80 -23.73
N ARG F 143 -57.30 -7.27 -23.13
CA ARG F 143 -58.63 -6.89 -23.59
C ARG F 143 -58.95 -5.40 -23.35
N ASP F 144 -58.55 -4.87 -22.18
CA ASP F 144 -58.78 -3.47 -21.82
C ASP F 144 -57.93 -2.54 -22.68
N LEU F 145 -56.68 -2.93 -22.96
CA LEU F 145 -55.81 -2.15 -23.83
C LEU F 145 -56.36 -2.08 -25.23
N ARG F 146 -56.93 -3.20 -25.72
CA ARG F 146 -57.59 -3.25 -27.03
C ARG F 146 -58.80 -2.32 -27.04
N PHE F 147 -59.57 -2.30 -25.93
CA PHE F 147 -60.74 -1.44 -25.76
C PHE F 147 -60.31 0.03 -25.91
N GLY F 148 -59.19 0.39 -25.27
CA GLY F 148 -58.65 1.74 -25.31
C GLY F 148 -58.31 2.20 -26.71
N VAL F 149 -57.67 1.32 -27.49
CA VAL F 149 -57.33 1.62 -28.88
C VAL F 149 -58.61 1.80 -29.69
N GLU F 150 -59.60 0.92 -29.50
CA GLU F 150 -60.87 1.00 -30.23
C GLU F 150 -61.65 2.26 -29.87
N HIS F 151 -61.53 2.73 -28.61
CA HIS F 151 -62.23 3.93 -28.19
C HIS F 151 -61.38 5.22 -28.29
N GLY F 152 -60.20 5.14 -28.89
CA GLY F 152 -59.34 6.28 -29.14
C GLY F 152 -58.80 7.00 -27.93
N VAL F 153 -58.39 6.25 -26.90
CA VAL F 153 -57.83 6.88 -25.71
C VAL F 153 -56.48 7.53 -26.06
N ASP F 154 -56.14 8.58 -25.34
CA ASP F 154 -54.91 9.31 -25.58
C ASP F 154 -53.75 8.78 -24.77
N ILE F 155 -54.03 8.28 -23.55
CA ILE F 155 -53.01 7.88 -22.61
C ILE F 155 -53.36 6.55 -21.94
N VAL F 156 -52.34 5.79 -21.57
CA VAL F 156 -52.50 4.59 -20.77
C VAL F 156 -51.69 4.78 -19.50
N PHE F 157 -52.33 4.63 -18.34
CA PHE F 157 -51.63 4.65 -17.07
C PHE F 157 -51.43 3.15 -16.80
N ALA F 158 -50.23 2.63 -17.10
CA ALA F 158 -49.97 1.19 -16.93
C ALA F 158 -49.65 0.82 -15.48
N SER F 159 -50.53 0.05 -14.84
CA SER F 159 -50.35 -0.37 -13.45
C SER F 159 -49.19 -1.34 -13.22
N PHE F 160 -48.62 -1.27 -12.02
CA PHE F 160 -47.54 -2.11 -11.53
C PHE F 160 -46.43 -2.39 -12.54
N VAL F 161 -45.85 -1.33 -13.12
CA VAL F 161 -44.73 -1.51 -14.05
C VAL F 161 -43.50 -1.77 -13.19
N ARG F 162 -42.82 -2.89 -13.43
CA ARG F 162 -41.63 -3.28 -12.64
C ARG F 162 -40.33 -3.28 -13.42
N LYS F 163 -40.40 -3.29 -14.74
CA LYS F 163 -39.22 -3.34 -15.59
C LYS F 163 -39.56 -2.87 -17.01
N ALA F 164 -38.53 -2.58 -17.83
CA ALA F 164 -38.70 -2.14 -19.21
C ALA F 164 -39.57 -3.10 -20.07
N SER F 165 -39.46 -4.42 -19.84
CA SER F 165 -40.27 -5.38 -20.62
C SER F 165 -41.77 -5.26 -20.37
N ASP F 166 -42.17 -4.73 -19.21
CA ASP F 166 -43.59 -4.52 -18.92
C ASP F 166 -44.15 -3.43 -19.82
N VAL F 167 -43.35 -2.38 -20.09
CA VAL F 167 -43.74 -1.29 -20.97
C VAL F 167 -43.85 -1.82 -22.41
N ALA F 168 -42.88 -2.65 -22.83
CA ALA F 168 -42.88 -3.24 -24.18
C ALA F 168 -44.11 -4.12 -24.39
N ALA F 169 -44.55 -4.85 -23.35
CA ALA F 169 -45.74 -5.69 -23.42
C ALA F 169 -46.99 -4.82 -23.61
N VAL F 170 -47.10 -3.70 -22.88
CA VAL F 170 -48.24 -2.79 -23.02
C VAL F 170 -48.23 -2.18 -24.43
N ARG F 171 -47.05 -1.80 -24.91
CA ARG F 171 -46.87 -1.21 -26.24
CA ARG F 171 -46.89 -1.21 -26.24
C ARG F 171 -47.33 -2.20 -27.32
N ALA F 172 -46.94 -3.49 -27.16
CA ALA F 172 -47.31 -4.55 -28.10
C ALA F 172 -48.81 -4.79 -28.07
N ALA F 173 -49.42 -4.84 -26.89
CA ALA F 173 -50.87 -5.05 -26.78
C ALA F 173 -51.71 -3.91 -27.38
N LEU F 174 -51.12 -2.72 -27.54
CA LEU F 174 -51.80 -1.58 -28.17
C LEU F 174 -51.82 -1.74 -29.72
N GLY F 175 -50.91 -2.54 -30.27
CA GLY F 175 -50.83 -2.83 -31.68
C GLY F 175 -50.36 -1.68 -32.55
N PRO F 176 -50.51 -1.83 -33.89
CA PRO F 176 -50.08 -0.77 -34.80
C PRO F 176 -50.95 0.47 -34.77
N GLU F 177 -52.24 0.31 -34.47
CA GLU F 177 -53.16 1.45 -34.41
C GLU F 177 -53.01 2.31 -33.14
N GLY F 178 -52.36 1.77 -32.11
CA GLY F 178 -52.16 2.50 -30.88
C GLY F 178 -50.74 2.99 -30.69
N HIS F 179 -50.04 3.25 -31.79
CA HIS F 179 -48.65 3.73 -31.72
C HIS F 179 -48.56 5.17 -31.15
N GLY F 180 -49.60 5.97 -31.34
CA GLY F 180 -49.65 7.34 -30.87
C GLY F 180 -50.06 7.54 -29.42
N ILE F 181 -50.58 6.48 -28.77
CA ILE F 181 -50.99 6.53 -27.38
C ILE F 181 -49.79 6.67 -26.44
N LYS F 182 -49.87 7.60 -25.46
CA LYS F 182 -48.77 7.81 -24.51
C LYS F 182 -48.85 6.76 -23.40
N ILE F 183 -47.72 6.15 -23.05
CA ILE F 183 -47.69 5.18 -21.96
C ILE F 183 -47.03 5.81 -20.74
N ILE F 184 -47.80 6.01 -19.69
CA ILE F 184 -47.31 6.58 -18.43
C ILE F 184 -47.21 5.39 -17.49
N SER F 185 -45.98 5.00 -17.13
CA SER F 185 -45.79 3.86 -16.24
C SER F 185 -46.05 4.20 -14.78
N LYS F 186 -46.90 3.42 -14.12
CA LYS F 186 -47.18 3.64 -12.70
C LYS F 186 -46.14 2.87 -11.87
N ILE F 187 -45.42 3.60 -10.99
CA ILE F 187 -44.43 2.97 -10.12
C ILE F 187 -45.12 2.73 -8.80
N GLU F 188 -45.38 1.45 -8.48
CA GLU F 188 -46.17 1.09 -7.31
C GLU F 188 -45.50 0.13 -6.32
N ASN F 189 -44.27 -0.29 -6.57
CA ASN F 189 -43.61 -1.24 -5.67
C ASN F 189 -42.08 -1.01 -5.60
N HIS F 190 -41.38 -1.76 -4.73
CA HIS F 190 -39.95 -1.65 -4.60
C HIS F 190 -39.19 -1.90 -5.90
N GLU F 191 -39.61 -2.91 -6.68
CA GLU F 191 -38.93 -3.20 -7.94
C GLU F 191 -39.04 -2.07 -8.96
N GLY F 192 -40.22 -1.45 -9.06
CA GLY F 192 -40.42 -0.31 -9.94
C GLY F 192 -39.51 0.86 -9.56
N VAL F 193 -39.34 1.10 -8.24
CA VAL F 193 -38.45 2.16 -7.77
C VAL F 193 -37.00 1.83 -8.09
N LYS F 194 -36.57 0.58 -7.83
CA LYS F 194 -35.20 0.18 -8.11
C LYS F 194 -34.84 0.14 -9.59
N ARG F 195 -35.76 -0.31 -10.46
CA ARG F 195 -35.49 -0.34 -11.90
C ARG F 195 -36.01 0.94 -12.60
N PHE F 196 -36.29 2.03 -11.83
CA PHE F 196 -36.84 3.27 -12.35
C PHE F 196 -36.19 3.78 -13.63
N ASP F 197 -34.85 3.86 -13.68
CA ASP F 197 -34.16 4.39 -14.85
C ASP F 197 -34.47 3.67 -16.12
N GLU F 198 -34.50 2.32 -16.08
CA GLU F 198 -34.80 1.55 -17.27
C GLU F 198 -36.28 1.69 -17.69
N ILE F 199 -37.17 1.91 -16.72
CA ILE F 199 -38.59 2.09 -16.99
C ILE F 199 -38.83 3.46 -17.65
N LEU F 200 -38.21 4.51 -17.08
CA LEU F 200 -38.36 5.88 -17.59
C LEU F 200 -37.83 5.97 -19.03
N GLU F 201 -36.71 5.29 -19.31
CA GLU F 201 -36.09 5.30 -20.62
C GLU F 201 -37.05 4.87 -21.73
N VAL F 202 -37.90 3.87 -21.49
CA VAL F 202 -38.83 3.39 -22.50
C VAL F 202 -40.26 3.92 -22.36
N SER F 203 -40.56 4.67 -21.29
CA SER F 203 -41.90 5.18 -21.08
C SER F 203 -42.03 6.61 -21.61
N ASP F 204 -43.28 7.04 -21.83
CA ASP F 204 -43.51 8.44 -22.18
C ASP F 204 -43.50 9.34 -20.92
N GLY F 205 -43.76 8.75 -19.75
CA GLY F 205 -43.81 9.44 -18.48
C GLY F 205 -44.05 8.47 -17.33
N ILE F 206 -44.21 9.02 -16.13
CA ILE F 206 -44.34 8.22 -14.93
C ILE F 206 -45.47 8.71 -14.02
N MET F 207 -46.08 7.80 -13.27
CA MET F 207 -47.03 8.15 -12.26
C MET F 207 -46.50 7.61 -10.93
N VAL F 208 -46.40 8.49 -9.91
CA VAL F 208 -46.01 8.06 -8.58
C VAL F 208 -47.33 7.62 -7.95
N ALA F 209 -47.62 6.31 -8.05
CA ALA F 209 -48.86 5.70 -7.58
C ALA F 209 -48.69 5.40 -6.11
N ARG F 210 -48.92 6.41 -5.27
CA ARG F 210 -48.66 6.37 -3.83
C ARG F 210 -49.49 5.40 -3.02
N GLY F 211 -50.69 5.05 -3.48
CA GLY F 211 -51.56 4.09 -2.76
C GLY F 211 -50.89 2.74 -2.57
N ASP F 212 -50.57 2.05 -3.68
CA ASP F 212 -49.89 0.77 -3.60
C ASP F 212 -48.46 0.94 -3.13
N LEU F 213 -47.78 2.00 -3.57
CA LEU F 213 -46.39 2.24 -3.15
C LEU F 213 -46.27 2.34 -1.62
N GLY F 214 -47.24 2.96 -0.97
CA GLY F 214 -47.30 3.11 0.48
C GLY F 214 -47.59 1.82 1.25
N ILE F 215 -48.03 0.77 0.54
CA ILE F 215 -48.29 -0.56 1.09
C ILE F 215 -47.08 -1.47 0.79
N GLU F 216 -46.46 -1.33 -0.38
CA GLU F 216 -45.33 -2.11 -0.84
C GLU F 216 -44.02 -1.76 -0.17
N ILE F 217 -43.84 -0.48 0.15
CA ILE F 217 -42.66 0.00 0.85
C ILE F 217 -43.13 0.71 2.12
N PRO F 218 -42.27 0.90 3.14
CA PRO F 218 -42.73 1.61 4.36
C PRO F 218 -43.35 2.98 4.01
N ALA F 219 -44.48 3.28 4.62
CA ALA F 219 -45.23 4.52 4.37
C ALA F 219 -44.36 5.77 4.53
N GLU F 220 -43.44 5.75 5.49
CA GLU F 220 -42.55 6.89 5.76
C GLU F 220 -41.47 7.09 4.71
N LYS F 221 -41.38 6.22 3.69
CA LYS F 221 -40.39 6.31 2.63
C LYS F 221 -40.99 6.78 1.29
N VAL F 222 -42.32 6.80 1.14
CA VAL F 222 -42.96 7.23 -0.10
C VAL F 222 -42.52 8.61 -0.57
N PHE F 223 -42.34 9.59 0.34
CA PHE F 223 -41.92 10.93 -0.07
C PHE F 223 -40.54 10.92 -0.74
N LEU F 224 -39.64 9.99 -0.33
CA LEU F 224 -38.31 9.90 -0.92
C LEU F 224 -38.45 9.40 -2.36
N ALA F 225 -39.33 8.41 -2.58
CA ALA F 225 -39.56 7.87 -3.89
C ALA F 225 -40.22 8.92 -4.78
N GLN F 226 -41.20 9.66 -4.24
CA GLN F 226 -41.88 10.71 -5.01
C GLN F 226 -40.90 11.80 -5.46
N LYS F 227 -40.14 12.34 -4.52
CA LYS F 227 -39.18 13.41 -4.81
C LYS F 227 -38.08 12.97 -5.79
N MET F 228 -37.59 11.73 -5.63
CA MET F 228 -36.58 11.18 -6.53
C MET F 228 -37.14 11.04 -7.97
N MET F 229 -38.33 10.43 -8.11
CA MET F 229 -38.92 10.20 -9.41
C MET F 229 -39.28 11.48 -10.12
N ILE F 230 -39.80 12.48 -9.38
CA ILE F 230 -40.13 13.76 -9.98
C ILE F 230 -38.86 14.46 -10.47
N GLY F 231 -37.82 14.44 -9.65
CA GLY F 231 -36.53 15.03 -10.03
C GLY F 231 -35.94 14.38 -11.28
N ARG F 232 -35.95 13.03 -11.35
CA ARG F 232 -35.42 12.33 -12.51
C ARG F 232 -36.24 12.57 -13.77
N CYS F 233 -37.58 12.68 -13.64
CA CYS F 233 -38.44 12.98 -14.78
C CYS F 233 -38.21 14.38 -15.26
N ASN F 234 -38.02 15.35 -14.34
CA ASN F 234 -37.71 16.72 -14.69
C ASN F 234 -36.37 16.79 -15.45
N LEU F 235 -35.38 16.02 -15.01
CA LEU F 235 -34.07 15.92 -15.63
C LEU F 235 -34.22 15.32 -17.05
N ALA F 236 -35.04 14.27 -17.18
CA ALA F 236 -35.28 13.63 -18.47
C ALA F 236 -36.20 14.44 -19.40
N GLY F 237 -36.89 15.45 -18.88
CA GLY F 237 -37.84 16.22 -19.68
C GLY F 237 -39.08 15.42 -20.03
N LYS F 238 -39.49 14.46 -19.16
CA LYS F 238 -40.68 13.62 -19.37
C LYS F 238 -41.74 13.87 -18.29
N PRO F 239 -43.02 13.82 -18.65
CA PRO F 239 -44.07 14.09 -17.66
C PRO F 239 -44.13 13.15 -16.47
N VAL F 240 -44.44 13.72 -15.30
CA VAL F 240 -44.57 12.96 -14.08
C VAL F 240 -45.86 13.38 -13.39
N VAL F 241 -46.62 12.38 -12.91
CA VAL F 241 -47.90 12.61 -12.24
C VAL F 241 -47.76 12.27 -10.77
N CYS F 242 -48.27 13.12 -9.88
CA CYS F 242 -48.34 12.75 -8.46
C CYS F 242 -49.76 12.29 -8.21
N ALA F 243 -49.93 11.11 -7.60
CA ALA F 243 -51.27 10.57 -7.43
C ALA F 243 -51.56 10.00 -6.02
N THR F 244 -52.85 9.92 -5.67
CA THR F 244 -53.52 9.20 -4.57
C THR F 244 -53.52 9.89 -3.21
N GLN F 245 -54.74 10.09 -2.69
CA GLN F 245 -55.07 10.68 -1.41
C GLN F 245 -54.63 12.12 -1.25
N MET F 246 -54.48 12.85 -2.37
CA MET F 246 -54.05 14.24 -2.30
C MET F 246 -55.05 15.12 -1.54
N LEU F 247 -56.35 14.88 -1.75
CA LEU F 247 -57.44 15.62 -1.06
C LEU F 247 -58.47 14.63 -0.53
N GLU F 248 -58.02 13.46 -0.04
CA GLU F 248 -58.86 12.37 0.41
C GLU F 248 -60.08 12.77 1.23
N SER F 249 -59.91 13.60 2.30
CA SER F 249 -61.02 13.99 3.16
C SER F 249 -62.16 14.70 2.41
N MET F 250 -61.87 15.28 1.23
CA MET F 250 -62.89 15.91 0.40
C MET F 250 -63.86 14.89 -0.25
N ILE F 251 -63.66 13.57 -0.02
CA ILE F 251 -64.61 12.57 -0.44
C ILE F 251 -65.96 12.81 0.31
N THR F 252 -65.89 13.27 1.58
CA THR F 252 -67.11 13.55 2.34
C THR F 252 -67.19 14.99 2.83
N LYS F 253 -66.07 15.71 2.93
CA LYS F 253 -66.06 17.08 3.46
C LYS F 253 -65.86 18.15 2.37
N PRO F 254 -66.49 19.32 2.51
CA PRO F 254 -66.34 20.36 1.47
C PRO F 254 -64.98 21.07 1.45
N ARG F 255 -64.21 20.97 2.54
CA ARG F 255 -62.88 21.59 2.62
C ARG F 255 -61.85 20.52 3.00
N PRO F 256 -60.62 20.61 2.48
CA PRO F 256 -59.60 19.59 2.81
C PRO F 256 -58.90 19.86 4.15
N THR F 257 -58.04 18.93 4.58
CA THR F 257 -57.26 19.13 5.80
C THR F 257 -56.01 19.99 5.46
N ARG F 258 -55.32 20.47 6.49
CA ARG F 258 -54.10 21.26 6.31
C ARG F 258 -52.98 20.44 5.66
N ALA F 259 -52.93 19.13 5.95
CA ALA F 259 -51.96 18.22 5.38
C ALA F 259 -52.21 18.01 3.89
N GLU F 260 -53.49 17.97 3.48
CA GLU F 260 -53.88 17.76 2.09
C GLU F 260 -53.52 18.93 1.20
N THR F 261 -53.82 20.18 1.61
CA THR F 261 -53.46 21.34 0.78
C THR F 261 -51.94 21.43 0.64
N SER F 262 -51.23 21.15 1.73
CA SER F 262 -49.78 21.12 1.79
C SER F 262 -49.24 20.06 0.83
N ASP F 263 -49.83 18.86 0.81
CA ASP F 263 -49.43 17.79 -0.09
C ASP F 263 -49.54 18.20 -1.57
N VAL F 264 -50.66 18.85 -1.95
CA VAL F 264 -50.86 19.31 -3.32
C VAL F 264 -49.82 20.35 -3.66
N ALA F 265 -49.62 21.33 -2.78
CA ALA F 265 -48.65 22.39 -3.01
C ALA F 265 -47.24 21.83 -3.15
N ASN F 266 -46.87 20.88 -2.28
CA ASN F 266 -45.54 20.29 -2.30
C ASN F 266 -45.33 19.40 -3.53
N ALA F 267 -46.37 18.76 -4.06
CA ALA F 267 -46.22 17.98 -5.31
C ALA F 267 -45.85 18.92 -6.47
N VAL F 268 -46.46 20.11 -6.52
CA VAL F 268 -46.18 21.13 -7.54
C VAL F 268 -44.78 21.70 -7.32
N LEU F 269 -44.44 22.03 -6.05
CA LEU F 269 -43.09 22.54 -5.76
C LEU F 269 -42.01 21.49 -6.05
N ASP F 270 -42.32 20.21 -5.91
CA ASP F 270 -41.39 19.11 -6.22
C ASP F 270 -41.04 19.10 -7.71
N GLY F 271 -42.01 19.48 -8.58
CA GLY F 271 -41.83 19.50 -10.01
C GLY F 271 -42.81 18.65 -10.80
N ALA F 272 -43.91 18.23 -10.15
CA ALA F 272 -44.90 17.39 -10.84
C ALA F 272 -45.57 18.11 -12.01
N ASP F 273 -45.72 17.42 -13.13
CA ASP F 273 -46.42 18.00 -14.29
C ASP F 273 -47.91 17.92 -14.08
N CYS F 274 -48.41 16.83 -13.47
CA CYS F 274 -49.82 16.62 -13.22
C CYS F 274 -50.08 16.23 -11.80
N ILE F 275 -51.28 16.53 -11.33
CA ILE F 275 -51.77 16.10 -10.03
C ILE F 275 -53.07 15.35 -10.27
N MET F 276 -53.38 14.37 -9.42
CA MET F 276 -54.54 13.53 -9.66
C MET F 276 -55.54 13.49 -8.52
N LEU F 277 -56.79 13.22 -8.89
CA LEU F 277 -57.90 13.03 -7.97
C LEU F 277 -58.46 11.63 -8.28
N SER F 278 -58.64 10.79 -7.26
CA SER F 278 -59.15 9.44 -7.45
C SER F 278 -60.57 9.35 -6.90
N GLY F 279 -60.76 8.86 -5.66
CA GLY F 279 -62.07 8.77 -5.04
C GLY F 279 -62.75 10.12 -4.88
N GLU F 280 -61.94 11.21 -4.76
CA GLU F 280 -62.44 12.58 -4.61
C GLU F 280 -63.41 12.95 -5.75
N THR F 281 -63.15 12.42 -6.96
CA THR F 281 -64.03 12.69 -8.10
C THR F 281 -64.81 11.44 -8.56
N ALA F 282 -64.25 10.24 -8.37
CA ALA F 282 -64.92 9.01 -8.78
C ALA F 282 -66.16 8.69 -7.96
N LYS F 283 -66.09 8.83 -6.64
CA LYS F 283 -67.18 8.45 -5.76
C LYS F 283 -67.59 9.48 -4.70
N GLY F 284 -66.84 10.58 -4.57
CA GLY F 284 -67.07 11.53 -3.50
C GLY F 284 -68.25 12.43 -3.66
N ASN F 285 -68.59 13.19 -2.59
CA ASN F 285 -69.71 14.12 -2.57
C ASN F 285 -69.37 15.51 -3.17
N PHE F 286 -68.07 15.82 -3.40
CA PHE F 286 -67.69 17.13 -3.89
C PHE F 286 -66.68 17.05 -5.05
N PRO F 287 -66.99 16.31 -6.14
CA PRO F 287 -66.03 16.19 -7.24
C PRO F 287 -65.59 17.52 -7.85
N VAL F 288 -66.52 18.43 -8.07
CA VAL F 288 -66.22 19.73 -8.67
C VAL F 288 -65.39 20.59 -7.70
N GLU F 289 -65.74 20.54 -6.42
CA GLU F 289 -65.03 21.32 -5.39
C GLU F 289 -63.59 20.83 -5.21
N ALA F 290 -63.36 19.51 -5.39
CA ALA F 290 -62.02 18.92 -5.30
C ALA F 290 -61.16 19.41 -6.46
N VAL F 291 -61.75 19.50 -7.67
CA VAL F 291 -61.03 20.02 -8.83
C VAL F 291 -60.71 21.52 -8.60
N LYS F 292 -61.69 22.28 -8.09
CA LYS F 292 -61.48 23.70 -7.82
C LYS F 292 -60.37 23.92 -6.79
N MET F 293 -60.29 23.04 -5.76
CA MET F 293 -59.27 23.13 -4.74
C MET F 293 -57.89 22.85 -5.31
N GLN F 294 -57.76 21.82 -6.14
CA GLN F 294 -56.47 21.52 -6.78
C GLN F 294 -56.02 22.65 -7.68
N HIS F 295 -56.99 23.28 -8.38
CA HIS F 295 -56.70 24.40 -9.25
C HIS F 295 -56.16 25.58 -8.42
N ALA F 296 -56.83 25.92 -7.32
CA ALA F 296 -56.46 27.03 -6.46
C ALA F 296 -55.08 26.82 -5.82
N ILE F 297 -54.79 25.61 -5.33
CA ILE F 297 -53.50 25.32 -4.72
C ILE F 297 -52.38 25.34 -5.77
N ALA F 298 -52.59 24.66 -6.93
CA ALA F 298 -51.56 24.61 -7.96
C ALA F 298 -51.14 25.99 -8.42
N ARG F 299 -52.09 26.91 -8.60
CA ARG F 299 -51.77 28.28 -9.01
C ARG F 299 -50.88 28.98 -7.99
N GLU F 300 -51.20 28.84 -6.69
CA GLU F 300 -50.41 29.47 -5.64
C GLU F 300 -49.01 28.86 -5.60
N ALA F 301 -48.91 27.50 -5.75
CA ALA F 301 -47.64 26.80 -5.69
C ALA F 301 -46.73 27.07 -6.88
N GLU F 302 -47.33 27.25 -8.06
CA GLU F 302 -46.54 27.56 -9.26
C GLU F 302 -45.83 28.91 -9.13
N ALA F 303 -46.51 29.93 -8.56
CA ALA F 303 -45.89 31.23 -8.38
C ALA F 303 -44.76 31.14 -7.36
N ALA F 304 -44.87 30.23 -6.35
CA ALA F 304 -43.88 30.02 -5.30
C ALA F 304 -42.65 29.21 -5.74
N VAL F 305 -42.63 28.71 -6.99
CA VAL F 305 -41.47 27.95 -7.48
C VAL F 305 -40.25 28.90 -7.54
N TYR F 306 -39.07 28.45 -7.12
CA TYR F 306 -37.87 29.29 -7.15
C TYR F 306 -37.20 29.12 -8.51
N HIS F 307 -37.74 29.77 -9.54
CA HIS F 307 -37.25 29.63 -10.92
C HIS F 307 -35.79 29.90 -11.13
N ARG F 308 -35.19 30.84 -10.38
CA ARG F 308 -33.77 31.18 -10.52
C ARG F 308 -32.87 29.95 -10.35
N GLN F 309 -33.12 29.15 -9.31
CA GLN F 309 -32.32 27.96 -9.08
C GLN F 309 -32.77 26.84 -10.01
N LEU F 310 -34.08 26.67 -10.20
CA LEU F 310 -34.62 25.63 -11.06
C LEU F 310 -34.12 25.72 -12.50
N PHE F 311 -34.22 26.90 -13.13
CA PHE F 311 -33.77 27.09 -14.50
C PHE F 311 -32.27 26.89 -14.61
N GLU F 312 -31.49 27.43 -13.66
CA GLU F 312 -30.05 27.23 -13.66
C GLU F 312 -29.66 25.76 -13.55
N GLU F 313 -30.34 24.99 -12.67
CA GLU F 313 -30.04 23.59 -12.48
C GLU F 313 -30.47 22.76 -13.67
N LEU F 314 -31.63 23.09 -14.28
CA LEU F 314 -32.11 22.37 -15.47
C LEU F 314 -31.14 22.62 -16.62
N ARG F 315 -30.70 23.87 -16.78
CA ARG F 315 -29.75 24.30 -17.79
C ARG F 315 -28.40 23.59 -17.61
N ARG F 316 -27.83 23.60 -16.40
CA ARG F 316 -26.55 22.98 -16.09
C ARG F 316 -26.59 21.45 -16.31
N ALA F 317 -27.66 20.79 -15.87
CA ALA F 317 -27.79 19.34 -15.99
C ALA F 317 -28.11 18.85 -17.39
N ALA F 318 -28.78 19.68 -18.20
CA ALA F 318 -29.16 19.27 -19.55
C ALA F 318 -27.90 19.20 -20.42
N PRO F 319 -27.73 18.08 -21.15
CA PRO F 319 -26.52 17.95 -21.97
C PRO F 319 -26.57 18.86 -23.19
N LEU F 320 -25.39 19.11 -23.80
CA LEU F 320 -25.33 19.89 -25.04
C LEU F 320 -26.14 19.17 -26.12
N SER F 321 -26.74 19.94 -27.01
CA SER F 321 -27.58 19.37 -28.04
C SER F 321 -27.35 20.02 -29.37
N ARG F 322 -27.37 19.22 -30.43
CA ARG F 322 -27.29 19.79 -31.77
C ARG F 322 -28.64 19.73 -32.50
N ASP F 323 -29.73 19.41 -31.76
CA ASP F 323 -31.09 19.38 -32.28
C ASP F 323 -31.62 20.80 -32.23
N PRO F 324 -31.98 21.38 -33.39
CA PRO F 324 -32.44 22.76 -33.40
C PRO F 324 -33.70 23.05 -32.57
N THR F 325 -34.59 22.06 -32.38
CA THR F 325 -35.77 22.27 -31.56
C THR F 325 -35.35 22.48 -30.09
N GLU F 326 -34.42 21.65 -29.61
CA GLU F 326 -33.88 21.70 -28.26
C GLU F 326 -33.13 23.04 -28.04
N VAL F 327 -32.33 23.46 -29.04
CA VAL F 327 -31.58 24.71 -29.00
C VAL F 327 -32.50 25.93 -29.03
N THR F 328 -33.54 25.90 -29.85
CA THR F 328 -34.50 27.00 -29.95
C THR F 328 -35.29 27.12 -28.64
N ALA F 329 -35.66 25.98 -28.05
CA ALA F 329 -36.42 25.95 -26.81
C ALA F 329 -35.71 26.67 -25.66
N ILE F 330 -34.41 26.39 -25.45
CA ILE F 330 -33.67 27.03 -24.36
C ILE F 330 -33.48 28.53 -24.65
N GLY F 331 -33.24 28.90 -25.91
CA GLY F 331 -33.15 30.29 -26.32
C GLY F 331 -34.45 31.05 -26.06
N ALA F 332 -35.59 30.41 -26.39
CA ALA F 332 -36.91 31.01 -26.17
C ALA F 332 -37.25 31.16 -24.69
N VAL F 333 -36.88 30.18 -23.86
CA VAL F 333 -37.16 30.24 -22.43
C VAL F 333 -36.29 31.33 -21.78
N GLU F 334 -35.03 31.45 -22.21
CA GLU F 334 -34.12 32.47 -21.71
CA GLU F 334 -34.12 32.47 -21.71
C GLU F 334 -34.65 33.85 -22.09
N ALA F 335 -35.11 34.02 -23.35
CA ALA F 335 -35.67 35.28 -23.84
C ALA F 335 -36.94 35.65 -23.05
N ALA F 336 -37.83 34.68 -22.79
CA ALA F 336 -39.03 34.94 -22.00
C ALA F 336 -38.69 35.46 -20.58
N PHE F 337 -37.73 34.84 -19.88
CA PHE F 337 -37.35 35.29 -18.54
C PHE F 337 -36.76 36.70 -18.58
N LYS F 338 -35.98 37.03 -19.61
CA LYS F 338 -35.34 38.34 -19.77
C LYS F 338 -36.33 39.52 -19.85
N CYS F 339 -37.47 39.31 -20.49
CA CYS F 339 -38.46 40.37 -20.64
C CYS F 339 -39.74 40.16 -19.86
N CYS F 340 -39.83 39.09 -19.04
CA CYS F 340 -41.04 38.71 -18.30
C CYS F 340 -42.17 38.49 -19.29
N ALA F 341 -41.88 37.73 -20.36
CA ALA F 341 -42.83 37.46 -21.45
C ALA F 341 -44.08 36.82 -20.91
N ALA F 342 -45.23 37.27 -21.41
CA ALA F 342 -46.51 36.74 -20.96
C ALA F 342 -46.73 35.31 -21.44
N ALA F 343 -46.23 34.98 -22.63
CA ALA F 343 -46.44 33.67 -23.23
C ALA F 343 -45.37 33.34 -24.27
N ILE F 344 -45.21 32.06 -24.58
CA ILE F 344 -44.38 31.55 -25.64
C ILE F 344 -45.38 30.83 -26.55
N ILE F 345 -45.59 31.32 -27.76
CA ILE F 345 -46.54 30.72 -28.69
C ILE F 345 -45.74 29.80 -29.58
N VAL F 346 -46.08 28.51 -29.61
CA VAL F 346 -45.33 27.55 -30.39
C VAL F 346 -46.25 26.77 -31.33
N LEU F 347 -45.76 26.52 -32.55
CA LEU F 347 -46.49 25.74 -33.54
C LEU F 347 -45.99 24.30 -33.36
N THR F 348 -46.88 23.32 -33.18
CA THR F 348 -46.45 21.94 -33.01
C THR F 348 -47.38 20.96 -33.68
N THR F 349 -46.83 19.88 -34.22
CA THR F 349 -47.64 18.85 -34.86
C THR F 349 -47.87 17.71 -33.87
N THR F 350 -46.79 17.23 -33.25
CA THR F 350 -46.83 16.11 -32.30
C THR F 350 -46.86 16.54 -30.82
N GLY F 351 -46.60 17.81 -30.55
CA GLY F 351 -46.49 18.32 -29.19
C GLY F 351 -45.05 18.42 -28.71
N ARG F 352 -44.08 17.84 -29.46
CA ARG F 352 -42.68 17.82 -29.06
C ARG F 352 -42.05 19.20 -28.83
N SER F 353 -42.28 20.17 -29.71
CA SER F 353 -41.71 21.50 -29.52
C SER F 353 -42.23 22.15 -28.23
N ALA F 354 -43.49 21.90 -27.87
CA ALA F 354 -44.06 22.44 -26.65
C ALA F 354 -43.45 21.71 -25.42
N GLN F 355 -43.22 20.39 -25.55
CA GLN F 355 -42.62 19.59 -24.48
C GLN F 355 -41.20 20.07 -24.19
N LEU F 356 -40.42 20.37 -25.23
CA LEU F 356 -39.06 20.86 -25.05
C LEU F 356 -39.02 22.25 -24.41
N LEU F 357 -40.04 23.07 -24.61
CA LEU F 357 -40.10 24.37 -23.96
C LEU F 357 -40.44 24.14 -22.47
N SER F 358 -41.45 23.31 -22.21
CA SER F 358 -41.94 22.93 -20.90
C SER F 358 -40.83 22.36 -19.96
N ARG F 359 -39.86 21.62 -20.51
CA ARG F 359 -38.81 21.04 -19.68
C ARG F 359 -37.92 22.07 -18.99
N TYR F 360 -37.84 23.30 -19.55
CA TYR F 360 -37.05 24.36 -18.90
C TYR F 360 -37.86 25.18 -17.89
N ARG F 361 -39.11 24.78 -17.64
CA ARG F 361 -40.03 25.36 -16.68
C ARG F 361 -40.16 26.88 -16.79
N PRO F 362 -40.51 27.43 -17.97
CA PRO F 362 -40.69 28.88 -18.05
C PRO F 362 -41.84 29.35 -17.18
N ARG F 363 -41.76 30.57 -16.68
CA ARG F 363 -42.86 31.18 -15.96
C ARG F 363 -43.97 31.56 -17.02
N ALA F 364 -43.55 31.96 -18.25
CA ALA F 364 -44.45 32.28 -19.36
C ALA F 364 -45.27 31.03 -19.79
N ALA F 365 -46.56 31.21 -20.05
CA ALA F 365 -47.43 30.13 -20.54
C ALA F 365 -46.97 29.67 -21.92
N VAL F 366 -47.00 28.37 -22.19
CA VAL F 366 -46.61 27.86 -23.50
C VAL F 366 -47.91 27.58 -24.24
N ILE F 367 -48.26 28.45 -25.18
CA ILE F 367 -49.49 28.30 -25.95
C ILE F 367 -49.16 27.48 -27.17
N ALA F 368 -49.63 26.23 -27.20
CA ALA F 368 -49.29 25.33 -28.31
C ALA F 368 -50.41 25.29 -29.35
N VAL F 369 -50.11 25.83 -30.57
CA VAL F 369 -51.06 25.86 -31.69
C VAL F 369 -50.87 24.62 -32.53
N THR F 370 -51.88 23.75 -32.58
CA THR F 370 -51.76 22.50 -33.30
C THR F 370 -53.02 22.16 -34.08
N ARG F 371 -52.85 21.43 -35.17
CA ARG F 371 -53.98 20.92 -35.95
C ARG F 371 -54.39 19.52 -35.43
N SER F 372 -53.49 18.81 -34.73
CA SER F 372 -53.73 17.48 -34.22
C SER F 372 -54.57 17.50 -32.96
N ALA F 373 -55.80 16.99 -33.03
CA ALA F 373 -56.68 16.91 -31.88
C ALA F 373 -56.07 16.01 -30.78
N GLN F 374 -55.41 14.91 -31.19
CA GLN F 374 -54.76 14.03 -30.23
C GLN F 374 -53.59 14.73 -29.51
N ALA F 375 -52.69 15.41 -30.25
CA ALA F 375 -51.58 16.14 -29.65
C ALA F 375 -52.10 17.22 -28.71
N ALA F 376 -53.21 17.91 -29.09
CA ALA F 376 -53.79 18.93 -28.23
C ALA F 376 -54.23 18.32 -26.87
N ARG F 377 -54.76 17.09 -26.88
CA ARG F 377 -55.17 16.42 -25.64
C ARG F 377 -53.95 15.93 -24.86
N GLN F 378 -52.97 15.34 -25.54
CA GLN F 378 -51.80 14.77 -24.89
C GLN F 378 -50.83 15.79 -24.30
N VAL F 379 -50.75 17.04 -24.82
CA VAL F 379 -49.83 18.03 -24.25
C VAL F 379 -50.23 18.48 -22.84
N HIS F 380 -51.43 18.11 -22.37
CA HIS F 380 -51.82 18.38 -20.99
C HIS F 380 -50.87 17.64 -20.01
N LEU F 381 -50.13 16.61 -20.47
CA LEU F 381 -49.20 15.92 -19.63
C LEU F 381 -48.00 16.80 -19.27
N CYS F 382 -47.69 17.84 -20.07
CA CYS F 382 -46.54 18.73 -19.90
C CYS F 382 -46.91 20.02 -19.19
N ARG F 383 -46.26 20.28 -18.05
CA ARG F 383 -46.56 21.47 -17.28
C ARG F 383 -46.41 22.77 -18.06
N GLY F 384 -47.41 23.62 -17.97
CA GLY F 384 -47.39 24.93 -18.59
C GLY F 384 -47.75 24.98 -20.05
N VAL F 385 -48.26 23.87 -20.61
CA VAL F 385 -48.66 23.84 -22.00
C VAL F 385 -50.18 23.98 -22.12
N PHE F 386 -50.60 25.04 -22.84
CA PHE F 386 -52.01 25.36 -23.06
C PHE F 386 -52.33 25.08 -24.53
N PRO F 387 -53.02 23.97 -24.81
CA PRO F 387 -53.27 23.61 -26.22
C PRO F 387 -54.40 24.38 -26.90
N LEU F 388 -54.16 24.83 -28.12
CA LEU F 388 -55.18 25.48 -28.94
C LEU F 388 -55.35 24.66 -30.21
N LEU F 389 -56.54 24.10 -30.40
CA LEU F 389 -56.81 23.30 -31.58
C LEU F 389 -57.20 24.21 -32.75
N TYR F 390 -56.36 24.23 -33.79
CA TYR F 390 -56.58 25.05 -34.97
C TYR F 390 -57.35 24.22 -36.00
N ARG F 391 -58.53 24.69 -36.42
CA ARG F 391 -59.35 23.89 -37.33
C ARG F 391 -59.40 24.40 -38.78
N GLU F 392 -58.79 25.56 -39.08
CA GLU F 392 -58.82 26.12 -40.44
C GLU F 392 -58.06 25.31 -41.46
N PRO F 393 -58.60 25.23 -42.70
CA PRO F 393 -57.87 24.52 -43.76
C PRO F 393 -56.60 25.28 -44.15
N PRO F 394 -55.56 24.54 -44.58
CA PRO F 394 -54.28 25.19 -44.89
C PRO F 394 -54.32 26.24 -45.99
N GLU F 395 -53.57 27.34 -45.80
CA GLU F 395 -53.41 28.40 -46.80
C GLU F 395 -52.51 27.87 -47.93
N ALA F 396 -52.62 28.46 -49.13
CA ALA F 396 -51.82 28.06 -50.30
C ALA F 396 -50.33 28.35 -50.04
N ILE F 397 -50.04 29.52 -49.48
CA ILE F 397 -48.66 29.88 -49.16
C ILE F 397 -48.36 29.46 -47.72
N TRP F 398 -47.42 28.52 -47.53
CA TRP F 398 -47.08 27.99 -46.22
C TRP F 398 -46.72 29.07 -45.20
N ALA F 399 -45.92 30.09 -45.58
CA ALA F 399 -45.57 31.17 -44.67
C ALA F 399 -46.81 31.91 -44.15
N ASP F 400 -47.86 32.03 -44.98
CA ASP F 400 -49.10 32.69 -44.57
C ASP F 400 -49.88 31.79 -43.61
N ASP F 401 -49.82 30.46 -43.80
CA ASP F 401 -50.49 29.51 -42.94
C ASP F 401 -49.88 29.57 -41.52
N VAL F 402 -48.54 29.67 -41.44
CA VAL F 402 -47.78 29.81 -40.22
C VAL F 402 -48.21 31.12 -39.53
N ASP F 403 -48.19 32.25 -40.27
CA ASP F 403 -48.61 33.54 -39.73
C ASP F 403 -50.03 33.54 -39.22
N ARG F 404 -50.96 32.85 -39.91
CA ARG F 404 -52.34 32.76 -39.47
C ARG F 404 -52.44 32.02 -38.14
N ARG F 405 -51.66 30.94 -38.00
CA ARG F 405 -51.65 30.17 -36.77
C ARG F 405 -51.08 31.02 -35.60
N VAL F 406 -49.98 31.74 -35.83
CA VAL F 406 -49.39 32.63 -34.81
C VAL F 406 -50.39 33.69 -34.38
N GLN F 407 -51.02 34.39 -35.35
CA GLN F 407 -51.99 35.44 -35.07
C GLN F 407 -53.23 34.89 -34.37
N PHE F 408 -53.62 33.67 -34.70
CA PHE F 408 -54.74 32.99 -34.06
C PHE F 408 -54.38 32.76 -32.56
N GLY F 409 -53.13 32.38 -32.30
CA GLY F 409 -52.64 32.19 -30.94
C GLY F 409 -52.61 33.50 -30.17
N ILE F 410 -52.16 34.59 -30.82
CA ILE F 410 -52.11 35.91 -30.17
C ILE F 410 -53.49 36.40 -29.83
N GLU F 411 -54.43 36.33 -30.79
CA GLU F 411 -55.79 36.80 -30.59
C GLU F 411 -56.56 35.94 -29.61
N SER F 412 -56.42 34.59 -29.68
CA SER F 412 -57.09 33.73 -28.69
C SER F 412 -56.54 34.01 -27.27
N GLY F 413 -55.24 34.22 -27.18
CA GLY F 413 -54.57 34.52 -25.92
C GLY F 413 -54.98 35.86 -25.35
N LYS F 414 -55.21 36.86 -26.21
CA LYS F 414 -55.67 38.18 -25.75
C LYS F 414 -57.13 38.10 -25.30
N LEU F 415 -57.94 37.35 -26.03
CA LEU F 415 -59.35 37.21 -25.66
C LEU F 415 -59.54 36.36 -24.40
N ARG F 416 -58.54 35.55 -24.01
CA ARG F 416 -58.60 34.73 -22.80
C ARG F 416 -57.82 35.33 -21.61
N GLY F 417 -57.25 36.53 -21.75
CA GLY F 417 -56.51 37.18 -20.67
C GLY F 417 -55.05 36.73 -20.51
N PHE F 418 -54.61 35.78 -21.34
CA PHE F 418 -53.23 35.33 -21.35
C PHE F 418 -52.30 36.45 -21.82
N LEU F 419 -52.77 37.30 -22.74
CA LEU F 419 -51.97 38.38 -23.28
C LEU F 419 -52.68 39.71 -23.11
N ARG F 420 -51.89 40.75 -23.01
CA ARG F 420 -52.34 42.12 -22.84
C ARG F 420 -51.54 43.00 -23.83
N VAL F 421 -52.14 44.12 -24.30
CA VAL F 421 -51.44 45.04 -25.19
C VAL F 421 -50.23 45.60 -24.46
N GLY F 422 -49.08 45.59 -25.10
CA GLY F 422 -47.85 46.03 -24.47
C GLY F 422 -46.99 44.87 -23.97
N ASP F 423 -47.57 43.65 -23.87
CA ASP F 423 -46.81 42.49 -23.45
C ASP F 423 -45.84 42.08 -24.53
N LEU F 424 -44.79 41.37 -24.13
CA LEU F 424 -43.86 40.78 -25.08
C LEU F 424 -44.18 39.29 -25.15
N VAL F 425 -44.14 38.75 -26.34
CA VAL F 425 -44.45 37.36 -26.59
C VAL F 425 -43.30 36.72 -27.38
N ILE F 426 -42.97 35.45 -27.08
CA ILE F 426 -41.91 34.76 -27.80
C ILE F 426 -42.62 33.80 -28.72
N VAL F 427 -42.29 33.81 -30.03
CA VAL F 427 -42.97 32.93 -30.99
C VAL F 427 -41.99 31.92 -31.54
N VAL F 428 -42.31 30.63 -31.40
CA VAL F 428 -41.44 29.55 -31.83
C VAL F 428 -42.03 28.78 -33.01
N THR F 429 -41.34 28.82 -34.15
CA THR F 429 -41.78 28.15 -35.39
C THR F 429 -40.57 27.40 -36.04
N GLY F 430 -40.80 26.73 -37.18
CA GLY F 430 -39.77 26.05 -37.95
C GLY F 430 -39.57 26.66 -39.33
N TRP F 431 -38.59 26.15 -40.08
CA TRP F 431 -38.25 26.68 -41.40
C TRP F 431 -38.94 25.99 -42.58
N ARG F 432 -39.55 24.85 -42.35
CA ARG F 432 -40.25 24.09 -43.39
C ARG F 432 -41.40 23.28 -42.75
N PRO F 433 -42.44 22.88 -43.51
CA PRO F 433 -43.55 22.12 -42.88
C PRO F 433 -43.15 20.74 -42.39
N GLY F 434 -43.98 20.14 -41.57
CA GLY F 434 -43.71 18.83 -41.00
C GLY F 434 -43.02 18.92 -39.66
N SER F 435 -43.16 17.88 -38.88
CA SER F 435 -42.57 17.75 -37.55
C SER F 435 -41.04 17.68 -37.62
N GLY F 436 -40.39 18.20 -36.60
CA GLY F 436 -38.94 18.10 -36.43
C GLY F 436 -38.09 19.23 -36.93
N TYR F 437 -38.69 20.31 -37.44
CA TYR F 437 -37.90 21.40 -38.01
C TYR F 437 -37.98 22.74 -37.29
N THR F 438 -38.45 22.76 -36.02
CA THR F 438 -38.51 24.01 -35.23
C THR F 438 -37.09 24.57 -35.10
N ASN F 439 -36.89 25.85 -35.46
CA ASN F 439 -35.56 26.46 -35.38
C ASN F 439 -35.59 27.98 -35.28
N ILE F 440 -36.78 28.58 -35.12
CA ILE F 440 -36.92 30.02 -35.11
C ILE F 440 -37.59 30.53 -33.86
N MET F 441 -37.05 31.63 -33.32
CA MET F 441 -37.63 32.28 -32.17
CA MET F 441 -37.57 32.30 -32.14
C MET F 441 -37.74 33.77 -32.48
N ARG F 442 -38.93 34.34 -32.29
CA ARG F 442 -39.16 35.76 -32.58
C ARG F 442 -39.69 36.47 -31.34
N VAL F 443 -39.24 37.70 -31.10
CA VAL F 443 -39.74 38.51 -29.99
C VAL F 443 -40.75 39.48 -30.60
N LEU F 444 -42.01 39.41 -30.18
CA LEU F 444 -43.05 40.28 -30.70
CA LEU F 444 -43.07 40.26 -30.71
C LEU F 444 -43.74 41.08 -29.61
N SER F 445 -44.10 42.33 -29.91
CA SER F 445 -44.80 43.20 -28.97
C SER F 445 -46.29 43.09 -29.29
N ILE F 446 -47.12 42.87 -28.28
CA ILE F 446 -48.55 42.70 -28.50
CA ILE F 446 -48.54 42.68 -28.50
C ILE F 446 -49.25 44.04 -28.70
N SER F 447 -49.95 44.18 -29.83
CA SER F 447 -50.65 45.41 -30.15
C SER F 447 -52.17 45.26 -30.18
N ALA G 25 -16.38 53.23 9.24
CA ALA G 25 -15.03 53.43 8.70
C ALA G 25 -14.28 52.11 8.58
N PHE G 26 -14.47 51.21 9.54
CA PHE G 26 -13.84 49.89 9.53
C PHE G 26 -14.29 49.10 8.29
N PHE G 27 -15.59 49.18 7.96
CA PHE G 27 -16.15 48.45 6.82
C PHE G 27 -15.91 49.10 5.46
N GLN G 28 -15.23 50.26 5.42
CA GLN G 28 -14.84 50.87 4.15
C GLN G 28 -13.37 50.50 3.78
N GLN G 29 -12.54 50.15 4.80
CA GLN G 29 -11.14 49.75 4.64
C GLN G 29 -11.03 48.29 4.16
N GLN G 30 -9.79 47.87 3.77
CA GLN G 30 -9.37 46.53 3.32
C GLN G 30 -10.34 45.84 2.34
N GLN G 31 -10.93 46.64 1.42
CA GLN G 31 -11.87 46.20 0.38
C GLN G 31 -13.05 45.42 0.95
N LEU G 32 -13.51 45.77 2.16
CA LEU G 32 -14.64 45.08 2.79
C LEU G 32 -15.95 45.22 2.00
N PRO G 33 -16.29 46.37 1.35
CA PRO G 33 -17.51 46.39 0.52
C PRO G 33 -17.40 45.40 -0.64
N ALA G 34 -16.21 45.27 -1.27
CA ALA G 34 -15.99 44.31 -2.37
C ALA G 34 -16.02 42.85 -1.86
N ALA G 35 -15.64 42.63 -0.61
CA ALA G 35 -15.65 41.31 0.02
C ALA G 35 -17.07 40.80 0.31
N MET G 36 -18.03 41.70 0.53
CA MET G 36 -19.42 41.32 0.80
C MET G 36 -20.24 41.02 -0.46
N ALA G 37 -19.67 41.24 -1.67
CA ALA G 37 -20.38 41.05 -2.93
C ALA G 37 -20.89 39.65 -3.17
N ASP G 38 -22.04 39.51 -3.85
CA ASP G 38 -22.65 38.22 -4.11
C ASP G 38 -22.10 37.52 -5.36
N THR G 39 -21.42 38.24 -6.24
CA THR G 39 -20.79 37.67 -7.42
C THR G 39 -19.36 38.23 -7.55
N PHE G 40 -18.52 37.51 -8.28
CA PHE G 40 -17.15 37.95 -8.55
C PHE G 40 -17.13 39.24 -9.36
N LEU G 41 -18.05 39.37 -10.31
CA LEU G 41 -18.20 40.55 -11.14
C LEU G 41 -18.52 41.78 -10.28
N GLU G 42 -19.49 41.66 -9.35
CA GLU G 42 -19.85 42.74 -8.41
CA GLU G 42 -19.83 42.76 -8.46
C GLU G 42 -18.68 43.07 -7.49
N HIS G 43 -17.88 42.05 -7.12
CA HIS G 43 -16.70 42.18 -6.27
C HIS G 43 -15.69 43.07 -6.98
N LEU G 44 -15.42 42.82 -8.29
CA LEU G 44 -14.50 43.65 -9.07
C LEU G 44 -15.00 45.09 -9.14
N CYS G 45 -16.31 45.28 -9.40
CA CYS G 45 -16.94 46.58 -9.51
C CYS G 45 -16.85 47.37 -8.22
N LEU G 46 -16.80 46.70 -7.06
CA LEU G 46 -16.71 47.37 -5.78
C LEU G 46 -15.28 47.64 -5.30
N LEU G 47 -14.25 47.26 -6.08
CA LEU G 47 -12.87 47.53 -5.68
C LEU G 47 -12.63 49.03 -5.64
N ASP G 48 -12.06 49.53 -4.55
CA ASP G 48 -11.90 50.96 -4.33
C ASP G 48 -10.45 51.33 -4.06
N ILE G 49 -9.87 52.22 -4.88
CA ILE G 49 -8.50 52.70 -4.68
C ILE G 49 -8.34 53.48 -3.36
N ASP G 50 -9.43 53.99 -2.80
CA ASP G 50 -9.39 54.72 -1.53
C ASP G 50 -9.57 53.80 -0.32
N SER G 51 -9.85 52.51 -0.53
CA SER G 51 -10.01 51.55 0.55
C SER G 51 -8.61 51.06 0.93
N GLU G 52 -8.05 51.61 1.99
CA GLU G 52 -6.69 51.28 2.40
C GLU G 52 -6.53 49.92 3.05
N PRO G 53 -5.42 49.22 2.72
CA PRO G 53 -5.20 47.92 3.37
C PRO G 53 -4.85 48.11 4.84
N VAL G 54 -5.43 47.29 5.70
CA VAL G 54 -5.14 47.36 7.14
C VAL G 54 -4.35 46.12 7.58
N ALA G 55 -4.68 44.95 7.02
CA ALA G 55 -4.01 43.71 7.37
C ALA G 55 -2.51 43.71 7.04
N ALA G 56 -1.74 42.92 7.80
CA ALA G 56 -0.32 42.76 7.52
C ALA G 56 -0.18 41.98 6.20
N ARG G 57 0.89 42.28 5.44
CA ARG G 57 1.15 41.63 4.16
C ARG G 57 1.42 40.16 4.38
N SER G 58 0.67 39.30 3.72
CA SER G 58 0.71 37.87 3.96
C SER G 58 1.48 37.02 2.91
N THR G 59 1.72 37.53 1.71
CA THR G 59 2.49 36.79 0.71
C THR G 59 3.97 37.05 0.99
N SER G 60 4.76 36.00 1.25
CA SER G 60 6.18 36.18 1.54
C SER G 60 6.98 36.63 0.37
N ILE G 61 8.04 37.36 0.65
CA ILE G 61 8.93 37.85 -0.38
C ILE G 61 10.22 37.09 -0.29
N ILE G 62 10.62 36.47 -1.40
CA ILE G 62 11.90 35.80 -1.48
C ILE G 62 12.84 36.75 -2.23
N ALA G 63 14.00 37.08 -1.65
CA ALA G 63 14.96 37.95 -2.34
C ALA G 63 16.23 37.19 -2.60
N THR G 64 16.73 37.25 -3.84
CA THR G 64 17.98 36.59 -4.17
C THR G 64 19.13 37.44 -3.70
N ILE G 65 20.03 36.84 -2.93
CA ILE G 65 21.16 37.53 -2.34
C ILE G 65 22.41 37.35 -3.16
N GLY G 66 22.93 38.48 -3.65
CA GLY G 66 24.12 38.54 -4.49
C GLY G 66 24.93 39.79 -4.21
N PRO G 67 25.78 40.20 -5.18
CA PRO G 67 26.63 41.39 -4.98
C PRO G 67 25.93 42.68 -4.57
N ALA G 68 24.70 42.91 -5.08
CA ALA G 68 23.93 44.11 -4.74
C ALA G 68 23.29 44.10 -3.34
N SER G 69 23.19 42.92 -2.71
CA SER G 69 22.44 42.78 -1.45
C SER G 69 23.16 41.92 -0.42
N ARG G 70 24.46 41.91 -0.45
CA ARG G 70 25.28 41.05 0.38
C ARG G 70 25.71 41.63 1.71
N SER G 71 25.89 42.95 1.78
CA SER G 71 26.39 43.58 2.99
C SER G 71 25.38 43.48 4.13
N VAL G 72 25.89 43.38 5.37
CA VAL G 72 25.07 43.30 6.57
C VAL G 72 24.13 44.49 6.69
N GLU G 73 24.64 45.69 6.37
CA GLU G 73 23.81 46.90 6.45
C GLU G 73 22.68 46.92 5.41
N ARG G 74 22.98 46.46 4.19
CA ARG G 74 22.00 46.38 3.12
C ARG G 74 20.95 45.30 3.46
N LEU G 75 21.39 44.17 4.02
CA LEU G 75 20.51 43.10 4.46
C LEU G 75 19.56 43.53 5.58
N LYS G 76 20.00 44.40 6.50
CA LYS G 76 19.13 44.95 7.55
C LYS G 76 18.02 45.79 6.93
N GLU G 77 18.37 46.57 5.89
CA GLU G 77 17.39 47.38 5.19
C GLU G 77 16.39 46.49 4.44
N MET G 78 16.85 45.36 3.87
CA MET G 78 15.97 44.44 3.15
CA MET G 78 15.96 44.45 3.15
C MET G 78 15.03 43.69 4.11
N ILE G 79 15.50 43.38 5.32
CA ILE G 79 14.67 42.73 6.33
C ILE G 79 13.57 43.72 6.76
N LYS G 80 13.95 45.00 6.95
CA LYS G 80 13.01 46.06 7.31
C LYS G 80 12.00 46.32 6.19
N ALA G 81 12.44 46.21 4.93
CA ALA G 81 11.55 46.39 3.78
C ALA G 81 10.53 45.25 3.60
N GLY G 82 10.84 44.07 4.15
CA GLY G 82 9.92 42.95 4.06
C GLY G 82 10.43 41.61 3.57
N MET G 83 11.74 41.47 3.32
CA MET G 83 12.30 40.19 2.88
C MET G 83 12.06 39.10 3.93
N ASN G 84 11.45 37.98 3.52
CA ASN G 84 11.19 36.90 4.46
C ASN G 84 12.13 35.71 4.26
N ILE G 85 12.54 35.46 2.99
CA ILE G 85 13.38 34.35 2.61
C ILE G 85 14.54 34.86 1.77
N ALA G 86 15.75 34.49 2.10
CA ALA G 86 16.95 34.87 1.36
C ALA G 86 17.31 33.69 0.45
N ARG G 87 17.36 33.93 -0.86
CA ARG G 87 17.64 32.87 -1.84
C ARG G 87 19.12 32.95 -2.28
N LEU G 88 19.79 31.81 -2.22
CA LEU G 88 21.16 31.71 -2.68
C LEU G 88 21.20 30.85 -3.94
N ASN G 89 21.48 31.48 -5.07
CA ASN G 89 21.49 30.81 -6.37
C ASN G 89 22.82 30.11 -6.60
N PHE G 90 22.83 28.79 -6.52
CA PHE G 90 24.06 28.03 -6.72
C PHE G 90 24.42 27.83 -8.20
N SER G 91 23.74 28.53 -9.12
CA SER G 91 24.14 28.59 -10.51
C SER G 91 25.31 29.60 -10.68
N HIS G 92 25.49 30.51 -9.69
CA HIS G 92 26.50 31.55 -9.66
C HIS G 92 27.27 31.48 -8.33
N GLY G 93 28.33 32.27 -8.23
CA GLY G 93 29.12 32.32 -7.02
C GLY G 93 29.86 31.03 -6.74
N SER G 94 30.20 30.82 -5.48
CA SER G 94 30.91 29.64 -5.05
C SER G 94 30.47 29.27 -3.61
N HIS G 95 30.94 28.14 -3.09
CA HIS G 95 30.63 27.72 -1.72
C HIS G 95 31.11 28.77 -0.70
N GLU G 96 32.32 29.28 -0.89
CA GLU G 96 32.89 30.29 0.01
C GLU G 96 32.09 31.59 -0.06
N TYR G 97 31.70 32.00 -1.27
CA TYR G 97 30.95 33.21 -1.49
C TYR G 97 29.55 33.11 -0.84
N HIS G 98 28.84 32.00 -1.07
CA HIS G 98 27.52 31.82 -0.52
C HIS G 98 27.54 31.65 0.99
N ALA G 99 28.60 31.04 1.55
CA ALA G 99 28.73 30.91 3.01
C ALA G 99 28.84 32.29 3.65
N GLU G 100 29.57 33.22 2.98
CA GLU G 100 29.73 34.58 3.47
CA GLU G 100 29.72 34.57 3.49
C GLU G 100 28.38 35.31 3.43
N SER G 101 27.62 35.14 2.34
CA SER G 101 26.31 35.77 2.21
C SER G 101 25.36 35.26 3.32
N ILE G 102 25.34 33.92 3.55
CA ILE G 102 24.54 33.30 4.59
C ILE G 102 24.89 33.86 5.97
N ALA G 103 26.19 33.98 6.27
CA ALA G 103 26.66 34.51 7.55
C ALA G 103 26.22 35.99 7.73
N ASN G 104 26.22 36.76 6.63
CA ASN G 104 25.81 38.15 6.65
C ASN G 104 24.30 38.26 6.86
N VAL G 105 23.51 37.35 6.24
CA VAL G 105 22.05 37.31 6.44
C VAL G 105 21.77 37.02 7.92
N ARG G 106 22.41 35.98 8.49
CA ARG G 106 22.23 35.65 9.90
C ARG G 106 22.66 36.77 10.84
N GLU G 107 23.71 37.50 10.51
CA GLU G 107 24.17 38.62 11.33
C GLU G 107 23.13 39.75 11.29
N ALA G 108 22.61 40.07 10.09
CA ALA G 108 21.57 41.11 9.96
C ALA G 108 20.27 40.68 10.68
N VAL G 109 19.89 39.39 10.60
CA VAL G 109 18.69 38.88 11.26
C VAL G 109 18.85 38.96 12.79
N GLU G 110 20.00 38.51 13.31
CA GLU G 110 20.22 38.50 14.76
C GLU G 110 20.46 39.88 15.37
N SER G 111 20.67 40.92 14.54
CA SER G 111 20.83 42.27 15.05
C SER G 111 19.51 42.80 15.68
N PHE G 112 18.37 42.17 15.38
CA PHE G 112 17.09 42.57 15.95
C PHE G 112 16.61 41.64 17.10
N ALA G 113 17.35 40.53 17.36
CA ALA G 113 16.98 39.54 18.38
C ALA G 113 16.88 40.09 19.81
N GLY G 114 17.45 41.28 20.05
CA GLY G 114 17.39 41.94 21.35
C GLY G 114 15.99 42.34 21.76
N SER G 115 15.06 42.45 20.79
CA SER G 115 13.66 42.77 21.07
C SER G 115 12.84 41.57 20.59
N PRO G 116 12.59 40.58 21.46
CA PRO G 116 11.89 39.36 21.01
C PRO G 116 10.45 39.56 20.55
N LEU G 117 9.77 40.63 21.00
CA LEU G 117 8.39 40.89 20.57
C LEU G 117 8.30 41.41 19.14
N SER G 118 9.41 41.87 18.54
CA SER G 118 9.41 42.37 17.17
C SER G 118 10.38 41.61 16.20
N TYR G 119 11.18 40.64 16.75
CA TYR G 119 12.15 39.87 15.97
C TYR G 119 11.52 39.19 14.76
N ARG G 120 12.14 39.36 13.58
CA ARG G 120 11.64 38.75 12.36
C ARG G 120 12.55 37.64 11.85
N PRO G 121 12.10 36.38 11.93
CA PRO G 121 12.92 35.26 11.37
C PRO G 121 13.01 35.34 9.86
N VAL G 122 14.15 34.94 9.28
CA VAL G 122 14.34 34.97 7.83
C VAL G 122 14.86 33.60 7.40
N ALA G 123 14.15 32.93 6.48
CA ALA G 123 14.57 31.62 6.01
C ALA G 123 15.74 31.73 5.03
N ILE G 124 16.52 30.66 4.92
CA ILE G 124 17.62 30.61 3.95
C ILE G 124 17.32 29.49 2.98
N ALA G 125 17.20 29.82 1.70
CA ALA G 125 16.87 28.87 0.66
C ALA G 125 18.03 28.69 -0.32
N LEU G 126 18.31 27.43 -0.69
CA LEU G 126 19.37 27.13 -1.64
C LEU G 126 18.74 26.76 -2.96
N ASP G 127 19.07 27.48 -4.03
CA ASP G 127 18.52 27.19 -5.34
C ASP G 127 19.62 26.43 -6.12
N THR G 128 19.35 25.17 -6.50
CA THR G 128 20.35 24.36 -7.19
C THR G 128 20.63 24.78 -8.66
N LYS G 129 21.83 24.44 -9.16
CA LYS G 129 22.18 24.72 -10.55
C LYS G 129 21.30 23.88 -11.52
N GLY G 130 21.01 22.65 -11.15
CA GLY G 130 20.16 21.81 -11.97
C GLY G 130 20.90 20.72 -12.70
N PRO G 131 20.17 19.86 -13.41
CA PRO G 131 20.81 18.74 -14.12
C PRO G 131 21.46 19.15 -15.43
N GLY G 134 21.75 16.69 -18.36
CA GLY G 134 21.99 15.34 -17.88
C GLY G 134 20.72 14.61 -17.48
N PRO G 135 20.83 13.31 -17.11
CA PRO G 135 19.61 12.56 -16.75
C PRO G 135 19.13 12.77 -15.30
N GLY G 136 19.93 12.34 -14.31
CA GLY G 136 19.54 12.48 -12.90
C GLY G 136 20.12 13.70 -12.20
N LEU G 137 20.30 13.61 -10.89
CA LEU G 137 20.93 14.67 -10.09
C LEU G 137 22.43 14.84 -10.50
N SER G 138 22.84 16.06 -10.79
CA SER G 138 24.22 16.33 -11.17
C SER G 138 25.20 16.22 -10.02
N GLU G 139 26.49 16.12 -10.31
CA GLU G 139 27.53 15.99 -9.27
C GLU G 139 27.69 17.30 -8.50
N GLN G 140 27.51 18.44 -9.17
CA GLN G 140 27.58 19.74 -8.51
C GLN G 140 26.40 19.90 -7.56
N ASP G 141 25.20 19.45 -7.96
CA ASP G 141 24.01 19.50 -7.11
C ASP G 141 24.21 18.70 -5.86
N VAL G 142 24.81 17.49 -5.94
CA VAL G 142 25.07 16.69 -4.75
C VAL G 142 25.99 17.43 -3.79
N ARG G 143 27.04 18.08 -4.31
CA ARG G 143 27.96 18.83 -3.45
C ARG G 143 27.32 20.09 -2.83
N ASP G 144 26.47 20.79 -3.60
CA ASP G 144 25.78 21.98 -3.15
C ASP G 144 24.71 21.63 -2.12
N LEU G 145 23.96 20.53 -2.31
CA LEU G 145 22.98 20.09 -1.34
C LEU G 145 23.66 19.72 -0.04
N ARG G 146 24.86 19.09 -0.10
CA ARG G 146 25.65 18.76 1.10
C ARG G 146 26.06 20.05 1.82
N PHE G 147 26.44 21.09 1.05
CA PHE G 147 26.80 22.38 1.58
C PHE G 147 25.59 22.98 2.36
N GLY G 148 24.40 22.89 1.75
CA GLY G 148 23.16 23.36 2.35
C GLY G 148 22.86 22.72 3.69
N VAL G 149 23.02 21.41 3.75
CA VAL G 149 22.81 20.65 4.97
C VAL G 149 23.82 21.09 6.04
N GLU G 150 25.10 21.25 5.65
CA GLU G 150 26.15 21.67 6.57
C GLU G 150 25.97 23.08 7.06
N HIS G 151 25.36 23.95 6.24
CA HIS G 151 25.13 25.33 6.64
C HIS G 151 23.71 25.58 7.20
N GLY G 152 22.94 24.52 7.40
CA GLY G 152 21.62 24.62 8.00
C GLY G 152 20.58 25.38 7.21
N VAL G 153 20.54 25.21 5.89
CA VAL G 153 19.53 25.88 5.08
C VAL G 153 18.14 25.29 5.43
N ASP G 154 17.11 26.10 5.25
CA ASP G 154 15.76 25.71 5.57
C ASP G 154 15.04 25.13 4.37
N ILE G 155 15.34 25.62 3.16
CA ILE G 155 14.61 25.25 1.96
C ILE G 155 15.56 24.97 0.81
N VAL G 156 15.15 24.10 -0.11
CA VAL G 156 15.88 23.82 -1.34
C VAL G 156 14.92 24.10 -2.48
N PHE G 157 15.31 24.98 -3.39
CA PHE G 157 14.54 25.22 -4.60
C PHE G 157 15.25 24.32 -5.62
N ALA G 158 14.68 23.13 -5.89
CA ALA G 158 15.32 22.16 -6.79
C ALA G 158 15.05 22.46 -8.25
N SER G 159 16.09 22.83 -9.00
CA SER G 159 15.95 23.19 -10.43
C SER G 159 15.59 22.03 -11.32
N PHE G 160 14.88 22.34 -12.42
CA PHE G 160 14.45 21.41 -13.46
C PHE G 160 13.94 20.07 -12.97
N VAL G 161 12.95 20.07 -12.06
CA VAL G 161 12.35 18.81 -11.62
C VAL G 161 11.41 18.37 -12.75
N ARG G 162 11.58 17.14 -13.25
CA ARG G 162 10.75 16.61 -14.36
C ARG G 162 9.85 15.44 -13.99
N LYS G 163 10.14 14.78 -12.88
CA LYS G 163 9.38 13.60 -12.45
C LYS G 163 9.59 13.35 -10.96
N ALA G 164 8.76 12.50 -10.34
CA ALA G 164 8.86 12.17 -8.91
C ALA G 164 10.22 11.66 -8.50
N SER G 165 10.92 10.90 -9.37
CA SER G 165 12.24 10.36 -9.03
C SER G 165 13.30 11.45 -8.88
N ASP G 166 13.11 12.61 -9.50
CA ASP G 166 14.04 13.74 -9.34
C ASP G 166 13.95 14.27 -7.90
N VAL G 167 12.73 14.30 -7.33
CA VAL G 167 12.53 14.75 -5.95
C VAL G 167 13.12 13.72 -4.99
N ALA G 168 12.96 12.43 -5.29
CA ALA G 168 13.51 11.37 -4.45
C ALA G 168 15.03 11.45 -4.42
N ALA G 169 15.66 11.81 -5.55
CA ALA G 169 17.11 11.99 -5.62
C ALA G 169 17.55 13.16 -4.75
N VAL G 170 16.83 14.29 -4.80
CA VAL G 170 17.14 15.44 -3.94
C VAL G 170 16.96 15.08 -2.45
N ARG G 171 15.87 14.35 -2.11
CA ARG G 171 15.63 13.90 -0.73
C ARG G 171 16.74 13.04 -0.22
N ALA G 172 17.21 12.10 -1.06
CA ALA G 172 18.29 11.17 -0.72
C ALA G 172 19.59 11.95 -0.51
N ALA G 173 19.84 12.97 -1.36
CA ALA G 173 21.01 13.83 -1.24
C ALA G 173 21.00 14.74 0.01
N LEU G 174 19.81 14.98 0.62
CA LEU G 174 19.78 15.79 1.85
C LEU G 174 20.28 14.98 3.09
N GLY G 175 21.02 13.92 2.79
CA GLY G 175 21.86 13.13 3.66
C GLY G 175 21.12 12.63 4.83
N PRO G 176 21.85 12.32 5.91
CA PRO G 176 21.16 11.84 7.12
C PRO G 176 20.65 12.98 8.03
N GLU G 177 21.19 14.21 7.88
CA GLU G 177 20.81 15.28 8.77
C GLU G 177 19.99 16.42 8.13
N GLY G 178 19.56 16.27 6.88
CA GLY G 178 18.75 17.31 6.23
C GLY G 178 17.34 16.92 5.84
N HIS G 179 16.75 15.92 6.53
CA HIS G 179 15.39 15.46 6.21
C HIS G 179 14.29 16.51 6.56
N GLY G 180 14.59 17.49 7.40
CA GLY G 180 13.66 18.55 7.73
C GLY G 180 13.65 19.72 6.77
N ILE G 181 14.53 19.71 5.76
CA ILE G 181 14.61 20.78 4.77
C ILE G 181 13.44 20.64 3.82
N LYS G 182 12.79 21.76 3.52
CA LYS G 182 11.66 21.72 2.63
C LYS G 182 12.15 21.69 1.20
N ILE G 183 11.58 20.82 0.37
CA ILE G 183 11.97 20.74 -1.03
C ILE G 183 10.88 21.33 -1.85
N ILE G 184 11.17 22.45 -2.49
CA ILE G 184 10.25 23.13 -3.36
C ILE G 184 10.73 22.81 -4.77
N SER G 185 9.95 22.03 -5.53
CA SER G 185 10.33 21.65 -6.88
C SER G 185 10.09 22.76 -7.88
N LYS G 186 11.12 23.13 -8.64
CA LYS G 186 10.95 24.15 -9.67
C LYS G 186 10.45 23.50 -10.96
N ILE G 187 9.30 23.94 -11.47
CA ILE G 187 8.77 23.41 -12.72
C ILE G 187 9.22 24.36 -13.80
N GLU G 188 10.12 23.88 -14.70
CA GLU G 188 10.75 24.74 -15.70
C GLU G 188 10.64 24.25 -17.13
N ASN G 189 9.97 23.13 -17.40
CA ASN G 189 9.86 22.62 -18.77
C ASN G 189 8.51 21.91 -19.02
N HIS G 190 8.26 21.48 -20.26
CA HIS G 190 7.03 20.79 -20.62
C HIS G 190 6.84 19.49 -19.83
N GLU G 191 7.90 18.72 -19.61
CA GLU G 191 7.78 17.47 -18.85
C GLU G 191 7.35 17.71 -17.39
N GLY G 192 7.91 18.74 -16.75
CA GLY G 192 7.55 19.09 -15.38
C GLY G 192 6.08 19.47 -15.29
N VAL G 193 5.57 20.20 -16.31
CA VAL G 193 4.17 20.59 -16.35
C VAL G 193 3.28 19.35 -16.54
N LYS G 194 3.66 18.45 -17.47
CA LYS G 194 2.88 17.25 -17.73
C LYS G 194 2.87 16.26 -16.57
N ARG G 195 4.00 16.12 -15.89
CA ARG G 195 4.08 15.22 -14.75
C ARG G 195 3.90 15.95 -13.40
N PHE G 196 3.24 17.14 -13.43
CA PHE G 196 3.03 17.98 -12.26
C PHE G 196 2.43 17.24 -11.06
N ASP G 197 1.33 16.48 -11.27
CA ASP G 197 0.68 15.80 -10.15
C ASP G 197 1.58 14.88 -9.38
N GLU G 198 2.39 14.09 -10.08
CA GLU G 198 3.29 13.15 -9.41
C GLU G 198 4.43 13.89 -8.69
N ILE G 199 4.84 15.06 -9.21
CA ILE G 199 5.89 15.85 -8.61
C ILE G 199 5.36 16.52 -7.32
N LEU G 200 4.16 17.11 -7.40
CA LEU G 200 3.55 17.78 -6.25
C LEU G 200 3.33 16.82 -5.10
N GLU G 201 2.90 15.60 -5.40
CA GLU G 201 2.65 14.56 -4.42
C GLU G 201 3.84 14.28 -3.53
N VAL G 202 5.06 14.28 -4.08
CA VAL G 202 6.26 14.00 -3.30
C VAL G 202 7.05 15.25 -2.88
N SER G 203 6.65 16.45 -3.32
CA SER G 203 7.35 17.67 -2.95
C SER G 203 6.70 18.35 -1.78
N ASP G 204 7.44 19.24 -1.10
CA ASP G 204 6.84 20.08 -0.06
C ASP G 204 6.10 21.28 -0.67
N GLY G 205 6.45 21.65 -1.89
CA GLY G 205 5.84 22.77 -2.59
C GLY G 205 6.39 22.90 -4.00
N ILE G 206 6.02 23.98 -4.68
CA ILE G 206 6.38 24.19 -6.07
C ILE G 206 6.80 25.62 -6.35
N MET G 207 7.70 25.79 -7.33
CA MET G 207 8.06 27.11 -7.80
C MET G 207 7.75 27.13 -9.28
N VAL G 208 6.98 28.13 -9.72
CA VAL G 208 6.68 28.32 -11.13
C VAL G 208 7.89 29.14 -11.62
N ALA G 209 8.90 28.43 -12.13
CA ALA G 209 10.17 29.03 -12.59
C ALA G 209 9.96 29.52 -14.02
N ARG G 210 9.38 30.71 -14.17
CA ARG G 210 8.94 31.27 -15.43
C ARG G 210 10.03 31.57 -16.45
N GLY G 211 11.27 31.82 -16.02
CA GLY G 211 12.37 32.10 -16.92
C GLY G 211 12.62 30.96 -17.89
N ASP G 212 13.01 29.77 -17.37
CA ASP G 212 13.21 28.61 -18.23
C ASP G 212 11.91 28.12 -18.82
N LEU G 213 10.81 28.17 -18.06
CA LEU G 213 9.51 27.73 -18.56
C LEU G 213 9.11 28.48 -19.83
N GLY G 214 9.37 29.78 -19.87
CA GLY G 214 9.08 30.64 -21.01
C GLY G 214 9.96 30.41 -22.23
N ILE G 215 11.05 29.65 -22.08
CA ILE G 215 11.97 29.26 -23.17
C ILE G 215 11.62 27.82 -23.61
N GLU G 216 11.26 26.94 -22.66
CA GLU G 216 10.92 25.54 -22.90
C GLU G 216 9.56 25.33 -23.55
N ILE G 217 8.61 26.20 -23.25
CA ILE G 217 7.27 26.15 -23.83
C ILE G 217 6.98 27.54 -24.45
N PRO G 218 5.98 27.70 -25.33
CA PRO G 218 5.71 29.02 -25.90
C PRO G 218 5.46 30.06 -24.81
N ALA G 219 6.06 31.24 -24.92
CA ALA G 219 5.94 32.31 -23.94
C ALA G 219 4.50 32.67 -23.63
N GLU G 220 3.61 32.61 -24.63
CA GLU G 220 2.20 32.93 -24.43
C GLU G 220 1.41 31.86 -23.66
N LYS G 221 2.04 30.73 -23.30
CA LYS G 221 1.38 29.66 -22.55
C LYS G 221 1.81 29.62 -21.07
N VAL G 222 2.86 30.36 -20.68
CA VAL G 222 3.34 30.38 -19.30
C VAL G 222 2.25 30.73 -18.28
N PHE G 223 1.37 31.68 -18.61
CA PHE G 223 0.30 32.06 -17.69
C PHE G 223 -0.65 30.88 -17.38
N LEU G 224 -0.87 29.98 -18.37
CA LEU G 224 -1.74 28.83 -18.16
C LEU G 224 -1.07 27.88 -17.18
N ALA G 225 0.24 27.67 -17.34
CA ALA G 225 0.97 26.77 -16.47
C ALA G 225 1.02 27.38 -15.04
N GLN G 226 1.26 28.70 -14.92
CA GLN G 226 1.30 29.37 -13.62
C GLN G 226 -0.05 29.23 -12.89
N LYS G 227 -1.15 29.59 -13.58
CA LYS G 227 -2.46 29.54 -12.98
C LYS G 227 -2.88 28.11 -12.60
N MET G 228 -2.56 27.13 -13.44
CA MET G 228 -2.87 25.73 -13.18
C MET G 228 -2.10 25.22 -11.94
N MET G 229 -0.79 25.47 -11.90
CA MET G 229 0.03 25.01 -10.79
C MET G 229 -0.33 25.66 -9.48
N ILE G 230 -0.66 26.96 -9.49
CA ILE G 230 -1.05 27.66 -8.28
C ILE G 230 -2.38 27.09 -7.78
N GLY G 231 -3.33 26.88 -8.68
CA GLY G 231 -4.61 26.27 -8.33
C GLY G 231 -4.45 24.90 -7.71
N ARG G 232 -3.65 24.03 -8.33
CA ARG G 232 -3.45 22.68 -7.81
C ARG G 232 -2.71 22.68 -6.47
N CYS G 233 -1.77 23.61 -6.27
CA CYS G 233 -1.06 23.71 -4.99
C CYS G 233 -1.99 24.20 -3.91
N ASN G 234 -2.87 25.15 -4.23
CA ASN G 234 -3.87 25.66 -3.30
C ASN G 234 -4.81 24.52 -2.88
N LEU G 235 -5.22 23.69 -3.85
CA LEU G 235 -6.07 22.53 -3.62
C LEU G 235 -5.35 21.53 -2.71
N ALA G 236 -4.06 21.30 -2.96
CA ALA G 236 -3.26 20.37 -2.17
C ALA G 236 -2.86 20.91 -0.80
N GLY G 237 -3.00 22.22 -0.58
CA GLY G 237 -2.56 22.85 0.66
C GLY G 237 -1.06 22.89 0.80
N LYS G 238 -0.35 23.03 -0.34
CA LYS G 238 1.13 23.09 -0.36
C LYS G 238 1.59 24.41 -0.93
N PRO G 239 2.71 24.96 -0.41
CA PRO G 239 3.16 26.27 -0.90
C PRO G 239 3.54 26.33 -2.40
N VAL G 240 3.20 27.45 -3.02
CA VAL G 240 3.55 27.71 -4.38
C VAL G 240 4.22 29.11 -4.47
N VAL G 241 5.36 29.18 -5.19
CA VAL G 241 6.09 30.41 -5.37
C VAL G 241 5.94 30.87 -6.81
N CYS G 242 5.67 32.17 -7.04
CA CYS G 242 5.69 32.69 -8.39
C CYS G 242 7.06 33.39 -8.55
N ALA G 243 7.78 33.04 -9.62
CA ALA G 243 9.13 33.56 -9.78
C ALA G 243 9.44 34.07 -11.16
N THR G 244 10.47 34.95 -11.25
CA THR G 244 11.23 35.46 -12.41
C THR G 244 10.57 36.58 -13.19
N GLN G 245 11.32 37.69 -13.29
CA GLN G 245 11.00 38.90 -14.04
C GLN G 245 9.76 39.62 -13.53
N MET G 246 9.40 39.42 -12.26
CA MET G 246 8.22 40.10 -11.70
C MET G 246 8.36 41.62 -11.73
N LEU G 247 9.59 42.13 -11.40
CA LEU G 247 9.88 43.57 -11.41
C LEU G 247 11.20 43.81 -12.18
N GLU G 248 11.43 43.05 -13.27
CA GLU G 248 12.66 43.06 -14.06
C GLU G 248 13.27 44.46 -14.35
N SER G 249 12.46 45.41 -14.82
CA SER G 249 12.95 46.75 -15.12
C SER G 249 13.60 47.44 -13.91
N MET G 250 13.24 47.03 -12.68
CA MET G 250 13.81 47.61 -11.47
C MET G 250 15.29 47.20 -11.22
N ILE G 251 15.88 46.38 -12.12
CA ILE G 251 17.32 46.08 -12.02
C ILE G 251 18.09 47.40 -12.31
N THR G 252 17.58 48.24 -13.24
CA THR G 252 18.22 49.50 -13.56
C THR G 252 17.35 50.72 -13.21
N LYS G 253 16.02 50.58 -13.14
CA LYS G 253 15.15 51.73 -12.89
C LYS G 253 14.54 51.74 -11.48
N PRO G 254 14.34 52.93 -10.88
CA PRO G 254 13.80 52.98 -9.51
C PRO G 254 12.30 52.67 -9.39
N ARG G 255 11.56 52.68 -10.50
CA ARG G 255 10.12 52.38 -10.48
C ARG G 255 9.84 51.27 -11.52
N PRO G 256 8.89 50.37 -11.25
CA PRO G 256 8.60 49.30 -12.22
C PRO G 256 7.62 49.75 -13.32
N THR G 257 7.42 48.90 -14.33
CA THR G 257 6.46 49.18 -15.38
C THR G 257 5.04 48.83 -14.93
N ARG G 258 4.02 49.25 -15.69
CA ARG G 258 2.64 48.94 -15.39
C ARG G 258 2.37 47.43 -15.50
N ALA G 259 3.07 46.74 -16.40
CA ALA G 259 2.91 45.28 -16.54
C ALA G 259 3.49 44.54 -15.33
N GLU G 260 4.59 45.06 -14.77
CA GLU G 260 5.26 44.45 -13.64
C GLU G 260 4.44 44.53 -12.35
N THR G 261 3.84 45.69 -12.04
CA THR G 261 3.01 45.80 -10.84
C THR G 261 1.76 44.91 -10.98
N SER G 262 1.20 44.88 -12.18
CA SER G 262 0.06 44.04 -12.52
C SER G 262 0.42 42.54 -12.34
N ASP G 263 1.62 42.13 -12.78
CA ASP G 263 2.08 40.77 -12.65
C ASP G 263 2.17 40.35 -11.16
N VAL G 264 2.72 41.22 -10.31
CA VAL G 264 2.85 40.92 -8.89
C VAL G 264 1.45 40.79 -8.28
N ALA G 265 0.56 41.73 -8.58
CA ALA G 265 -0.79 41.70 -8.06
C ALA G 265 -1.54 40.45 -8.51
N ASN G 266 -1.40 40.06 -9.80
CA ASN G 266 -2.07 38.90 -10.33
C ASN G 266 -1.51 37.59 -9.79
N ALA G 267 -0.22 37.53 -9.45
CA ALA G 267 0.35 36.33 -8.84
C ALA G 267 -0.32 36.10 -7.45
N VAL G 268 -0.55 37.19 -6.69
CA VAL G 268 -1.21 37.14 -5.40
C VAL G 268 -2.69 36.75 -5.57
N LEU G 269 -3.38 37.39 -6.53
CA LEU G 269 -4.78 37.06 -6.79
C LEU G 269 -4.95 35.63 -7.32
N ASP G 270 -3.93 35.08 -8.00
CA ASP G 270 -3.94 33.69 -8.49
C ASP G 270 -3.94 32.71 -7.32
N GLY G 271 -3.29 33.07 -6.21
CA GLY G 271 -3.19 32.22 -5.05
C GLY G 271 -1.77 31.90 -4.62
N ALA G 272 -0.76 32.63 -5.14
CA ALA G 272 0.63 32.34 -4.78
C ALA G 272 0.91 32.58 -3.31
N ASP G 273 1.65 31.68 -2.69
CA ASP G 273 2.06 31.85 -1.30
C ASP G 273 3.23 32.81 -1.21
N CYS G 274 4.16 32.74 -2.17
CA CYS G 274 5.36 33.56 -2.18
C CYS G 274 5.55 34.21 -3.53
N ILE G 275 6.22 35.35 -3.51
CA ILE G 275 6.64 36.04 -4.71
C ILE G 275 8.16 36.20 -4.62
N MET G 276 8.85 36.22 -5.77
CA MET G 276 10.29 36.25 -5.77
C MET G 276 10.89 37.39 -6.54
N LEU G 277 12.10 37.77 -6.14
CA LEU G 277 12.95 38.76 -6.79
C LEU G 277 14.25 38.04 -7.09
N SER G 278 14.74 38.15 -8.33
CA SER G 278 15.96 37.50 -8.72
CA SER G 278 15.98 37.49 -8.72
C SER G 278 17.06 38.53 -8.99
N GLY G 279 17.24 38.97 -10.24
CA GLY G 279 18.22 39.98 -10.62
C GLY G 279 17.94 41.31 -9.96
N GLU G 280 16.66 41.60 -9.67
CA GLU G 280 16.25 42.82 -8.99
C GLU G 280 17.00 43.00 -7.64
N THR G 281 17.26 41.90 -6.90
CA THR G 281 17.99 42.03 -5.63
C THR G 281 19.41 41.47 -5.66
N ALA G 282 19.68 40.49 -6.52
CA ALA G 282 21.00 39.88 -6.59
C ALA G 282 22.03 40.83 -7.23
N LYS G 283 21.65 41.51 -8.30
CA LYS G 283 22.59 42.35 -9.03
C LYS G 283 22.06 43.74 -9.40
N GLY G 284 20.83 44.07 -9.02
CA GLY G 284 20.22 45.34 -9.41
C GLY G 284 20.70 46.57 -8.68
N ASN G 285 20.26 47.75 -9.15
CA ASN G 285 20.59 49.03 -8.55
C ASN G 285 19.65 49.43 -7.40
N PHE G 286 18.44 48.80 -7.32
CA PHE G 286 17.49 49.15 -6.29
C PHE G 286 16.93 47.91 -5.59
N PRO G 287 17.79 47.15 -4.87
CA PRO G 287 17.29 45.93 -4.22
C PRO G 287 16.28 46.20 -3.12
N VAL G 288 16.51 47.23 -2.27
CA VAL G 288 15.59 47.55 -1.19
C VAL G 288 14.27 48.08 -1.74
N GLU G 289 14.34 48.91 -2.78
CA GLU G 289 13.15 49.47 -3.40
C GLU G 289 12.31 48.39 -4.07
N ALA G 290 12.96 47.34 -4.62
CA ALA G 290 12.24 46.22 -5.25
C ALA G 290 11.46 45.43 -4.19
N VAL G 291 12.05 45.23 -3.01
CA VAL G 291 11.39 44.55 -1.92
C VAL G 291 10.20 45.39 -1.44
N LYS G 292 10.43 46.72 -1.29
CA LYS G 292 9.37 47.64 -0.88
C LYS G 292 8.19 47.62 -1.83
N MET G 293 8.48 47.55 -3.13
CA MET G 293 7.46 47.54 -4.18
C MET G 293 6.62 46.26 -4.13
N GLN G 294 7.28 45.09 -3.95
CA GLN G 294 6.55 43.84 -3.81
C GLN G 294 5.67 43.84 -2.59
N HIS G 295 6.18 44.42 -1.48
CA HIS G 295 5.43 44.54 -0.24
C HIS G 295 4.16 45.38 -0.45
N ALA G 296 4.31 46.55 -1.09
CA ALA G 296 3.20 47.47 -1.32
C ALA G 296 2.12 46.85 -2.20
N ILE G 297 2.53 46.20 -3.32
CA ILE G 297 1.58 45.56 -4.23
C ILE G 297 0.87 44.37 -3.56
N ALA G 298 1.63 43.47 -2.88
CA ALA G 298 1.04 42.31 -2.25
C ALA G 298 -0.04 42.68 -1.23
N ARG G 299 0.21 43.73 -0.42
CA ARG G 299 -0.78 44.19 0.57
C ARG G 299 -2.08 44.63 -0.11
N GLU G 300 -1.97 45.37 -1.20
CA GLU G 300 -3.15 45.83 -1.93
C GLU G 300 -3.89 44.65 -2.56
N ALA G 301 -3.15 43.70 -3.12
CA ALA G 301 -3.74 42.54 -3.79
C ALA G 301 -4.41 41.58 -2.84
N GLU G 302 -3.84 41.41 -1.65
CA GLU G 302 -4.43 40.53 -0.63
C GLU G 302 -5.81 41.03 -0.17
N ALA G 303 -5.97 42.36 -0.01
CA ALA G 303 -7.27 42.90 0.37
C ALA G 303 -8.30 42.71 -0.73
N ALA G 304 -7.85 42.71 -2.00
CA ALA G 304 -8.70 42.51 -3.18
C ALA G 304 -9.08 41.05 -3.44
N VAL G 305 -8.58 40.09 -2.67
CA VAL G 305 -8.95 38.68 -2.85
C VAL G 305 -10.44 38.50 -2.52
N TYR G 306 -11.19 37.75 -3.34
CA TYR G 306 -12.61 37.50 -3.13
C TYR G 306 -12.78 36.27 -2.23
N HIS G 307 -12.56 36.45 -0.93
CA HIS G 307 -12.61 35.38 0.05
C HIS G 307 -13.89 34.54 0.06
N ARG G 308 -15.04 35.15 -0.22
CA ARG G 308 -16.33 34.45 -0.21
C ARG G 308 -16.32 33.24 -1.14
N GLN G 309 -15.83 33.43 -2.37
CA GLN G 309 -15.76 32.34 -3.33
C GLN G 309 -14.59 31.43 -3.02
N LEU G 310 -13.44 32.02 -2.69
CA LEU G 310 -12.22 31.27 -2.39
C LEU G 310 -12.40 30.27 -1.24
N PHE G 311 -12.91 30.73 -0.09
CA PHE G 311 -13.13 29.87 1.06
C PHE G 311 -14.13 28.78 0.75
N GLU G 312 -15.23 29.14 0.08
CA GLU G 312 -16.24 28.15 -0.31
C GLU G 312 -15.67 27.07 -1.22
N GLU G 313 -14.84 27.47 -2.21
CA GLU G 313 -14.26 26.52 -3.14
C GLU G 313 -13.18 25.66 -2.49
N LEU G 314 -12.39 26.24 -1.58
CA LEU G 314 -11.36 25.47 -0.87
C LEU G 314 -12.04 24.45 0.04
N ARG G 315 -13.10 24.87 0.73
CA ARG G 315 -13.90 24.05 1.61
C ARG G 315 -14.57 22.89 0.84
N ARG G 316 -15.21 23.19 -0.30
CA ARG G 316 -15.90 22.18 -1.12
C ARG G 316 -14.91 21.16 -1.68
N ALA G 317 -13.75 21.61 -2.15
CA ALA G 317 -12.76 20.73 -2.76
C ALA G 317 -11.98 19.89 -1.77
N ALA G 318 -11.80 20.39 -0.53
CA ALA G 318 -11.06 19.65 0.47
C ALA G 318 -11.87 18.42 0.92
N PRO G 319 -11.22 17.25 0.98
CA PRO G 319 -11.93 16.04 1.37
C PRO G 319 -12.24 15.98 2.87
N LEU G 320 -13.11 15.04 3.28
CA LEU G 320 -13.38 14.83 4.70
C LEU G 320 -12.09 14.37 5.39
N SER G 321 -11.92 14.70 6.66
CA SER G 321 -10.73 14.33 7.37
C SER G 321 -11.05 13.91 8.77
N ARG G 322 -10.36 12.92 9.27
CA ARG G 322 -10.46 12.51 10.65
C ARG G 322 -9.23 12.96 11.49
N ASP G 323 -8.35 13.79 10.89
CA ASP G 323 -7.19 14.29 11.58
C ASP G 323 -7.64 15.51 12.37
N PRO G 324 -7.46 15.49 13.70
CA PRO G 324 -7.93 16.63 14.52
C PRO G 324 -7.31 17.96 14.19
N THR G 325 -6.07 18.00 13.69
CA THR G 325 -5.44 19.26 13.32
C THR G 325 -6.16 19.85 12.12
N GLU G 326 -6.43 19.04 11.11
CA GLU G 326 -7.14 19.49 9.91
CA GLU G 326 -7.14 19.48 9.91
C GLU G 326 -8.59 19.93 10.27
N VAL G 327 -9.28 19.19 11.14
CA VAL G 327 -10.65 19.52 11.58
C VAL G 327 -10.67 20.82 12.40
N THR G 328 -9.69 21.01 13.30
CA THR G 328 -9.60 22.22 14.11
C THR G 328 -9.31 23.41 13.25
N ALA G 329 -8.45 23.25 12.21
CA ALA G 329 -8.08 24.32 11.31
C ALA G 329 -9.27 24.91 10.56
N ILE G 330 -10.14 24.06 9.99
CA ILE G 330 -11.29 24.57 9.26
C ILE G 330 -12.29 25.22 10.19
N GLY G 331 -12.47 24.66 11.39
CA GLY G 331 -13.32 25.25 12.42
C GLY G 331 -12.82 26.63 12.81
N ALA G 332 -11.50 26.77 13.00
CA ALA G 332 -10.88 28.04 13.39
C ALA G 332 -10.98 29.07 12.30
N VAL G 333 -10.83 28.68 11.03
CA VAL G 333 -10.91 29.64 9.91
C VAL G 333 -12.37 30.09 9.74
N GLU G 334 -13.35 29.17 9.91
CA GLU G 334 -14.75 29.53 9.85
CA GLU G 334 -14.75 29.53 9.85
C GLU G 334 -15.09 30.51 10.98
N ALA G 335 -14.59 30.25 12.21
CA ALA G 335 -14.81 31.12 13.35
C ALA G 335 -14.21 32.49 13.12
N ALA G 336 -12.99 32.55 12.53
CA ALA G 336 -12.32 33.82 12.25
C ALA G 336 -13.12 34.69 11.26
N PHE G 337 -13.67 34.08 10.21
CA PHE G 337 -14.50 34.83 9.26
C PHE G 337 -15.80 35.35 9.92
N LYS G 338 -16.40 34.56 10.79
CA LYS G 338 -17.64 34.91 11.47
C LYS G 338 -17.55 36.19 12.30
N CYS G 339 -16.42 36.40 12.98
CA CYS G 339 -16.26 37.57 13.83
C CYS G 339 -15.28 38.62 13.31
N CYS G 340 -14.74 38.44 12.08
CA CYS G 340 -13.72 39.33 11.52
C CYS G 340 -12.53 39.39 12.47
N ALA G 341 -12.08 38.20 12.95
CA ALA G 341 -10.99 38.09 13.90
C ALA G 341 -9.75 38.74 13.35
N ALA G 342 -9.05 39.49 14.19
CA ALA G 342 -7.84 40.16 13.73
C ALA G 342 -6.72 39.13 13.46
N ALA G 343 -6.72 38.01 14.20
CA ALA G 343 -5.68 37.00 14.05
C ALA G 343 -6.14 35.64 14.56
N ILE G 344 -5.43 34.58 14.10
CA ILE G 344 -5.54 33.23 14.59
C ILE G 344 -4.18 32.96 15.21
N ILE G 345 -4.08 32.85 16.53
CA ILE G 345 -2.81 32.53 17.17
C ILE G 345 -2.68 31.03 17.31
N VAL G 346 -1.66 30.42 16.71
CA VAL G 346 -1.47 28.97 16.78
C VAL G 346 -0.13 28.58 17.36
N LEU G 347 -0.10 27.57 18.23
CA LEU G 347 1.14 27.04 18.76
C LEU G 347 1.50 25.89 17.84
N THR G 348 2.78 25.86 17.42
CA THR G 348 3.26 24.84 16.49
C THR G 348 4.73 24.50 16.72
N THR G 349 5.11 23.21 16.62
CA THR G 349 6.52 22.85 16.78
C THR G 349 7.15 22.66 15.42
N THR G 350 6.42 22.04 14.47
CA THR G 350 6.89 21.76 13.13
C THR G 350 6.38 22.75 12.09
N GLY G 351 5.36 23.52 12.42
CA GLY G 351 4.74 24.45 11.46
C GLY G 351 3.45 23.89 10.85
N ARG G 352 3.21 22.59 11.02
CA ARG G 352 2.07 21.94 10.39
C ARG G 352 0.70 22.52 10.74
N SER G 353 0.45 22.83 12.02
CA SER G 353 -0.84 23.39 12.41
C SER G 353 -1.07 24.76 11.74
N ALA G 354 0.00 25.55 11.54
CA ALA G 354 -0.10 26.84 10.88
C ALA G 354 -0.34 26.64 9.39
N GLN G 355 0.29 25.63 8.79
CA GLN G 355 0.12 25.33 7.37
C GLN G 355 -1.32 24.92 7.09
N LEU G 356 -1.92 24.10 7.98
CA LEU G 356 -3.30 23.66 7.80
C LEU G 356 -4.30 24.81 7.92
N LEU G 357 -3.95 25.85 8.72
CA LEU G 357 -4.81 27.02 8.81
C LEU G 357 -4.68 27.82 7.51
N SER G 358 -3.46 28.04 7.06
CA SER G 358 -3.10 28.77 5.85
C SER G 358 -3.78 28.27 4.60
N ARG G 359 -3.96 26.93 4.47
CA ARG G 359 -4.58 26.36 3.27
C ARG G 359 -6.03 26.81 3.05
N TYR G 360 -6.74 27.23 4.13
CA TYR G 360 -8.11 27.73 3.97
C TYR G 360 -8.18 29.22 3.69
N ARG G 361 -7.02 29.87 3.55
CA ARG G 361 -6.89 31.27 3.21
C ARG G 361 -7.74 32.21 4.07
N PRO G 362 -7.54 32.19 5.40
CA PRO G 362 -8.26 33.15 6.24
C PRO G 362 -7.81 34.58 5.95
N ARG G 363 -8.69 35.55 6.14
CA ARG G 363 -8.32 36.96 6.07
C ARG G 363 -7.51 37.30 7.33
N ALA G 364 -7.81 36.64 8.48
CA ALA G 364 -7.11 36.87 9.73
C ALA G 364 -5.67 36.38 9.62
N ALA G 365 -4.72 37.15 10.15
CA ALA G 365 -3.32 36.76 10.14
C ALA G 365 -3.14 35.48 10.99
N VAL G 366 -2.30 34.55 10.57
CA VAL G 366 -2.02 33.36 11.36
C VAL G 366 -0.71 33.61 12.09
N ILE G 367 -0.78 33.91 13.39
CA ILE G 367 0.39 34.19 14.18
C ILE G 367 0.85 32.87 14.73
N ALA G 368 2.00 32.37 14.25
CA ALA G 368 2.48 31.06 14.70
C ALA G 368 3.54 31.20 15.74
N VAL G 369 3.25 30.76 16.93
CA VAL G 369 4.21 30.82 18.03
C VAL G 369 4.94 29.47 18.15
N THR G 370 6.27 29.51 18.01
CA THR G 370 7.05 28.29 18.03
C THR G 370 8.35 28.45 18.78
N ARG G 371 8.84 27.33 19.32
CA ARG G 371 10.17 27.29 19.96
C ARG G 371 11.27 26.82 18.97
N SER G 372 10.85 26.31 17.76
CA SER G 372 11.73 25.82 16.72
C SER G 372 12.12 26.97 15.80
N ALA G 373 13.41 27.34 15.83
CA ALA G 373 13.91 28.39 14.96
C ALA G 373 13.76 27.98 13.49
N GLN G 374 13.95 26.68 13.16
CA GLN G 374 13.77 26.22 11.80
C GLN G 374 12.30 26.34 11.34
N ALA G 375 11.34 25.88 12.14
CA ALA G 375 9.93 25.98 11.78
C ALA G 375 9.51 27.44 11.63
N ALA G 376 10.04 28.33 12.50
CA ALA G 376 9.75 29.75 12.37
C ALA G 376 10.21 30.29 11.00
N ARG G 377 11.36 29.83 10.51
CA ARG G 377 11.83 30.28 9.20
C ARG G 377 11.03 29.64 8.06
N GLN G 378 10.74 28.34 8.19
CA GLN G 378 10.06 27.61 7.13
C GLN G 378 8.60 27.97 6.91
N VAL G 379 7.88 28.43 7.97
CA VAL G 379 6.46 28.78 7.79
C VAL G 379 6.26 30.02 6.91
N HIS G 380 7.36 30.76 6.57
CA HIS G 380 7.25 31.86 5.62
C HIS G 380 6.77 31.35 4.24
N LEU G 381 6.90 30.04 3.96
CA LEU G 381 6.43 29.47 2.70
C LEU G 381 4.90 29.50 2.60
N CYS G 382 4.18 29.51 3.73
CA CYS G 382 2.73 29.46 3.78
C CYS G 382 2.11 30.85 3.90
N ARG G 383 1.26 31.22 2.94
CA ARG G 383 0.64 32.54 2.94
C ARG G 383 -0.12 32.85 4.22
N GLY G 384 0.10 34.04 4.74
CA GLY G 384 -0.59 34.52 5.92
C GLY G 384 -0.05 34.00 7.22
N VAL G 385 1.13 33.36 7.23
CA VAL G 385 1.69 32.88 8.48
C VAL G 385 2.80 33.80 8.93
N PHE G 386 2.64 34.35 10.14
CA PHE G 386 3.58 35.30 10.75
C PHE G 386 4.26 34.59 11.90
N PRO G 387 5.50 34.17 11.70
CA PRO G 387 6.17 33.38 12.76
C PRO G 387 6.75 34.19 13.91
N LEU G 388 6.58 33.67 15.13
CA LEU G 388 7.14 34.30 16.30
C LEU G 388 7.99 33.27 16.98
N LEU G 389 9.27 33.57 17.16
CA LEU G 389 10.18 32.64 17.83
C LEU G 389 10.18 32.89 19.33
N TYR G 390 9.73 31.91 20.09
CA TYR G 390 9.62 32.01 21.53
C TYR G 390 10.90 31.48 22.17
N ARG G 391 11.57 32.31 22.95
CA ARG G 391 12.84 31.95 23.59
C ARG G 391 12.81 31.93 25.10
N GLU G 392 11.67 32.15 25.71
CA GLU G 392 11.58 32.20 27.16
C GLU G 392 11.83 30.86 27.79
N PRO G 393 12.35 30.87 29.03
CA PRO G 393 12.51 29.60 29.76
C PRO G 393 11.15 28.93 30.06
N PRO G 394 11.16 27.59 30.22
CA PRO G 394 9.89 26.87 30.40
C PRO G 394 9.22 27.08 31.74
N GLU G 395 7.88 27.08 31.75
CA GLU G 395 7.13 27.10 33.00
C GLU G 395 7.02 25.63 33.47
N ALA G 396 6.92 25.40 34.78
CA ALA G 396 6.80 24.04 35.32
C ALA G 396 5.48 23.39 34.91
N ILE G 397 4.39 24.19 34.90
CA ILE G 397 3.08 23.70 34.52
C ILE G 397 2.83 23.92 33.05
N TRP G 398 2.59 22.83 32.33
CA TRP G 398 2.40 22.89 30.88
C TRP G 398 1.29 23.89 30.43
N ALA G 399 0.11 23.89 31.04
CA ALA G 399 -0.97 24.81 30.67
C ALA G 399 -0.55 26.28 30.86
N ASP G 400 0.27 26.57 31.88
CA ASP G 400 0.78 27.94 32.09
C ASP G 400 1.78 28.30 30.99
N ASP G 401 2.57 27.34 30.56
CA ASP G 401 3.54 27.52 29.48
C ASP G 401 2.80 27.75 28.16
N VAL G 402 1.67 27.06 27.95
CA VAL G 402 0.83 27.28 26.77
C VAL G 402 0.30 28.72 26.80
N ASP G 403 -0.30 29.14 27.94
CA ASP G 403 -0.83 30.48 28.12
C ASP G 403 0.22 31.55 27.95
N ARG G 404 1.44 31.32 28.41
CA ARG G 404 2.51 32.30 28.24
C ARG G 404 2.81 32.51 26.76
N ARG G 405 2.79 31.42 25.96
CA ARG G 405 3.04 31.51 24.53
C ARG G 405 1.93 32.21 23.77
N VAL G 406 0.66 31.92 24.12
CA VAL G 406 -0.50 32.56 23.49
C VAL G 406 -0.41 34.10 23.76
N GLN G 407 -0.12 34.46 25.00
CA GLN G 407 0.03 35.85 25.40
C GLN G 407 1.23 36.53 24.73
N PHE G 408 2.29 35.77 24.45
CA PHE G 408 3.44 36.24 23.68
C PHE G 408 3.00 36.61 22.26
N GLY G 409 2.08 35.87 21.69
CA GLY G 409 1.56 36.18 20.36
C GLY G 409 0.66 37.39 20.35
N ILE G 410 -0.13 37.55 21.41
CA ILE G 410 -1.03 38.69 21.58
C ILE G 410 -0.17 39.96 21.77
N GLU G 411 0.83 39.90 22.68
CA GLU G 411 1.72 41.04 22.95
C GLU G 411 2.50 41.41 21.72
N SER G 412 3.04 40.42 20.97
CA SER G 412 3.77 40.73 19.74
C SER G 412 2.81 41.32 18.69
N GLY G 413 1.61 40.76 18.60
CA GLY G 413 0.59 41.23 17.67
C GLY G 413 0.18 42.65 17.94
N LYS G 414 0.09 43.05 19.24
CA LYS G 414 -0.27 44.41 19.65
C LYS G 414 0.86 45.37 19.29
N LEU G 415 2.11 44.99 19.58
CA LEU G 415 3.26 45.82 19.28
C LEU G 415 3.40 46.06 17.78
N ARG G 416 3.16 45.02 16.96
CA ARG G 416 3.30 45.11 15.50
C ARG G 416 2.09 45.67 14.77
N GLY G 417 1.00 45.95 15.46
CA GLY G 417 -0.18 46.52 14.84
C GLY G 417 -1.22 45.55 14.30
N PHE G 418 -1.03 44.25 14.51
CA PHE G 418 -2.01 43.24 14.12
C PHE G 418 -3.26 43.32 15.00
N LEU G 419 -3.10 43.58 16.30
CA LEU G 419 -4.19 43.50 17.28
C LEU G 419 -4.34 44.75 18.09
N ARG G 420 -5.54 44.97 18.62
CA ARG G 420 -5.88 46.06 19.52
C ARG G 420 -6.77 45.47 20.61
N VAL G 421 -6.84 46.13 21.76
CA VAL G 421 -7.74 45.74 22.86
C VAL G 421 -9.17 45.83 22.32
N GLY G 422 -9.96 44.81 22.58
CA GLY G 422 -11.31 44.78 22.02
C GLY G 422 -11.45 43.87 20.81
N ASP G 423 -10.33 43.53 20.15
CA ASP G 423 -10.37 42.61 19.01
C ASP G 423 -10.72 41.19 19.46
N LEU G 424 -11.22 40.37 18.54
CA LEU G 424 -11.42 38.97 18.81
C LEU G 424 -10.29 38.23 18.09
N VAL G 425 -9.66 37.26 18.73
CA VAL G 425 -8.69 36.39 18.09
C VAL G 425 -9.14 34.96 18.31
N ILE G 426 -8.74 34.06 17.42
CA ILE G 426 -9.01 32.63 17.54
C ILE G 426 -7.69 32.02 17.99
N VAL G 427 -7.68 31.15 18.99
CA VAL G 427 -6.45 30.55 19.49
C VAL G 427 -6.50 29.05 19.24
N VAL G 428 -5.48 28.52 18.54
CA VAL G 428 -5.41 27.10 18.21
C VAL G 428 -4.27 26.40 18.94
N THR G 429 -4.60 25.41 19.75
CA THR G 429 -3.64 24.66 20.54
C THR G 429 -4.04 23.15 20.53
N GLY G 430 -3.32 22.32 21.30
CA GLY G 430 -3.61 20.91 21.46
C GLY G 430 -3.84 20.53 22.92
N TRP G 431 -4.20 19.27 23.17
CA TRP G 431 -4.54 18.83 24.52
C TRP G 431 -3.35 18.35 25.37
N ARG G 432 -2.21 18.14 24.74
CA ARG G 432 -1.03 17.65 25.43
C ARG G 432 0.19 18.13 24.68
N PRO G 433 1.38 18.15 25.35
CA PRO G 433 2.60 18.61 24.67
C PRO G 433 2.99 17.68 23.54
N GLY G 434 3.78 18.23 22.63
CA GLY G 434 4.27 17.52 21.48
C GLY G 434 3.46 17.79 20.23
N SER G 435 4.13 17.77 19.13
CA SER G 435 3.57 17.90 17.82
C SER G 435 2.52 16.82 17.52
N GLY G 436 1.58 17.12 16.62
CA GLY G 436 0.56 16.18 16.17
C GLY G 436 -0.72 16.09 16.95
N TYR G 437 -0.83 16.83 18.05
CA TYR G 437 -2.03 16.79 18.89
C TYR G 437 -2.91 18.03 18.87
N THR G 438 -2.79 18.95 17.89
CA THR G 438 -3.68 20.13 17.82
C THR G 438 -5.11 19.68 17.72
N ASN G 439 -5.98 20.12 18.64
CA ASN G 439 -7.39 19.71 18.61
C ASN G 439 -8.31 20.76 19.26
N ILE G 440 -7.81 21.97 19.60
CA ILE G 440 -8.60 22.96 20.32
C ILE G 440 -8.63 24.32 19.59
N MET G 441 -9.82 24.92 19.56
CA MET G 441 -10.02 26.25 19.01
C MET G 441 -10.73 27.07 20.11
N ARG G 442 -10.20 28.24 20.48
CA ARG G 442 -10.82 29.10 21.49
C ARG G 442 -11.05 30.49 20.93
N VAL G 443 -12.12 31.15 21.37
CA VAL G 443 -12.43 32.52 20.96
C VAL G 443 -12.04 33.42 22.11
N LEU G 444 -11.10 34.32 21.89
CA LEU G 444 -10.59 35.18 22.94
C LEU G 444 -10.82 36.66 22.63
N SER G 445 -11.22 37.44 23.65
CA SER G 445 -11.36 38.87 23.49
C SER G 445 -10.04 39.48 23.98
N ILE G 446 -9.42 40.34 23.18
CA ILE G 446 -8.14 40.93 23.54
C ILE G 446 -8.31 41.99 24.65
N SER G 447 -7.65 41.79 25.78
CA SER G 447 -7.66 42.72 26.89
C SER G 447 -6.27 43.36 27.09
N GLY H 23 -15.77 2.86 5.53
CA GLY H 23 -16.37 1.83 4.70
C GLY H 23 -17.38 2.36 3.69
N THR H 24 -17.60 1.61 2.60
CA THR H 24 -18.57 2.00 1.58
C THR H 24 -20.02 1.92 2.11
N ALA H 25 -20.29 0.96 3.02
CA ALA H 25 -21.62 0.81 3.60
C ALA H 25 -22.03 2.04 4.38
N PHE H 26 -21.08 2.68 5.10
CA PHE H 26 -21.35 3.90 5.86
C PHE H 26 -21.81 5.02 4.91
N PHE H 27 -21.14 5.15 3.75
CA PHE H 27 -21.46 6.19 2.78
C PHE H 27 -22.69 5.90 1.89
N GLN H 28 -23.35 4.76 2.09
CA GLN H 28 -24.59 4.44 1.39
C GLN H 28 -25.81 4.76 2.30
N GLN H 29 -25.62 4.75 3.63
CA GLN H 29 -26.63 5.07 4.63
C GLN H 29 -26.87 6.59 4.73
N GLN H 30 -27.95 6.98 5.48
CA GLN H 30 -28.39 8.34 5.80
C GLN H 30 -28.33 9.35 4.62
N GLN H 31 -28.69 8.86 3.42
CA GLN H 31 -28.72 9.64 2.18
C GLN H 31 -27.41 10.36 1.87
N LEU H 32 -26.25 9.75 2.25
CA LEU H 32 -24.95 10.36 2.00
C LEU H 32 -24.64 10.53 0.50
N PRO H 33 -25.00 9.62 -0.43
CA PRO H 33 -24.80 9.92 -1.86
C PRO H 33 -25.57 11.17 -2.30
N ALA H 34 -26.82 11.34 -1.82
CA ALA H 34 -27.63 12.53 -2.14
C ALA H 34 -27.06 13.81 -1.49
N ALA H 35 -26.39 13.65 -0.33
CA ALA H 35 -25.78 14.77 0.40
C ALA H 35 -24.54 15.33 -0.33
N MET H 36 -23.84 14.48 -1.10
CA MET H 36 -22.64 14.92 -1.83
C MET H 36 -22.96 15.62 -3.17
N ALA H 37 -24.23 15.65 -3.60
CA ALA H 37 -24.63 16.24 -4.88
C ALA H 37 -24.29 17.71 -5.04
N ASP H 38 -23.98 18.12 -6.28
CA ASP H 38 -23.60 19.51 -6.56
C ASP H 38 -24.78 20.43 -6.82
N THR H 39 -25.96 19.87 -7.09
CA THR H 39 -27.17 20.67 -7.27
C THR H 39 -28.31 20.03 -6.46
N PHE H 40 -29.33 20.84 -6.13
CA PHE H 40 -30.51 20.36 -5.43
C PHE H 40 -31.27 19.31 -6.27
N LEU H 41 -31.33 19.53 -7.58
CA LEU H 41 -31.97 18.62 -8.51
C LEU H 41 -31.29 17.25 -8.49
N GLU H 42 -29.94 17.22 -8.55
CA GLU H 42 -29.18 15.97 -8.49
C GLU H 42 -29.33 15.31 -7.10
N HIS H 43 -29.47 16.12 -6.04
CA HIS H 43 -29.70 15.66 -4.68
C HIS H 43 -31.00 14.86 -4.63
N LEU H 44 -32.08 15.41 -5.23
CA LEU H 44 -33.37 14.72 -5.27
C LEU H 44 -33.24 13.41 -6.03
N CYS H 45 -32.58 13.45 -7.20
CA CYS H 45 -32.37 12.28 -8.04
C CYS H 45 -31.61 11.16 -7.34
N LEU H 46 -30.75 11.50 -6.39
CA LEU H 46 -29.96 10.53 -5.65
C LEU H 46 -30.64 10.00 -4.37
N LEU H 47 -31.84 10.48 -4.03
CA LEU H 47 -32.55 9.99 -2.84
C LEU H 47 -32.86 8.52 -3.01
N ASP H 48 -32.53 7.72 -1.99
CA ASP H 48 -32.65 6.27 -2.07
C ASP H 48 -33.52 5.72 -0.94
N ILE H 49 -34.63 5.05 -1.27
CA ILE H 49 -35.50 4.42 -0.28
C ILE H 49 -34.78 3.31 0.52
N ASP H 50 -33.68 2.75 0.00
CA ASP H 50 -32.91 1.72 0.67
C ASP H 50 -31.79 2.30 1.55
N SER H 51 -31.58 3.63 1.53
CA SER H 51 -30.57 4.27 2.34
C SER H 51 -31.21 4.53 3.72
N GLU H 52 -30.89 3.67 4.70
CA GLU H 52 -31.47 3.75 6.02
C GLU H 52 -30.94 4.87 6.90
N PRO H 53 -31.83 5.52 7.66
CA PRO H 53 -31.37 6.60 8.54
C PRO H 53 -30.56 6.04 9.72
N VAL H 54 -29.44 6.69 10.06
CA VAL H 54 -28.61 6.23 11.18
C VAL H 54 -28.68 7.24 12.33
N ALA H 55 -28.72 8.53 12.02
CA ALA H 55 -28.76 9.57 13.04
C ALA H 55 -30.03 9.51 13.92
N ALA H 56 -29.91 10.01 15.15
CA ALA H 56 -31.05 10.10 16.04
C ALA H 56 -32.02 11.17 15.47
N ARG H 57 -33.34 10.95 15.64
CA ARG H 57 -34.36 11.85 15.16
C ARG H 57 -34.24 13.18 15.86
N SER H 58 -34.10 14.25 15.12
CA SER H 58 -33.80 15.56 15.67
C SER H 58 -34.97 16.54 15.75
N THR H 59 -36.09 16.32 15.01
CA THR H 59 -37.24 17.21 15.08
C THR H 59 -38.08 16.75 16.26
N SER H 60 -38.35 17.63 17.23
CA SER H 60 -39.11 17.25 18.42
C SER H 60 -40.56 17.03 18.12
N ILE H 61 -41.18 16.13 18.88
CA ILE H 61 -42.58 15.85 18.73
C ILE H 61 -43.32 16.43 19.92
N ILE H 62 -44.32 17.25 19.65
CA ILE H 62 -45.18 17.81 20.68
C ILE H 62 -46.47 17.01 20.65
N ALA H 63 -46.89 16.45 21.79
CA ALA H 63 -48.13 15.65 21.81
C ALA H 63 -49.10 16.35 22.75
N THR H 64 -50.33 16.58 22.28
CA THR H 64 -51.34 17.19 23.09
C THR H 64 -51.92 16.14 24.04
N ILE H 65 -51.98 16.49 25.32
CA ILE H 65 -52.47 15.63 26.37
C ILE H 65 -53.99 15.75 26.42
N GLY H 66 -54.61 14.62 26.59
CA GLY H 66 -56.05 14.54 26.75
C GLY H 66 -56.46 13.18 27.24
N PRO H 67 -57.77 12.90 27.14
CA PRO H 67 -58.29 11.59 27.60
C PRO H 67 -57.62 10.35 27.04
N ALA H 68 -57.09 10.41 25.81
CA ALA H 68 -56.41 9.27 25.20
C ALA H 68 -54.95 9.07 25.66
N SER H 69 -54.38 10.09 26.28
CA SER H 69 -52.99 10.08 26.63
C SER H 69 -52.72 10.56 28.04
N ARG H 70 -53.68 10.48 28.96
CA ARG H 70 -53.47 10.99 30.32
C ARG H 70 -52.99 9.97 31.30
N SER H 71 -53.17 8.67 31.04
CA SER H 71 -52.71 7.72 32.03
C SER H 71 -51.20 7.67 32.13
N VAL H 72 -50.66 7.48 33.34
CA VAL H 72 -49.25 7.40 33.59
C VAL H 72 -48.58 6.29 32.76
N GLU H 73 -49.25 5.13 32.63
CA GLU H 73 -48.71 4.02 31.85
C GLU H 73 -48.67 4.31 30.33
N ARG H 74 -49.71 4.98 29.82
CA ARG H 74 -49.76 5.37 28.42
C ARG H 74 -48.70 6.49 28.15
N LEU H 75 -48.50 7.40 29.12
CA LEU H 75 -47.50 8.45 29.01
C LEU H 75 -46.06 7.90 28.96
N LYS H 76 -45.79 6.81 29.67
CA LYS H 76 -44.50 6.13 29.63
C LYS H 76 -44.24 5.56 28.24
N GLU H 77 -45.29 4.98 27.62
CA GLU H 77 -45.19 4.46 26.28
C GLU H 77 -44.97 5.60 25.26
N MET H 78 -45.61 6.75 25.47
CA MET H 78 -45.43 7.90 24.56
CA MET H 78 -45.43 7.90 24.56
C MET H 78 -44.03 8.50 24.69
N ILE H 79 -43.45 8.50 25.90
CA ILE H 79 -42.08 8.98 26.09
C ILE H 79 -41.13 8.03 25.35
N LYS H 80 -41.36 6.72 25.45
CA LYS H 80 -40.56 5.70 24.74
C LYS H 80 -40.71 5.79 23.21
N ALA H 81 -41.90 6.16 22.74
CA ALA H 81 -42.15 6.32 21.29
C ALA H 81 -41.48 7.58 20.71
N GLY H 82 -41.18 8.56 21.56
CA GLY H 82 -40.53 9.77 21.09
C GLY H 82 -41.13 11.13 21.47
N MET H 83 -42.17 11.19 22.34
CA MET H 83 -42.76 12.46 22.73
C MET H 83 -41.72 13.29 23.51
N ASN H 84 -41.53 14.55 23.11
CA ASN H 84 -40.56 15.40 23.76
C ASN H 84 -41.20 16.50 24.56
N ILE H 85 -42.34 17.00 24.10
CA ILE H 85 -43.06 18.10 24.74
C ILE H 85 -44.52 17.69 24.90
N ALA H 86 -45.08 17.82 26.10
CA ALA H 86 -46.48 17.53 26.37
C ALA H 86 -47.23 18.87 26.32
N ARG H 87 -48.23 18.97 25.44
CA ARG H 87 -49.00 20.19 25.28
C ARG H 87 -50.34 20.10 26.05
N LEU H 88 -50.61 21.09 26.89
CA LEU H 88 -51.85 21.22 27.65
C LEU H 88 -52.67 22.29 26.97
N ASN H 89 -53.80 21.93 26.33
CA ASN H 89 -54.64 22.89 25.64
C ASN H 89 -55.66 23.50 26.59
N PHE H 90 -55.42 24.76 26.99
CA PHE H 90 -56.31 25.43 27.92
C PHE H 90 -57.64 25.89 27.29
N SER H 91 -57.89 25.50 26.02
CA SER H 91 -59.20 25.73 25.42
C SER H 91 -60.20 24.74 26.01
N HIS H 92 -59.76 23.58 26.53
CA HIS H 92 -60.62 22.55 27.09
C HIS H 92 -60.18 22.23 28.51
N GLY H 93 -61.11 21.86 29.35
CA GLY H 93 -60.81 21.44 30.71
C GLY H 93 -60.61 22.54 31.70
N SER H 94 -60.58 22.19 32.95
CA SER H 94 -60.40 23.13 34.03
C SER H 94 -58.94 23.11 34.54
N HIS H 95 -58.60 24.04 35.44
CA HIS H 95 -57.31 24.09 36.13
C HIS H 95 -57.03 22.78 36.84
N GLU H 96 -58.06 22.17 37.44
CA GLU H 96 -57.94 20.91 38.13
C GLU H 96 -57.57 19.79 37.16
N TYR H 97 -58.20 19.78 35.99
CA TYR H 97 -57.92 18.79 34.97
C TYR H 97 -56.45 18.94 34.49
N HIS H 98 -56.03 20.18 34.17
CA HIS H 98 -54.66 20.42 33.71
C HIS H 98 -53.59 20.12 34.78
N ALA H 99 -53.90 20.35 36.06
CA ALA H 99 -52.97 20.04 37.16
C ALA H 99 -52.76 18.52 37.25
N GLU H 100 -53.81 17.74 37.04
CA GLU H 100 -53.74 16.28 37.01
C GLU H 100 -52.90 15.83 35.80
N SER H 101 -53.05 16.52 34.67
CA SER H 101 -52.26 16.23 33.46
C SER H 101 -50.75 16.42 33.74
N ILE H 102 -50.36 17.59 34.27
CA ILE H 102 -48.99 17.92 34.63
C ILE H 102 -48.42 16.87 35.59
N ALA H 103 -49.22 16.47 36.60
CA ALA H 103 -48.76 15.48 37.58
C ALA H 103 -48.53 14.10 36.97
N ASN H 104 -49.40 13.65 36.05
CA ASN H 104 -49.25 12.34 35.38
C ASN H 104 -48.06 12.35 34.45
N VAL H 105 -47.86 13.46 33.72
CA VAL H 105 -46.70 13.58 32.82
C VAL H 105 -45.41 13.51 33.66
N ARG H 106 -45.31 14.33 34.71
CA ARG H 106 -44.17 14.33 35.59
C ARG H 106 -43.91 12.96 36.25
N GLU H 107 -44.97 12.24 36.63
CA GLU H 107 -44.82 10.93 37.23
C GLU H 107 -44.26 9.96 36.19
N ALA H 108 -44.76 9.97 34.96
CA ALA H 108 -44.24 9.10 33.90
C ALA H 108 -42.80 9.46 33.53
N VAL H 109 -42.47 10.75 33.47
CA VAL H 109 -41.12 11.20 33.19
C VAL H 109 -40.16 10.77 34.31
N GLU H 110 -40.53 10.99 35.58
CA GLU H 110 -39.65 10.66 36.69
C GLU H 110 -39.50 9.18 36.94
N SER H 111 -40.37 8.33 36.37
CA SER H 111 -40.26 6.89 36.53
C SER H 111 -39.00 6.35 35.87
N PHE H 112 -38.34 7.14 34.99
CA PHE H 112 -37.10 6.76 34.34
C PHE H 112 -35.89 7.44 34.97
N ALA H 113 -36.05 8.28 36.01
CA ALA H 113 -34.96 9.01 36.63
C ALA H 113 -33.94 8.13 37.39
N GLY H 114 -34.30 6.89 37.74
CA GLY H 114 -33.37 6.02 38.43
C GLY H 114 -32.22 5.57 37.58
N SER H 115 -32.31 5.70 36.23
CA SER H 115 -31.22 5.42 35.29
C SER H 115 -30.85 6.75 34.60
N PRO H 116 -29.92 7.50 35.20
CA PRO H 116 -29.59 8.83 34.65
C PRO H 116 -29.02 8.86 33.25
N LEU H 117 -28.37 7.79 32.81
CA LEU H 117 -27.77 7.75 31.47
C LEU H 117 -28.81 7.61 30.37
N SER H 118 -30.05 7.22 30.70
CA SER H 118 -31.09 7.05 29.66
C SER H 118 -32.36 7.93 29.92
N TYR H 119 -32.41 8.64 31.06
CA TYR H 119 -33.52 9.53 31.44
C TYR H 119 -33.81 10.54 30.32
N ARG H 120 -35.08 10.67 29.94
CA ARG H 120 -35.48 11.59 28.89
C ARG H 120 -36.32 12.72 29.45
N PRO H 121 -35.76 13.94 29.46
CA PRO H 121 -36.57 15.09 29.87
C PRO H 121 -37.74 15.32 28.91
N VAL H 122 -38.92 15.77 29.46
CA VAL H 122 -40.11 16.11 28.67
C VAL H 122 -40.60 17.49 29.11
N ALA H 123 -40.69 18.43 28.17
CA ALA H 123 -41.17 19.77 28.48
C ALA H 123 -42.69 19.78 28.66
N ILE H 124 -43.21 20.75 29.41
CA ILE H 124 -44.64 20.92 29.59
C ILE H 124 -44.98 22.31 29.02
N ALA H 125 -45.86 22.31 28.02
CA ALA H 125 -46.27 23.55 27.38
C ALA H 125 -47.73 23.85 27.62
N LEU H 126 -48.05 25.11 27.94
CA LEU H 126 -49.41 25.55 28.19
C LEU H 126 -49.87 26.28 26.95
N ASP H 127 -50.93 25.82 26.30
CA ASP H 127 -51.46 26.47 25.12
C ASP H 127 -52.69 27.29 25.59
N THR H 128 -52.64 28.61 25.45
CA THR H 128 -53.71 29.47 25.93
C THR H 128 -55.00 29.42 25.09
N LYS H 129 -56.13 29.75 25.72
CA LYS H 129 -57.43 29.82 25.06
C LYS H 129 -57.45 30.92 24.00
N GLY H 130 -56.81 32.05 24.28
CA GLY H 130 -56.75 33.15 23.34
C GLY H 130 -57.67 34.30 23.68
N PRO H 131 -57.57 35.42 22.93
CA PRO H 131 -58.33 36.63 23.26
C PRO H 131 -59.78 36.60 22.77
N GLY H 132 -60.11 35.66 21.88
CA GLY H 132 -61.45 35.58 21.31
C GLY H 132 -61.89 36.91 20.71
N SER H 133 -63.11 37.34 21.03
CA SER H 133 -63.67 38.60 20.48
C SER H 133 -63.00 39.81 21.13
N GLY H 134 -61.99 39.58 21.97
CA GLY H 134 -61.38 40.70 22.71
C GLY H 134 -60.20 41.31 21.97
N PRO H 135 -59.80 42.55 22.33
CA PRO H 135 -58.62 43.18 21.76
C PRO H 135 -57.31 42.65 22.37
N GLY H 136 -57.19 42.69 23.70
CA GLY H 136 -55.94 42.28 24.36
C GLY H 136 -56.02 40.91 25.03
N LEU H 137 -55.39 40.78 26.20
CA LEU H 137 -55.33 39.46 26.87
C LEU H 137 -56.60 39.22 27.67
N SER H 138 -57.18 38.05 27.50
CA SER H 138 -58.39 37.67 28.25
C SER H 138 -58.06 37.57 29.74
N GLU H 139 -59.08 37.53 30.58
CA GLU H 139 -58.88 37.38 32.03
C GLU H 139 -58.69 35.90 32.33
N GLN H 140 -59.27 35.04 31.51
CA GLN H 140 -59.03 33.59 31.68
C GLN H 140 -57.57 33.31 31.35
N ASP H 141 -57.05 33.96 30.32
CA ASP H 141 -55.64 33.77 29.91
C ASP H 141 -54.71 34.23 31.04
N VAL H 142 -55.02 35.35 31.68
CA VAL H 142 -54.20 35.85 32.81
C VAL H 142 -54.26 34.84 33.96
N ARG H 143 -55.43 34.29 34.24
CA ARG H 143 -55.55 33.26 35.30
C ARG H 143 -54.81 31.98 34.88
N ASP H 144 -54.91 31.60 33.62
CA ASP H 144 -54.25 30.37 33.12
C ASP H 144 -52.73 30.53 33.12
N LEU H 145 -52.25 31.71 32.76
CA LEU H 145 -50.78 31.98 32.71
C LEU H 145 -50.22 31.98 34.13
N ARG H 146 -50.96 32.51 35.10
CA ARG H 146 -50.51 32.44 36.51
C ARG H 146 -50.51 30.99 36.98
N PHE H 147 -51.47 30.18 36.54
CA PHE H 147 -51.50 28.75 36.87
C PHE H 147 -50.22 28.10 36.36
N GLY H 148 -49.83 28.44 35.14
CA GLY H 148 -48.66 27.82 34.52
C GLY H 148 -47.41 28.10 35.31
N VAL H 149 -47.25 29.34 35.74
CA VAL H 149 -46.07 29.73 36.55
C VAL H 149 -46.11 28.99 37.89
N GLU H 150 -47.29 28.83 38.46
CA GLU H 150 -47.43 28.16 39.78
C GLU H 150 -47.16 26.67 39.65
N HIS H 151 -47.40 26.10 38.47
CA HIS H 151 -47.22 24.63 38.26
C HIS H 151 -45.92 24.36 37.51
N GLY H 152 -45.12 25.39 37.26
CA GLY H 152 -43.79 25.23 36.63
C GLY H 152 -43.79 24.81 35.18
N VAL H 153 -44.64 25.43 34.38
CA VAL H 153 -44.66 25.12 32.92
C VAL H 153 -43.38 25.69 32.31
N ASP H 154 -42.91 25.08 31.23
CA ASP H 154 -41.62 25.49 30.62
C ASP H 154 -41.88 26.36 29.39
N ILE H 155 -43.03 26.16 28.76
CA ILE H 155 -43.33 26.87 27.48
C ILE H 155 -44.77 27.34 27.46
N VAL H 156 -44.99 28.51 26.90
CA VAL H 156 -46.38 28.97 26.68
C VAL H 156 -46.58 29.06 25.17
N PHE H 157 -47.61 28.39 24.67
CA PHE H 157 -47.97 28.54 23.25
C PHE H 157 -49.07 29.59 23.26
N ALA H 158 -48.72 30.84 22.97
CA ALA H 158 -49.70 31.95 23.05
C ALA H 158 -50.58 32.01 21.80
N SER H 159 -51.88 31.83 22.00
CA SER H 159 -52.85 31.77 20.88
C SER H 159 -53.21 33.15 20.31
N PHE H 160 -53.39 33.22 18.98
CA PHE H 160 -53.82 34.44 18.26
C PHE H 160 -52.96 35.66 18.60
N VAL H 161 -51.64 35.54 18.41
CA VAL H 161 -50.74 36.69 18.62
C VAL H 161 -50.79 37.52 17.34
N ARG H 162 -51.14 38.79 17.45
CA ARG H 162 -51.33 39.64 16.24
C ARG H 162 -50.30 40.77 16.21
N LYS H 163 -49.57 40.97 17.31
CA LYS H 163 -48.62 42.11 17.39
C LYS H 163 -47.69 41.91 18.58
N ALA H 164 -46.63 42.68 18.65
CA ALA H 164 -45.63 42.55 19.73
C ALA H 164 -46.22 42.89 21.10
N SER H 165 -47.24 43.73 21.14
CA SER H 165 -47.86 44.14 22.42
C SER H 165 -48.58 42.95 23.05
N ASP H 166 -48.98 41.99 22.22
CA ASP H 166 -49.66 40.77 22.72
C ASP H 166 -48.63 39.91 23.44
N VAL H 167 -47.42 39.85 22.90
CA VAL H 167 -46.34 39.10 23.54
C VAL H 167 -45.96 39.77 24.86
N ALA H 168 -45.90 41.10 24.88
CA ALA H 168 -45.57 41.85 26.09
C ALA H 168 -46.62 41.63 27.16
N ALA H 169 -47.90 41.55 26.77
CA ALA H 169 -49.00 41.28 27.71
C ALA H 169 -48.85 39.87 28.32
N VAL H 170 -48.49 38.86 27.50
CA VAL H 170 -48.27 37.50 28.01
C VAL H 170 -47.08 37.50 28.96
N ARG H 171 -46.01 38.21 28.60
N ARG H 171 -46.01 38.20 28.59
CA ARG H 171 -44.79 38.32 29.40
CA ARG H 171 -44.82 38.28 29.43
C ARG H 171 -45.10 38.98 30.77
C ARG H 171 -45.14 38.95 30.79
N ALA H 172 -45.94 40.01 30.77
CA ALA H 172 -46.33 40.72 31.99
C ALA H 172 -47.17 39.78 32.87
N ALA H 173 -48.13 39.06 32.27
CA ALA H 173 -49.01 38.14 33.02
C ALA H 173 -48.27 37.00 33.66
N LEU H 174 -47.12 36.61 33.13
CA LEU H 174 -46.31 35.55 33.75
C LEU H 174 -45.59 36.05 35.01
N GLY H 175 -45.38 37.37 35.13
CA GLY H 175 -44.78 37.99 36.30
C GLY H 175 -43.29 37.79 36.41
N PRO H 176 -42.71 38.24 37.54
CA PRO H 176 -41.27 38.09 37.74
C PRO H 176 -40.83 36.65 37.96
N GLU H 177 -41.70 35.81 38.51
CA GLU H 177 -41.36 34.40 38.75
C GLU H 177 -41.40 33.53 37.45
N GLY H 178 -41.98 34.05 36.37
CA GLY H 178 -42.02 33.31 35.11
C GLY H 178 -41.12 33.89 34.04
N HIS H 179 -40.02 34.57 34.44
CA HIS H 179 -39.09 35.16 33.47
CA HIS H 179 -39.09 35.16 33.46
C HIS H 179 -38.42 34.11 32.58
N GLY H 180 -38.20 32.90 33.11
CA GLY H 180 -37.57 31.81 32.39
C GLY H 180 -38.45 31.02 31.43
N ILE H 181 -39.78 31.21 31.46
CA ILE H 181 -40.70 30.50 30.58
C ILE H 181 -40.54 30.99 29.14
N LYS H 182 -40.50 30.06 28.16
CA LYS H 182 -40.37 30.42 26.77
C LYS H 182 -41.74 30.76 26.19
N ILE H 183 -41.84 31.86 25.45
CA ILE H 183 -43.10 32.25 24.83
C ILE H 183 -43.03 31.98 23.34
N ILE H 184 -43.81 31.02 22.87
CA ILE H 184 -43.88 30.66 21.46
C ILE H 184 -45.18 31.26 20.97
N SER H 185 -45.10 32.25 20.08
CA SER H 185 -46.28 32.92 19.58
C SER H 185 -46.96 32.12 18.49
N LYS H 186 -48.26 31.84 18.66
CA LYS H 186 -49.02 31.14 17.62
C LYS H 186 -49.51 32.16 16.58
N ILE H 187 -49.16 31.96 15.30
CA ILE H 187 -49.62 32.83 14.23
C ILE H 187 -50.81 32.14 13.64
N GLU H 188 -52.01 32.71 13.83
CA GLU H 188 -53.26 32.08 13.42
C GLU H 188 -54.15 32.91 12.51
N ASN H 189 -53.74 34.13 12.15
CA ASN H 189 -54.58 34.98 11.29
C ASN H 189 -53.76 35.87 10.36
N HIS H 190 -54.44 36.64 9.48
CA HIS H 190 -53.76 37.52 8.54
C HIS H 190 -52.88 38.55 9.24
N GLU H 191 -53.36 39.15 10.32
CA GLU H 191 -52.58 40.18 11.03
C GLU H 191 -51.28 39.63 11.62
N GLY H 192 -51.32 38.42 12.20
CA GLY H 192 -50.14 37.76 12.72
C GLY H 192 -49.11 37.54 11.64
N VAL H 193 -49.57 37.12 10.43
CA VAL H 193 -48.68 36.91 9.29
C VAL H 193 -48.06 38.23 8.84
N LYS H 194 -48.88 39.28 8.73
CA LYS H 194 -48.36 40.60 8.30
C LYS H 194 -47.45 41.27 9.30
N ARG H 195 -47.71 41.12 10.58
CA ARG H 195 -46.84 41.68 11.62
C ARG H 195 -45.84 40.66 12.16
N PHE H 196 -45.55 39.60 11.38
CA PHE H 196 -44.65 38.51 11.76
C PHE H 196 -43.29 38.99 12.29
N ASP H 197 -42.59 39.86 11.56
CA ASP H 197 -41.26 40.30 11.98
C ASP H 197 -41.21 40.91 13.36
N GLU H 198 -42.17 41.79 13.68
CA GLU H 198 -42.22 42.42 14.99
C GLU H 198 -42.58 41.40 16.10
N ILE H 199 -43.38 40.38 15.76
CA ILE H 199 -43.76 39.35 16.72
C ILE H 199 -42.56 38.42 17.00
N LEU H 200 -41.85 37.98 15.95
CA LEU H 200 -40.70 37.12 16.10
C LEU H 200 -39.60 37.79 16.93
N GLU H 201 -39.41 39.10 16.72
CA GLU H 201 -38.39 39.85 17.42
C GLU H 201 -38.53 39.79 18.93
N VAL H 202 -39.75 39.81 19.45
CA VAL H 202 -39.98 39.74 20.90
C VAL H 202 -40.36 38.37 21.43
N SER H 203 -40.55 37.38 20.57
CA SER H 203 -40.93 36.02 20.98
C SER H 203 -39.71 35.13 21.08
N ASP H 204 -39.83 34.05 21.83
CA ASP H 204 -38.78 33.03 21.86
C ASP H 204 -38.88 32.12 20.61
N GLY H 205 -40.04 32.05 20.00
CA GLY H 205 -40.26 31.22 18.83
C GLY H 205 -41.67 31.39 18.29
N ILE H 206 -42.02 30.55 17.30
CA ILE H 206 -43.31 30.65 16.62
C ILE H 206 -43.98 29.31 16.41
N MET H 207 -45.29 29.29 16.39
CA MET H 207 -46.04 28.11 16.01
C MET H 207 -46.90 28.49 14.81
N VAL H 208 -46.78 27.73 13.71
CA VAL H 208 -47.62 27.91 12.54
C VAL H 208 -48.89 27.13 12.88
N ALA H 209 -49.89 27.82 13.45
CA ALA H 209 -51.14 27.24 13.90
C ALA H 209 -52.09 27.16 12.72
N ARG H 210 -51.92 26.09 11.90
CA ARG H 210 -52.63 25.93 10.64
C ARG H 210 -54.15 25.76 10.71
N GLY H 211 -54.69 25.29 11.83
CA GLY H 211 -56.15 25.14 11.97
C GLY H 211 -56.90 26.46 11.79
N ASP H 212 -56.64 27.42 12.70
CA ASP H 212 -57.25 28.74 12.58
C ASP H 212 -56.72 29.49 11.39
N LEU H 213 -55.42 29.36 11.07
CA LEU H 213 -54.85 30.05 9.93
C LEU H 213 -55.57 29.68 8.62
N GLY H 214 -55.93 28.40 8.48
CA GLY H 214 -56.63 27.88 7.31
C GLY H 214 -58.07 28.32 7.19
N ILE H 215 -58.65 28.89 8.27
CA ILE H 215 -59.98 29.45 8.22
C ILE H 215 -59.93 30.99 8.17
N GLU H 216 -58.88 31.62 8.70
CA GLU H 216 -58.69 33.07 8.68
C GLU H 216 -58.20 33.58 7.33
N ILE H 217 -57.40 32.79 6.62
CA ILE H 217 -56.90 33.11 5.30
C ILE H 217 -57.31 31.96 4.34
N PRO H 218 -57.26 32.15 3.01
CA PRO H 218 -57.65 31.06 2.09
C PRO H 218 -56.81 29.81 2.36
N ALA H 219 -57.46 28.65 2.40
CA ALA H 219 -56.79 27.38 2.68
C ALA H 219 -55.59 27.13 1.77
N GLU H 220 -55.68 27.52 0.50
CA GLU H 220 -54.61 27.33 -0.47
C GLU H 220 -53.40 28.23 -0.27
N LYS H 221 -53.44 29.16 0.69
CA LYS H 221 -52.33 30.07 0.99
C LYS H 221 -51.55 29.66 2.25
N VAL H 222 -52.07 28.73 3.06
CA VAL H 222 -51.41 28.35 4.30
C VAL H 222 -49.97 27.86 4.09
N PHE H 223 -49.71 27.10 3.03
CA PHE H 223 -48.36 26.61 2.76
C PHE H 223 -47.35 27.76 2.54
N LEU H 224 -47.82 28.90 1.98
CA LEU H 224 -46.93 30.03 1.76
C LEU H 224 -46.58 30.64 3.11
N ALA H 225 -47.56 30.76 4.03
CA ALA H 225 -47.33 31.30 5.35
C ALA H 225 -46.42 30.36 6.14
N GLN H 226 -46.63 29.04 6.05
CA GLN H 226 -45.81 28.07 6.75
C GLN H 226 -44.35 28.16 6.30
N LYS H 227 -44.12 28.10 4.98
CA LYS H 227 -42.78 28.13 4.42
C LYS H 227 -42.06 29.44 4.69
N MET H 228 -42.78 30.56 4.64
CA MET H 228 -42.22 31.87 4.95
C MET H 228 -41.79 31.94 6.44
N MET H 229 -42.69 31.56 7.35
CA MET H 229 -42.40 31.64 8.78
C MET H 229 -41.29 30.72 9.19
N ILE H 230 -41.25 29.49 8.64
CA ILE H 230 -40.19 28.56 8.96
C ILE H 230 -38.84 29.10 8.47
N GLY H 231 -38.80 29.63 7.24
CA GLY H 231 -37.60 30.22 6.68
C GLY H 231 -37.10 31.37 7.52
N ARG H 232 -38.00 32.30 7.92
CA ARG H 232 -37.61 33.45 8.75
C ARG H 232 -37.15 33.05 10.13
N CYS H 233 -37.75 32.03 10.73
CA CYS H 233 -37.32 31.54 12.04
C CYS H 233 -35.97 30.87 11.94
N ASN H 234 -35.72 30.12 10.85
CA ASN H 234 -34.42 29.50 10.61
C ASN H 234 -33.34 30.59 10.47
N LEU H 235 -33.66 31.67 9.75
CA LEU H 235 -32.79 32.82 9.56
C LEU H 235 -32.52 33.50 10.93
N ALA H 236 -33.57 33.66 11.75
CA ALA H 236 -33.43 34.26 13.08
C ALA H 236 -32.79 33.34 14.13
N GLY H 237 -32.68 32.05 13.83
CA GLY H 237 -32.16 31.09 14.81
C GLY H 237 -33.10 30.88 15.97
N LYS H 238 -34.43 30.97 15.72
CA LYS H 238 -35.45 30.78 16.75
C LYS H 238 -36.35 29.59 16.41
N PRO H 239 -36.81 28.84 17.43
CA PRO H 239 -37.63 27.66 17.12
C PRO H 239 -38.95 27.92 16.43
N VAL H 240 -39.30 27.04 15.48
CA VAL H 240 -40.58 27.12 14.81
C VAL H 240 -41.27 25.74 14.87
N VAL H 241 -42.56 25.74 15.21
CA VAL H 241 -43.36 24.54 15.31
C VAL H 241 -44.35 24.46 14.16
N CYS H 242 -44.47 23.32 13.51
CA CYS H 242 -45.51 23.12 12.52
C CYS H 242 -46.63 22.36 13.21
N ALA H 243 -47.87 22.86 13.13
CA ALA H 243 -48.99 22.27 13.85
C ALA H 243 -50.25 22.10 13.04
N THR H 244 -51.10 21.13 13.48
CA THR H 244 -52.51 20.86 13.15
C THR H 244 -52.75 20.04 11.89
N GLN H 245 -53.46 18.92 12.08
CA GLN H 245 -53.91 17.98 11.07
C GLN H 245 -52.79 17.29 10.33
N MET H 246 -51.58 17.19 10.95
CA MET H 246 -50.45 16.54 10.30
C MET H 246 -50.73 15.07 10.05
N LEU H 247 -51.39 14.37 11.00
CA LEU H 247 -51.73 12.94 10.85
C LEU H 247 -53.21 12.76 11.27
N GLU H 248 -54.08 13.71 10.88
CA GLU H 248 -55.49 13.75 11.26
C GLU H 248 -56.26 12.43 11.19
N SER H 249 -56.13 11.70 10.09
CA SER H 249 -56.82 10.44 9.91
C SER H 249 -56.44 9.38 10.96
N MET H 250 -55.27 9.51 11.62
CA MET H 250 -54.84 8.57 12.68
C MET H 250 -55.59 8.74 14.01
N ILE H 251 -56.53 9.70 14.07
CA ILE H 251 -57.43 9.79 15.22
C ILE H 251 -58.32 8.49 15.19
N THR H 252 -58.71 8.05 13.96
CA THR H 252 -59.60 6.92 13.84
C THR H 252 -59.00 5.73 13.14
N LYS H 253 -57.95 5.91 12.34
CA LYS H 253 -57.33 4.83 11.57
C LYS H 253 -55.89 4.50 12.03
N PRO H 254 -55.49 3.21 11.90
CA PRO H 254 -54.14 2.80 12.36
C PRO H 254 -52.94 3.34 11.54
N ARG H 255 -53.20 3.70 10.27
CA ARG H 255 -52.17 4.19 9.36
C ARG H 255 -52.62 5.53 8.75
N PRO H 256 -51.69 6.46 8.49
CA PRO H 256 -52.10 7.77 7.93
C PRO H 256 -52.25 7.73 6.41
N THR H 257 -52.75 8.82 5.82
CA THR H 257 -52.90 8.90 4.38
C THR H 257 -51.56 9.29 3.74
N ARG H 258 -51.45 9.17 2.42
CA ARG H 258 -50.24 9.55 1.71
C ARG H 258 -49.97 11.05 1.82
N ALA H 259 -51.03 11.87 1.90
CA ALA H 259 -50.90 13.31 2.05
C ALA H 259 -50.34 13.67 3.44
N GLU H 260 -50.73 12.93 4.46
CA GLU H 260 -50.30 13.14 5.83
C GLU H 260 -48.83 12.83 6.06
N THR H 261 -48.32 11.70 5.55
CA THR H 261 -46.90 11.39 5.69
C THR H 261 -46.06 12.43 4.93
N SER H 262 -46.54 12.83 3.78
CA SER H 262 -45.91 13.84 2.95
C SER H 262 -45.85 15.18 3.69
N ASP H 263 -46.93 15.56 4.35
CA ASP H 263 -47.01 16.80 5.10
C ASP H 263 -45.96 16.82 6.23
N VAL H 264 -45.82 15.69 6.97
CA VAL H 264 -44.84 15.61 8.04
C VAL H 264 -43.43 15.73 7.48
N ALA H 265 -43.15 14.99 6.40
CA ALA H 265 -41.85 15.01 5.75
C ALA H 265 -41.50 16.40 5.23
N ASN H 266 -42.49 17.08 4.60
CA ASN H 266 -42.26 18.41 4.07
C ASN H 266 -42.12 19.46 5.16
N ALA H 267 -42.75 19.31 6.32
CA ALA H 267 -42.55 20.26 7.43
C ALA H 267 -41.09 20.18 7.90
N VAL H 268 -40.51 18.95 7.97
CA VAL H 268 -39.12 18.75 8.35
C VAL H 268 -38.17 19.31 7.26
N LEU H 269 -38.45 19.00 6.00
CA LEU H 269 -37.65 19.52 4.89
C LEU H 269 -37.73 21.06 4.83
N ASP H 270 -38.88 21.65 5.21
CA ASP H 270 -39.04 23.12 5.26
C ASP H 270 -38.09 23.75 6.27
N GLY H 271 -37.83 23.07 7.37
CA GLY H 271 -36.94 23.56 8.41
C GLY H 271 -37.56 23.64 9.78
N ALA H 272 -38.74 22.98 9.99
CA ALA H 272 -39.41 23.04 11.27
C ALA H 272 -38.58 22.41 12.38
N ASP H 273 -38.51 23.08 13.54
CA ASP H 273 -37.80 22.52 14.68
C ASP H 273 -38.67 21.46 15.35
N CYS H 274 -39.99 21.71 15.41
CA CYS H 274 -40.93 20.80 16.07
C CYS H 274 -42.10 20.48 15.17
N ILE H 275 -42.67 19.32 15.38
CA ILE H 275 -43.91 18.92 14.73
C ILE H 275 -44.90 18.57 15.85
N MET H 276 -46.21 18.77 15.59
CA MET H 276 -47.20 18.58 16.63
C MET H 276 -48.30 17.62 16.29
N LEU H 277 -48.89 17.02 17.32
CA LEU H 277 -50.03 16.14 17.25
C LEU H 277 -51.09 16.76 18.19
N SER H 278 -52.32 16.91 17.72
CA SER H 278 -53.40 17.50 18.51
C SER H 278 -54.37 16.40 18.85
N GLY H 279 -55.46 16.24 18.09
CA GLY H 279 -56.42 15.18 18.39
C GLY H 279 -55.83 13.81 18.27
N GLU H 280 -54.74 13.65 17.47
CA GLU H 280 -54.09 12.36 17.26
C GLU H 280 -53.58 11.80 18.58
N THR H 281 -53.18 12.67 19.55
CA THR H 281 -52.76 12.18 20.86
C THR H 281 -53.73 12.55 21.96
N ALA H 282 -54.51 13.62 21.81
CA ALA H 282 -55.43 14.06 22.84
C ALA H 282 -56.68 13.19 22.95
N LYS H 283 -57.29 12.80 21.82
CA LYS H 283 -58.54 12.08 21.89
C LYS H 283 -58.67 10.81 21.05
N GLY H 284 -57.77 10.58 20.11
CA GLY H 284 -57.88 9.43 19.21
C GLY H 284 -57.59 8.06 19.78
N ASN H 285 -57.68 7.05 18.90
CA ASN H 285 -57.47 5.66 19.29
C ASN H 285 -56.03 5.17 19.08
N PHE H 286 -55.16 6.01 18.48
CA PHE H 286 -53.81 5.62 18.18
C PHE H 286 -52.76 6.66 18.68
N PRO H 287 -52.79 7.11 19.95
CA PRO H 287 -51.82 8.13 20.37
C PRO H 287 -50.35 7.74 20.27
N VAL H 288 -49.99 6.50 20.73
CA VAL H 288 -48.62 6.03 20.68
C VAL H 288 -48.19 5.79 19.24
N GLU H 289 -49.09 5.25 18.41
CA GLU H 289 -48.78 4.99 17.02
C GLU H 289 -48.58 6.26 16.23
N ALA H 290 -49.32 7.35 16.58
CA ALA H 290 -49.18 8.62 15.93
C ALA H 290 -47.79 9.22 16.25
N VAL H 291 -47.31 9.07 17.49
CA VAL H 291 -45.99 9.53 17.89
C VAL H 291 -44.93 8.72 17.14
N LYS H 292 -45.11 7.40 17.07
CA LYS H 292 -44.21 6.51 16.35
C LYS H 292 -44.12 6.86 14.87
N MET H 293 -45.26 7.21 14.24
CA MET H 293 -45.30 7.60 12.84
C MET H 293 -44.56 8.91 12.59
N GLN H 294 -44.75 9.90 13.46
CA GLN H 294 -44.04 11.17 13.33
C GLN H 294 -42.55 10.98 13.48
N HIS H 295 -42.14 10.09 14.41
CA HIS H 295 -40.77 9.74 14.65
C HIS H 295 -40.16 9.12 13.40
N ALA H 296 -40.84 8.10 12.81
CA ALA H 296 -40.35 7.40 11.63
C ALA H 296 -40.19 8.34 10.43
N ILE H 297 -41.20 9.19 10.16
CA ILE H 297 -41.13 10.13 9.03
C ILE H 297 -40.05 11.19 9.25
N ALA H 298 -40.00 11.82 10.44
CA ALA H 298 -38.99 12.83 10.73
C ALA H 298 -37.56 12.32 10.52
N ARG H 299 -37.26 11.10 10.96
CA ARG H 299 -35.92 10.51 10.79
C ARG H 299 -35.58 10.38 9.30
N GLU H 300 -36.52 9.91 8.48
CA GLU H 300 -36.29 9.75 7.06
C GLU H 300 -36.08 11.12 6.40
N ALA H 301 -36.91 12.10 6.76
CA ALA H 301 -36.84 13.45 6.19
C ALA H 301 -35.57 14.19 6.59
N GLU H 302 -35.08 13.98 7.82
CA GLU H 302 -33.85 14.63 8.26
C GLU H 302 -32.64 14.17 7.46
N ALA H 303 -32.55 12.88 7.15
CA ALA H 303 -31.48 12.36 6.31
C ALA H 303 -31.55 12.92 4.89
N ALA H 304 -32.75 13.21 4.38
CA ALA H 304 -32.99 13.76 3.05
C ALA H 304 -32.74 15.27 2.95
N VAL H 305 -32.41 15.96 4.05
CA VAL H 305 -32.13 17.41 4.03
C VAL H 305 -30.84 17.64 3.20
N TYR H 306 -30.84 18.64 2.32
CA TYR H 306 -29.68 18.96 1.50
C TYR H 306 -28.77 19.90 2.26
N HIS H 307 -28.00 19.36 3.21
CA HIS H 307 -27.13 20.15 4.09
C HIS H 307 -26.16 21.08 3.38
N ARG H 308 -25.64 20.67 2.22
CA ARG H 308 -24.67 21.47 1.48
C ARG H 308 -25.20 22.87 1.19
N GLN H 309 -26.44 22.95 0.68
CA GLN H 309 -27.04 24.24 0.37
C GLN H 309 -27.52 24.92 1.66
N LEU H 310 -28.15 24.15 2.55
CA LEU H 310 -28.67 24.69 3.80
C LEU H 310 -27.60 25.38 4.66
N PHE H 311 -26.48 24.69 4.94
CA PHE H 311 -25.42 25.24 5.76
C PHE H 311 -24.80 26.47 5.09
N GLU H 312 -24.58 26.41 3.78
CA GLU H 312 -24.04 27.53 3.02
C GLU H 312 -24.97 28.74 3.08
N GLU H 313 -26.27 28.53 2.93
CA GLU H 313 -27.23 29.62 2.99
C GLU H 313 -27.41 30.18 4.38
N LEU H 314 -27.36 29.32 5.41
CA LEU H 314 -27.46 29.79 6.80
C LEU H 314 -26.25 30.63 7.13
N ARG H 315 -25.03 30.22 6.69
CA ARG H 315 -23.86 31.02 7.03
C ARG H 315 -23.82 32.30 6.20
N ARG H 316 -24.21 32.25 4.92
CA ARG H 316 -24.24 33.47 4.10
C ARG H 316 -25.23 34.50 4.66
N ALA H 317 -26.43 34.05 5.08
CA ALA H 317 -27.45 34.94 5.60
C ALA H 317 -27.19 35.44 7.01
N ALA H 318 -26.51 34.66 7.84
CA ALA H 318 -26.24 35.07 9.22
C ALA H 318 -25.24 36.22 9.23
N PRO H 319 -25.54 37.28 9.98
CA PRO H 319 -24.60 38.42 10.02
C PRO H 319 -23.33 38.11 10.83
N LEU H 320 -22.30 38.97 10.71
CA LEU H 320 -21.10 38.84 11.52
C LEU H 320 -21.45 38.97 13.00
N SER H 321 -20.69 38.30 13.87
CA SER H 321 -20.98 38.34 15.29
C SER H 321 -19.74 38.48 16.09
N ARG H 322 -19.79 39.25 17.15
CA ARG H 322 -18.68 39.37 18.09
C ARG H 322 -18.95 38.60 19.40
N ASP H 323 -20.02 37.80 19.44
CA ASP H 323 -20.34 37.02 20.63
C ASP H 323 -19.57 35.70 20.52
N PRO H 324 -18.72 35.38 21.51
CA PRO H 324 -17.92 34.15 21.43
C PRO H 324 -18.72 32.86 21.37
N THR H 325 -19.93 32.81 21.94
CA THR H 325 -20.76 31.62 21.87
C THR H 325 -21.18 31.38 20.43
N GLU H 326 -21.61 32.44 19.74
CA GLU H 326 -22.04 32.41 18.34
C GLU H 326 -20.84 32.01 17.42
N VAL H 327 -19.65 32.58 17.69
CA VAL H 327 -18.45 32.30 16.93
C VAL H 327 -17.96 30.84 17.13
N THR H 328 -18.01 30.34 18.38
CA THR H 328 -17.64 28.97 18.69
C THR H 328 -18.60 27.98 18.05
N ALA H 329 -19.91 28.31 18.05
CA ALA H 329 -20.95 27.47 17.47
C ALA H 329 -20.73 27.21 15.96
N ILE H 330 -20.44 28.25 15.17
CA ILE H 330 -20.23 28.07 13.75
C ILE H 330 -18.93 27.28 13.50
N GLY H 331 -17.89 27.54 14.28
CA GLY H 331 -16.65 26.79 14.18
C GLY H 331 -16.88 25.31 14.50
N ALA H 332 -17.66 25.01 15.53
CA ALA H 332 -17.96 23.63 15.93
C ALA H 332 -18.80 22.92 14.87
N VAL H 333 -19.76 23.60 14.25
CA VAL H 333 -20.59 22.99 13.22
C VAL H 333 -19.76 22.72 11.96
N GLU H 334 -18.85 23.64 11.61
CA GLU H 334 -17.93 23.46 10.47
C GLU H 334 -17.01 22.26 10.74
N ALA H 335 -16.46 22.17 11.95
CA ALA H 335 -15.60 21.09 12.36
C ALA H 335 -16.36 19.76 12.33
N ALA H 336 -17.62 19.74 12.77
CA ALA H 336 -18.43 18.51 12.80
C ALA H 336 -18.68 17.97 11.37
N PHE H 337 -18.96 18.87 10.42
CA PHE H 337 -19.16 18.47 9.02
C PHE H 337 -17.86 17.93 8.40
N LYS H 338 -16.71 18.52 8.77
CA LYS H 338 -15.41 18.14 8.24
C LYS H 338 -15.04 16.69 8.53
N CYS H 339 -15.36 16.22 9.72
CA CYS H 339 -14.98 14.87 10.14
C CYS H 339 -16.12 13.91 10.24
N CYS H 340 -17.37 14.31 9.86
CA CYS H 340 -18.56 13.47 10.03
C CYS H 340 -18.69 13.08 11.50
N ALA H 341 -18.57 14.07 12.39
CA ALA H 341 -18.64 13.85 13.84
C ALA H 341 -19.99 13.21 14.20
N ALA H 342 -19.99 12.21 15.07
CA ALA H 342 -21.21 11.56 15.51
C ALA H 342 -22.06 12.52 16.36
N ALA H 343 -21.41 13.44 17.10
CA ALA H 343 -22.11 14.36 17.97
C ALA H 343 -21.27 15.61 18.31
N ILE H 344 -21.95 16.65 18.75
CA ILE H 344 -21.36 17.84 19.32
C ILE H 344 -21.86 17.82 20.77
N ILE H 345 -20.97 17.60 21.74
CA ILE H 345 -21.37 17.61 23.14
C ILE H 345 -21.16 19.01 23.69
N VAL H 346 -22.19 19.65 24.21
CA VAL H 346 -22.10 21.02 24.70
C VAL H 346 -22.59 21.12 26.15
N LEU H 347 -21.92 21.93 26.96
CA LEU H 347 -22.32 22.21 28.32
C LEU H 347 -23.14 23.52 28.25
N THR H 348 -24.36 23.49 28.82
CA THR H 348 -25.20 24.67 28.80
C THR H 348 -25.96 24.84 30.10
N THR H 349 -26.16 26.09 30.56
CA THR H 349 -26.89 26.36 31.78
C THR H 349 -28.29 26.79 31.41
N THR H 350 -28.45 27.67 30.40
CA THR H 350 -29.74 28.18 29.95
C THR H 350 -30.26 27.52 28.66
N GLY H 351 -29.43 26.77 27.97
CA GLY H 351 -29.78 26.17 26.69
C GLY H 351 -29.22 26.93 25.50
N ARG H 352 -28.77 28.17 25.74
CA ARG H 352 -28.36 29.07 24.68
C ARG H 352 -27.24 28.54 23.81
N SER H 353 -26.19 27.96 24.39
CA SER H 353 -25.08 27.44 23.60
C SER H 353 -25.55 26.31 22.66
N ALA H 354 -26.50 25.50 23.11
CA ALA H 354 -27.04 24.42 22.29
C ALA H 354 -27.93 25.01 21.16
N GLN H 355 -28.67 26.08 21.47
CA GLN H 355 -29.53 26.75 20.49
C GLN H 355 -28.66 27.34 19.37
N LEU H 356 -27.54 27.97 19.72
CA LEU H 356 -26.67 28.56 18.71
C LEU H 356 -26.01 27.49 17.82
N LEU H 357 -25.78 26.29 18.34
CA LEU H 357 -25.28 25.19 17.52
C LEU H 357 -26.38 24.72 16.55
N SER H 358 -27.58 24.52 17.08
CA SER H 358 -28.78 24.08 16.38
C SER H 358 -29.14 24.97 15.17
N ARG H 359 -28.95 26.29 15.28
CA ARG H 359 -29.31 27.21 14.19
C ARG H 359 -28.51 26.97 12.91
N TYR H 360 -27.32 26.36 13.02
CA TYR H 360 -26.53 26.04 11.79
C TYR H 360 -26.87 24.68 11.21
N ARG H 361 -27.86 23.97 11.79
CA ARG H 361 -28.34 22.71 11.32
C ARG H 361 -27.25 21.66 11.06
N PRO H 362 -26.44 21.33 12.07
CA PRO H 362 -25.47 20.26 11.88
C PRO H 362 -26.16 18.92 11.68
N ARG H 363 -25.53 18.03 10.95
CA ARG H 363 -25.99 16.66 10.81
C ARG H 363 -25.67 15.92 12.14
N ALA H 364 -24.55 16.27 12.84
CA ALA H 364 -24.17 15.68 14.11
C ALA H 364 -25.19 16.06 15.20
N ALA H 365 -25.55 15.11 16.06
CA ALA H 365 -26.47 15.36 17.15
C ALA H 365 -25.85 16.36 18.14
N VAL H 366 -26.66 17.27 18.71
CA VAL H 366 -26.13 18.20 19.71
C VAL H 366 -26.55 17.65 21.06
N ILE H 367 -25.63 17.03 21.78
CA ILE H 367 -25.91 16.46 23.08
C ILE H 367 -25.66 17.54 24.12
N ALA H 368 -26.71 18.04 24.74
CA ALA H 368 -26.59 19.15 25.66
C ALA H 368 -26.61 18.68 27.09
N VAL H 369 -25.48 18.83 27.78
CA VAL H 369 -25.40 18.43 29.18
C VAL H 369 -25.66 19.65 30.05
N THR H 370 -26.67 19.56 30.93
CA THR H 370 -27.08 20.65 31.78
C THR H 370 -27.49 20.22 33.15
N ARG H 371 -27.33 21.09 34.15
CA ARG H 371 -27.84 20.82 35.51
C ARG H 371 -29.24 21.40 35.69
N SER H 372 -29.66 22.29 34.82
CA SER H 372 -30.97 22.90 34.88
C SER H 372 -32.02 21.98 34.28
N ALA H 373 -32.91 21.46 35.12
CA ALA H 373 -34.01 20.62 34.70
C ALA H 373 -34.92 21.40 33.71
N GLN H 374 -35.15 22.71 33.98
CA GLN H 374 -35.95 23.51 33.06
C GLN H 374 -35.29 23.67 31.67
N ALA H 375 -33.99 24.02 31.62
CA ALA H 375 -33.29 24.16 30.36
C ALA H 375 -33.28 22.84 29.60
N ALA H 376 -33.10 21.71 30.30
CA ALA H 376 -33.13 20.38 29.66
C ALA H 376 -34.48 20.15 28.96
N ARG H 377 -35.59 20.58 29.58
CA ARG H 377 -36.89 20.46 28.95
C ARG H 377 -37.07 21.44 27.78
N GLN H 378 -36.65 22.68 27.97
CA GLN H 378 -36.84 23.73 26.97
C GLN H 378 -36.03 23.56 25.68
N VAL H 379 -34.83 22.94 25.76
CA VAL H 379 -34.02 22.78 24.54
C VAL H 379 -34.63 21.83 23.51
N HIS H 380 -35.70 21.09 23.87
CA HIS H 380 -36.43 20.27 22.89
C HIS H 380 -37.05 21.17 21.79
N LEU H 381 -37.20 22.48 22.04
CA LEU H 381 -37.71 23.41 21.02
C LEU H 381 -36.74 23.54 19.85
N CYS H 382 -35.42 23.28 20.07
CA CYS H 382 -34.39 23.45 19.05
C CYS H 382 -34.03 22.17 18.36
N ARG H 383 -34.15 22.14 17.03
CA ARG H 383 -33.88 20.91 16.29
C ARG H 383 -32.47 20.36 16.52
N GLY H 384 -32.40 19.06 16.73
CA GLY H 384 -31.12 18.39 16.86
C GLY H 384 -30.49 18.49 18.23
N VAL H 385 -31.22 19.00 19.23
CA VAL H 385 -30.69 19.08 20.58
C VAL H 385 -31.24 17.95 21.45
N PHE H 386 -30.37 17.11 21.99
CA PHE H 386 -30.69 15.98 22.84
C PHE H 386 -30.24 16.31 24.25
N PRO H 387 -31.18 16.68 25.13
CA PRO H 387 -30.79 17.10 26.48
C PRO H 387 -30.51 15.98 27.47
N LEU H 388 -29.45 16.16 28.25
CA LEU H 388 -29.07 15.24 29.30
C LEU H 388 -29.05 16.01 30.60
N LEU H 389 -29.84 15.57 31.57
CA LEU H 389 -29.88 16.21 32.87
C LEU H 389 -28.79 15.62 33.78
N TYR H 390 -27.82 16.42 34.17
CA TYR H 390 -26.71 16.00 35.02
C TYR H 390 -27.10 16.28 36.48
N ARG H 391 -27.02 15.27 37.35
CA ARG H 391 -27.50 15.41 38.71
C ARG H 391 -26.43 15.47 39.81
N GLU H 392 -25.16 15.19 39.48
CA GLU H 392 -24.09 15.19 40.46
C GLU H 392 -23.77 16.57 41.02
N PRO H 393 -23.44 16.68 42.31
CA PRO H 393 -23.04 18.00 42.84
C PRO H 393 -21.67 18.41 42.25
N PRO H 394 -21.41 19.72 42.08
CA PRO H 394 -20.14 20.13 41.47
C PRO H 394 -18.90 19.59 42.13
N GLU H 395 -17.87 19.30 41.35
CA GLU H 395 -16.57 18.90 41.83
C GLU H 395 -15.87 20.15 42.39
N ALA H 396 -14.87 19.96 43.27
CA ALA H 396 -14.12 21.10 43.85
C ALA H 396 -13.28 21.77 42.78
N ILE H 397 -12.70 21.01 41.85
CA ILE H 397 -11.93 21.60 40.76
C ILE H 397 -12.86 21.74 39.55
N TRP H 398 -13.11 22.97 39.12
CA TRP H 398 -14.03 23.28 38.04
C TRP H 398 -13.70 22.54 36.74
N ALA H 399 -12.41 22.45 36.36
CA ALA H 399 -12.05 21.69 35.16
C ALA H 399 -12.45 20.21 35.26
N ASP H 400 -12.41 19.60 36.45
CA ASP H 400 -12.84 18.23 36.64
C ASP H 400 -14.37 18.13 36.53
N ASP H 401 -15.10 19.15 37.00
CA ASP H 401 -16.57 19.17 36.91
C ASP H 401 -16.98 19.22 35.42
N VAL H 402 -16.23 20.00 34.63
CA VAL H 402 -16.46 20.10 33.20
C VAL H 402 -16.21 18.74 32.57
N ASP H 403 -15.08 18.09 32.87
CA ASP H 403 -14.73 16.77 32.34
C ASP H 403 -15.72 15.68 32.71
N ARG H 404 -16.20 15.68 33.96
CA ARG H 404 -17.18 14.70 34.39
C ARG H 404 -18.47 14.81 33.57
N ARG H 405 -18.92 16.03 33.26
CA ARG H 405 -20.13 16.23 32.46
C ARG H 405 -19.96 15.83 31.03
N VAL H 406 -18.76 16.04 30.47
CA VAL H 406 -18.43 15.62 29.11
C VAL H 406 -18.46 14.11 29.04
N GLN H 407 -17.89 13.41 30.04
CA GLN H 407 -17.92 11.94 30.11
C GLN H 407 -19.32 11.43 30.32
N PHE H 408 -20.14 12.15 31.07
CA PHE H 408 -21.54 11.79 31.24
C PHE H 408 -22.26 11.85 29.86
N GLY H 409 -21.92 12.88 29.06
CA GLY H 409 -22.42 13.04 27.70
C GLY H 409 -22.00 11.86 26.83
N ILE H 410 -20.74 11.44 26.91
CA ILE H 410 -20.19 10.31 26.15
C ILE H 410 -20.83 8.98 26.54
N GLU H 411 -20.92 8.70 27.84
CA GLU H 411 -21.49 7.46 28.32
C GLU H 411 -22.96 7.36 27.99
N SER H 412 -23.71 8.48 28.07
CA SER H 412 -25.12 8.49 27.70
C SER H 412 -25.26 8.26 26.19
N GLY H 413 -24.40 8.90 25.39
CA GLY H 413 -24.41 8.76 23.95
C GLY H 413 -24.17 7.32 23.54
N LYS H 414 -23.21 6.64 24.22
CA LYS H 414 -22.87 5.24 23.93
C LYS H 414 -24.04 4.34 24.26
N LEU H 415 -24.65 4.53 25.43
CA LEU H 415 -25.78 3.74 25.85
C LEU H 415 -26.96 3.87 24.89
N ARG H 416 -27.24 5.11 24.44
CA ARG H 416 -28.38 5.37 23.56
C ARG H 416 -28.14 5.11 22.09
N GLY H 417 -26.93 4.75 21.68
CA GLY H 417 -26.61 4.47 20.29
C GLY H 417 -26.11 5.64 19.45
N PHE H 418 -25.91 6.83 20.05
CA PHE H 418 -25.38 7.97 19.31
C PHE H 418 -23.89 7.79 18.98
N LEU H 419 -23.13 7.19 19.89
CA LEU H 419 -21.69 7.09 19.77
C LEU H 419 -21.19 5.69 19.93
N ARG H 420 -20.06 5.42 19.34
CA ARG H 420 -19.34 4.18 19.49
C ARG H 420 -17.83 4.53 19.49
N VAL H 421 -17.00 3.62 20.03
CA VAL H 421 -15.55 3.75 20.06
C VAL H 421 -15.01 3.98 18.65
N GLY H 422 -14.15 4.96 18.51
CA GLY H 422 -13.61 5.32 17.20
C GLY H 422 -14.28 6.53 16.59
N ASP H 423 -15.46 6.91 17.09
CA ASP H 423 -16.15 8.09 16.56
C ASP H 423 -15.40 9.36 16.96
N LEU H 424 -15.61 10.43 16.20
CA LEU H 424 -15.07 11.74 16.55
C LEU H 424 -16.24 12.56 17.09
N VAL H 425 -16.00 13.36 18.12
CA VAL H 425 -16.98 14.27 18.66
C VAL H 425 -16.36 15.65 18.79
N ILE H 426 -17.21 16.67 18.72
CA ILE H 426 -16.81 18.04 18.93
C ILE H 426 -17.32 18.38 20.32
N VAL H 427 -16.49 18.88 21.23
CA VAL H 427 -16.92 19.23 22.59
C VAL H 427 -16.87 20.76 22.75
N VAL H 428 -18.02 21.36 23.15
CA VAL H 428 -18.14 22.80 23.30
C VAL H 428 -18.30 23.19 24.75
N THR H 429 -17.35 23.99 25.28
CA THR H 429 -17.35 24.42 26.66
C THR H 429 -17.00 25.93 26.73
N GLY H 430 -16.92 26.47 27.94
CA GLY H 430 -16.53 27.85 28.18
C GLY H 430 -15.26 27.94 29.01
N TRP H 431 -14.80 29.18 29.26
CA TRP H 431 -13.57 29.41 29.99
C TRP H 431 -13.77 29.64 31.49
N ARG H 432 -15.00 29.83 31.96
CA ARG H 432 -15.27 30.03 33.37
C ARG H 432 -16.68 29.52 33.66
N PRO H 433 -17.00 29.28 34.94
CA PRO H 433 -18.38 28.84 35.27
C PRO H 433 -19.39 29.98 35.04
N GLY H 434 -20.65 29.60 34.96
CA GLY H 434 -21.73 30.53 34.73
C GLY H 434 -22.05 30.65 33.26
N SER H 435 -23.26 31.04 32.98
CA SER H 435 -23.83 31.22 31.67
C SER H 435 -23.15 32.36 30.93
N GLY H 436 -23.06 32.23 29.60
CA GLY H 436 -22.59 33.26 28.68
C GLY H 436 -21.13 33.27 28.33
N TYR H 437 -20.36 32.28 28.77
CA TYR H 437 -18.92 32.25 28.53
C TYR H 437 -18.41 31.12 27.64
N THR H 438 -19.28 30.50 26.83
CA THR H 438 -18.83 29.47 25.89
C THR H 438 -17.86 30.09 24.88
N ASN H 439 -16.71 29.47 24.71
CA ASN H 439 -15.70 29.97 23.79
C ASN H 439 -14.71 28.91 23.34
N ILE H 440 -14.94 27.63 23.65
CA ILE H 440 -13.98 26.59 23.30
C ILE H 440 -14.62 25.45 22.53
N MET H 441 -13.96 24.99 21.49
CA MET H 441 -14.35 23.78 20.79
C MET H 441 -13.14 22.82 20.71
N ARG H 442 -13.35 21.53 21.07
CA ARG H 442 -12.29 20.52 21.04
CA ARG H 442 -12.27 20.55 20.98
C ARG H 442 -12.69 19.30 20.20
N VAL H 443 -11.74 18.74 19.46
CA VAL H 443 -11.98 17.53 18.66
C VAL H 443 -11.52 16.33 19.49
N LEU H 444 -12.42 15.44 19.81
CA LEU H 444 -12.14 14.30 20.70
C LEU H 444 -12.46 12.95 20.03
N SER H 445 -11.60 11.97 20.25
CA SER H 445 -11.84 10.62 19.72
C SER H 445 -12.47 9.79 20.81
N ILE H 446 -13.55 9.08 20.50
CA ILE H 446 -14.26 8.25 21.48
C ILE H 446 -13.50 6.97 21.81
N SER H 447 -13.18 6.75 23.08
CA SER H 447 -12.47 5.55 23.52
C SER H 447 -13.34 4.66 24.43
#